data_8XKL
#
_entry.id   8XKL
#
loop_
_entity.id
_entity.type
_entity.pdbx_description
1 polymer ACPII-4
2 polymer ACPII-1
3 polymer ACPII-2
4 polymer ACPII-3
5 polymer 'Photosystem II reaction center protein G'
6 polymer ACPII-6
7 polymer ACPII-5
8 polymer CCPII-S
9 non-polymer 'CHLOROPHYLL A'
10 non-polymer 'Chlorophyll c2'
11 non-polymer (1~{R})-3,5,5-trimethyl-4-[(3~{E},5~{E},7~{E},9~{E},11~{E},13~{E},15~{E},17~{E})-3,7,12,16-tetramethyl-18-(2,6,6-trimethylcyclohexen-1-yl)octadeca-3,5,7,9,11,13,15,17-octaen-1-ynyl]cyclohex-3-en-1-ol
12 non-polymer (1~{R})-3,5,5-trimethyl-4-[(3~{E},5~{E},7~{E},9~{E},11~{E},13~{E},15~{E})-3,7,12,16-tetramethyl-18-[(4~{R})-2,6,6-trimethyl-4-oxidanyl-cyclohexen-1-yl]octadeca-3,5,7,9,11,13,15-heptaen-1,17-diynyl]cyclohex-3-en-1-ol
13 non-polymer 1,2-DISTEAROYL-MONOGALACTOSYL-DIGLYCERIDE
14 non-polymer (1~{R})-3,5,5-trimethyl-4-[(3~{E},5~{E},7~{E},9~{E},11~{E},13~{E},15~{E},17~{E})-3,7,12,16-tetramethyl-18-[(1~{R},4~{R})-2,6,6-trimethyl-4-oxidanyl-cyclohex-2-en-1-yl]octadeca-3,5,7,9,11,13,15,17-octaen-1-ynyl]cyclohex-3-en-1-ol
15 non-polymer 1,2-DIPALMITOYL-PHOSPHATIDYL-GLYCEROLE
16 non-polymer "(6'R,11cis,11'cis,13cis,15cis)-4',5'-didehydro-5',6'-dihydro-beta,beta-carotene"
17 non-polymer 1,2-DI-O-ACYL-3-O-[6-DEOXY-6-SULFO-ALPHA-D-GLUCOPYRANOSYL]-SN-GLYCEROL
#
loop_
_entity_poly.entity_id
_entity_poly.type
_entity_poly.pdbx_seq_one_letter_code
_entity_poly.pdbx_strand_id
1 'polypeptide(L)'
;AVVLAACVASAAAFAPGASVLPRAAARATSTKGPSMQLLPLYGEGKLQGPGTQAIPGSEPPPALDGTWVGDVGFDPLGFS
RVIDMRWLREAELKHGRVCMLAATGMIVQDIALFPGVTKTFGPAKITALHDVAVKQGSMQQLLVWLGFLEIFGFVAIVQM
LQGSGRQPGDFGFDPLNCGANTDTLARRQLVELKNGRLAMIATGGMIHHFFLTGKGPIEFITTLGA
;
0
2 'polypeptide(L)'
;KMLRLSILAACLAAAQAFTSPAALLRPSTRAAVSRGPSMQLYKDGIIQGLGVEAIPGAGRPANLDGTLVGDVGFDPLGFS
NWLDLRWAREAEIKHGRVAMLAATGMIVQDAYKFPGFEGEFGGAAMMKLHNLAVEQGAMQQLLLWLGLLEIISGVPAIIQ
TLNGSERQPGDFGFDPLNCGANPDTLARRQLTELKNGRLAMIAVGGMVHHYLLVGRGPIEFITNIPNFKNPLPPF
;
7
3 'polypeptide(L)'
;AMLRVALIAAILASASAFAPMGSLGLVKSARSGAAISPRMQSGDFSAAVPFLKRPSNLDGTLAGDVGFDPLGFSDVFDLR
VLREAELKHGRFAMLAVLGFLVQEVYTFPFFPKMAPVDAHDYFVTQGGGSQIIFWISFVEIFGVVALFELIQGKRDAGDF
AFDPLGLGKDEATLARYKVAEIKHARLAMIAIGGFIHQFWVTKQTVLEQLGNFQSLA
;
8
4 'polypeptide(L)'
;ITHSRMLRTAILALCVAGASAFTASPALYKSASRKAAVSGMKMQDRSYAMPFLSRPPALDGSMAGDVGFDPLGFSNYFDL
KWLREAELKHGRVCMLGCLGFLVQEQANLPLPGFDNKLATEAFFSVPAGGLWQIFFSLGAIEIITNKGKLTPGSMFTGGR
APGDLDFDPLNLSVDETALRRFELAELKHARLAMIGLGGMLHQMLLTKQAPIEQLTNFKSLA
;
9
5 'polypeptide(L)'
;(UNK)(UNK)(UNK)(UNK)(UNK)(UNK)(UNK)(UNK)(UNK)(UNK)(UNK)(UNK)(UNK)(UNK)(UNK)(UNK)
(UNK)(UNK)(UNK)(UNK)(UNK)(UNK)(UNK)(UNK)(UNK)(UNK)(UNK)(UNK)(UNK)(UNK)(UNK)(UNK)
(UNK)(UNK)(UNK)(UNK)(UNK)(UNK)(UNK)(UNK)(UNK)(UNK)(UNK)(UNK)(UNK)(UNK)(UNK)(UNK)
(UNK)(UNK)(UNK)(UNK)(UNK)(UNK)(UNK)(UNK)(UNK)(UNK)(UNK)(UNK)(UNK)(UNK)(UNK)(UNK)
;
G
6 'polypeptide(L)'
;PAMFRAALLLACLASASAFAPGSLMMPKSATRAAISRGPRMQANDDLAVPFLERPPMLDGSYAGDIGFDPVGFSNYFDLR
WLREAELKHGRVCMLGVVGFLVQEFVTLPMFSNGVTPVDDFFVVPATGLWQIFFTIGFVEAFSNGFKLTPSDMFADDRAP
GDLGFDPLGCGKDPAALARRQLVEVKNGRLAMIAFGGMLHQQLLTKQGVIEQLTNFKAIM
;
P
7 'polypeptide(L)'
;ACASAAAFAPGAMPSIGKAPRAVSKTAPRMAVFPGQFSDSVPFLKQPTNLDGSYVGDVGFDPLGFSDVFDIRVLREAELK
HGRIAMLATLGMVVQEAYTFPFFDKVLPIPAHDVIVKSGGMSQILLWTSFAEIFGGIALFQTIQGKRAPGDYSFDPLNLS
ANDLEKRERYALAEIKHSRLAMLAFSGMVHQYFITNQGVIEQINNFRPINGFPDATFS
;
p
8 'polypeptide(L)'
;DHKRSRMMKSLALAAVGLAVGAEAFAPTPMVGGAKLALRTSSTRSVATVGPKMAMDVNAIVEGAQYLTAAVPNVPFVDEI
TGEPQGLTAPIVHFGSVISLWLLFALPVWSAAYKAAGADTAEWVGVSQVTEDAPGIGLYGKYAPEYDGPTFREGLEYVLS
FAWKPPILIAWKPRADLDRAMMDPARDTVVSSLYKSLGGALDKTAVYDEEDQLLILSDMETFPETELGRRRVAQAEAAGW
FTGNPSFGKSLIEYSEETKKGMREPGTVSISAKELAALRAEAAKK
;
s
#
loop_
_chem_comp.id
_chem_comp.type
_chem_comp.name
_chem_comp.formula
8CT non-polymer (6'R,11cis,11'cis,13cis,15cis)-4',5'-didehydro-5',6'-dihydro-beta,beta-carotene 'C40 H56'
CLA non-polymer 'CHLOROPHYLL A' 'C55 H72 Mg N4 O5'
IHT non-polymer (1~{R})-3,5,5-trimethyl-4-[(3~{E},5~{E},7~{E},9~{E},11~{E},13~{E},15~{E},17~{E})-3,7,12,16-tetramethyl-18-(2,6,6-trimethylcyclohexen-1-yl)octadeca-3,5,7,9,11,13,15,17-octaen-1-ynyl]cyclohex-3-en-1-ol 'C40 H54 O'
II0 non-polymer (1~{R})-3,5,5-trimethyl-4-[(3~{E},5~{E},7~{E},9~{E},11~{E},13~{E},15~{E})-3,7,12,16-tetramethyl-18-[(4~{R})-2,6,6-trimethyl-4-oxidanyl-cyclohexen-1-yl]octadeca-3,5,7,9,11,13,15-heptaen-1,17-diynyl]cyclohex-3-en-1-ol 'C40 H52 O2'
II3 non-polymer (1~{R})-3,5,5-trimethyl-4-[(3~{E},5~{E},7~{E},9~{E},11~{E},13~{E},15~{E},17~{E})-3,7,12,16-tetramethyl-18-[(1~{R},4~{R})-2,6,6-trimethyl-4-oxidanyl-cyclohex-2-en-1-yl]octadeca-3,5,7,9,11,13,15,17-octaen-1-ynyl]cyclohex-3-en-1-ol 'C40 H54 O2'
KC2 non-polymer 'Chlorophyll c2' 'C35 H28 Mg N4 O5'
LHG non-polymer 1,2-DIPALMITOYL-PHOSPHATIDYL-GLYCEROLE 'C38 H75 O10 P'
LMG non-polymer 1,2-DISTEAROYL-MONOGALACTOSYL-DIGLYCERIDE 'C45 H86 O10'
SQD non-polymer 1,2-DI-O-ACYL-3-O-[6-DEOXY-6-SULFO-ALPHA-D-GLUCOPYRANOSYL]-SN-GLYCEROL 'C41 H78 O12 S'
#
# COMPACT_ATOMS: atom_id res chain seq x y z
N GLN A 53 21.17 31.77 -21.44
CA GLN A 53 20.47 32.32 -20.29
C GLN A 53 19.08 32.79 -20.72
N ALA A 54 18.05 32.13 -20.19
CA ALA A 54 16.68 32.38 -20.65
C ALA A 54 15.95 33.39 -19.77
N ILE A 55 15.77 33.07 -18.50
CA ILE A 55 15.00 33.91 -17.59
C ILE A 55 15.96 34.62 -16.65
N PRO A 56 16.13 35.94 -16.76
CA PRO A 56 17.10 36.63 -15.91
C PRO A 56 16.79 36.57 -14.43
N GLY A 57 15.50 36.55 -14.05
CA GLY A 57 15.17 36.57 -12.64
C GLY A 57 15.58 35.31 -11.90
N SER A 58 15.42 34.15 -12.52
CA SER A 58 15.68 32.88 -11.89
C SER A 58 17.05 32.34 -12.31
N GLU A 59 17.37 31.13 -11.87
CA GLU A 59 18.64 30.48 -12.15
C GLU A 59 18.38 29.06 -12.64
N PRO A 60 19.26 28.53 -13.49
CA PRO A 60 19.08 27.16 -13.98
C PRO A 60 19.40 26.15 -12.90
N PRO A 61 18.85 24.94 -13.01
CA PRO A 61 19.21 23.88 -12.07
C PRO A 61 20.66 23.47 -12.25
N PRO A 62 21.27 22.89 -11.22
CA PRO A 62 22.68 22.48 -11.33
C PRO A 62 22.93 21.45 -12.42
N ALA A 63 21.91 20.68 -12.81
CA ALA A 63 22.08 19.76 -13.93
C ALA A 63 22.24 20.51 -15.25
N LEU A 64 21.61 21.69 -15.36
CA LEU A 64 21.74 22.54 -16.54
C LEU A 64 22.97 23.43 -16.35
N ASP A 65 24.10 22.97 -16.85
CA ASP A 65 25.36 23.70 -16.71
C ASP A 65 26.12 23.69 -18.02
N GLY A 66 25.42 23.86 -19.12
CA GLY A 66 26.05 23.77 -20.42
C GLY A 66 26.33 22.34 -20.80
N THR A 67 27.19 22.18 -21.81
CA THR A 67 27.59 20.87 -22.34
C THR A 67 26.39 20.04 -22.78
N TRP A 68 25.33 20.71 -23.22
CA TRP A 68 24.16 20.05 -23.76
C TRP A 68 23.56 20.92 -24.85
N VAL A 69 22.92 20.28 -25.82
CA VAL A 69 22.31 21.02 -26.93
C VAL A 69 21.05 21.70 -26.45
N GLY A 70 20.90 22.98 -26.79
CA GLY A 70 19.71 23.72 -26.42
C GLY A 70 19.63 24.16 -24.98
N ASP A 71 20.74 24.11 -24.25
CA ASP A 71 20.76 24.51 -22.85
C ASP A 71 20.84 26.02 -22.76
N VAL A 72 19.68 26.67 -22.63
CA VAL A 72 19.62 28.09 -22.34
C VAL A 72 19.21 28.34 -20.89
N GLY A 73 19.33 27.31 -20.05
CA GLY A 73 18.99 27.46 -18.65
C GLY A 73 17.51 27.56 -18.36
N PHE A 74 16.67 27.07 -19.26
CA PHE A 74 15.22 27.15 -19.09
C PHE A 74 14.73 25.85 -18.47
N ASP A 75 14.55 25.85 -17.15
CA ASP A 75 13.91 24.77 -16.43
C ASP A 75 13.46 25.28 -15.07
N PRO A 76 12.39 26.08 -15.02
CA PRO A 76 11.99 26.68 -13.75
C PRO A 76 11.39 25.69 -12.77
N LEU A 77 10.66 24.68 -13.26
CA LEU A 77 10.00 23.75 -12.35
C LEU A 77 10.99 22.80 -11.70
N GLY A 78 12.09 22.49 -12.37
CA GLY A 78 13.11 21.65 -11.79
C GLY A 78 12.92 20.18 -12.09
N PHE A 79 12.67 19.85 -13.36
CA PHE A 79 12.55 18.45 -13.74
C PHE A 79 13.90 17.75 -13.69
N SER A 80 14.98 18.46 -14.03
CA SER A 80 16.30 17.85 -14.03
C SER A 80 16.81 17.57 -12.62
N ARG A 81 16.17 18.12 -11.59
CA ARG A 81 16.59 17.82 -10.22
C ARG A 81 16.22 16.39 -9.82
N VAL A 82 15.08 15.89 -10.30
CA VAL A 82 14.60 14.57 -9.91
C VAL A 82 14.66 13.56 -11.04
N ILE A 83 14.91 13.99 -12.28
CA ILE A 83 14.96 13.09 -13.42
C ILE A 83 16.34 13.15 -14.03
N ASP A 84 16.86 11.99 -14.41
CA ASP A 84 18.18 11.92 -15.03
C ASP A 84 18.20 12.69 -16.34
N MET A 85 19.34 13.32 -16.62
CA MET A 85 19.43 14.17 -17.80
C MET A 85 19.36 13.36 -19.08
N ARG A 86 19.97 12.17 -19.11
CA ARG A 86 19.96 11.37 -20.31
C ARG A 86 18.55 10.95 -20.69
N TRP A 87 17.75 10.52 -19.71
CA TRP A 87 16.37 10.17 -19.97
C TRP A 87 15.60 11.37 -20.49
N LEU A 88 15.81 12.53 -19.89
CA LEU A 88 15.11 13.74 -20.33
C LEU A 88 15.45 14.10 -21.77
N ARG A 89 16.73 14.03 -22.13
CA ARG A 89 17.12 14.40 -23.49
C ARG A 89 16.66 13.37 -24.50
N GLU A 90 16.70 12.08 -24.14
CA GLU A 90 16.16 11.04 -25.00
C GLU A 90 14.67 11.27 -25.23
N ALA A 91 13.92 11.59 -24.17
CA ALA A 91 12.50 11.85 -24.31
C ALA A 91 12.25 13.09 -25.16
N GLU A 92 13.07 14.13 -24.97
CA GLU A 92 12.89 15.36 -25.75
C GLU A 92 13.11 15.08 -27.23
N LEU A 93 14.17 14.35 -27.58
CA LEU A 93 14.42 14.07 -28.98
C LEU A 93 13.34 13.15 -29.56
N LYS A 94 12.87 12.18 -28.77
CA LYS A 94 11.81 11.30 -29.27
C LYS A 94 10.52 12.07 -29.52
N HIS A 95 10.12 12.92 -28.57
CA HIS A 95 8.94 13.76 -28.77
C HIS A 95 9.12 14.67 -29.97
N GLY A 96 10.30 15.27 -30.11
CA GLY A 96 10.53 16.18 -31.20
C GLY A 96 10.46 15.50 -32.56
N ARG A 97 11.10 14.34 -32.69
CA ARG A 97 11.07 13.63 -33.96
C ARG A 97 9.66 13.13 -34.28
N VAL A 98 8.96 12.60 -33.27
CA VAL A 98 7.59 12.13 -33.49
C VAL A 98 6.71 13.27 -33.95
N CYS A 99 6.83 14.45 -33.31
CA CYS A 99 5.99 15.58 -33.69
C CYS A 99 6.41 16.19 -35.02
N MET A 100 7.70 16.16 -35.36
CA MET A 100 8.12 16.55 -36.69
C MET A 100 7.44 15.70 -37.76
N LEU A 101 7.54 14.38 -37.61
CA LEU A 101 6.92 13.49 -38.58
C LEU A 101 5.41 13.69 -38.59
N ALA A 102 4.81 13.88 -37.42
CA ALA A 102 3.37 14.06 -37.34
C ALA A 102 2.91 15.33 -38.05
N ALA A 103 3.62 16.43 -37.83
CA ALA A 103 3.23 17.69 -38.45
C ALA A 103 3.41 17.64 -39.96
N THR A 104 4.55 17.12 -40.42
CA THR A 104 4.76 17.00 -41.86
C THR A 104 3.71 16.10 -42.47
N GLY A 105 3.37 15.00 -41.79
CA GLY A 105 2.36 14.10 -42.30
C GLY A 105 0.98 14.72 -42.33
N MET A 106 0.64 15.52 -41.31
CA MET A 106 -0.65 16.19 -41.32
C MET A 106 -0.74 17.18 -42.48
N ILE A 107 0.33 17.92 -42.72
CA ILE A 107 0.34 18.84 -43.86
C ILE A 107 0.16 18.08 -45.17
N VAL A 108 0.91 16.98 -45.32
CA VAL A 108 0.83 16.22 -46.58
C VAL A 108 -0.55 15.62 -46.74
N GLN A 109 -1.13 15.07 -45.68
CA GLN A 109 -2.46 14.49 -45.76
C GLN A 109 -3.49 15.54 -46.15
N ASP A 110 -3.39 16.73 -45.56
CA ASP A 110 -4.35 17.78 -45.92
C ASP A 110 -4.06 18.38 -47.29
N ILE A 111 -2.90 18.10 -47.88
CA ILE A 111 -2.61 18.57 -49.23
C ILE A 111 -3.00 17.50 -50.24
N ALA A 112 -2.39 16.32 -50.15
CA ALA A 112 -2.61 15.27 -51.14
C ALA A 112 -2.61 13.90 -50.47
N LEU A 113 -3.56 13.06 -50.87
CA LEU A 113 -3.72 11.73 -50.29
C LEU A 113 -3.17 10.66 -51.24
N PHE A 114 -3.13 9.43 -50.74
CA PHE A 114 -2.69 8.29 -51.52
C PHE A 114 -3.79 7.79 -52.45
N PRO A 115 -3.42 7.09 -53.52
CA PRO A 115 -4.45 6.58 -54.44
C PRO A 115 -5.30 5.51 -53.77
N GLY A 116 -6.61 5.67 -53.88
CA GLY A 116 -7.55 4.69 -53.36
C GLY A 116 -7.79 4.76 -51.87
N VAL A 117 -7.18 5.71 -51.17
CA VAL A 117 -7.35 5.76 -49.73
C VAL A 117 -8.67 6.42 -49.36
N THR A 118 -9.17 7.31 -50.21
CA THR A 118 -10.43 7.98 -49.93
C THR A 118 -11.63 7.07 -50.13
N LYS A 119 -11.49 6.02 -50.95
CA LYS A 119 -12.58 5.08 -51.14
C LYS A 119 -12.92 4.37 -49.84
N THR A 120 -11.91 4.08 -49.03
CA THR A 120 -12.11 3.37 -47.78
C THR A 120 -12.25 4.31 -46.59
N PHE A 121 -11.30 5.22 -46.40
CA PHE A 121 -11.34 6.09 -45.23
C PHE A 121 -12.36 7.20 -45.36
N GLY A 122 -12.81 7.50 -46.58
CA GLY A 122 -13.79 8.55 -46.80
C GLY A 122 -13.21 9.93 -46.56
N PRO A 123 -14.07 10.91 -46.33
CA PRO A 123 -13.62 12.27 -46.04
C PRO A 123 -13.36 12.49 -44.54
N ALA A 124 -12.50 11.66 -43.97
CA ALA A 124 -12.19 11.71 -42.55
C ALA A 124 -10.70 12.05 -42.39
N LYS A 125 -10.41 13.02 -41.52
CA LYS A 125 -9.04 13.46 -41.31
C LYS A 125 -8.77 13.66 -39.82
N ILE A 126 -7.50 13.54 -39.46
CA ILE A 126 -7.01 13.68 -38.09
C ILE A 126 -7.71 12.69 -37.17
N THR A 127 -8.62 13.17 -36.31
CA THR A 127 -9.18 12.29 -35.28
C THR A 127 -10.18 11.31 -35.87
N ALA A 128 -11.03 11.76 -36.80
CA ALA A 128 -11.91 10.82 -37.48
C ALA A 128 -11.10 9.81 -38.27
N LEU A 129 -10.00 10.26 -38.87
CA LEU A 129 -9.13 9.34 -39.58
C LEU A 129 -8.56 8.29 -38.66
N HIS A 130 -8.15 8.69 -37.45
CA HIS A 130 -7.66 7.74 -36.47
C HIS A 130 -8.76 6.76 -36.04
N ASP A 131 -9.97 7.28 -35.80
CA ASP A 131 -11.07 6.42 -35.37
C ASP A 131 -11.46 5.41 -36.44
N VAL A 132 -11.29 5.77 -37.72
CA VAL A 132 -11.57 4.81 -38.78
C VAL A 132 -10.40 3.85 -38.97
N ALA A 133 -9.17 4.35 -38.88
CA ALA A 133 -8.00 3.52 -39.16
C ALA A 133 -7.71 2.52 -38.05
N VAL A 134 -8.16 2.77 -36.81
CA VAL A 134 -8.00 1.76 -35.78
C VAL A 134 -8.87 0.55 -36.09
N LYS A 135 -10.05 0.78 -36.66
CA LYS A 135 -10.87 -0.32 -37.14
C LYS A 135 -10.32 -0.92 -38.43
N GLN A 136 -9.64 -0.10 -39.23
CA GLN A 136 -9.07 -0.59 -40.48
C GLN A 136 -7.92 -1.56 -40.22
N GLY A 137 -7.15 -1.32 -39.16
CA GLY A 137 -5.96 -2.10 -38.88
C GLY A 137 -4.66 -1.42 -39.25
N SER A 138 -4.72 -0.25 -39.90
CA SER A 138 -3.50 0.49 -40.19
C SER A 138 -2.82 0.94 -38.89
N MET A 139 -3.59 1.51 -37.97
CA MET A 139 -2.99 1.97 -36.72
C MET A 139 -2.57 0.80 -35.85
N GLN A 140 -3.25 -0.34 -35.96
CA GLN A 140 -2.77 -1.54 -35.27
C GLN A 140 -1.41 -1.96 -35.79
N GLN A 141 -1.23 -1.92 -37.12
CA GLN A 141 0.07 -2.24 -37.69
C GLN A 141 1.13 -1.25 -37.23
N LEU A 142 0.80 0.03 -37.23
CA LEU A 142 1.76 1.04 -36.78
C LEU A 142 2.13 0.81 -35.33
N LEU A 143 1.14 0.54 -34.47
CA LEU A 143 1.44 0.29 -33.06
C LEU A 143 2.33 -0.92 -32.89
N VAL A 144 2.02 -2.03 -33.58
CA VAL A 144 2.82 -3.24 -33.44
C VAL A 144 4.25 -2.99 -33.87
N TRP A 145 4.44 -2.42 -35.06
CA TRP A 145 5.80 -2.29 -35.58
C TRP A 145 6.60 -1.22 -34.86
N LEU A 146 5.96 -0.11 -34.50
CA LEU A 146 6.68 0.93 -33.78
C LEU A 146 7.00 0.51 -32.35
N GLY A 147 6.13 -0.28 -31.71
CA GLY A 147 6.50 -0.85 -30.44
C GLY A 147 7.61 -1.87 -30.55
N PHE A 148 7.63 -2.63 -31.64
CA PHE A 148 8.74 -3.53 -31.88
C PHE A 148 10.06 -2.77 -32.01
N LEU A 149 10.04 -1.65 -32.72
CA LEU A 149 11.23 -0.79 -32.78
C LEU A 149 11.55 -0.19 -31.42
N GLU A 150 10.52 0.19 -30.67
CA GLU A 150 10.74 0.77 -29.36
C GLU A 150 11.26 -0.24 -28.35
N ILE A 151 11.16 -1.54 -28.62
CA ILE A 151 11.87 -2.50 -27.78
C ILE A 151 13.37 -2.25 -27.83
N PHE A 152 13.90 -2.09 -29.04
CA PHE A 152 15.31 -1.78 -29.18
C PHE A 152 15.62 -0.37 -28.70
N GLY A 153 14.68 0.56 -28.88
CA GLY A 153 14.84 1.86 -28.26
C GLY A 153 14.94 1.77 -26.75
N PHE A 154 14.16 0.88 -26.15
CA PHE A 154 14.16 0.68 -24.71
C PHE A 154 15.49 0.14 -24.23
N VAL A 155 15.99 -0.90 -24.88
CA VAL A 155 17.29 -1.44 -24.45
C VAL A 155 18.40 -0.42 -24.73
N ALA A 156 18.23 0.42 -25.77
CA ALA A 156 19.18 1.50 -25.97
C ALA A 156 19.19 2.47 -24.80
N ILE A 157 18.00 2.84 -24.33
CA ILE A 157 17.90 3.73 -23.17
C ILE A 157 18.52 3.08 -21.94
N VAL A 158 18.27 1.78 -21.75
CA VAL A 158 18.81 1.07 -20.60
C VAL A 158 20.33 1.05 -20.65
N GLN A 159 20.89 0.71 -21.80
CA GLN A 159 22.35 0.68 -21.93
C GLN A 159 22.95 2.06 -21.78
N MET A 160 22.24 3.10 -22.23
CA MET A 160 22.73 4.46 -22.01
C MET A 160 22.75 4.80 -20.53
N LEU A 161 21.69 4.45 -19.81
CA LEU A 161 21.61 4.79 -18.40
C LEU A 161 22.62 4.01 -17.57
N GLN A 162 22.92 2.76 -17.96
CA GLN A 162 23.92 1.98 -17.26
C GLN A 162 25.32 2.19 -17.81
N GLY A 163 25.48 3.03 -18.84
CA GLY A 163 26.79 3.45 -19.26
C GLY A 163 27.40 2.68 -20.41
N SER A 164 26.65 2.45 -21.48
CA SER A 164 27.23 1.84 -22.67
C SER A 164 28.12 2.83 -23.41
N GLY A 165 27.66 4.06 -23.56
CA GLY A 165 28.45 5.09 -24.21
C GLY A 165 27.67 5.92 -25.20
N ARG A 166 26.46 5.51 -25.52
CA ARG A 166 25.64 6.23 -26.49
C ARG A 166 25.05 7.49 -25.85
N GLN A 167 24.80 8.48 -26.69
CA GLN A 167 24.19 9.74 -26.30
C GLN A 167 22.68 9.67 -26.48
N PRO A 168 21.93 10.51 -25.77
CA PRO A 168 20.47 10.51 -25.94
C PRO A 168 20.07 10.82 -27.38
N GLY A 169 19.09 10.07 -27.87
CA GLY A 169 18.60 10.28 -29.22
C GLY A 169 19.50 9.77 -30.32
N ASP A 170 20.62 9.13 -29.98
CA ASP A 170 21.55 8.62 -30.98
C ASP A 170 21.17 7.19 -31.30
N PHE A 171 20.55 6.99 -32.46
CA PHE A 171 20.22 5.66 -32.93
C PHE A 171 21.10 5.24 -34.11
N GLY A 172 22.09 6.04 -34.46
CA GLY A 172 23.01 5.66 -35.51
C GLY A 172 22.42 5.65 -36.90
N PHE A 173 21.23 6.21 -37.09
CA PHE A 173 20.56 6.23 -38.38
C PHE A 173 21.07 7.45 -39.14
N ASP A 174 22.14 7.25 -39.91
CA ASP A 174 22.73 8.31 -40.72
C ASP A 174 23.01 7.77 -42.13
N PRO A 175 21.99 7.61 -42.94
CA PRO A 175 22.23 7.24 -44.34
C PRO A 175 22.87 8.39 -45.09
N LEU A 176 23.62 8.04 -46.14
CA LEU A 176 24.27 8.99 -47.02
C LEU A 176 25.32 9.84 -46.31
N ASN A 177 25.64 9.53 -45.05
CA ASN A 177 26.65 10.25 -44.28
C ASN A 177 26.34 11.75 -44.22
N CYS A 178 25.07 12.07 -44.05
CA CYS A 178 24.65 13.47 -44.03
C CYS A 178 24.91 14.07 -42.65
N GLY A 179 25.61 15.20 -42.63
CA GLY A 179 25.85 15.90 -41.38
C GLY A 179 26.61 15.10 -40.34
N ALA A 180 27.64 14.38 -40.77
CA ALA A 180 28.43 13.54 -39.88
C ALA A 180 29.84 14.08 -39.65
N ASN A 181 30.10 15.33 -40.03
CA ASN A 181 31.45 15.88 -39.95
C ASN A 181 31.45 17.26 -39.32
N THR A 182 32.50 17.54 -38.55
CA THR A 182 32.87 18.87 -38.06
C THR A 182 31.71 19.46 -37.24
N ASP A 183 31.65 20.80 -37.20
CA ASP A 183 30.62 21.52 -36.47
C ASP A 183 29.26 21.42 -37.14
N THR A 184 29.21 20.88 -38.36
CA THR A 184 27.92 20.69 -39.01
C THR A 184 27.04 19.74 -38.20
N LEU A 185 27.63 18.73 -37.58
CA LEU A 185 26.85 17.81 -36.76
C LEU A 185 26.23 18.53 -35.56
N ALA A 186 27.01 19.36 -34.88
CA ALA A 186 26.46 20.10 -33.74
C ALA A 186 25.40 21.10 -34.19
N ARG A 187 25.62 21.75 -35.33
CA ARG A 187 24.60 22.66 -35.83
C ARG A 187 23.32 21.92 -36.16
N ARG A 188 23.45 20.73 -36.75
CA ARG A 188 22.27 19.92 -37.04
C ARG A 188 21.59 19.47 -35.76
N GLN A 189 22.36 19.19 -34.71
CA GLN A 189 21.74 18.83 -33.43
C GLN A 189 20.89 19.98 -32.91
N LEU A 190 21.45 21.18 -32.92
CA LEU A 190 20.68 22.34 -32.47
C LEU A 190 19.45 22.57 -33.34
N VAL A 191 19.61 22.45 -34.65
CA VAL A 191 18.50 22.65 -35.58
C VAL A 191 17.42 21.60 -35.34
N GLU A 192 17.80 20.35 -35.16
CA GLU A 192 16.85 19.29 -34.90
C GLU A 192 16.09 19.53 -33.62
N LEU A 193 16.79 19.94 -32.56
CA LEU A 193 16.11 20.17 -31.29
C LEU A 193 15.12 21.33 -31.39
N LYS A 194 15.56 22.45 -31.97
CA LYS A 194 14.68 23.61 -32.06
C LYS A 194 13.50 23.33 -32.97
N ASN A 195 13.73 22.69 -34.11
CA ASN A 195 12.63 22.35 -35.01
C ASN A 195 11.71 21.30 -34.39
N GLY A 196 12.24 20.42 -33.55
CA GLY A 196 11.39 19.48 -32.84
C GLY A 196 10.47 20.17 -31.85
N ARG A 197 11.00 21.15 -31.11
CA ARG A 197 10.14 21.92 -30.23
C ARG A 197 9.08 22.68 -31.02
N LEU A 198 9.49 23.30 -32.13
CA LEU A 198 8.55 24.02 -32.97
C LEU A 198 7.48 23.09 -33.51
N ALA A 199 7.87 21.91 -33.98
CA ALA A 199 6.91 20.95 -34.51
C ALA A 199 6.01 20.41 -33.42
N MET A 200 6.52 20.28 -32.20
CA MET A 200 5.69 19.87 -31.08
C MET A 200 4.56 20.85 -30.85
N ILE A 201 4.91 22.14 -30.76
CA ILE A 201 3.90 23.16 -30.55
C ILE A 201 2.94 23.22 -31.75
N ALA A 202 3.47 23.07 -32.95
CA ALA A 202 2.63 23.13 -34.15
C ALA A 202 1.68 21.93 -34.20
N THR A 203 2.14 20.76 -33.77
CA THR A 203 1.28 19.58 -33.75
C THR A 203 0.16 19.75 -32.75
N GLY A 204 0.48 20.24 -31.55
CA GLY A 204 -0.58 20.57 -30.61
C GLY A 204 -1.56 21.57 -31.18
N GLY A 205 -1.04 22.58 -31.88
CA GLY A 205 -1.91 23.59 -32.47
C GLY A 205 -2.84 23.01 -33.51
N MET A 206 -2.32 22.16 -34.40
CA MET A 206 -3.16 21.58 -35.44
C MET A 206 -4.21 20.65 -34.85
N ILE A 207 -3.83 19.86 -33.84
CA ILE A 207 -4.80 18.97 -33.20
C ILE A 207 -5.91 19.77 -32.56
N HIS A 208 -5.57 20.85 -31.84
CA HIS A 208 -6.62 21.63 -31.19
C HIS A 208 -7.42 22.44 -32.20
N HIS A 209 -6.80 22.82 -33.32
CA HIS A 209 -7.55 23.49 -34.38
C HIS A 209 -8.58 22.55 -34.98
N PHE A 210 -8.23 21.28 -35.18
CA PHE A 210 -9.22 20.33 -35.67
C PHE A 210 -10.27 20.04 -34.60
N PHE A 211 -9.88 20.07 -33.33
CA PHE A 211 -10.88 19.93 -32.26
C PHE A 211 -11.89 21.05 -32.30
N LEU A 212 -11.43 22.29 -32.52
CA LEU A 212 -12.32 23.43 -32.44
C LEU A 212 -13.16 23.59 -33.71
N THR A 213 -12.51 23.58 -34.87
CA THR A 213 -13.20 23.90 -36.12
C THR A 213 -13.56 22.67 -36.94
N GLY A 214 -12.86 21.55 -36.75
CA GLY A 214 -13.12 20.38 -37.56
C GLY A 214 -12.61 20.49 -38.98
N LYS A 215 -11.54 21.25 -39.18
CA LYS A 215 -10.95 21.44 -40.50
C LYS A 215 -9.46 21.15 -40.44
N GLY A 216 -8.90 20.76 -41.58
CA GLY A 216 -7.50 20.41 -41.68
C GLY A 216 -6.60 21.63 -41.60
N PRO A 217 -5.29 21.40 -41.55
CA PRO A 217 -4.37 22.55 -41.40
C PRO A 217 -4.41 23.52 -42.56
N ILE A 218 -4.26 23.03 -43.80
CA ILE A 218 -4.14 23.94 -44.93
C ILE A 218 -5.45 24.65 -45.24
N GLU A 219 -6.59 24.09 -44.80
CA GLU A 219 -7.87 24.75 -45.03
C GLU A 219 -8.31 25.61 -43.86
N PHE A 220 -7.80 25.36 -42.66
CA PHE A 220 -8.09 26.25 -41.53
C PHE A 220 -7.34 27.56 -41.66
N ILE A 221 -6.11 27.51 -42.18
CA ILE A 221 -5.30 28.72 -42.32
C ILE A 221 -5.73 29.57 -43.51
N THR A 222 -6.62 29.05 -44.37
CA THR A 222 -7.09 29.80 -45.52
C THR A 222 -8.57 30.17 -45.44
N THR A 223 -9.28 29.71 -44.41
CA THR A 223 -10.71 29.97 -44.27
C THR A 223 -11.01 30.46 -42.85
N LEU A 224 -10.24 31.45 -42.40
CA LEU A 224 -10.46 32.05 -41.08
C LEU A 224 -11.85 32.65 -40.97
N TYR B 42 -14.75 72.10 42.08
CA TYR B 42 -13.33 71.92 42.30
C TYR B 42 -13.06 71.27 43.65
N LYS B 43 -12.02 70.43 43.71
CA LYS B 43 -11.61 69.81 44.97
C LYS B 43 -10.91 70.87 45.80
N ASP B 44 -11.63 71.43 46.77
CA ASP B 44 -11.13 72.55 47.55
C ASP B 44 -11.00 72.28 49.04
N GLY B 45 -11.68 71.26 49.56
CA GLY B 45 -11.76 71.05 50.99
C GLY B 45 -12.91 71.76 51.66
N ILE B 46 -13.64 72.59 50.92
CA ILE B 46 -14.84 73.24 51.45
C ILE B 46 -16.11 72.68 50.84
N ILE B 47 -16.03 71.94 49.74
CA ILE B 47 -17.21 71.33 49.13
C ILE B 47 -17.17 69.83 49.41
N GLN B 48 -15.97 69.29 49.55
CA GLN B 48 -15.79 67.88 49.87
C GLN B 48 -14.55 67.72 50.72
N GLY B 49 -14.55 66.70 51.58
CA GLY B 49 -13.38 66.40 52.39
C GLY B 49 -13.60 66.50 53.88
N LEU B 50 -12.52 66.72 54.62
CA LEU B 50 -12.59 66.78 56.08
C LEU B 50 -13.23 68.08 56.57
N GLY B 51 -13.04 69.18 55.85
CA GLY B 51 -13.55 70.46 56.29
C GLY B 51 -15.06 70.52 56.40
N VAL B 52 -15.74 70.45 55.25
CA VAL B 52 -17.19 70.45 55.26
C VAL B 52 -17.69 69.10 55.77
N GLU B 53 -18.79 69.12 56.53
CA GLU B 53 -19.31 67.91 57.15
C GLU B 53 -20.82 68.03 57.25
N ALA B 54 -21.53 67.20 56.49
CA ALA B 54 -22.99 67.21 56.53
C ALA B 54 -23.48 66.65 57.86
N ILE B 55 -24.78 66.85 58.11
CA ILE B 55 -25.43 66.62 59.40
C ILE B 55 -24.47 67.05 60.52
N PRO B 56 -24.26 68.35 60.68
CA PRO B 56 -23.25 68.83 61.63
C PRO B 56 -23.63 68.51 63.06
N GLY B 57 -22.60 68.49 63.91
CA GLY B 57 -22.75 68.04 65.28
C GLY B 57 -22.60 66.55 65.48
N ALA B 58 -22.24 65.81 64.44
CA ALA B 58 -22.03 64.38 64.51
C ALA B 58 -20.62 64.05 64.04
N GLY B 59 -20.26 62.79 64.18
CA GLY B 59 -18.92 62.32 63.83
C GLY B 59 -18.91 61.61 62.48
N ARG B 60 -17.84 61.82 61.73
CA ARG B 60 -17.68 61.17 60.45
C ARG B 60 -17.37 59.69 60.64
N PRO B 61 -17.80 58.84 59.71
CA PRO B 61 -17.46 57.41 59.80
C PRO B 61 -15.95 57.20 59.67
N ALA B 62 -15.47 56.14 60.33
CA ALA B 62 -14.04 55.85 60.33
C ALA B 62 -13.56 55.50 58.92
N ASN B 63 -14.34 54.72 58.17
CA ASN B 63 -13.93 54.36 56.82
C ASN B 63 -14.01 55.56 55.89
N LEU B 64 -14.99 56.43 56.09
CA LEU B 64 -15.16 57.63 55.29
C LEU B 64 -14.18 58.68 55.81
N ASP B 65 -12.95 58.63 55.29
CA ASP B 65 -11.86 59.47 55.75
C ASP B 65 -11.66 60.71 54.88
N GLY B 66 -12.67 61.09 54.09
CA GLY B 66 -12.56 62.27 53.27
C GLY B 66 -11.50 62.19 52.19
N THR B 67 -11.32 61.00 51.60
CA THR B 67 -10.37 60.80 50.52
C THR B 67 -11.03 60.71 49.16
N LEU B 68 -12.16 60.03 49.06
CA LEU B 68 -12.86 59.87 47.80
C LEU B 68 -13.58 61.16 47.42
N VAL B 69 -14.12 61.17 46.21
CA VAL B 69 -14.82 62.33 45.69
C VAL B 69 -16.20 62.40 46.33
N GLY B 70 -16.63 63.62 46.66
CA GLY B 70 -17.96 63.82 47.21
C GLY B 70 -18.12 63.41 48.66
N ASP B 71 -17.04 63.34 49.42
CA ASP B 71 -17.12 62.98 50.83
C ASP B 71 -17.48 64.23 51.63
N VAL B 72 -18.74 64.32 52.04
CA VAL B 72 -19.18 65.37 52.94
C VAL B 72 -19.48 64.80 54.33
N GLY B 73 -18.95 63.62 54.63
CA GLY B 73 -19.18 63.00 55.92
C GLY B 73 -20.59 62.54 56.15
N PHE B 74 -21.38 62.41 55.09
CA PHE B 74 -22.79 62.03 55.21
C PHE B 74 -22.92 60.53 54.94
N ASP B 75 -22.98 59.75 56.01
CA ASP B 75 -23.27 58.32 55.90
C ASP B 75 -23.99 57.86 57.16
N PRO B 76 -25.28 58.14 57.27
CA PRO B 76 -26.09 57.47 58.29
C PRO B 76 -26.31 56.01 57.90
N LEU B 77 -26.88 55.27 58.84
CA LEU B 77 -27.16 53.84 58.73
C LEU B 77 -25.90 52.99 58.62
N GLY B 78 -24.72 53.60 58.66
CA GLY B 78 -23.48 52.84 58.70
C GLY B 78 -23.24 51.96 57.50
N PHE B 79 -23.54 52.46 56.30
CA PHE B 79 -23.30 51.68 55.09
C PHE B 79 -21.83 51.61 54.72
N SER B 80 -21.00 52.50 55.24
CA SER B 80 -19.58 52.55 54.89
C SER B 80 -18.73 51.60 55.71
N ASN B 81 -19.32 50.88 56.67
CA ASN B 81 -18.55 49.99 57.53
C ASN B 81 -18.48 48.57 57.00
N TRP B 82 -19.57 48.08 56.42
CA TRP B 82 -19.63 46.71 55.93
C TRP B 82 -19.54 46.60 54.42
N LEU B 83 -19.56 47.71 53.69
CA LEU B 83 -19.55 47.70 52.25
C LEU B 83 -18.23 48.28 51.74
N ASP B 84 -17.66 47.64 50.72
CA ASP B 84 -16.42 48.12 50.14
C ASP B 84 -16.64 49.46 49.48
N LEU B 85 -15.77 50.43 49.77
CA LEU B 85 -15.95 51.76 49.20
C LEU B 85 -15.68 51.76 47.71
N ARG B 86 -14.83 50.87 47.21
CA ARG B 86 -14.62 50.79 45.77
C ARG B 86 -15.88 50.32 45.06
N TRP B 87 -16.49 49.25 45.57
CA TRP B 87 -17.71 48.75 44.96
C TRP B 87 -18.83 49.78 45.07
N ALA B 88 -18.96 50.43 46.22
CA ALA B 88 -20.01 51.42 46.39
C ALA B 88 -19.80 52.63 45.47
N ARG B 89 -18.55 53.10 45.35
CA ARG B 89 -18.29 54.23 44.47
C ARG B 89 -18.52 53.86 43.00
N GLU B 90 -18.12 52.67 42.59
CA GLU B 90 -18.40 52.23 41.22
C GLU B 90 -19.89 52.15 40.98
N ALA B 91 -20.64 51.60 41.94
CA ALA B 91 -22.08 51.53 41.78
C ALA B 91 -22.70 52.91 41.72
N GLU B 92 -22.23 53.84 42.55
CA GLU B 92 -22.77 55.19 42.52
C GLU B 92 -22.50 55.86 41.19
N ILE B 93 -21.28 55.71 40.67
CA ILE B 93 -20.94 56.33 39.40
C ILE B 93 -21.78 55.73 38.27
N LYS B 94 -21.90 54.40 38.23
CA LYS B 94 -22.67 53.77 37.18
C LYS B 94 -24.15 54.14 37.27
N HIS B 95 -24.71 54.16 38.49
CA HIS B 95 -26.09 54.59 38.67
C HIS B 95 -26.28 56.02 38.20
N GLY B 96 -25.35 56.90 38.55
CA GLY B 96 -25.48 58.29 38.16
C GLY B 96 -25.40 58.47 36.66
N ARG B 97 -24.49 57.76 36.00
CA ARG B 97 -24.37 57.89 34.56
C ARG B 97 -25.61 57.34 33.84
N VAL B 98 -26.07 56.16 34.25
CA VAL B 98 -27.26 55.58 33.66
C VAL B 98 -28.47 56.48 33.91
N ALA B 99 -28.55 57.08 35.08
CA ALA B 99 -29.66 57.98 35.38
C ALA B 99 -29.58 59.27 34.59
N MET B 100 -28.38 59.79 34.35
CA MET B 100 -28.25 60.95 33.48
C MET B 100 -28.77 60.63 32.08
N LEU B 101 -28.34 59.48 31.54
CA LEU B 101 -28.83 59.08 30.22
C LEU B 101 -30.34 58.91 30.24
N ALA B 102 -30.88 58.30 31.30
CA ALA B 102 -32.31 58.05 31.38
C ALA B 102 -33.08 59.37 31.44
N ALA B 103 -32.63 60.32 32.25
CA ALA B 103 -33.34 61.58 32.37
C ALA B 103 -33.27 62.37 31.08
N THR B 104 -32.12 62.37 30.41
CA THR B 104 -32.05 63.02 29.11
C THR B 104 -32.99 62.35 28.13
N GLY B 105 -33.11 61.03 28.19
CA GLY B 105 -34.07 60.33 27.34
C GLY B 105 -35.50 60.71 27.65
N MET B 106 -35.84 60.82 28.92
CA MET B 106 -37.19 61.25 29.31
C MET B 106 -37.50 62.63 28.76
N ILE B 107 -36.53 63.55 28.84
CA ILE B 107 -36.75 64.89 28.34
C ILE B 107 -36.90 64.88 26.82
N VAL B 108 -36.00 64.18 26.13
CA VAL B 108 -35.95 64.28 24.67
C VAL B 108 -37.11 63.53 24.02
N GLN B 109 -37.39 62.31 24.48
CA GLN B 109 -38.46 61.52 23.88
C GLN B 109 -39.80 62.22 23.97
N ASP B 110 -40.03 62.99 25.04
CA ASP B 110 -41.27 63.72 25.17
C ASP B 110 -41.33 64.94 24.26
N ALA B 111 -40.19 65.35 23.70
CA ALA B 111 -40.13 66.50 22.82
C ALA B 111 -39.90 66.11 21.36
N TYR B 112 -38.97 65.20 21.10
CA TYR B 112 -38.63 64.79 19.75
C TYR B 112 -38.53 63.27 19.69
N LYS B 113 -39.03 62.68 18.60
CA LYS B 113 -38.95 61.25 18.38
C LYS B 113 -38.35 60.99 17.02
N PHE B 114 -37.54 59.95 16.93
CA PHE B 114 -36.92 59.60 15.66
C PHE B 114 -37.98 59.11 14.68
N PRO B 115 -37.84 59.43 13.40
CA PRO B 115 -38.81 58.95 12.41
C PRO B 115 -38.80 57.43 12.34
N GLY B 116 -39.99 56.86 12.28
CA GLY B 116 -40.14 55.41 12.24
C GLY B 116 -40.59 54.83 13.56
N PHE B 117 -40.03 55.33 14.65
CA PHE B 117 -40.44 54.85 15.97
C PHE B 117 -41.80 55.40 16.38
N GLU B 118 -42.11 56.65 15.99
CA GLU B 118 -43.38 57.22 16.37
C GLU B 118 -44.56 56.58 15.64
N GLY B 119 -44.30 55.95 14.49
CA GLY B 119 -45.34 55.21 13.82
C GLY B 119 -45.54 53.82 14.39
N GLU B 120 -44.46 53.19 14.85
CA GLU B 120 -44.56 51.86 15.44
C GLU B 120 -45.16 51.91 16.84
N PHE B 121 -44.77 52.92 17.62
CA PHE B 121 -45.20 53.01 19.01
C PHE B 121 -46.34 53.99 19.24
N GLY B 122 -46.54 54.94 18.34
CA GLY B 122 -47.59 55.92 18.52
C GLY B 122 -47.19 57.01 19.49
N GLY B 123 -48.12 57.42 20.35
CA GLY B 123 -47.86 58.42 21.36
C GLY B 123 -47.40 57.88 22.70
N ALA B 124 -47.10 56.59 22.78
CA ALA B 124 -46.68 56.01 24.05
C ALA B 124 -45.31 56.54 24.45
N ALA B 125 -45.10 56.68 25.76
CA ALA B 125 -43.84 57.16 26.29
C ALA B 125 -43.66 56.64 27.70
N MET B 126 -42.49 56.91 28.27
CA MET B 126 -42.15 56.54 29.64
C MET B 126 -42.29 55.05 29.89
N MET B 127 -43.24 54.66 30.74
CA MET B 127 -43.36 53.27 31.13
C MET B 127 -44.15 52.42 30.14
N LYS B 128 -44.77 53.03 29.13
CA LYS B 128 -45.39 52.26 28.06
C LYS B 128 -44.43 51.92 26.95
N LEU B 129 -43.46 52.80 26.70
CA LEU B 129 -42.49 52.58 25.65
C LEU B 129 -41.66 51.32 25.91
N HIS B 130 -41.42 51.01 27.17
CA HIS B 130 -40.66 49.81 27.50
C HIS B 130 -41.40 48.55 27.08
N ASN B 131 -42.69 48.46 27.42
CA ASN B 131 -43.45 47.26 27.11
C ASN B 131 -43.68 47.10 25.62
N LEU B 132 -43.83 48.20 24.89
CA LEU B 132 -43.99 48.12 23.45
C LEU B 132 -42.66 47.80 22.77
N ALA B 133 -41.56 48.33 23.30
CA ALA B 133 -40.26 48.07 22.70
C ALA B 133 -39.79 46.65 22.96
N VAL B 134 -40.23 46.04 24.06
CA VAL B 134 -39.91 44.64 24.29
C VAL B 134 -40.49 43.77 23.19
N GLU B 135 -41.76 44.02 22.83
CA GLU B 135 -42.37 43.25 21.76
C GLU B 135 -41.84 43.65 20.40
N GLN B 136 -41.50 44.92 20.22
CA GLN B 136 -41.01 45.39 18.93
C GLN B 136 -39.61 44.85 18.65
N GLY B 137 -38.75 44.84 19.67
CA GLY B 137 -37.38 44.39 19.53
C GLY B 137 -36.34 45.43 19.88
N ALA B 138 -36.70 46.70 20.00
CA ALA B 138 -35.71 47.71 20.39
C ALA B 138 -35.17 47.43 21.77
N MET B 139 -36.05 47.10 22.72
CA MET B 139 -35.60 46.84 24.08
C MET B 139 -34.75 45.59 24.16
N GLN B 140 -35.10 44.56 23.39
CA GLN B 140 -34.27 43.35 23.40
C GLN B 140 -32.88 43.63 22.85
N GLN B 141 -32.79 44.39 21.76
CA GLN B 141 -31.49 44.72 21.19
C GLN B 141 -30.68 45.57 22.15
N LEU B 142 -31.32 46.55 22.79
CA LEU B 142 -30.63 47.37 23.77
C LEU B 142 -30.11 46.53 24.93
N LEU B 143 -30.95 45.62 25.44
CA LEU B 143 -30.51 44.76 26.53
C LEU B 143 -29.33 43.90 26.12
N LEU B 144 -29.40 43.29 24.93
CA LEU B 144 -28.30 42.43 24.50
C LEU B 144 -27.01 43.22 24.35
N TRP B 145 -27.08 44.39 23.71
CA TRP B 145 -25.85 45.13 23.45
C TRP B 145 -25.27 45.73 24.73
N LEU B 146 -26.12 46.30 25.58
CA LEU B 146 -25.61 46.84 26.84
C LEU B 146 -25.12 45.74 27.76
N GLY B 147 -25.75 44.57 27.72
CA GLY B 147 -25.26 43.46 28.52
C GLY B 147 -23.92 42.94 28.04
N LEU B 148 -23.74 42.83 26.72
CA LEU B 148 -22.44 42.44 26.20
C LEU B 148 -21.38 43.48 26.56
N LEU B 149 -21.71 44.76 26.43
CA LEU B 149 -20.77 45.80 26.80
C LEU B 149 -20.42 45.72 28.27
N GLU B 150 -21.40 45.50 29.13
CA GLU B 150 -21.11 45.38 30.55
C GLU B 150 -20.27 44.15 30.84
N ILE B 151 -20.57 43.02 30.21
CA ILE B 151 -19.82 41.81 30.45
C ILE B 151 -18.36 41.99 30.06
N ILE B 152 -18.10 42.63 28.92
CA ILE B 152 -16.72 42.76 28.46
C ILE B 152 -16.03 44.01 28.94
N SER B 153 -16.73 44.90 29.65
CA SER B 153 -16.07 46.08 30.19
C SER B 153 -16.13 46.15 31.71
N GLY B 154 -17.32 46.12 32.30
CA GLY B 154 -17.49 46.43 33.70
C GLY B 154 -17.08 45.34 34.65
N VAL B 155 -17.49 44.10 34.39
CA VAL B 155 -17.16 43.00 35.31
C VAL B 155 -15.65 42.78 35.44
N PRO B 156 -14.88 42.66 34.35
CA PRO B 156 -13.42 42.61 34.54
C PRO B 156 -12.86 43.85 35.21
N ALA B 157 -13.40 45.02 34.89
CA ALA B 157 -12.99 46.24 35.59
C ALA B 157 -13.38 46.16 37.06
N ILE B 158 -14.58 45.64 37.34
CA ILE B 158 -15.02 45.50 38.72
C ILE B 158 -14.03 44.65 39.51
N ILE B 159 -13.69 43.48 38.98
CA ILE B 159 -12.85 42.58 39.76
C ILE B 159 -11.42 43.10 39.85
N GLN B 160 -10.91 43.73 38.80
CA GLN B 160 -9.58 44.32 38.90
C GLN B 160 -9.52 45.42 39.93
N THR B 161 -10.52 46.31 39.95
CA THR B 161 -10.49 47.41 40.90
C THR B 161 -10.87 46.98 42.31
N LEU B 162 -11.56 45.85 42.47
CA LEU B 162 -11.81 45.31 43.80
C LEU B 162 -10.58 44.60 44.35
N ASN B 163 -9.79 43.97 43.48
CA ASN B 163 -8.62 43.24 43.92
C ASN B 163 -7.38 44.12 44.03
N GLY B 164 -7.48 45.41 43.73
CA GLY B 164 -6.39 46.31 44.01
C GLY B 164 -5.65 46.85 42.81
N SER B 165 -6.36 47.09 41.72
CA SER B 165 -5.72 47.68 40.55
C SER B 165 -5.55 49.19 40.74
N GLU B 166 -4.83 49.79 39.80
CA GLU B 166 -4.68 51.24 39.78
C GLU B 166 -5.87 51.94 39.16
N ARG B 167 -6.83 51.18 38.64
CA ARG B 167 -8.03 51.75 38.04
C ARG B 167 -8.98 52.21 39.14
N GLN B 168 -9.21 53.52 39.22
CA GLN B 168 -10.16 54.03 40.19
C GLN B 168 -11.58 53.63 39.81
N PRO B 169 -12.45 53.43 40.79
CA PRO B 169 -13.84 53.08 40.47
C PRO B 169 -14.50 54.16 39.63
N GLY B 170 -15.28 53.72 38.65
CA GLY B 170 -15.94 54.63 37.74
C GLY B 170 -15.06 55.15 36.63
N ASP B 171 -13.80 54.73 36.55
CA ASP B 171 -12.87 55.23 35.56
C ASP B 171 -12.70 54.16 34.49
N PHE B 172 -13.15 54.47 33.27
CA PHE B 172 -12.93 53.62 32.12
C PHE B 172 -11.94 54.21 31.14
N GLY B 173 -11.34 55.35 31.46
CA GLY B 173 -10.40 55.99 30.56
C GLY B 173 -11.01 56.54 29.30
N PHE B 174 -12.33 56.63 29.23
CA PHE B 174 -13.01 57.13 28.05
C PHE B 174 -12.91 58.65 28.05
N ASP B 175 -11.89 59.17 27.37
CA ASP B 175 -11.66 60.61 27.28
C ASP B 175 -11.35 60.98 25.83
N PRO B 176 -12.33 60.89 24.94
CA PRO B 176 -12.16 61.47 23.62
C PRO B 176 -12.19 62.98 23.69
N LEU B 177 -11.60 63.61 22.68
CA LEU B 177 -11.48 65.06 22.61
C LEU B 177 -10.63 65.64 23.74
N ASN B 178 -10.00 64.78 24.54
CA ASN B 178 -9.07 65.21 25.59
C ASN B 178 -9.73 66.20 26.54
N CYS B 179 -10.99 65.96 26.87
CA CYS B 179 -11.69 66.83 27.82
C CYS B 179 -11.14 66.61 29.21
N GLY B 180 -10.94 67.71 29.94
CA GLY B 180 -10.47 67.63 31.30
C GLY B 180 -9.08 67.06 31.47
N ALA B 181 -8.13 67.51 30.64
CA ALA B 181 -6.76 67.07 30.79
C ALA B 181 -6.07 67.68 32.00
N ASN B 182 -6.55 68.81 32.48
CA ASN B 182 -5.94 69.47 33.64
C ASN B 182 -6.41 68.81 34.92
N PRO B 183 -5.50 68.46 35.84
CA PRO B 183 -5.93 67.74 37.06
C PRO B 183 -6.94 68.50 37.90
N ASP B 184 -6.79 69.82 38.05
CA ASP B 184 -7.80 70.58 38.78
C ASP B 184 -9.13 70.56 38.06
N THR B 185 -9.10 70.74 36.73
CA THR B 185 -10.31 70.61 35.94
C THR B 185 -10.87 69.20 36.04
N LEU B 186 -10.01 68.19 36.12
CA LEU B 186 -10.49 66.83 36.25
C LEU B 186 -11.19 66.60 37.58
N ALA B 187 -10.66 67.16 38.67
CA ALA B 187 -11.34 67.04 39.96
C ALA B 187 -12.67 67.78 39.94
N ARG B 188 -12.69 68.96 39.33
CA ARG B 188 -13.97 69.67 39.17
C ARG B 188 -14.97 68.82 38.41
N ARG B 189 -14.52 68.20 37.32
CA ARG B 189 -15.41 67.37 36.52
C ARG B 189 -15.88 66.15 37.31
N GLN B 190 -15.01 65.55 38.11
CA GLN B 190 -15.41 64.39 38.91
C GLN B 190 -16.49 64.76 39.91
N LEU B 191 -16.28 65.84 40.65
CA LEU B 191 -17.29 66.23 41.63
C LEU B 191 -18.59 66.61 40.94
N THR B 192 -18.51 67.34 39.82
CA THR B 192 -19.71 67.73 39.10
C THR B 192 -20.45 66.53 38.56
N GLU B 193 -19.73 65.55 38.02
CA GLU B 193 -20.36 64.34 37.53
C GLU B 193 -21.05 63.58 38.65
N LEU B 194 -20.40 63.47 39.81
CA LEU B 194 -21.01 62.75 40.92
C LEU B 194 -22.29 63.45 41.39
N LYS B 195 -22.22 64.77 41.57
CA LYS B 195 -23.40 65.49 42.04
C LYS B 195 -24.53 65.46 41.01
N ASN B 196 -24.20 65.66 39.73
CA ASN B 196 -25.22 65.58 38.69
C ASN B 196 -25.77 64.17 38.56
N GLY B 197 -24.98 63.14 38.87
CA GLY B 197 -25.52 61.79 38.88
C GLY B 197 -26.52 61.57 39.99
N ARG B 198 -26.22 62.09 41.19
CA ARG B 198 -27.21 62.04 42.27
C ARG B 198 -28.49 62.76 41.86
N LEU B 199 -28.34 63.95 41.31
CA LEU B 199 -29.50 64.71 40.86
C LEU B 199 -30.29 63.94 39.81
N ALA B 200 -29.58 63.28 38.89
CA ALA B 200 -30.24 62.52 37.84
C ALA B 200 -31.00 61.34 38.41
N MET B 201 -30.41 60.63 39.37
CA MET B 201 -31.12 59.50 39.98
C MET B 201 -32.41 59.95 40.63
N ILE B 202 -32.33 61.03 41.43
CA ILE B 202 -33.52 61.51 42.09
C ILE B 202 -34.56 61.98 41.08
N ALA B 203 -34.12 62.69 40.04
CA ALA B 203 -35.04 63.19 39.04
C ALA B 203 -35.70 62.05 38.25
N VAL B 204 -34.94 60.99 37.96
CA VAL B 204 -35.50 59.86 37.23
C VAL B 204 -36.55 59.15 38.06
N GLY B 205 -36.27 58.93 39.35
CA GLY B 205 -37.30 58.39 40.22
C GLY B 205 -38.53 59.26 40.25
N GLY B 206 -38.33 60.59 40.30
CA GLY B 206 -39.45 61.50 40.31
C GLY B 206 -40.28 61.39 39.05
N MET B 207 -39.63 61.36 37.89
CA MET B 207 -40.36 61.29 36.63
C MET B 207 -41.12 59.98 36.51
N VAL B 208 -40.50 58.88 36.94
CA VAL B 208 -41.18 57.59 36.89
C VAL B 208 -42.44 57.63 37.74
N HIS B 209 -42.34 58.17 38.96
CA HIS B 209 -43.53 58.22 39.80
C HIS B 209 -44.56 59.22 39.28
N HIS B 210 -44.12 60.31 38.65
CA HIS B 210 -45.05 61.23 38.03
C HIS B 210 -45.85 60.53 36.94
N TYR B 211 -45.19 59.71 36.12
CA TYR B 211 -45.92 58.98 35.09
C TYR B 211 -46.82 57.92 35.69
N LEU B 212 -46.37 57.26 36.76
CA LEU B 212 -47.19 56.22 37.37
C LEU B 212 -48.43 56.80 38.02
N LEU B 213 -48.38 58.05 38.49
CA LEU B 213 -49.56 58.66 39.09
C LEU B 213 -50.43 59.38 38.06
N VAL B 214 -49.87 60.38 37.39
CA VAL B 214 -50.67 61.17 36.44
C VAL B 214 -50.78 60.45 35.11
N GLY B 215 -49.65 60.08 34.51
CA GLY B 215 -49.65 59.44 33.22
C GLY B 215 -49.17 60.35 32.11
N ARG B 216 -48.19 61.20 32.40
CA ARG B 216 -47.64 62.12 31.43
C ARG B 216 -46.12 62.11 31.52
N GLY B 217 -45.49 62.54 30.43
CA GLY B 217 -44.05 62.66 30.40
C GLY B 217 -43.58 63.91 31.11
N PRO B 218 -42.25 64.07 31.15
CA PRO B 218 -41.69 65.13 32.01
C PRO B 218 -42.13 66.53 31.64
N ILE B 219 -41.93 66.95 30.38
CA ILE B 219 -42.34 68.30 30.01
C ILE B 219 -43.86 68.41 30.00
N GLU B 220 -44.56 67.34 29.63
CA GLU B 220 -46.01 67.33 29.73
C GLU B 220 -46.45 67.47 31.19
N PHE B 221 -45.74 66.80 32.10
CA PHE B 221 -46.08 66.90 33.51
C PHE B 221 -45.79 68.29 34.07
N ILE B 222 -44.74 68.96 33.58
CA ILE B 222 -44.42 70.28 34.09
C ILE B 222 -45.27 71.37 33.42
N THR B 223 -45.88 71.07 32.28
CA THR B 223 -46.81 72.01 31.65
C THR B 223 -48.27 71.71 32.01
N ASN B 224 -48.52 70.65 32.76
CA ASN B 224 -49.87 70.24 33.19
C ASN B 224 -49.90 70.08 34.69
N ILE B 225 -49.44 71.10 35.41
CA ILE B 225 -49.19 71.06 36.84
C ILE B 225 -50.40 70.57 37.64
N PRO B 226 -51.63 71.02 37.38
CA PRO B 226 -52.77 70.50 38.15
C PRO B 226 -52.90 68.99 38.00
N ASN B 227 -53.33 68.35 39.09
CA ASN B 227 -53.46 66.89 39.14
C ASN B 227 -54.75 66.39 38.52
N PHE B 228 -55.62 67.28 38.04
CA PHE B 228 -56.85 66.86 37.38
C PHE B 228 -56.56 66.38 35.97
N LYS B 229 -57.63 65.99 35.26
CA LYS B 229 -57.62 65.53 33.87
C LYS B 229 -56.46 64.60 33.55
N ASN B 230 -56.12 63.72 34.48
CA ASN B 230 -55.02 62.78 34.25
C ASN B 230 -55.46 61.67 33.29
N PRO B 231 -54.58 61.25 32.38
CA PRO B 231 -54.90 60.12 31.50
C PRO B 231 -54.63 58.79 32.21
N LEU B 232 -54.90 57.71 31.50
CA LEU B 232 -54.62 56.38 32.03
C LEU B 232 -53.11 56.14 32.01
N PRO B 233 -52.51 55.81 33.14
CA PRO B 233 -51.10 55.42 33.17
C PRO B 233 -50.93 53.91 33.12
N PRO B 234 -50.99 53.28 31.95
CA PRO B 234 -50.77 51.82 31.90
C PRO B 234 -49.31 51.50 32.19
N PHE B 235 -49.10 50.59 33.14
CA PHE B 235 -47.75 50.24 33.56
C PHE B 235 -47.03 49.45 32.48
N ASP C 44 1.01 47.90 33.89
CA ASP C 44 0.93 47.90 32.43
C ASP C 44 -0.47 47.54 31.96
N PHE C 45 -1.25 48.55 31.65
CA PHE C 45 -2.61 48.33 31.20
C PHE C 45 -2.63 47.88 29.73
N SER C 46 -3.77 47.35 29.31
CA SER C 46 -3.90 46.85 27.96
C SER C 46 -3.87 47.99 26.96
N ALA C 47 -3.27 47.73 25.80
CA ALA C 47 -3.24 48.74 24.75
C ALA C 47 -4.64 48.99 24.21
N ALA C 48 -5.42 47.92 24.00
CA ALA C 48 -6.76 48.08 23.47
C ALA C 48 -7.72 48.61 24.54
N VAL C 49 -7.70 48.00 25.72
CA VAL C 49 -8.60 48.38 26.80
C VAL C 49 -7.82 49.21 27.80
N PRO C 50 -7.95 50.55 27.79
CA PRO C 50 -7.11 51.37 28.66
C PRO C 50 -7.40 51.20 30.14
N PHE C 51 -8.57 50.71 30.52
CA PHE C 51 -8.92 50.59 31.93
C PHE C 51 -8.69 49.20 32.49
N LEU C 52 -8.24 48.25 31.68
CA LEU C 52 -7.98 46.90 32.13
C LEU C 52 -6.49 46.61 32.06
N LYS C 53 -6.00 45.86 33.05
CA LYS C 53 -4.61 45.42 33.02
C LYS C 53 -4.38 44.49 31.84
N ARG C 54 -3.22 44.60 31.23
CA ARG C 54 -2.86 43.70 30.16
C ARG C 54 -2.78 42.27 30.69
N PRO C 55 -3.38 41.30 30.03
CA PRO C 55 -3.30 39.92 30.51
C PRO C 55 -1.86 39.45 30.59
N SER C 56 -1.57 38.67 31.63
CA SER C 56 -0.19 38.27 31.91
C SER C 56 0.37 37.36 30.83
N ASN C 57 -0.47 36.64 30.11
CA ASN C 57 -0.01 35.73 29.07
C ASN C 57 0.00 36.35 27.69
N LEU C 58 -0.48 37.59 27.55
CA LEU C 58 -0.50 38.28 26.27
C LEU C 58 0.64 39.30 26.27
N ASP C 59 1.84 38.82 25.94
CA ASP C 59 3.01 39.69 25.93
C ASP C 59 3.03 40.60 24.72
N GLY C 60 2.35 40.22 23.64
CA GLY C 60 2.33 41.03 22.42
C GLY C 60 3.10 40.43 21.26
N THR C 61 3.71 39.27 21.43
CA THR C 61 4.49 38.68 20.35
C THR C 61 3.61 38.09 19.25
N LEU C 62 2.43 37.60 19.61
CA LEU C 62 1.57 36.97 18.61
C LEU C 62 0.95 38.02 17.69
N ALA C 63 0.52 37.54 16.52
CA ALA C 63 -0.10 38.42 15.54
C ALA C 63 -1.49 38.83 16.01
N GLY C 64 -1.78 40.12 15.94
CA GLY C 64 -3.05 40.62 16.39
C GLY C 64 -3.20 40.74 17.90
N ASP C 65 -2.13 40.49 18.65
CA ASP C 65 -2.18 40.57 20.11
C ASP C 65 -2.19 42.04 20.48
N VAL C 66 -3.38 42.62 20.58
CA VAL C 66 -3.55 44.01 20.98
C VAL C 66 -3.86 44.14 22.47
N GLY C 67 -3.89 43.04 23.21
CA GLY C 67 -4.20 43.08 24.62
C GLY C 67 -5.66 42.88 24.96
N PHE C 68 -6.50 42.58 23.99
CA PHE C 68 -7.93 42.43 24.22
C PHE C 68 -8.20 41.03 24.73
N ASP C 69 -8.54 40.93 26.02
CA ASP C 69 -9.02 39.70 26.61
C ASP C 69 -9.76 40.05 27.89
N PRO C 70 -10.98 40.58 27.79
CA PRO C 70 -11.67 41.03 29.01
C PRO C 70 -12.04 39.89 29.94
N LEU C 71 -12.54 38.79 29.40
CA LEU C 71 -12.89 37.65 30.24
C LEU C 71 -11.65 36.88 30.69
N GLY C 72 -10.53 37.05 30.00
CA GLY C 72 -9.29 36.41 30.40
C GLY C 72 -9.23 34.92 30.19
N PHE C 73 -9.64 34.45 29.00
CA PHE C 73 -9.49 33.03 28.70
C PHE C 73 -8.03 32.64 28.56
N SER C 74 -7.16 33.59 28.21
CA SER C 74 -5.75 33.29 28.09
C SER C 74 -5.08 33.13 29.43
N ASP C 75 -5.69 33.64 30.51
CA ASP C 75 -5.13 33.44 31.83
C ASP C 75 -5.26 32.01 32.31
N VAL C 76 -6.19 31.25 31.75
CA VAL C 76 -6.49 29.90 32.23
C VAL C 76 -6.07 28.85 31.21
N PHE C 77 -6.54 28.97 29.98
CA PHE C 77 -6.26 27.97 28.95
C PHE C 77 -5.02 28.34 28.15
N ASP C 78 -4.44 27.33 27.52
CA ASP C 78 -3.16 27.52 26.82
C ASP C 78 -3.32 28.47 25.65
N LEU C 79 -2.39 29.43 25.55
CA LEU C 79 -2.50 30.44 24.51
C LEU C 79 -2.25 29.86 23.13
N ARG C 80 -1.33 28.91 23.02
CA ARG C 80 -1.07 28.29 21.72
C ARG C 80 -2.30 27.57 21.20
N VAL C 81 -2.97 26.82 22.06
CA VAL C 81 -4.17 26.10 21.64
C VAL C 81 -5.27 27.08 21.29
N LEU C 82 -5.38 28.17 22.04
CA LEU C 82 -6.39 29.18 21.74
C LEU C 82 -6.13 29.83 20.39
N ARG C 83 -4.87 30.10 20.06
CA ARG C 83 -4.55 30.67 18.75
C ARG C 83 -4.79 29.65 17.64
N GLU C 84 -4.53 28.37 17.91
CA GLU C 84 -4.86 27.35 16.93
C GLU C 84 -6.36 27.33 16.65
N ALA C 85 -7.17 27.37 17.70
CA ALA C 85 -8.62 27.41 17.53
C ALA C 85 -9.06 28.68 16.81
N GLU C 86 -8.47 29.81 17.17
CA GLU C 86 -8.84 31.06 16.53
C GLU C 86 -8.54 31.03 15.05
N LEU C 87 -7.37 30.52 14.68
CA LEU C 87 -7.00 30.49 13.26
C LEU C 87 -7.86 29.49 12.50
N LYS C 88 -8.17 28.34 13.09
CA LYS C 88 -9.02 27.39 12.39
C LYS C 88 -10.42 27.96 12.19
N HIS C 89 -10.98 28.58 13.23
CA HIS C 89 -12.28 29.23 13.10
C HIS C 89 -12.24 30.29 12.03
N GLY C 90 -11.21 31.13 12.03
CA GLY C 90 -11.15 32.22 11.07
C GLY C 90 -10.97 31.73 9.65
N ARG C 91 -10.18 30.68 9.45
CA ARG C 91 -10.01 30.14 8.11
C ARG C 91 -11.30 29.53 7.60
N PHE C 92 -11.99 28.76 8.44
CA PHE C 92 -13.30 28.25 8.06
C PHE C 92 -14.23 29.39 7.70
N ALA C 93 -14.21 30.47 8.48
CA ALA C 93 -15.14 31.57 8.24
C ALA C 93 -14.81 32.33 6.98
N MET C 94 -13.52 32.53 6.68
CA MET C 94 -13.14 33.20 5.45
C MET C 94 -13.57 32.38 4.23
N LEU C 95 -13.31 31.07 4.26
CA LEU C 95 -13.77 30.23 3.18
C LEU C 95 -15.29 30.26 3.07
N ALA C 96 -15.98 30.28 4.21
CA ALA C 96 -17.44 30.31 4.20
C ALA C 96 -17.98 31.60 3.61
N VAL C 97 -17.36 32.73 3.93
CA VAL C 97 -17.82 34.01 3.40
C VAL C 97 -17.60 34.07 1.90
N LEU C 98 -16.41 33.67 1.45
CA LEU C 98 -16.15 33.63 0.02
C LEU C 98 -17.13 32.69 -0.67
N GLY C 99 -17.45 31.56 -0.04
CA GLY C 99 -18.39 30.63 -0.61
C GLY C 99 -19.79 31.19 -0.70
N PHE C 100 -20.23 31.91 0.34
CA PHE C 100 -21.54 32.53 0.26
C PHE C 100 -21.61 33.51 -0.89
N LEU C 101 -20.58 34.35 -1.04
CA LEU C 101 -20.57 35.30 -2.14
C LEU C 101 -20.61 34.60 -3.49
N VAL C 102 -19.76 33.59 -3.68
CA VAL C 102 -19.67 32.93 -4.98
C VAL C 102 -20.94 32.14 -5.27
N GLN C 103 -21.45 31.40 -4.29
CA GLN C 103 -22.67 30.64 -4.49
C GLN C 103 -23.84 31.56 -4.83
N GLU C 104 -23.90 32.74 -4.20
CA GLU C 104 -24.96 33.67 -4.57
C GLU C 104 -24.76 34.18 -5.99
N VAL C 105 -23.51 34.40 -6.39
CA VAL C 105 -23.27 34.95 -7.73
C VAL C 105 -23.15 33.88 -8.81
N TYR C 106 -22.81 32.64 -8.45
CA TYR C 106 -22.61 31.59 -9.46
C TYR C 106 -22.75 30.22 -8.82
N THR C 107 -23.63 29.40 -9.38
CA THR C 107 -23.78 28.02 -8.97
C THR C 107 -23.39 27.11 -10.13
N PHE C 108 -22.80 25.96 -9.81
CA PHE C 108 -22.39 25.04 -10.85
C PHE C 108 -23.61 24.57 -11.66
N PRO C 109 -23.50 24.51 -12.98
CA PRO C 109 -24.68 24.14 -13.79
C PRO C 109 -25.21 22.76 -13.49
N PHE C 110 -24.37 21.82 -13.09
CA PHE C 110 -24.86 20.48 -12.77
C PHE C 110 -25.47 20.39 -11.39
N PHE C 111 -25.32 21.42 -10.56
CA PHE C 111 -26.06 21.51 -9.31
C PHE C 111 -27.33 22.33 -9.52
N PRO C 112 -28.38 22.04 -8.77
CA PRO C 112 -29.58 22.89 -8.82
C PRO C 112 -29.31 24.24 -8.16
N LYS C 113 -30.15 25.21 -8.52
CA LYS C 113 -29.99 26.59 -8.08
C LYS C 113 -30.85 26.84 -6.85
N MET C 114 -30.21 27.25 -5.75
CA MET C 114 -30.93 27.65 -4.54
C MET C 114 -30.00 28.51 -3.70
N ALA C 115 -30.54 29.03 -2.61
CA ALA C 115 -29.76 29.86 -1.70
C ALA C 115 -28.71 29.02 -0.98
N PRO C 116 -27.62 29.64 -0.55
CA PRO C 116 -26.56 28.87 0.13
C PRO C 116 -27.02 28.21 1.42
N VAL C 117 -27.88 28.87 2.19
CA VAL C 117 -28.20 28.37 3.52
C VAL C 117 -29.10 27.15 3.45
N ASP C 118 -30.16 27.22 2.64
CA ASP C 118 -31.08 26.08 2.56
C ASP C 118 -30.55 24.98 1.66
N ALA C 119 -29.41 25.19 1.00
CA ALA C 119 -28.73 24.10 0.31
C ALA C 119 -28.11 23.12 1.29
N HIS C 120 -27.96 23.51 2.55
CA HIS C 120 -27.35 22.63 3.54
C HIS C 120 -28.16 21.35 3.71
N ASP C 121 -29.48 21.48 3.86
CA ASP C 121 -30.30 20.27 3.97
C ASP C 121 -30.34 19.51 2.66
N TYR C 122 -30.29 20.21 1.53
CA TYR C 122 -30.27 19.53 0.25
C TYR C 122 -29.06 18.62 0.13
N PHE C 123 -27.91 19.07 0.60
CA PHE C 123 -26.71 18.22 0.56
C PHE C 123 -26.61 17.28 1.76
N VAL C 124 -27.41 17.50 2.81
CA VAL C 124 -27.59 16.46 3.81
C VAL C 124 -28.29 15.26 3.18
N THR C 125 -29.34 15.52 2.42
CA THR C 125 -30.07 14.42 1.79
C THR C 125 -29.31 13.84 0.61
N GLN C 126 -28.64 14.70 -0.18
CA GLN C 126 -27.99 14.24 -1.40
C GLN C 126 -26.74 13.43 -1.09
N GLY C 127 -25.95 13.86 -0.11
CA GLY C 127 -24.74 13.16 0.28
C GLY C 127 -23.46 13.91 0.02
N GLY C 128 -23.52 15.07 -0.65
CA GLY C 128 -22.32 15.85 -0.83
C GLY C 128 -21.78 16.41 0.47
N GLY C 129 -22.67 16.84 1.36
CA GLY C 129 -22.23 17.33 2.66
C GLY C 129 -21.55 16.26 3.48
N SER C 130 -22.03 15.02 3.36
CA SER C 130 -21.35 13.92 4.03
C SER C 130 -19.94 13.75 3.50
N GLN C 131 -19.75 13.89 2.19
CA GLN C 131 -18.41 13.82 1.61
C GLN C 131 -17.54 14.95 2.15
N ILE C 132 -18.09 16.16 2.23
CA ILE C 132 -17.30 17.31 2.68
C ILE C 132 -16.85 17.11 4.12
N ILE C 133 -17.78 16.72 5.00
CA ILE C 133 -17.38 16.52 6.38
C ILE C 133 -16.49 15.30 6.52
N PHE C 134 -16.64 14.31 5.63
CA PHE C 134 -15.74 13.16 5.66
C PHE C 134 -14.31 13.59 5.39
N TRP C 135 -14.11 14.45 4.38
CA TRP C 135 -12.76 14.86 4.07
C TRP C 135 -12.21 15.85 5.10
N ILE C 136 -13.07 16.69 5.67
CA ILE C 136 -12.64 17.54 6.76
C ILE C 136 -12.20 16.70 7.95
N SER C 137 -12.97 15.66 8.28
CA SER C 137 -12.59 14.77 9.36
C SER C 137 -11.30 14.03 9.05
N PHE C 138 -11.10 13.66 7.78
CA PHE C 138 -9.86 12.98 7.43
C PHE C 138 -8.66 13.90 7.62
N VAL C 139 -8.79 15.17 7.20
CA VAL C 139 -7.69 16.12 7.41
C VAL C 139 -7.46 16.34 8.89
N GLU C 140 -8.52 16.43 9.67
CA GLU C 140 -8.33 16.77 11.07
C GLU C 140 -8.05 15.56 11.94
N ILE C 141 -8.08 14.35 11.40
CA ILE C 141 -7.44 13.24 12.10
C ILE C 141 -5.96 13.53 12.28
N PHE C 142 -5.30 14.01 11.22
CA PHE C 142 -3.93 14.48 11.35
C PHE C 142 -3.87 15.82 12.06
N GLY C 143 -4.96 16.59 11.99
CA GLY C 143 -5.06 17.78 12.81
C GLY C 143 -4.97 17.50 14.30
N VAL C 144 -5.49 16.35 14.73
CA VAL C 144 -5.35 15.95 16.13
C VAL C 144 -3.89 15.76 16.49
N VAL C 145 -3.12 15.12 15.61
CA VAL C 145 -1.69 14.95 15.86
C VAL C 145 -1.00 16.30 15.87
N ALA C 146 -1.41 17.20 14.98
CA ALA C 146 -0.84 18.54 14.98
C ALA C 146 -1.12 19.24 16.30
N LEU C 147 -2.32 19.09 16.83
CA LEU C 147 -2.67 19.69 18.10
C LEU C 147 -1.85 19.07 19.24
N PHE C 148 -1.63 17.77 19.19
CA PHE C 148 -0.81 17.12 20.21
C PHE C 148 0.62 17.63 20.17
N GLU C 149 1.18 17.77 18.97
CA GLU C 149 2.53 18.34 18.85
C GLU C 149 2.55 19.79 19.30
N LEU C 150 1.48 20.54 19.06
CA LEU C 150 1.40 21.91 19.56
C LEU C 150 1.40 21.93 21.09
N ILE C 151 0.67 21.01 21.71
CA ILE C 151 0.69 20.90 23.16
C ILE C 151 2.10 20.58 23.66
N GLN C 152 2.78 19.65 22.98
CA GLN C 152 4.14 19.32 23.36
C GLN C 152 5.13 20.45 23.08
N GLY C 153 4.72 21.48 22.37
CA GLY C 153 5.58 22.62 22.11
C GLY C 153 6.51 22.48 20.94
N LYS C 154 6.25 21.56 20.02
CA LYS C 154 7.10 21.33 18.87
C LYS C 154 6.55 21.93 17.59
N ARG C 155 5.55 22.82 17.70
CA ARG C 155 4.94 23.43 16.54
C ARG C 155 4.35 24.77 16.94
N ASP C 156 4.43 25.75 16.06
CA ASP C 156 3.78 27.03 16.31
C ASP C 156 2.28 26.92 16.08
N ALA C 157 1.53 27.82 16.70
CA ALA C 157 0.09 27.77 16.64
C ALA C 157 -0.41 28.18 15.27
N GLY C 158 -1.22 27.31 14.65
CA GLY C 158 -1.74 27.59 13.34
C GLY C 158 -0.73 27.51 12.21
N ASP C 159 0.45 26.97 12.48
CA ASP C 159 1.53 26.90 11.48
C ASP C 159 1.56 25.49 10.92
N PHE C 160 0.87 25.30 9.80
CA PHE C 160 0.95 24.05 9.07
C PHE C 160 2.00 24.09 7.97
N ALA C 161 2.75 25.19 7.88
CA ALA C 161 3.81 25.34 6.87
C ALA C 161 3.23 25.21 5.46
N PHE C 162 2.01 25.70 5.28
CA PHE C 162 1.33 25.61 4.00
C PHE C 162 1.56 26.91 3.24
N ASP C 163 2.67 26.96 2.50
CA ASP C 163 2.99 28.08 1.62
C ASP C 163 3.42 27.52 0.28
N PRO C 164 2.47 27.02 -0.52
CA PRO C 164 2.86 26.41 -1.80
C PRO C 164 3.36 27.41 -2.82
N LEU C 165 2.77 28.61 -2.87
CA LEU C 165 3.20 29.61 -3.83
C LEU C 165 4.38 30.44 -3.35
N GLY C 166 4.85 30.20 -2.13
CA GLY C 166 5.99 30.94 -1.62
C GLY C 166 5.75 32.42 -1.49
N LEU C 167 4.55 32.81 -1.07
CA LEU C 167 4.23 34.24 -0.96
C LEU C 167 4.97 34.87 0.22
N GLY C 168 4.99 34.18 1.36
CA GLY C 168 5.64 34.73 2.53
C GLY C 168 6.95 34.06 2.88
N LYS C 169 8.05 34.72 2.58
CA LYS C 169 9.37 34.23 2.94
C LYS C 169 10.19 35.25 3.71
N ASP C 170 10.07 36.53 3.36
CA ASP C 170 10.71 37.57 4.14
C ASP C 170 10.02 37.71 5.49
N GLU C 171 10.83 37.88 6.54
CA GLU C 171 10.26 37.88 7.89
C GLU C 171 9.33 39.07 8.10
N ALA C 172 9.67 40.24 7.57
CA ALA C 172 8.77 41.38 7.71
C ALA C 172 7.47 41.15 6.97
N THR C 173 7.55 40.65 5.74
CA THR C 173 6.33 40.33 5.00
C THR C 173 5.56 39.19 5.67
N LEU C 174 6.27 38.23 6.28
CA LEU C 174 5.59 37.17 6.98
C LEU C 174 4.81 37.70 8.17
N ALA C 175 5.41 38.62 8.94
CA ALA C 175 4.69 39.21 10.07
C ALA C 175 3.51 40.04 9.60
N ARG C 176 3.70 40.81 8.53
CA ARG C 176 2.60 41.60 7.99
C ARG C 176 1.47 40.70 7.52
N TYR C 177 1.80 39.59 6.86
CA TYR C 177 0.79 38.65 6.43
C TYR C 177 0.10 37.97 7.60
N LYS C 178 0.83 37.69 8.68
CA LYS C 178 0.19 37.12 9.86
C LYS C 178 -0.83 38.09 10.43
N VAL C 179 -0.47 39.37 10.54
CA VAL C 179 -1.41 40.36 11.06
C VAL C 179 -2.63 40.47 10.15
N ALA C 180 -2.39 40.52 8.84
CA ALA C 180 -3.51 40.62 7.91
C ALA C 180 -4.40 39.38 7.98
N GLU C 181 -3.78 38.21 8.10
CA GLU C 181 -4.56 36.97 8.18
C GLU C 181 -5.44 36.94 9.41
N ILE C 182 -4.89 37.34 10.56
CA ILE C 182 -5.69 37.29 11.77
C ILE C 182 -6.81 38.33 11.73
N LYS C 183 -6.53 39.51 11.18
CA LYS C 183 -7.57 40.52 11.06
C LYS C 183 -8.68 40.03 10.14
N HIS C 184 -8.33 39.45 9.00
CA HIS C 184 -9.35 38.96 8.09
C HIS C 184 -10.10 37.79 8.70
N ALA C 185 -9.42 36.95 9.46
CA ALA C 185 -10.08 35.83 10.12
C ALA C 185 -11.15 36.32 11.08
N ARG C 186 -10.82 37.31 11.90
CA ARG C 186 -11.81 37.87 12.81
C ARG C 186 -12.97 38.52 12.05
N LEU C 187 -12.64 39.32 11.03
CA LEU C 187 -13.69 40.01 10.28
C LEU C 187 -14.63 39.00 9.63
N ALA C 188 -14.09 37.93 9.06
CA ALA C 188 -14.94 36.93 8.42
C ALA C 188 -15.70 36.10 9.44
N MET C 189 -15.12 35.87 10.62
CA MET C 189 -15.86 35.17 11.66
C MET C 189 -17.10 35.93 12.04
N ILE C 190 -17.00 37.25 12.11
CA ILE C 190 -18.20 38.05 12.35
C ILE C 190 -19.13 38.02 11.13
N ALA C 191 -18.55 38.15 9.94
CA ALA C 191 -19.36 38.33 8.73
C ALA C 191 -20.17 37.10 8.37
N ILE C 192 -19.64 35.90 8.61
CA ILE C 192 -20.39 34.70 8.20
C ILE C 192 -21.64 34.54 9.05
N GLY C 193 -21.53 34.75 10.35
CA GLY C 193 -22.70 34.78 11.19
C GLY C 193 -23.66 35.89 10.79
N GLY C 194 -23.12 37.04 10.38
CA GLY C 194 -23.98 38.09 9.88
C GLY C 194 -24.78 37.64 8.67
N PHE C 195 -24.11 37.01 7.70
CA PHE C 195 -24.79 36.54 6.50
C PHE C 195 -25.89 35.54 6.86
N ILE C 196 -25.56 34.57 7.70
CA ILE C 196 -26.53 33.53 8.02
C ILE C 196 -27.72 34.10 8.75
N HIS C 197 -27.51 34.97 9.74
CA HIS C 197 -28.64 35.50 10.47
C HIS C 197 -29.48 36.46 9.65
N GLN C 198 -28.84 37.26 8.78
CA GLN C 198 -29.62 38.11 7.90
C GLN C 198 -30.47 37.29 6.93
N PHE C 199 -29.93 36.17 6.44
CA PHE C 199 -30.77 35.30 5.62
C PHE C 199 -31.90 34.69 6.44
N TRP C 200 -31.64 34.33 7.69
CA TRP C 200 -32.69 33.73 8.50
C TRP C 200 -33.81 34.71 8.79
N VAL C 201 -33.50 35.99 8.96
CA VAL C 201 -34.55 36.94 9.30
C VAL C 201 -35.21 37.56 8.07
N THR C 202 -34.49 37.73 6.97
CA THR C 202 -35.02 38.39 5.80
C THR C 202 -35.40 37.44 4.68
N LYS C 203 -34.98 36.17 4.76
CA LYS C 203 -35.28 35.17 3.74
C LYS C 203 -34.78 35.61 2.37
N GLN C 204 -33.65 36.31 2.35
CA GLN C 204 -33.00 36.68 1.10
C GLN C 204 -31.50 36.68 1.32
N THR C 205 -30.76 36.50 0.22
CA THR C 205 -29.32 36.35 0.29
C THR C 205 -28.65 37.71 0.47
N VAL C 206 -27.33 37.73 0.36
CA VAL C 206 -26.56 38.93 0.73
C VAL C 206 -26.72 40.02 -0.31
N LEU C 207 -26.26 39.76 -1.53
CA LEU C 207 -26.36 40.77 -2.58
C LEU C 207 -27.80 41.04 -2.96
N GLU C 208 -28.68 40.06 -2.80
CA GLU C 208 -30.10 40.32 -3.01
C GLU C 208 -30.62 41.34 -2.00
N GLN C 209 -30.23 41.20 -0.73
CA GLN C 209 -30.63 42.17 0.28
C GLN C 209 -30.00 43.53 0.02
N LEU C 210 -28.75 43.54 -0.44
CA LEU C 210 -28.14 44.81 -0.83
C LEU C 210 -28.82 45.43 -2.04
N GLY C 211 -29.51 44.63 -2.85
CA GLY C 211 -30.29 45.17 -3.94
C GLY C 211 -31.47 45.98 -3.46
N ASN C 212 -32.43 45.32 -2.81
CA ASN C 212 -33.56 46.00 -2.19
C ASN C 212 -33.42 45.83 -0.67
N PHE C 213 -33.00 46.90 0.00
CA PHE C 213 -32.77 46.87 1.43
C PHE C 213 -34.11 46.99 2.14
N GLN C 214 -34.73 45.85 2.42
CA GLN C 214 -35.99 45.81 3.14
C GLN C 214 -35.71 45.77 4.64
N SER C 215 -36.30 46.69 5.38
CA SER C 215 -36.07 46.83 6.81
C SER C 215 -37.29 46.37 7.59
N LEU C 216 -37.09 45.45 8.52
CA LEU C 216 -38.15 44.98 9.39
C LEU C 216 -37.59 44.35 10.65
N ASP D 45 13.65 19.94 13.28
CA ASP D 45 13.38 18.54 13.01
C ASP D 45 11.91 18.32 12.66
N ARG D 46 11.60 18.41 11.36
CA ARG D 46 10.25 18.25 10.87
C ARG D 46 10.22 17.16 9.81
N SER D 47 9.10 16.43 9.75
CA SER D 47 8.94 15.44 8.71
C SER D 47 8.75 16.11 7.35
N TYR D 48 9.22 15.43 6.30
CA TYR D 48 9.10 16.00 4.97
C TYR D 48 7.67 15.94 4.46
N ALA D 49 6.98 14.83 4.71
CA ALA D 49 5.60 14.70 4.23
C ALA D 49 4.66 15.62 4.99
N MET D 50 4.83 15.74 6.30
CA MET D 50 4.03 16.63 7.14
C MET D 50 4.96 17.71 7.67
N PRO D 51 5.10 18.84 6.97
CA PRO D 51 6.04 19.88 7.43
C PRO D 51 5.69 20.46 8.78
N PHE D 52 4.43 20.37 9.21
CA PHE D 52 4.05 20.86 10.53
C PHE D 52 4.26 19.84 11.63
N LEU D 53 4.43 18.57 11.29
CA LEU D 53 4.66 17.54 12.29
C LEU D 53 6.14 17.27 12.44
N SER D 54 6.53 16.91 13.65
CA SER D 54 7.90 16.48 13.89
C SER D 54 8.13 15.13 13.23
N ARG D 55 9.38 14.89 12.83
CA ARG D 55 9.73 13.62 12.22
C ARG D 55 9.58 12.50 13.25
N PRO D 56 8.93 11.39 12.89
CA PRO D 56 8.82 10.27 13.82
C PRO D 56 10.18 9.74 14.22
N PRO D 57 10.36 9.36 15.47
CA PRO D 57 11.69 8.91 15.91
C PRO D 57 12.21 7.70 15.17
N ALA D 58 11.35 6.75 14.82
CA ALA D 58 11.79 5.54 14.15
C ALA D 58 11.99 5.73 12.64
N LEU D 59 11.49 6.82 12.07
CA LEU D 59 11.63 7.09 10.65
C LEU D 59 12.78 8.06 10.43
N ASP D 60 13.99 7.53 10.53
CA ASP D 60 15.18 8.36 10.37
C ASP D 60 15.43 8.73 8.91
N GLY D 61 14.95 7.91 7.97
CA GLY D 61 15.21 8.11 6.57
C GLY D 61 16.05 7.04 5.92
N SER D 62 16.52 6.04 6.68
CA SER D 62 17.30 4.97 6.09
C SER D 62 16.43 4.00 5.31
N MET D 63 15.25 3.66 5.81
CA MET D 63 14.37 2.75 5.13
C MET D 63 13.79 3.38 3.88
N ALA D 64 13.58 2.57 2.84
CA ALA D 64 13.07 3.09 1.58
C ALA D 64 11.64 3.57 1.74
N GLY D 65 11.27 4.56 0.91
CA GLY D 65 9.94 5.10 0.93
C GLY D 65 9.64 6.03 2.07
N ASP D 66 10.65 6.41 2.85
CA ASP D 66 10.44 7.16 4.08
C ASP D 66 10.46 8.66 3.78
N VAL D 67 9.31 9.30 3.92
CA VAL D 67 9.21 10.75 3.90
C VAL D 67 8.72 11.30 5.23
N GLY D 68 8.83 10.49 6.29
CA GLY D 68 8.38 10.93 7.60
C GLY D 68 6.88 10.93 7.77
N PHE D 69 6.15 10.12 7.01
CA PHE D 69 4.70 10.09 7.08
C PHE D 69 4.26 8.96 8.01
N ASP D 70 4.34 9.23 9.30
CA ASP D 70 3.71 8.38 10.32
C ASP D 70 3.05 9.28 11.35
N PRO D 71 1.96 9.95 10.98
CA PRO D 71 1.32 10.88 11.92
C PRO D 71 0.80 10.21 13.17
N LEU D 72 0.20 9.04 13.04
CA LEU D 72 -0.37 8.35 14.18
C LEU D 72 0.68 7.62 15.01
N GLY D 73 1.93 7.63 14.57
CA GLY D 73 3.00 7.04 15.35
C GLY D 73 2.91 5.53 15.50
N PHE D 74 2.57 4.83 14.42
CA PHE D 74 2.54 3.37 14.48
C PHE D 74 3.95 2.80 14.67
N SER D 75 4.96 3.46 14.10
CA SER D 75 6.32 2.96 14.22
C SER D 75 6.85 3.03 15.64
N ASN D 76 6.26 3.86 16.49
CA ASN D 76 6.68 3.95 17.88
C ASN D 76 6.17 2.78 18.71
N TYR D 77 5.14 2.07 18.25
CA TYR D 77 4.54 1.01 19.02
C TYR D 77 4.48 -0.33 18.30
N PHE D 78 4.98 -0.41 17.06
CA PHE D 78 5.01 -1.67 16.34
C PHE D 78 6.38 -1.84 15.68
N ASP D 79 6.75 -3.09 15.46
CA ASP D 79 8.01 -3.39 14.80
C ASP D 79 7.97 -2.88 13.37
N LEU D 80 8.92 -2.01 13.03
CA LEU D 80 8.92 -1.42 11.70
C LEU D 80 9.18 -2.47 10.63
N LYS D 81 9.90 -3.53 10.96
CA LYS D 81 10.03 -4.64 10.03
C LYS D 81 8.69 -5.28 9.74
N TRP D 82 7.89 -5.52 10.78
CA TRP D 82 6.56 -6.08 10.57
C TRP D 82 5.68 -5.14 9.77
N LEU D 83 5.75 -3.83 10.07
CA LEU D 83 4.94 -2.87 9.34
C LEU D 83 5.32 -2.84 7.86
N ARG D 84 6.63 -2.85 7.56
CA ARG D 84 7.06 -2.84 6.17
C ARG D 84 6.68 -4.14 5.47
N GLU D 85 6.80 -5.27 6.17
CA GLU D 85 6.39 -6.54 5.57
C GLU D 85 4.91 -6.52 5.23
N ALA D 86 4.08 -6.02 6.14
CA ALA D 86 2.65 -5.95 5.88
C ALA D 86 2.34 -4.98 4.76
N GLU D 87 3.02 -3.84 4.73
CA GLU D 87 2.81 -2.86 3.66
C GLU D 87 3.14 -3.47 2.31
N LEU D 88 4.28 -4.15 2.22
CA LEU D 88 4.69 -4.74 0.95
C LEU D 88 3.75 -5.87 0.54
N LYS D 89 3.33 -6.72 1.49
CA LYS D 89 2.42 -7.79 1.14
C LYS D 89 1.08 -7.24 0.65
N HIS D 90 0.53 -6.25 1.35
CA HIS D 90 -0.70 -5.62 0.91
C HIS D 90 -0.54 -5.01 -0.47
N GLY D 91 0.57 -4.31 -0.70
CA GLY D 91 0.77 -3.64 -1.97
C GLY D 91 0.95 -4.60 -3.12
N ARG D 92 1.67 -5.70 -2.90
CA ARG D 92 1.84 -6.69 -3.95
C ARG D 92 0.51 -7.38 -4.27
N VAL D 93 -0.25 -7.75 -3.23
CA VAL D 93 -1.56 -8.33 -3.45
C VAL D 93 -2.44 -7.36 -4.24
N CYS D 94 -2.35 -6.07 -3.92
CA CYS D 94 -3.19 -5.09 -4.61
C CYS D 94 -2.72 -4.80 -6.02
N MET D 95 -1.41 -4.85 -6.27
CA MET D 95 -0.92 -4.71 -7.65
C MET D 95 -1.46 -5.84 -8.50
N LEU D 96 -1.32 -7.08 -8.03
CA LEU D 96 -1.89 -8.20 -8.78
C LEU D 96 -3.40 -8.09 -8.88
N GLY D 97 -4.06 -7.58 -7.84
CA GLY D 97 -5.50 -7.45 -7.89
C GLY D 97 -5.98 -6.43 -8.90
N CYS D 98 -5.30 -5.29 -8.99
CA CYS D 98 -5.64 -4.31 -10.02
C CYS D 98 -5.39 -4.87 -11.41
N LEU D 99 -4.28 -5.59 -11.57
CA LEU D 99 -4.04 -6.25 -12.86
C LEU D 99 -5.18 -7.22 -13.19
N GLY D 100 -5.63 -7.99 -12.20
CA GLY D 100 -6.74 -8.89 -12.44
C GLY D 100 -8.03 -8.16 -12.76
N PHE D 101 -8.30 -7.05 -12.07
CA PHE D 101 -9.49 -6.26 -12.36
C PHE D 101 -9.48 -5.78 -13.79
N LEU D 102 -8.32 -5.33 -14.28
CA LEU D 102 -8.24 -4.86 -15.65
C LEU D 102 -8.29 -6.00 -16.66
N VAL D 103 -7.76 -7.17 -16.31
CA VAL D 103 -7.65 -8.25 -17.28
C VAL D 103 -8.94 -9.05 -17.40
N GLN D 104 -9.59 -9.36 -16.28
CA GLN D 104 -10.74 -10.27 -16.30
C GLN D 104 -11.87 -9.73 -17.16
N GLU D 105 -12.02 -8.41 -17.25
CA GLU D 105 -13.10 -7.84 -18.03
C GLU D 105 -12.84 -7.91 -19.52
N GLN D 106 -11.59 -8.13 -19.93
CA GLN D 106 -11.24 -8.23 -21.34
C GLN D 106 -10.92 -9.65 -21.79
N ALA D 107 -10.31 -10.45 -20.93
CA ALA D 107 -9.98 -11.83 -21.24
C ALA D 107 -10.43 -12.72 -20.09
N ASN D 108 -11.04 -13.86 -20.43
CA ASN D 108 -11.50 -14.81 -19.43
C ASN D 108 -11.15 -16.22 -19.88
N LEU D 109 -10.99 -17.11 -18.92
CA LEU D 109 -10.72 -18.51 -19.25
C LEU D 109 -11.99 -19.14 -19.82
N PRO D 110 -11.85 -19.99 -20.83
CA PRO D 110 -13.04 -20.64 -21.43
C PRO D 110 -13.55 -21.80 -20.59
N LEU D 111 -14.06 -21.47 -19.41
CA LEU D 111 -14.57 -22.46 -18.47
C LEU D 111 -15.98 -22.08 -18.04
N PRO D 112 -16.80 -23.06 -17.66
CA PRO D 112 -18.16 -22.74 -17.22
C PRO D 112 -18.13 -21.98 -15.90
N GLY D 113 -18.86 -20.86 -15.86
CA GLY D 113 -18.86 -19.99 -14.71
C GLY D 113 -17.68 -19.05 -14.62
N PHE D 114 -16.79 -19.06 -15.61
CA PHE D 114 -15.60 -18.21 -15.63
C PHE D 114 -15.74 -17.06 -16.61
N ASP D 115 -16.95 -16.72 -17.02
CA ASP D 115 -17.17 -15.69 -18.03
C ASP D 115 -17.73 -14.41 -17.45
N ASN D 116 -17.76 -14.27 -16.13
CA ASN D 116 -18.31 -13.08 -15.50
C ASN D 116 -17.33 -11.92 -15.60
N LYS D 117 -17.81 -10.78 -16.09
CA LYS D 117 -16.94 -9.62 -16.26
C LYS D 117 -16.81 -8.82 -14.97
N LEU D 118 -17.88 -8.73 -14.18
CA LEU D 118 -17.84 -8.02 -12.92
C LEU D 118 -17.15 -8.89 -11.88
N ALA D 119 -15.96 -8.47 -11.44
CA ALA D 119 -15.14 -9.33 -10.59
C ALA D 119 -15.79 -9.60 -9.24
N THR D 120 -16.51 -8.61 -8.69
CA THR D 120 -17.22 -8.85 -7.44
C THR D 120 -18.25 -9.96 -7.59
N GLU D 121 -19.01 -9.94 -8.69
CA GLU D 121 -19.91 -11.04 -8.98
C GLU D 121 -19.17 -12.26 -9.48
N ALA D 122 -17.97 -12.09 -10.04
CA ALA D 122 -17.18 -13.24 -10.46
C ALA D 122 -16.69 -14.05 -9.28
N PHE D 123 -16.53 -13.40 -8.12
CA PHE D 123 -16.12 -14.15 -6.94
C PHE D 123 -17.18 -15.17 -6.54
N PHE D 124 -18.45 -14.83 -6.74
CA PHE D 124 -19.55 -15.75 -6.44
C PHE D 124 -19.97 -16.60 -7.63
N SER D 125 -19.56 -16.23 -8.84
CA SER D 125 -19.89 -17.04 -10.00
C SER D 125 -18.93 -18.21 -10.18
N VAL D 126 -17.65 -17.98 -9.90
CA VAL D 126 -16.66 -19.06 -9.95
C VAL D 126 -16.96 -20.07 -8.85
N PRO D 127 -16.83 -21.37 -9.10
CA PRO D 127 -17.08 -22.36 -8.04
C PRO D 127 -16.18 -22.13 -6.84
N ALA D 128 -16.75 -22.32 -5.65
CA ALA D 128 -16.02 -22.05 -4.42
C ALA D 128 -14.89 -23.04 -4.17
N GLY D 129 -14.99 -24.26 -4.71
CA GLY D 129 -13.92 -25.22 -4.52
C GLY D 129 -12.61 -24.75 -5.10
N GLY D 130 -12.64 -24.17 -6.30
CA GLY D 130 -11.43 -23.61 -6.87
C GLY D 130 -10.90 -22.45 -6.05
N LEU D 131 -11.79 -21.63 -5.51
CA LEU D 131 -11.35 -20.52 -4.67
C LEU D 131 -10.64 -21.03 -3.42
N TRP D 132 -11.16 -22.08 -2.80
CA TRP D 132 -10.49 -22.63 -1.63
C TRP D 132 -9.19 -23.33 -1.99
N GLN D 133 -9.11 -23.92 -3.19
CA GLN D 133 -7.83 -24.45 -3.65
C GLN D 133 -6.81 -23.33 -3.81
N ILE D 134 -7.23 -22.19 -4.35
CA ILE D 134 -6.36 -21.02 -4.44
C ILE D 134 -5.94 -20.58 -3.05
N PHE D 135 -6.88 -20.57 -2.11
CA PHE D 135 -6.59 -20.16 -0.75
C PHE D 135 -5.52 -21.05 -0.12
N PHE D 136 -5.66 -22.37 -0.29
CA PHE D 136 -4.70 -23.28 0.32
C PHE D 136 -3.36 -23.25 -0.39
N SER D 137 -3.34 -23.06 -1.71
CA SER D 137 -2.07 -22.91 -2.41
C SER D 137 -1.33 -21.66 -1.94
N LEU D 138 -2.05 -20.54 -1.79
CA LEU D 138 -1.41 -19.34 -1.28
C LEU D 138 -0.97 -19.50 0.16
N GLY D 139 -1.72 -20.26 0.96
CA GLY D 139 -1.26 -20.57 2.31
C GLY D 139 0.02 -21.37 2.31
N ALA D 140 0.13 -22.35 1.41
CA ALA D 140 1.37 -23.10 1.29
C ALA D 140 2.52 -22.18 0.88
N ILE D 141 2.24 -21.25 -0.03
CA ILE D 141 3.25 -20.26 -0.42
C ILE D 141 3.69 -19.44 0.77
N GLU D 142 2.74 -19.02 1.60
CA GLU D 142 3.06 -18.25 2.80
C GLU D 142 3.91 -19.07 3.76
N ILE D 143 3.58 -20.35 3.93
CA ILE D 143 4.35 -21.20 4.83
C ILE D 143 5.77 -21.36 4.32
N ILE D 144 5.92 -21.63 3.02
CA ILE D 144 7.24 -21.91 2.47
C ILE D 144 8.10 -20.66 2.48
N THR D 145 7.56 -19.54 2.03
CA THR D 145 8.37 -18.34 1.86
C THR D 145 8.73 -17.66 3.16
N ASN D 146 8.06 -17.99 4.25
CA ASN D 146 8.41 -17.46 5.58
C ASN D 146 9.15 -18.46 6.44
N LYS D 147 9.50 -19.63 5.88
CA LYS D 147 10.23 -20.67 6.61
C LYS D 147 9.48 -21.11 7.86
N GLY D 148 8.16 -21.05 7.83
CA GLY D 148 7.37 -21.43 8.98
C GLY D 148 7.31 -20.39 10.08
N LYS D 149 7.87 -19.21 9.85
CA LYS D 149 7.86 -18.11 10.83
C LYS D 149 6.77 -17.14 10.43
N LEU D 150 5.62 -17.23 11.09
CA LEU D 150 4.45 -16.44 10.70
C LEU D 150 4.08 -15.37 11.70
N THR D 151 4.35 -15.57 12.98
CA THR D 151 3.98 -14.60 14.00
C THR D 151 4.93 -13.40 13.98
N PRO D 152 4.48 -12.25 14.48
CA PRO D 152 5.39 -11.10 14.60
C PRO D 152 6.60 -11.36 15.46
N GLY D 153 6.47 -12.22 16.47
CA GLY D 153 7.59 -12.51 17.34
C GLY D 153 8.57 -13.54 16.82
N SER D 154 8.34 -14.08 15.62
CA SER D 154 9.23 -15.09 15.06
C SER D 154 9.56 -14.86 13.59
N MET D 155 8.88 -13.96 12.89
CA MET D 155 9.10 -13.81 11.46
C MET D 155 10.50 -13.32 11.15
N PHE D 156 11.02 -12.38 11.93
CA PHE D 156 12.32 -11.78 11.66
C PHE D 156 13.38 -12.22 12.65
N THR D 157 13.14 -13.27 13.43
CA THR D 157 14.14 -13.74 14.37
C THR D 157 15.29 -14.44 13.65
N GLY D 158 14.99 -15.18 12.59
CA GLY D 158 16.04 -15.86 11.85
C GLY D 158 16.89 -14.93 11.02
N GLY D 159 16.43 -13.71 10.78
CA GLY D 159 17.19 -12.76 10.01
C GLY D 159 16.68 -12.68 8.58
N ARG D 160 15.88 -11.66 8.28
CA ARG D 160 15.32 -11.50 6.96
C ARG D 160 14.85 -10.07 6.79
N ALA D 161 15.18 -9.46 5.66
CA ALA D 161 14.71 -8.12 5.39
C ALA D 161 13.20 -8.13 5.17
N PRO D 162 12.52 -7.02 5.47
CA PRO D 162 11.07 -6.96 5.27
C PRO D 162 10.74 -6.96 3.78
N GLY D 163 9.90 -7.90 3.38
CA GLY D 163 9.53 -8.05 1.98
C GLY D 163 10.50 -8.83 1.15
N ASP D 164 11.62 -9.27 1.71
CA ASP D 164 12.61 -10.05 0.98
C ASP D 164 12.22 -11.52 1.08
N LEU D 165 11.47 -11.98 0.09
CA LEU D 165 11.04 -13.37 0.01
C LEU D 165 11.92 -14.18 -0.93
N ASP D 166 13.10 -13.67 -1.28
CA ASP D 166 14.01 -14.33 -2.22
C ASP D 166 13.33 -14.60 -3.55
N PHE D 167 12.89 -13.51 -4.19
CA PHE D 167 12.25 -13.56 -5.49
C PHE D 167 12.84 -12.47 -6.37
N ASP D 168 13.87 -12.82 -7.12
CA ASP D 168 14.40 -11.95 -8.18
C ASP D 168 14.97 -12.84 -9.28
N PRO D 169 14.10 -13.44 -10.09
CA PRO D 169 14.59 -14.36 -11.12
C PRO D 169 15.48 -13.70 -12.16
N LEU D 170 15.44 -12.38 -12.28
CA LEU D 170 16.31 -11.66 -13.20
C LEU D 170 17.60 -11.19 -12.52
N ASN D 171 17.79 -11.54 -11.26
CA ASN D 171 18.96 -11.15 -10.50
C ASN D 171 19.17 -9.64 -10.51
N LEU D 172 18.05 -8.91 -10.49
CA LEU D 172 18.12 -7.46 -10.39
C LEU D 172 18.45 -7.06 -8.96
N SER D 173 18.63 -5.77 -8.73
CA SER D 173 18.89 -5.20 -7.42
C SER D 173 20.19 -5.70 -6.81
N VAL D 174 21.13 -6.19 -7.63
CA VAL D 174 22.47 -6.44 -7.13
C VAL D 174 23.17 -5.12 -6.85
N ASP D 175 23.01 -4.15 -7.76
CA ASP D 175 23.46 -2.80 -7.49
C ASP D 175 22.65 -2.19 -6.36
N GLU D 176 23.34 -1.55 -5.42
CA GLU D 176 22.64 -1.02 -4.25
C GLU D 176 21.79 0.19 -4.61
N THR D 177 22.31 1.10 -5.45
CA THR D 177 21.53 2.26 -5.84
C THR D 177 20.31 1.87 -6.66
N ALA D 178 20.48 0.94 -7.59
CA ALA D 178 19.34 0.43 -8.35
C ALA D 178 18.35 -0.25 -7.43
N LEU D 179 18.84 -0.97 -6.41
CA LEU D 179 17.94 -1.57 -5.43
C LEU D 179 17.13 -0.52 -4.71
N ARG D 180 17.76 0.59 -4.33
CA ARG D 180 17.02 1.65 -3.64
C ARG D 180 15.97 2.27 -4.55
N ARG D 181 16.32 2.53 -5.81
CA ARG D 181 15.34 3.10 -6.74
C ARG D 181 14.18 2.13 -6.96
N PHE D 182 14.48 0.84 -7.12
CA PHE D 182 13.43 -0.14 -7.31
C PHE D 182 12.56 -0.29 -6.07
N GLU D 183 13.16 -0.18 -4.88
CA GLU D 183 12.36 -0.23 -3.66
C GLU D 183 11.41 0.95 -3.57
N LEU D 184 11.88 2.15 -3.90
CA LEU D 184 10.99 3.30 -3.89
C LEU D 184 9.87 3.13 -4.91
N ALA D 185 10.21 2.66 -6.11
CA ALA D 185 9.18 2.44 -7.12
C ALA D 185 8.18 1.37 -6.68
N GLU D 186 8.67 0.30 -6.06
CA GLU D 186 7.79 -0.75 -5.60
C GLU D 186 6.86 -0.26 -4.51
N LEU D 187 7.37 0.53 -3.58
CA LEU D 187 6.52 1.07 -2.53
C LEU D 187 5.48 2.03 -3.10
N LYS D 188 5.89 2.90 -4.02
CA LYS D 188 4.93 3.81 -4.62
C LYS D 188 3.83 3.06 -5.36
N HIS D 189 4.21 2.04 -6.13
CA HIS D 189 3.21 1.23 -6.82
C HIS D 189 2.35 0.45 -5.84
N ALA D 190 2.93 -0.01 -4.73
CA ALA D 190 2.15 -0.72 -3.73
C ALA D 190 1.06 0.17 -3.15
N ARG D 191 1.42 1.37 -2.75
CA ARG D 191 0.44 2.30 -2.20
C ARG D 191 -0.60 2.69 -3.25
N LEU D 192 -0.14 3.01 -4.46
CA LEU D 192 -1.07 3.39 -5.52
C LEU D 192 -2.02 2.25 -5.84
N ALA D 193 -1.53 1.01 -5.81
CA ALA D 193 -2.38 -0.13 -6.12
C ALA D 193 -3.36 -0.43 -5.01
N MET D 194 -2.95 -0.23 -3.76
CA MET D 194 -3.91 -0.37 -2.67
C MET D 194 -5.06 0.61 -2.86
N ILE D 195 -4.74 1.88 -3.11
CA ILE D 195 -5.78 2.89 -3.30
C ILE D 195 -6.62 2.55 -4.51
N GLY D 196 -5.98 2.14 -5.61
CA GLY D 196 -6.72 1.85 -6.83
C GLY D 196 -7.62 0.63 -6.71
N LEU D 197 -7.15 -0.42 -6.04
CA LEU D 197 -7.98 -1.59 -5.84
C LEU D 197 -9.18 -1.26 -4.97
N GLY D 198 -8.97 -0.49 -3.90
CA GLY D 198 -10.11 -0.04 -3.11
C GLY D 198 -11.11 0.73 -3.95
N GLY D 199 -10.62 1.67 -4.76
CA GLY D 199 -11.52 2.48 -5.56
C GLY D 199 -12.29 1.66 -6.59
N MET D 200 -11.60 0.79 -7.31
CA MET D 200 -12.27 -0.01 -8.32
C MET D 200 -13.26 -0.97 -7.70
N LEU D 201 -12.91 -1.58 -6.57
CA LEU D 201 -13.84 -2.48 -5.91
C LEU D 201 -15.08 -1.74 -5.44
N HIS D 202 -14.92 -0.55 -4.86
CA HIS D 202 -16.08 0.19 -4.39
C HIS D 202 -16.95 0.68 -5.55
N GLN D 203 -16.31 1.12 -6.64
CA GLN D 203 -17.09 1.54 -7.81
C GLN D 203 -17.85 0.37 -8.42
N MET D 204 -17.24 -0.81 -8.45
CA MET D 204 -17.94 -1.99 -8.96
C MET D 204 -19.07 -2.40 -8.03
N LEU D 205 -18.89 -2.26 -6.73
CA LEU D 205 -19.97 -2.56 -5.80
C LEU D 205 -21.13 -1.59 -5.97
N LEU D 206 -20.82 -0.30 -6.20
CA LEU D 206 -21.89 0.70 -6.24
C LEU D 206 -22.57 0.74 -7.60
N THR D 207 -21.80 1.03 -8.66
CA THR D 207 -22.38 1.22 -9.99
C THR D 207 -22.67 -0.09 -10.70
N LYS D 208 -22.22 -1.23 -10.17
CA LYS D 208 -22.40 -2.53 -10.82
C LYS D 208 -21.80 -2.56 -12.21
N GLN D 209 -20.73 -1.81 -12.43
CA GLN D 209 -20.06 -1.75 -13.72
C GLN D 209 -18.57 -2.01 -13.54
N ALA D 210 -18.00 -2.76 -14.46
CA ALA D 210 -16.57 -3.01 -14.44
C ALA D 210 -15.82 -1.74 -14.83
N PRO D 211 -14.54 -1.64 -14.45
CA PRO D 211 -13.75 -0.46 -14.83
C PRO D 211 -13.60 -0.34 -16.33
N ILE D 212 -13.04 0.81 -16.75
CA ILE D 212 -12.83 1.13 -18.16
C ILE D 212 -14.16 1.16 -18.89
N GLU D 213 -14.92 0.06 -18.80
CA GLU D 213 -16.32 0.09 -19.24
C GLU D 213 -17.08 1.21 -18.55
N GLN D 214 -16.85 1.37 -17.24
CA GLN D 214 -17.46 2.48 -16.52
C GLN D 214 -16.94 3.82 -17.03
N LEU D 215 -15.66 3.89 -17.40
CA LEU D 215 -15.13 5.13 -17.97
C LEU D 215 -15.79 5.46 -19.30
N THR D 216 -15.98 4.44 -20.16
CA THR D 216 -16.60 4.68 -21.45
C THR D 216 -18.09 4.90 -21.35
N ASN D 217 -18.72 4.35 -20.31
CA ASN D 217 -20.16 4.44 -20.13
C ASN D 217 -20.48 5.14 -18.82
N PHE D 218 -19.84 6.29 -18.60
CA PHE D 218 -19.91 6.98 -17.32
C PHE D 218 -21.34 7.39 -16.98
N LYS D 219 -21.93 6.71 -16.00
CA LYS D 219 -23.27 7.01 -15.53
C LYS D 219 -23.15 7.62 -14.15
N SER D 220 -23.52 8.89 -14.02
CA SER D 220 -23.44 9.57 -12.74
C SER D 220 -24.48 9.02 -11.77
N LEU D 221 -24.16 9.10 -10.48
CA LEU D 221 -25.05 8.57 -9.46
C LEU D 221 -26.34 9.38 -9.40
N ALA D 222 -27.41 8.71 -9.00
CA ALA D 222 -28.73 9.35 -8.89
C ALA D 222 -28.78 10.28 -7.67
N UNK E 1 24.78 -25.97 -13.06
CA UNK E 1 25.83 -25.73 -12.08
C UNK E 1 26.46 -24.35 -12.29
N UNK E 2 27.21 -23.89 -11.29
CA UNK E 2 27.77 -22.55 -11.33
C UNK E 2 29.05 -22.45 -12.16
N UNK E 3 29.56 -23.57 -12.68
CA UNK E 3 30.78 -23.58 -13.47
C UNK E 3 30.44 -23.80 -14.93
N UNK E 4 31.20 -23.15 -15.82
CA UNK E 4 30.98 -23.32 -17.26
C UNK E 4 31.32 -24.73 -17.70
N UNK E 5 32.57 -25.12 -17.51
CA UNK E 5 32.97 -26.50 -17.77
C UNK E 5 32.63 -27.38 -16.56
N UNK E 6 32.61 -28.69 -16.80
CA UNK E 6 32.30 -29.63 -15.74
C UNK E 6 33.46 -29.71 -14.74
N UNK E 7 33.12 -30.01 -13.49
CA UNK E 7 34.14 -30.18 -12.47
C UNK E 7 34.92 -31.46 -12.70
N UNK E 8 36.06 -31.56 -12.02
CA UNK E 8 36.90 -32.75 -12.16
C UNK E 8 36.20 -33.97 -11.58
N UNK E 9 36.32 -35.09 -12.29
CA UNK E 9 35.71 -36.36 -11.88
C UNK E 9 34.20 -36.23 -11.69
N UNK E 10 33.55 -35.51 -12.61
CA UNK E 10 32.11 -35.35 -12.55
C UNK E 10 31.41 -36.65 -12.97
N UNK E 11 30.25 -36.88 -12.38
CA UNK E 11 29.48 -38.09 -12.66
C UNK E 11 28.78 -38.05 -14.01
N UNK E 12 28.78 -36.90 -14.68
CA UNK E 12 28.19 -36.74 -16.01
C UNK E 12 26.68 -36.92 -16.02
N UNK E 13 26.04 -36.58 -17.13
CA UNK E 13 24.58 -36.61 -17.22
C UNK E 13 24.10 -38.02 -17.51
N UNK E 14 23.24 -38.53 -16.63
CA UNK E 14 22.69 -39.88 -16.77
C UNK E 14 21.19 -39.87 -16.51
N UNK E 15 20.53 -38.76 -16.80
CA UNK E 15 19.07 -38.65 -16.75
C UNK E 15 18.51 -38.87 -15.35
N UNK E 16 19.37 -39.13 -14.38
CA UNK E 16 18.99 -39.26 -12.97
C UNK E 16 19.81 -38.36 -12.07
N UNK E 17 21.08 -38.13 -12.40
CA UNK E 17 21.91 -37.17 -11.69
C UNK E 17 21.63 -35.73 -12.10
N UNK E 18 20.89 -35.52 -13.19
CA UNK E 18 20.60 -34.19 -13.70
C UNK E 18 19.48 -33.49 -12.95
N UNK E 19 18.74 -34.20 -12.10
CA UNK E 19 17.60 -33.60 -11.42
C UNK E 19 18.04 -32.58 -10.38
N UNK E 20 19.16 -32.82 -9.72
CA UNK E 20 19.73 -31.89 -8.75
C UNK E 20 21.09 -31.43 -9.25
N UNK E 21 21.80 -30.67 -8.41
CA UNK E 21 23.08 -30.09 -8.79
C UNK E 21 24.24 -31.06 -8.53
N UNK E 22 24.11 -32.26 -9.12
CA UNK E 22 25.15 -33.26 -9.04
C UNK E 22 25.68 -33.68 -10.41
N UNK E 23 25.09 -33.19 -11.49
CA UNK E 23 25.58 -33.50 -12.83
C UNK E 23 26.98 -32.94 -13.03
N UNK E 24 27.24 -31.73 -12.52
CA UNK E 24 28.54 -31.08 -12.64
C UNK E 24 29.02 -30.73 -11.23
N UNK E 25 29.65 -31.70 -10.57
CA UNK E 25 30.21 -31.49 -9.25
C UNK E 25 31.17 -32.63 -8.95
N UNK E 26 32.02 -32.41 -7.96
CA UNK E 26 32.96 -33.45 -7.55
C UNK E 26 32.28 -34.46 -6.64
N UNK E 27 32.95 -35.59 -6.42
CA UNK E 27 32.39 -36.61 -5.54
C UNK E 27 32.29 -36.11 -4.10
N UNK E 28 33.32 -35.41 -3.62
CA UNK E 28 33.27 -34.86 -2.27
C UNK E 28 32.21 -33.77 -2.15
N UNK E 29 32.11 -32.91 -3.17
CA UNK E 29 31.07 -31.88 -3.16
C UNK E 29 29.69 -32.51 -3.20
N UNK E 30 29.51 -33.57 -3.98
CA UNK E 30 28.23 -34.26 -4.01
C UNK E 30 27.91 -34.88 -2.65
N UNK E 31 28.92 -35.45 -1.99
CA UNK E 31 28.71 -36.01 -0.66
C UNK E 31 28.32 -34.93 0.34
N UNK E 32 28.97 -33.77 0.29
CA UNK E 32 28.63 -32.68 1.19
C UNK E 32 27.21 -32.18 0.93
N UNK E 33 26.84 -32.05 -0.34
CA UNK E 33 25.49 -31.61 -0.68
C UNK E 33 24.45 -32.64 -0.20
N UNK E 34 24.75 -33.93 -0.37
CA UNK E 34 23.83 -34.96 0.10
C UNK E 34 23.69 -34.92 1.61
N UNK E 35 24.79 -34.70 2.33
CA UNK E 35 24.71 -34.59 3.78
C UNK E 35 23.87 -33.40 4.20
N UNK E 36 24.06 -32.26 3.54
CA UNK E 36 23.27 -31.08 3.86
C UNK E 36 21.79 -31.31 3.56
N UNK E 37 21.48 -31.97 2.43
CA UNK E 37 20.09 -32.25 2.10
C UNK E 37 19.46 -33.22 3.09
N UNK E 38 20.22 -34.22 3.53
CA UNK E 38 19.69 -35.17 4.52
C UNK E 38 19.48 -34.49 5.87
N UNK E 39 20.34 -33.54 6.23
CA UNK E 39 20.19 -32.86 7.51
C UNK E 39 19.07 -31.82 7.48
N UNK E 40 18.83 -31.18 6.34
CA UNK E 40 17.90 -30.07 6.26
C UNK E 40 16.61 -30.39 5.51
N UNK E 41 16.41 -31.65 5.08
CA UNK E 41 15.20 -31.99 4.36
C UNK E 41 14.80 -33.43 4.69
N UNK E 42 13.51 -33.71 4.53
CA UNK E 42 12.96 -35.03 4.78
C UNK E 42 12.82 -35.87 3.51
N UNK E 43 13.23 -35.34 2.36
CA UNK E 43 13.10 -36.08 1.10
C UNK E 43 14.32 -36.95 0.83
N UNK E 44 14.68 -37.77 1.81
CA UNK E 44 15.79 -38.71 1.66
C UNK E 44 15.53 -39.85 2.65
N UNK E 45 15.09 -40.99 2.14
CA UNK E 45 14.66 -42.10 2.97
C UNK E 45 15.15 -43.42 2.38
N UNK E 46 15.08 -44.46 3.21
CA UNK E 46 15.48 -45.79 2.78
C UNK E 46 14.45 -46.39 1.83
N UNK E 47 14.93 -47.16 0.86
CA UNK E 47 14.05 -47.82 -0.09
C UNK E 47 13.52 -49.12 0.51
N UNK E 48 12.67 -49.80 -0.26
CA UNK E 48 12.09 -51.05 0.20
C UNK E 48 13.13 -52.16 0.19
N UNK E 49 12.78 -53.29 0.80
CA UNK E 49 13.69 -54.42 0.88
C UNK E 49 13.89 -55.05 -0.48
N UNK E 50 15.00 -55.78 -0.63
CA UNK E 50 15.37 -56.44 -1.87
C UNK E 50 15.46 -55.45 -3.03
N UNK E 51 16.05 -54.28 -2.76
CA UNK E 51 16.26 -53.26 -3.78
C UNK E 51 17.72 -52.96 -4.06
N UNK E 52 18.63 -53.32 -3.15
CA UNK E 52 20.08 -53.13 -3.34
C UNK E 52 20.45 -51.66 -3.51
N UNK E 53 19.68 -50.76 -2.90
CA UNK E 53 20.02 -49.33 -2.92
C UNK E 53 19.51 -48.71 -1.62
N UNK E 54 20.38 -48.68 -0.61
CA UNK E 54 20.08 -48.06 0.69
C UNK E 54 18.80 -48.62 1.30
N UNK E 55 18.73 -49.96 1.36
CA UNK E 55 17.54 -50.64 1.86
C UNK E 55 17.60 -50.96 3.35
N UNK E 56 18.66 -50.54 4.04
CA UNK E 56 18.86 -50.90 5.45
C UNK E 56 19.00 -49.65 6.30
N UNK E 57 18.29 -49.63 7.42
CA UNK E 57 18.41 -48.60 8.47
C UNK E 57 18.07 -47.24 7.88
N UNK E 58 18.73 -46.18 8.37
CA UNK E 58 18.46 -44.83 7.92
C UNK E 58 19.78 -44.05 7.93
N UNK E 59 19.74 -42.86 7.33
CA UNK E 59 20.93 -42.03 7.19
C UNK E 59 20.97 -40.99 8.31
N UNK E 60 22.12 -40.87 8.95
CA UNK E 60 22.37 -39.87 10.00
C UNK E 60 21.38 -40.03 11.16
N UNK E 61 21.32 -41.24 11.70
CA UNK E 61 20.51 -41.48 12.90
C UNK E 61 21.20 -40.88 14.12
N UNK E 62 20.40 -40.26 14.98
CA UNK E 62 20.92 -39.60 16.17
C UNK E 62 21.13 -40.62 17.29
N UNK E 63 21.51 -40.14 18.47
CA UNK E 63 21.77 -40.98 19.63
C UNK E 63 20.61 -40.90 20.61
N UNK E 64 20.52 -41.91 21.48
CA UNK E 64 19.46 -41.97 22.47
C UNK E 64 19.71 -40.97 23.59
N LEU F 47 30.96 -46.25 -30.63
CA LEU F 47 30.04 -45.71 -29.65
C LEU F 47 28.64 -45.59 -30.23
N ALA F 48 27.65 -46.08 -29.49
CA ALA F 48 26.27 -46.08 -29.99
C ALA F 48 25.71 -44.66 -30.08
N VAL F 49 25.92 -43.85 -29.05
CA VAL F 49 25.46 -42.47 -29.08
C VAL F 49 26.68 -41.57 -29.19
N PRO F 50 26.99 -41.06 -30.37
CA PRO F 50 28.24 -40.28 -30.53
C PRO F 50 28.20 -38.93 -29.82
N PHE F 51 27.03 -38.34 -29.66
CA PHE F 51 26.97 -37.02 -29.03
C PHE F 51 26.93 -37.09 -27.51
N LEU F 52 26.99 -38.28 -26.93
CA LEU F 52 27.06 -38.45 -25.49
C LEU F 52 28.34 -39.17 -25.13
N GLU F 53 28.79 -38.94 -23.89
CA GLU F 53 29.99 -39.62 -23.42
C GLU F 53 29.72 -41.10 -23.20
N ARG F 54 30.78 -41.87 -23.18
CA ARG F 54 30.66 -43.29 -22.86
C ARG F 54 30.27 -43.45 -21.39
N PRO F 55 29.31 -44.31 -21.08
CA PRO F 55 28.90 -44.51 -19.68
C PRO F 55 30.08 -45.00 -18.85
N PRO F 56 30.21 -44.50 -17.62
CA PRO F 56 31.38 -44.87 -16.80
C PRO F 56 31.47 -46.35 -16.50
N MET F 57 30.34 -47.04 -16.36
CA MET F 57 30.33 -48.43 -15.92
C MET F 57 30.34 -49.43 -17.07
N LEU F 58 30.38 -48.97 -18.32
CA LEU F 58 30.38 -49.87 -19.47
C LEU F 58 31.79 -49.92 -20.04
N ASP F 59 32.60 -50.80 -19.47
CA ASP F 59 33.98 -50.96 -19.91
C ASP F 59 34.08 -51.74 -21.21
N GLY F 60 33.13 -52.63 -21.47
CA GLY F 60 33.19 -53.50 -22.62
C GLY F 60 33.41 -54.97 -22.30
N SER F 61 33.36 -55.36 -21.03
CA SER F 61 33.57 -56.75 -20.67
C SER F 61 32.41 -57.64 -21.15
N TYR F 62 31.19 -57.18 -21.00
CA TYR F 62 30.03 -57.97 -21.38
C TYR F 62 29.85 -57.97 -22.89
N ALA F 63 29.14 -58.98 -23.38
CA ALA F 63 28.86 -59.08 -24.80
C ALA F 63 27.77 -58.09 -25.20
N GLY F 64 27.96 -57.44 -26.34
CA GLY F 64 27.00 -56.47 -26.82
C GLY F 64 27.11 -55.09 -26.22
N ASP F 65 28.17 -54.81 -25.48
CA ASP F 65 28.35 -53.48 -24.89
C ASP F 65 28.94 -52.55 -25.94
N ILE F 66 28.15 -51.58 -26.39
CA ILE F 66 28.64 -50.56 -27.31
C ILE F 66 28.46 -49.20 -26.67
N GLY F 67 28.51 -49.17 -25.34
CA GLY F 67 28.40 -47.91 -24.63
C GLY F 67 27.05 -47.24 -24.79
N PHE F 68 25.98 -48.02 -24.86
CA PHE F 68 24.64 -47.48 -25.01
C PHE F 68 23.93 -47.53 -23.66
N ASP F 69 23.98 -46.42 -22.94
CA ASP F 69 23.17 -46.25 -21.75
C ASP F 69 23.02 -44.75 -21.46
N PRO F 70 22.32 -44.02 -22.32
CA PRO F 70 22.12 -42.58 -22.04
C PRO F 70 21.39 -42.33 -20.74
N VAL F 71 20.40 -43.16 -20.42
CA VAL F 71 19.63 -43.00 -19.19
C VAL F 71 20.40 -43.48 -17.98
N GLY F 72 21.56 -44.07 -18.17
CA GLY F 72 22.46 -44.33 -17.05
C GLY F 72 21.96 -45.32 -16.02
N PHE F 73 21.34 -46.42 -16.46
CA PHE F 73 21.01 -47.47 -15.53
C PHE F 73 22.23 -48.27 -15.10
N SER F 74 23.33 -48.18 -15.87
CA SER F 74 24.56 -48.83 -15.46
C SER F 74 25.06 -48.28 -14.14
N ASN F 75 25.04 -46.95 -14.00
CA ASN F 75 25.27 -46.36 -12.70
C ASN F 75 24.04 -46.56 -11.83
N TYR F 76 24.23 -46.43 -10.52
CA TYR F 76 23.17 -46.50 -9.52
C TYR F 76 22.49 -47.86 -9.48
N PHE F 77 23.07 -48.87 -10.10
CA PHE F 77 22.51 -50.22 -10.08
C PHE F 77 23.65 -51.21 -10.22
N ASP F 78 23.31 -52.50 -10.12
CA ASP F 78 24.28 -53.56 -10.26
C ASP F 78 24.30 -54.01 -11.72
N LEU F 79 25.45 -53.90 -12.37
CA LEU F 79 25.55 -54.26 -13.77
C LEU F 79 25.31 -55.75 -13.98
N ARG F 80 25.72 -56.58 -13.02
CA ARG F 80 25.45 -58.01 -13.13
C ARG F 80 23.95 -58.28 -13.09
N TRP F 81 23.23 -57.58 -12.20
CA TRP F 81 21.80 -57.73 -12.13
C TRP F 81 21.13 -57.35 -13.43
N LEU F 82 21.55 -56.21 -14.02
CA LEU F 82 20.98 -55.77 -15.28
C LEU F 82 21.31 -56.74 -16.40
N ARG F 83 22.52 -57.28 -16.42
CA ARG F 83 22.86 -58.25 -17.45
C ARG F 83 22.03 -59.53 -17.34
N GLU F 84 21.83 -60.01 -16.12
CA GLU F 84 20.99 -61.20 -15.94
C GLU F 84 19.55 -60.90 -16.32
N ALA F 85 19.06 -59.71 -15.97
CA ALA F 85 17.71 -59.33 -16.36
C ALA F 85 17.58 -59.26 -17.87
N GLU F 86 18.57 -58.67 -18.54
CA GLU F 86 18.54 -58.58 -20.00
C GLU F 86 18.56 -59.96 -20.62
N LEU F 87 19.41 -60.86 -20.13
CA LEU F 87 19.47 -62.19 -20.70
C LEU F 87 18.17 -62.96 -20.46
N LYS F 88 17.57 -62.79 -19.29
CA LYS F 88 16.31 -63.50 -19.02
C LYS F 88 15.18 -62.96 -19.86
N HIS F 89 15.06 -61.63 -19.98
CA HIS F 89 14.07 -61.04 -20.87
C HIS F 89 14.29 -61.50 -22.31
N GLY F 90 15.54 -61.50 -22.76
CA GLY F 90 15.83 -61.94 -24.10
C GLY F 90 15.46 -63.39 -24.34
N ARG F 91 15.79 -64.27 -23.39
CA ARG F 91 15.47 -65.67 -23.57
C ARG F 91 13.97 -65.91 -23.52
N VAL F 92 13.26 -65.24 -22.62
CA VAL F 92 11.83 -65.42 -22.51
C VAL F 92 11.14 -64.98 -23.80
N CYS F 93 11.48 -63.77 -24.28
CA CYS F 93 10.91 -63.31 -25.54
C CYS F 93 11.38 -64.14 -26.72
N MET F 94 12.59 -64.67 -26.65
CA MET F 94 13.12 -65.49 -27.73
C MET F 94 12.33 -66.78 -27.88
N LEU F 95 11.93 -67.39 -26.75
CA LEU F 95 11.05 -68.54 -26.82
C LEU F 95 9.61 -68.13 -27.14
N GLY F 96 9.19 -66.94 -26.69
CA GLY F 96 7.83 -66.51 -26.94
C GLY F 96 7.56 -66.24 -28.41
N VAL F 97 8.55 -65.71 -29.13
CA VAL F 97 8.36 -65.49 -30.57
C VAL F 97 8.15 -66.81 -31.28
N VAL F 98 8.95 -67.82 -30.94
CA VAL F 98 8.77 -69.13 -31.53
C VAL F 98 7.42 -69.71 -31.14
N GLY F 99 6.98 -69.43 -29.92
CA GLY F 99 5.66 -69.89 -29.52
C GLY F 99 4.54 -69.24 -30.31
N PHE F 100 4.64 -67.93 -30.54
CA PHE F 100 3.66 -67.24 -31.37
C PHE F 100 3.66 -67.79 -32.78
N LEU F 101 4.84 -68.14 -33.30
CA LEU F 101 4.89 -68.73 -34.63
C LEU F 101 4.24 -70.11 -34.64
N VAL F 102 4.51 -70.94 -33.62
CA VAL F 102 4.06 -72.32 -33.64
C VAL F 102 2.56 -72.41 -33.40
N GLN F 103 2.04 -71.58 -32.49
CA GLN F 103 0.64 -71.72 -32.09
C GLN F 103 -0.34 -71.44 -33.23
N GLU F 104 0.11 -70.78 -34.30
CA GLU F 104 -0.77 -70.51 -35.42
C GLU F 104 -1.16 -71.81 -36.12
N PHE F 105 -0.19 -72.67 -36.39
CA PHE F 105 -0.40 -73.86 -37.19
C PHE F 105 -0.45 -75.15 -36.39
N VAL F 106 0.16 -75.19 -35.21
CA VAL F 106 0.24 -76.39 -34.40
C VAL F 106 -0.51 -76.13 -33.10
N THR F 107 -1.47 -76.99 -32.79
CA THR F 107 -2.24 -76.92 -31.55
C THR F 107 -2.18 -78.26 -30.87
N LEU F 108 -1.97 -78.24 -29.56
CA LEU F 108 -1.95 -79.48 -28.80
C LEU F 108 -3.35 -80.09 -28.77
N PRO F 109 -3.45 -81.42 -28.84
CA PRO F 109 -4.78 -82.05 -28.92
C PRO F 109 -5.63 -81.84 -27.69
N MET F 110 -5.02 -81.53 -26.54
CA MET F 110 -5.80 -81.38 -25.32
C MET F 110 -6.61 -80.09 -25.31
N PHE F 111 -6.06 -79.02 -25.87
CA PHE F 111 -6.69 -77.71 -25.82
C PHE F 111 -7.39 -77.40 -27.14
N SER F 112 -8.19 -76.33 -27.13
CA SER F 112 -8.86 -75.83 -28.31
C SER F 112 -8.22 -74.51 -28.71
N ASN F 113 -7.84 -74.39 -29.98
CA ASN F 113 -7.12 -73.23 -30.46
C ASN F 113 -8.03 -72.01 -30.49
N GLY F 114 -7.48 -70.85 -30.09
CA GLY F 114 -8.19 -69.60 -30.19
C GLY F 114 -7.96 -68.92 -31.53
N VAL F 115 -8.52 -67.72 -31.65
CA VAL F 115 -8.39 -66.98 -32.90
C VAL F 115 -6.95 -66.52 -33.09
N THR F 116 -6.29 -66.11 -32.03
CA THR F 116 -4.91 -65.65 -32.06
C THR F 116 -4.14 -66.32 -30.93
N PRO F 117 -2.82 -66.44 -31.08
CA PRO F 117 -2.01 -66.96 -29.96
C PRO F 117 -2.13 -66.11 -28.71
N VAL F 118 -2.44 -64.83 -28.83
CA VAL F 118 -2.72 -64.03 -27.64
C VAL F 118 -3.99 -64.53 -26.95
N ASP F 119 -5.02 -64.85 -27.73
CA ASP F 119 -6.24 -65.41 -27.17
C ASP F 119 -6.11 -66.89 -26.83
N ASP F 120 -5.03 -67.54 -27.24
CA ASP F 120 -4.77 -68.90 -26.76
C ASP F 120 -4.54 -68.92 -25.26
N PHE F 121 -4.15 -67.79 -24.67
CA PHE F 121 -3.97 -67.71 -23.23
C PHE F 121 -5.30 -67.85 -22.50
N PHE F 122 -6.40 -67.40 -23.11
CA PHE F 122 -7.68 -67.38 -22.44
C PHE F 122 -8.50 -68.65 -22.64
N VAL F 123 -8.37 -69.30 -23.81
CA VAL F 123 -9.16 -70.49 -24.06
C VAL F 123 -8.69 -71.68 -23.23
N VAL F 124 -7.45 -71.69 -22.78
CA VAL F 124 -6.95 -72.76 -21.92
C VAL F 124 -7.50 -72.53 -20.52
N PRO F 125 -7.71 -73.59 -19.73
CA PRO F 125 -8.29 -73.40 -18.40
C PRO F 125 -7.36 -72.66 -17.46
N ALA F 126 -7.96 -71.97 -16.48
CA ALA F 126 -7.17 -71.28 -15.46
C ALA F 126 -6.33 -72.27 -14.67
N THR F 127 -6.90 -73.43 -14.33
CA THR F 127 -6.09 -74.50 -13.78
C THR F 127 -5.22 -75.08 -14.89
N GLY F 128 -3.95 -75.31 -14.58
CA GLY F 128 -3.01 -75.70 -15.61
C GLY F 128 -2.15 -74.52 -16.00
N LEU F 129 -2.76 -73.33 -16.01
CA LEU F 129 -2.00 -72.10 -16.15
C LEU F 129 -1.16 -71.85 -14.91
N TRP F 130 -1.77 -71.98 -13.73
CA TRP F 130 -1.01 -71.85 -12.51
C TRP F 130 -0.02 -72.99 -12.32
N GLN F 131 -0.25 -74.14 -12.95
CA GLN F 131 0.78 -75.17 -12.95
C GLN F 131 2.03 -74.68 -13.67
N ILE F 132 1.85 -74.00 -14.79
CA ILE F 132 2.98 -73.39 -15.49
C ILE F 132 3.64 -72.34 -14.61
N PHE F 133 2.83 -71.51 -13.94
CA PHE F 133 3.37 -70.49 -13.07
C PHE F 133 4.24 -71.08 -11.97
N PHE F 134 3.75 -72.14 -11.32
CA PHE F 134 4.49 -72.77 -10.24
C PHE F 134 5.70 -73.53 -10.75
N THR F 135 5.61 -74.14 -11.93
CA THR F 135 6.78 -74.79 -12.51
C THR F 135 7.88 -73.77 -12.79
N ILE F 136 7.50 -72.62 -13.33
CA ILE F 136 8.49 -71.58 -13.58
C ILE F 136 9.06 -71.07 -12.26
N GLY F 137 8.22 -70.95 -11.23
CA GLY F 137 8.74 -70.58 -9.92
C GLY F 137 9.76 -71.57 -9.38
N PHE F 138 9.47 -72.86 -9.51
CA PHE F 138 10.42 -73.88 -9.06
C PHE F 138 11.71 -73.82 -9.86
N VAL F 139 11.61 -73.65 -11.19
CA VAL F 139 12.81 -73.60 -12.02
C VAL F 139 13.65 -72.38 -11.64
N GLU F 140 13.00 -71.24 -11.42
CA GLU F 140 13.74 -70.04 -11.06
C GLU F 140 14.26 -70.09 -9.65
N ALA F 141 13.69 -70.94 -8.79
CA ALA F 141 14.25 -71.10 -7.45
C ALA F 141 15.45 -72.03 -7.45
N PHE F 142 15.36 -73.16 -8.14
CA PHE F 142 16.44 -74.14 -8.10
C PHE F 142 17.64 -73.68 -8.93
N SER F 143 17.39 -73.10 -10.10
CA SER F 143 18.50 -72.68 -10.94
C SER F 143 19.28 -71.53 -10.31
N ASN F 144 18.61 -70.66 -9.56
CA ASN F 144 19.26 -69.54 -8.90
C ASN F 144 19.79 -69.89 -7.53
N GLY F 145 19.71 -71.16 -7.11
CA GLY F 145 20.18 -71.55 -5.80
C GLY F 145 19.39 -70.97 -4.66
N PHE F 146 18.10 -70.74 -4.86
CA PHE F 146 17.19 -70.22 -3.84
C PHE F 146 17.62 -68.85 -3.32
N LYS F 147 18.38 -68.12 -4.11
CA LYS F 147 18.67 -66.71 -3.86
C LYS F 147 17.93 -65.91 -4.92
N LEU F 148 17.00 -65.05 -4.49
CA LEU F 148 16.06 -64.42 -5.41
C LEU F 148 15.98 -62.92 -5.27
N THR F 149 16.95 -62.29 -4.62
CA THR F 149 16.93 -60.85 -4.39
C THR F 149 18.20 -60.24 -4.93
N PRO F 150 18.21 -58.93 -5.20
CA PRO F 150 19.44 -58.28 -5.65
C PRO F 150 20.58 -58.39 -4.66
N SER F 151 20.28 -58.59 -3.38
CA SER F 151 21.33 -58.64 -2.37
C SER F 151 22.02 -60.00 -2.35
N ASP F 152 21.26 -61.07 -2.12
CA ASP F 152 21.86 -62.39 -1.94
C ASP F 152 22.31 -63.02 -3.26
N MET F 153 21.80 -62.58 -4.40
CA MET F 153 22.27 -63.15 -5.66
C MET F 153 23.68 -62.67 -5.96
N PHE F 154 24.37 -63.45 -6.79
CA PHE F 154 25.78 -63.23 -7.09
C PHE F 154 26.64 -63.28 -5.83
N ALA F 155 26.21 -64.08 -4.84
CA ALA F 155 27.04 -64.28 -3.65
C ALA F 155 28.34 -64.96 -4.00
N ASP F 156 28.30 -65.95 -4.88
CA ASP F 156 29.50 -66.60 -5.39
C ASP F 156 30.08 -65.89 -6.60
N ASP F 157 29.47 -64.78 -7.03
CA ASP F 157 29.93 -64.01 -8.19
C ASP F 157 30.00 -64.88 -9.44
N ARG F 158 28.90 -65.58 -9.72
CA ARG F 158 28.79 -66.32 -10.96
C ARG F 158 28.52 -65.36 -12.12
N ALA F 159 28.69 -65.86 -13.34
CA ALA F 159 28.44 -65.04 -14.50
C ALA F 159 26.95 -64.72 -14.60
N PRO F 160 26.59 -63.46 -14.85
CA PRO F 160 25.16 -63.12 -15.00
C PRO F 160 24.54 -63.85 -16.17
N GLY F 161 23.38 -64.43 -15.93
CA GLY F 161 22.72 -65.23 -16.95
C GLY F 161 23.26 -66.63 -17.09
N ASP F 162 24.24 -67.02 -16.27
CA ASP F 162 24.79 -68.37 -16.29
C ASP F 162 24.10 -69.17 -15.20
N LEU F 163 23.08 -69.91 -15.58
CA LEU F 163 22.36 -70.79 -14.67
C LEU F 163 22.93 -72.20 -14.65
N GLY F 164 24.03 -72.43 -15.35
CA GLY F 164 24.61 -73.76 -15.44
C GLY F 164 23.78 -74.73 -16.24
N PHE F 165 23.18 -74.27 -17.33
CA PHE F 165 22.34 -75.10 -18.19
C PHE F 165 23.04 -75.20 -19.55
N ASP F 166 23.91 -76.19 -19.69
CA ASP F 166 24.53 -76.53 -20.97
C ASP F 166 24.51 -78.04 -21.13
N PRO F 167 23.34 -78.61 -21.40
CA PRO F 167 23.26 -80.08 -21.47
C PRO F 167 23.97 -80.66 -22.68
N LEU F 168 23.96 -79.96 -23.81
CA LEU F 168 24.62 -80.45 -25.02
C LEU F 168 26.10 -80.10 -25.07
N GLY F 169 26.59 -79.30 -24.13
CA GLY F 169 28.00 -78.96 -24.09
C GLY F 169 28.49 -78.18 -25.29
N CYS F 170 27.68 -77.24 -25.77
CA CYS F 170 28.10 -76.43 -26.91
C CYS F 170 29.11 -75.36 -26.51
N GLY F 171 28.98 -74.82 -25.31
CA GLY F 171 29.86 -73.74 -24.87
C GLY F 171 31.14 -74.21 -24.21
N LYS F 172 32.07 -74.73 -25.02
CA LYS F 172 33.35 -75.20 -24.51
C LYS F 172 34.51 -74.32 -24.95
N ASP F 173 34.61 -73.98 -26.22
CA ASP F 173 35.68 -73.11 -26.69
C ASP F 173 35.43 -71.68 -26.25
N PRO F 174 36.37 -71.05 -25.52
CA PRO F 174 36.11 -69.70 -25.01
C PRO F 174 35.87 -68.66 -26.09
N ALA F 175 36.55 -68.76 -27.24
CA ALA F 175 36.28 -67.81 -28.32
C ALA F 175 34.90 -68.03 -28.90
N ALA F 176 34.55 -69.30 -29.18
CA ALA F 176 33.19 -69.60 -29.59
C ALA F 176 32.19 -69.25 -28.51
N LEU F 177 32.59 -69.38 -27.23
CA LEU F 177 31.69 -68.99 -26.15
C LEU F 177 31.41 -67.49 -26.19
N ALA F 178 32.42 -66.68 -26.43
CA ALA F 178 32.20 -65.23 -26.52
C ALA F 178 31.37 -64.88 -27.74
N ARG F 179 31.65 -65.53 -28.87
CA ARG F 179 30.84 -65.26 -30.07
C ARG F 179 29.39 -65.63 -29.84
N ARG F 180 29.15 -66.77 -29.20
CA ARG F 180 27.77 -67.17 -28.92
C ARG F 180 27.14 -66.27 -27.87
N GLN F 181 27.91 -65.73 -26.94
CA GLN F 181 27.36 -64.75 -26.01
C GLN F 181 26.88 -63.52 -26.75
N LEU F 182 27.70 -63.01 -27.67
CA LEU F 182 27.29 -61.86 -28.46
C LEU F 182 26.05 -62.18 -29.29
N VAL F 183 26.03 -63.36 -29.91
CA VAL F 183 24.89 -63.76 -30.74
C VAL F 183 23.63 -63.87 -29.91
N GLU F 184 23.74 -64.49 -28.72
CA GLU F 184 22.58 -64.65 -27.86
C GLU F 184 22.05 -63.32 -27.37
N VAL F 185 22.94 -62.42 -26.97
CA VAL F 185 22.47 -61.11 -26.49
C VAL F 185 21.84 -60.32 -27.62
N LYS F 186 22.46 -60.32 -28.81
CA LYS F 186 21.88 -59.56 -29.91
C LYS F 186 20.55 -60.14 -30.35
N ASN F 187 20.44 -61.47 -30.41
CA ASN F 187 19.17 -62.09 -30.77
C ASN F 187 18.11 -61.85 -29.72
N GLY F 188 18.48 -61.82 -28.44
CA GLY F 188 17.51 -61.47 -27.41
C GLY F 188 17.03 -60.04 -27.52
N ARG F 189 17.95 -59.13 -27.81
CA ARG F 189 17.56 -57.74 -28.00
C ARG F 189 16.62 -57.59 -29.19
N LEU F 190 16.89 -58.32 -30.26
CA LEU F 190 15.97 -58.31 -31.41
C LEU F 190 14.63 -58.95 -31.05
N ALA F 191 14.67 -60.06 -30.30
CA ALA F 191 13.47 -60.84 -30.04
C ALA F 191 12.54 -60.14 -29.08
N MET F 192 13.06 -59.36 -28.14
CA MET F 192 12.18 -58.63 -27.24
C MET F 192 11.36 -57.60 -28.00
N ILE F 193 12.01 -56.85 -28.89
CA ILE F 193 11.27 -55.90 -29.73
C ILE F 193 10.29 -56.64 -30.62
N ALA F 194 10.72 -57.75 -31.21
CA ALA F 194 9.84 -58.50 -32.11
C ALA F 194 8.62 -59.02 -31.37
N PHE F 195 8.80 -59.53 -30.15
CA PHE F 195 7.68 -60.03 -29.36
C PHE F 195 6.74 -58.90 -28.97
N GLY F 196 7.29 -57.79 -28.47
CA GLY F 196 6.44 -56.67 -28.11
C GLY F 196 5.67 -56.13 -29.29
N GLY F 197 6.20 -56.32 -30.49
CA GLY F 197 5.47 -55.90 -31.67
C GLY F 197 4.39 -56.87 -32.08
N MET F 198 4.73 -58.15 -32.16
CA MET F 198 3.79 -59.12 -32.69
C MET F 198 2.64 -59.36 -31.72
N LEU F 199 2.87 -59.24 -30.41
CA LEU F 199 1.77 -59.35 -29.48
C LEU F 199 0.73 -58.27 -29.72
N HIS F 200 1.17 -57.03 -29.90
CA HIS F 200 0.22 -55.94 -30.13
C HIS F 200 -0.41 -56.02 -31.51
N GLN F 201 0.33 -56.48 -32.51
CA GLN F 201 -0.29 -56.68 -33.81
C GLN F 201 -1.39 -57.73 -33.73
N GLN F 202 -1.16 -58.82 -33.01
CA GLN F 202 -2.19 -59.84 -32.86
C GLN F 202 -3.36 -59.31 -32.05
N LEU F 203 -3.10 -58.48 -31.04
CA LEU F 203 -4.20 -57.93 -30.26
C LEU F 203 -5.04 -56.97 -31.08
N LEU F 204 -4.40 -56.17 -31.93
CA LEU F 204 -5.13 -55.12 -32.64
C LEU F 204 -5.85 -55.65 -33.87
N THR F 205 -5.17 -56.46 -34.68
CA THR F 205 -5.75 -56.95 -35.92
C THR F 205 -6.52 -58.26 -35.75
N LYS F 206 -6.40 -58.92 -34.60
CA LYS F 206 -7.02 -60.22 -34.38
C LYS F 206 -6.64 -61.21 -35.49
N GLN F 207 -5.38 -61.16 -35.91
CA GLN F 207 -4.88 -62.07 -36.93
C GLN F 207 -3.52 -62.60 -36.51
N GLY F 208 -3.19 -63.79 -36.99
CA GLY F 208 -1.87 -64.34 -36.78
C GLY F 208 -0.81 -63.57 -37.55
N VAL F 209 0.43 -63.70 -37.10
CA VAL F 209 1.50 -62.87 -37.65
C VAL F 209 1.77 -63.24 -39.11
N ILE F 210 1.89 -64.53 -39.40
CA ILE F 210 2.01 -64.94 -40.80
C ILE F 210 0.71 -64.66 -41.53
N GLU F 211 -0.42 -64.85 -40.84
CA GLU F 211 -1.71 -64.53 -41.44
C GLU F 211 -1.82 -63.04 -41.75
N GLN F 212 -1.29 -62.20 -40.87
CA GLN F 212 -1.29 -60.76 -41.13
C GLN F 212 -0.35 -60.41 -42.29
N LEU F 213 0.82 -61.03 -42.34
CA LEU F 213 1.75 -60.74 -43.42
C LEU F 213 1.21 -61.20 -44.77
N THR F 214 0.40 -62.24 -44.80
CA THR F 214 -0.23 -62.67 -46.04
C THR F 214 -1.52 -61.94 -46.34
N ASN F 215 -2.08 -61.21 -45.38
CA ASN F 215 -3.33 -60.49 -45.55
C ASN F 215 -3.21 -59.09 -44.98
N PHE F 216 -2.14 -58.39 -45.37
CA PHE F 216 -1.86 -57.07 -44.82
C PHE F 216 -2.99 -56.10 -45.16
N LYS F 217 -3.39 -55.31 -44.16
CA LYS F 217 -4.48 -54.36 -44.34
C LYS F 217 -4.31 -53.22 -43.36
N ALA F 218 -4.89 -52.07 -43.70
CA ALA F 218 -4.83 -50.92 -42.82
C ALA F 218 -5.78 -51.11 -41.64
N ILE F 219 -5.64 -50.23 -40.66
CA ILE F 219 -6.50 -50.28 -39.48
C ILE F 219 -7.63 -49.27 -39.59
N VAL G 32 26.70 7.30 -34.56
CA VAL G 32 27.25 8.55 -35.05
C VAL G 32 28.29 9.08 -34.08
N PHE G 33 27.91 9.16 -32.80
CA PHE G 33 28.87 9.54 -31.78
C PHE G 33 29.91 8.43 -31.61
N PRO G 34 31.13 8.78 -31.22
CA PRO G 34 32.17 7.77 -31.04
C PRO G 34 31.83 6.81 -29.91
N GLY G 35 32.27 5.57 -30.08
CA GLY G 35 32.04 4.53 -29.09
C GLY G 35 31.94 3.18 -29.75
N GLN G 36 32.18 2.14 -28.96
CA GLN G 36 32.10 0.77 -29.44
C GLN G 36 30.68 0.26 -29.30
N PHE G 37 30.14 -0.30 -30.39
CA PHE G 37 28.77 -0.78 -30.40
C PHE G 37 28.71 -2.08 -31.18
N SER G 38 27.52 -2.66 -31.26
CA SER G 38 27.33 -3.93 -31.94
C SER G 38 27.40 -3.76 -33.45
N ASP G 39 27.76 -4.83 -34.14
CA ASP G 39 27.89 -4.77 -35.59
C ASP G 39 26.52 -4.66 -36.25
N SER G 40 25.52 -5.35 -35.71
CA SER G 40 24.18 -5.30 -36.29
C SER G 40 23.45 -4.03 -35.90
N VAL G 41 23.28 -3.80 -34.60
CA VAL G 41 22.64 -2.59 -34.09
C VAL G 41 23.74 -1.59 -33.75
N PRO G 42 23.83 -0.45 -34.44
CA PRO G 42 24.92 0.49 -34.18
C PRO G 42 24.70 1.36 -32.96
N PHE G 43 23.51 1.38 -32.37
CA PHE G 43 23.27 2.14 -31.16
C PHE G 43 23.26 1.27 -29.91
N LEU G 44 23.52 -0.02 -30.04
CA LEU G 44 23.58 -0.94 -28.92
C LEU G 44 24.98 -1.53 -28.80
N LYS G 45 25.46 -1.67 -27.57
CA LYS G 45 26.78 -2.22 -27.34
C LYS G 45 26.79 -3.72 -27.65
N GLN G 46 27.99 -4.25 -27.84
CA GLN G 46 28.14 -5.67 -28.04
C GLN G 46 27.75 -6.41 -26.77
N PRO G 47 26.91 -7.45 -26.86
CA PRO G 47 26.48 -8.14 -25.64
C PRO G 47 27.66 -8.78 -24.91
N THR G 48 27.52 -8.88 -23.59
CA THR G 48 28.62 -9.34 -22.76
C THR G 48 29.03 -10.76 -23.11
N ASN G 49 28.05 -11.64 -23.33
CA ASN G 49 28.34 -13.05 -23.56
C ASN G 49 28.36 -13.43 -25.03
N LEU G 50 28.18 -12.47 -25.95
CA LEU G 50 28.29 -12.74 -27.37
C LEU G 50 29.67 -12.29 -27.84
N ASP G 51 30.66 -13.15 -27.58
CA ASP G 51 32.03 -12.83 -27.96
C ASP G 51 32.23 -12.94 -29.46
N GLY G 52 31.45 -13.76 -30.14
CA GLY G 52 31.59 -13.96 -31.57
C GLY G 52 32.11 -15.32 -31.97
N SER G 53 32.35 -16.23 -31.03
CA SER G 53 32.83 -17.55 -31.40
C SER G 53 31.74 -18.36 -32.08
N TYR G 54 30.50 -18.25 -31.60
CA TYR G 54 29.40 -18.98 -32.20
C TYR G 54 29.01 -18.39 -33.55
N VAL G 55 28.60 -19.26 -34.46
CA VAL G 55 28.23 -18.80 -35.79
C VAL G 55 26.90 -18.05 -35.71
N GLY G 56 26.69 -17.18 -36.70
CA GLY G 56 25.48 -16.40 -36.74
C GLY G 56 25.42 -15.28 -35.74
N ASP G 57 26.52 -14.99 -35.05
CA ASP G 57 26.55 -13.95 -34.03
C ASP G 57 26.92 -12.62 -34.68
N VAL G 58 25.93 -11.75 -34.83
CA VAL G 58 26.16 -10.39 -35.28
C VAL G 58 25.96 -9.41 -34.11
N GLY G 59 26.12 -9.89 -32.89
CA GLY G 59 25.96 -9.03 -31.74
C GLY G 59 24.55 -8.58 -31.48
N PHE G 60 23.56 -9.32 -31.97
CA PHE G 60 22.16 -8.96 -31.80
C PHE G 60 21.59 -9.71 -30.60
N ASP G 61 21.63 -9.06 -29.45
CA ASP G 61 20.92 -9.54 -28.26
C ASP G 61 20.52 -8.31 -27.45
N PRO G 62 19.51 -7.59 -27.90
CA PRO G 62 19.15 -6.34 -27.23
C PRO G 62 18.65 -6.55 -25.81
N LEU G 63 17.79 -7.53 -25.57
CA LEU G 63 17.22 -7.73 -24.25
C LEU G 63 18.14 -8.49 -23.31
N GLY G 64 19.29 -8.95 -23.79
CA GLY G 64 20.23 -9.64 -22.93
C GLY G 64 19.77 -10.98 -22.43
N PHE G 65 19.20 -11.80 -23.31
CA PHE G 65 18.88 -13.17 -22.92
C PHE G 65 20.14 -13.97 -22.63
N SER G 66 21.25 -13.65 -23.29
CA SER G 66 22.49 -14.37 -23.02
C SER G 66 23.10 -13.96 -21.69
N ASP G 67 22.70 -12.82 -21.13
CA ASP G 67 23.18 -12.45 -19.81
C ASP G 67 22.48 -13.21 -18.70
N VAL G 68 21.22 -13.56 -18.90
CA VAL G 68 20.46 -14.29 -17.89
C VAL G 68 20.70 -15.78 -17.98
N PHE G 69 20.65 -16.35 -19.17
CA PHE G 69 20.82 -17.78 -19.38
C PHE G 69 22.10 -18.05 -20.16
N ASP G 70 22.58 -19.27 -20.03
CA ASP G 70 23.82 -19.66 -20.69
C ASP G 70 23.67 -19.59 -22.21
N ILE G 71 24.74 -19.21 -22.89
CA ILE G 71 24.69 -19.11 -24.33
C ILE G 71 24.61 -20.49 -24.97
N ARG G 72 25.16 -21.52 -24.31
CA ARG G 72 25.12 -22.86 -24.87
C ARG G 72 23.69 -23.39 -24.93
N VAL G 73 22.94 -23.25 -23.84
CA VAL G 73 21.57 -23.72 -23.82
C VAL G 73 20.72 -22.92 -24.80
N LEU G 74 20.96 -21.62 -24.89
CA LEU G 74 20.21 -20.78 -25.83
C LEU G 74 20.50 -21.18 -27.27
N ARG G 75 21.76 -21.49 -27.59
CA ARG G 75 22.09 -21.92 -28.94
C ARG G 75 21.48 -23.28 -29.25
N GLU G 76 21.46 -24.19 -28.27
CA GLU G 76 20.79 -25.47 -28.51
C GLU G 76 19.31 -25.28 -28.75
N ALA G 77 18.66 -24.40 -27.98
CA ALA G 77 17.25 -24.11 -28.19
C ALA G 77 17.04 -23.50 -29.57
N GLU G 78 17.91 -22.57 -29.96
CA GLU G 78 17.78 -21.92 -31.26
C GLU G 78 17.91 -22.92 -32.39
N LEU G 79 18.88 -23.82 -32.30
CA LEU G 79 19.06 -24.80 -33.36
C LEU G 79 17.90 -25.77 -33.42
N LYS G 80 17.38 -26.19 -32.27
CA LYS G 80 16.22 -27.09 -32.27
C LYS G 80 15.00 -26.41 -32.88
N HIS G 81 14.70 -25.19 -32.44
CA HIS G 81 13.61 -24.43 -33.04
C HIS G 81 13.81 -24.29 -34.53
N GLY G 82 15.03 -23.96 -34.95
CA GLY G 82 15.27 -23.70 -36.35
C GLY G 82 15.16 -24.93 -37.23
N ARG G 83 15.68 -26.07 -36.76
CA ARG G 83 15.54 -27.29 -37.54
C ARG G 83 14.08 -27.71 -37.63
N ILE G 84 13.36 -27.63 -36.51
CA ILE G 84 11.94 -27.96 -36.54
C ILE G 84 11.20 -27.04 -37.50
N ALA G 85 11.54 -25.75 -37.51
CA ALA G 85 10.86 -24.81 -38.39
C ALA G 85 11.27 -25.00 -39.85
N MET G 86 12.50 -25.43 -40.12
CA MET G 86 12.87 -25.79 -41.48
C MET G 86 11.99 -26.92 -41.98
N LEU G 87 11.90 -28.00 -41.22
CA LEU G 87 11.04 -29.10 -41.61
C LEU G 87 9.59 -28.64 -41.70
N ALA G 88 9.19 -27.72 -40.84
CA ALA G 88 7.82 -27.24 -40.83
C ALA G 88 7.49 -26.45 -42.09
N THR G 89 8.38 -25.57 -42.51
CA THR G 89 8.15 -24.82 -43.75
C THR G 89 8.13 -25.75 -44.95
N LEU G 90 9.07 -26.69 -45.01
CA LEU G 90 9.07 -27.63 -46.13
C LEU G 90 7.76 -28.41 -46.15
N GLY G 91 7.26 -28.82 -44.99
CA GLY G 91 5.99 -29.51 -44.94
C GLY G 91 4.81 -28.64 -45.32
N MET G 92 4.81 -27.39 -44.83
CA MET G 92 3.72 -26.47 -45.16
C MET G 92 3.67 -26.20 -46.66
N VAL G 93 4.80 -26.29 -47.34
CA VAL G 93 4.79 -26.18 -48.79
C VAL G 93 4.31 -27.49 -49.43
N VAL G 94 4.91 -28.61 -49.03
CA VAL G 94 4.70 -29.86 -49.76
C VAL G 94 3.27 -30.37 -49.58
N GLN G 95 2.72 -30.24 -48.36
CA GLN G 95 1.39 -30.79 -48.11
C GLN G 95 0.35 -30.14 -49.01
N GLU G 96 0.44 -28.82 -49.20
CA GLU G 96 -0.42 -28.17 -50.18
C GLU G 96 -0.03 -28.55 -51.59
N ALA G 97 1.28 -28.72 -51.84
CA ALA G 97 1.71 -29.10 -53.18
C ALA G 97 1.32 -30.53 -53.52
N TYR G 98 1.50 -31.46 -52.56
CA TYR G 98 1.25 -32.87 -52.83
C TYR G 98 0.91 -33.58 -51.54
N THR G 99 -0.24 -34.23 -51.50
CA THR G 99 -0.67 -35.02 -50.36
C THR G 99 -0.57 -36.50 -50.72
N PHE G 100 -0.27 -37.32 -49.73
CA PHE G 100 -0.04 -38.74 -49.95
C PHE G 100 -1.33 -39.42 -50.40
N PRO G 101 -1.21 -40.57 -51.08
CA PRO G 101 -2.42 -41.31 -51.47
C PRO G 101 -3.31 -41.67 -50.30
N PHE G 102 -2.73 -41.96 -49.14
CA PHE G 102 -3.53 -42.17 -47.94
C PHE G 102 -3.82 -40.81 -47.31
N PHE G 103 -4.41 -40.82 -46.11
CA PHE G 103 -4.90 -39.58 -45.47
C PHE G 103 -5.95 -38.99 -46.42
N ASP G 104 -6.00 -37.66 -46.56
CA ASP G 104 -6.97 -37.05 -47.46
C ASP G 104 -6.47 -35.67 -47.85
N LYS G 105 -7.02 -35.15 -48.95
CA LYS G 105 -6.68 -33.81 -49.42
C LYS G 105 -7.29 -32.77 -48.49
N VAL G 106 -6.45 -32.12 -47.70
CA VAL G 106 -6.92 -31.11 -46.75
C VAL G 106 -5.76 -30.19 -46.43
N LEU G 107 -6.08 -28.96 -46.06
CA LEU G 107 -5.06 -27.98 -45.76
C LEU G 107 -4.31 -28.36 -44.48
N PRO G 108 -3.03 -27.99 -44.37
CA PRO G 108 -2.23 -28.46 -43.22
C PRO G 108 -2.78 -28.06 -41.86
N ILE G 109 -3.29 -26.84 -41.72
CA ILE G 109 -3.74 -26.37 -40.41
C ILE G 109 -4.93 -27.17 -39.90
N PRO G 110 -5.95 -27.45 -40.72
CA PRO G 110 -6.95 -28.43 -40.28
C PRO G 110 -6.47 -29.87 -40.34
N ALA G 111 -5.44 -30.15 -41.15
CA ALA G 111 -4.86 -31.49 -41.14
C ALA G 111 -4.29 -31.82 -39.76
N HIS G 112 -3.87 -30.81 -39.01
CA HIS G 112 -3.46 -31.05 -37.63
C HIS G 112 -4.57 -31.73 -36.85
N ASP G 113 -5.77 -31.15 -36.87
CA ASP G 113 -6.88 -31.73 -36.13
C ASP G 113 -7.30 -33.08 -36.72
N VAL G 114 -7.24 -33.21 -38.05
CA VAL G 114 -7.60 -34.47 -38.69
C VAL G 114 -6.69 -35.59 -38.21
N ILE G 115 -5.39 -35.35 -38.18
CA ILE G 115 -4.45 -36.38 -37.77
C ILE G 115 -4.48 -36.58 -36.26
N VAL G 116 -4.83 -35.54 -35.49
CA VAL G 116 -5.04 -35.74 -34.06
C VAL G 116 -6.18 -36.73 -33.83
N LYS G 117 -7.28 -36.57 -34.57
CA LYS G 117 -8.37 -37.53 -34.45
C LYS G 117 -7.99 -38.89 -35.04
N SER G 118 -7.09 -38.92 -36.02
CA SER G 118 -6.73 -40.20 -36.63
C SER G 118 -5.77 -41.00 -35.77
N GLY G 119 -5.00 -40.33 -34.91
CA GLY G 119 -4.08 -41.00 -34.03
C GLY G 119 -2.64 -41.00 -34.46
N GLY G 120 -2.34 -40.60 -35.70
CA GLY G 120 -0.96 -40.57 -36.15
C GLY G 120 -0.13 -39.49 -35.48
N MET G 121 -0.78 -38.38 -35.11
CA MET G 121 -0.03 -37.30 -34.48
C MET G 121 0.41 -37.68 -33.08
N SER G 122 -0.37 -38.51 -32.38
CA SER G 122 0.09 -39.03 -31.10
C SER G 122 1.35 -39.86 -31.27
N GLN G 123 1.44 -40.59 -32.38
CA GLN G 123 2.64 -41.39 -32.62
C GLN G 123 3.83 -40.53 -32.97
N ILE G 124 3.59 -39.45 -33.73
CA ILE G 124 4.65 -38.48 -33.97
C ILE G 124 5.14 -37.91 -32.64
N LEU G 125 4.20 -37.57 -31.75
CA LEU G 125 4.56 -37.06 -30.43
C LEU G 125 5.38 -38.08 -29.65
N LEU G 126 4.97 -39.35 -29.69
CA LEU G 126 5.70 -40.39 -28.96
C LEU G 126 7.12 -40.53 -29.48
N TRP G 127 7.30 -40.58 -30.80
CA TRP G 127 8.63 -40.81 -31.33
C TRP G 127 9.52 -39.60 -31.16
N THR G 128 8.98 -38.39 -31.34
CA THR G 128 9.78 -37.21 -31.08
C THR G 128 10.13 -37.10 -29.60
N SER G 129 9.24 -37.54 -28.71
CA SER G 129 9.57 -37.57 -27.28
C SER G 129 10.68 -38.57 -27.00
N PHE G 130 10.64 -39.72 -27.66
CA PHE G 130 11.71 -40.69 -27.48
C PHE G 130 13.06 -40.12 -27.93
N ALA G 131 13.06 -39.39 -29.05
CA ALA G 131 14.29 -38.72 -29.47
C ALA G 131 14.70 -37.64 -28.46
N GLU G 132 13.74 -36.87 -27.96
CA GLU G 132 14.10 -35.79 -27.03
C GLU G 132 14.51 -36.32 -25.66
N ILE G 133 14.22 -37.57 -25.34
CA ILE G 133 14.75 -38.14 -24.11
C ILE G 133 16.27 -38.16 -24.15
N PHE G 134 16.83 -38.59 -25.28
CA PHE G 134 18.27 -38.53 -25.45
C PHE G 134 18.73 -37.10 -25.72
N GLY G 135 17.89 -36.29 -26.34
CA GLY G 135 18.22 -34.89 -26.54
C GLY G 135 18.42 -34.15 -25.24
N GLY G 136 17.64 -34.49 -24.21
CA GLY G 136 17.80 -33.84 -22.92
C GLY G 136 19.10 -34.19 -22.23
N ILE G 137 19.52 -35.46 -22.33
CA ILE G 137 20.81 -35.85 -21.80
C ILE G 137 21.93 -35.19 -22.59
N ALA G 138 21.75 -35.04 -23.90
CA ALA G 138 22.72 -34.27 -24.69
C ALA G 138 22.79 -32.82 -24.21
N LEU G 139 21.63 -32.21 -23.94
CA LEU G 139 21.63 -30.84 -23.46
C LEU G 139 22.32 -30.73 -22.11
N PHE G 140 22.09 -31.69 -21.22
CA PHE G 140 22.72 -31.63 -19.91
C PHE G 140 24.22 -31.86 -20.00
N GLN G 141 24.68 -32.68 -20.94
CA GLN G 141 26.11 -32.76 -21.16
C GLN G 141 26.67 -31.52 -21.83
N THR G 142 25.83 -30.76 -22.55
CA THR G 142 26.28 -29.50 -23.11
C THR G 142 26.55 -28.48 -22.00
N ILE G 143 25.73 -28.49 -20.95
CA ILE G 143 25.96 -27.60 -19.82
C ILE G 143 27.28 -27.94 -19.13
N GLN G 144 27.63 -29.23 -19.09
CA GLN G 144 28.94 -29.64 -18.59
C GLN G 144 30.06 -29.34 -19.56
N GLY G 145 29.74 -28.85 -20.75
CA GLY G 145 30.76 -28.54 -21.73
C GLY G 145 31.47 -29.74 -22.31
N LYS G 146 30.73 -30.81 -22.59
CA LYS G 146 31.30 -31.99 -23.24
C LYS G 146 30.95 -32.09 -24.71
N ARG G 147 29.92 -31.39 -25.17
CA ARG G 147 29.55 -31.38 -26.57
C ARG G 147 29.16 -29.96 -26.97
N ALA G 148 29.37 -29.64 -28.25
CA ALA G 148 28.99 -28.34 -28.75
C ALA G 148 27.47 -28.22 -28.78
N PRO G 149 26.94 -27.02 -28.52
CA PRO G 149 25.48 -26.84 -28.54
C PRO G 149 24.89 -27.17 -29.89
N GLY G 150 23.86 -28.02 -29.89
CA GLY G 150 23.21 -28.41 -31.12
C GLY G 150 23.99 -29.41 -31.94
N ASP G 151 25.11 -29.91 -31.44
CA ASP G 151 25.95 -30.84 -32.18
C ASP G 151 25.58 -32.25 -31.76
N TYR G 152 24.77 -32.91 -32.57
CA TYR G 152 24.42 -34.30 -32.35
C TYR G 152 25.30 -35.25 -33.14
N SER G 153 26.32 -34.73 -33.83
CA SER G 153 27.28 -35.54 -34.58
C SER G 153 26.58 -36.36 -35.66
N PHE G 154 25.52 -35.81 -36.24
CA PHE G 154 24.74 -36.50 -37.26
C PHE G 154 25.16 -35.97 -38.62
N ASP G 155 26.13 -36.65 -39.23
CA ASP G 155 26.56 -36.35 -40.60
C ASP G 155 26.80 -37.66 -41.33
N PRO G 156 25.72 -38.38 -41.66
CA PRO G 156 25.90 -39.68 -42.33
C PRO G 156 26.49 -39.56 -43.72
N LEU G 157 26.26 -38.45 -44.41
CA LEU G 157 26.81 -38.23 -45.74
C LEU G 157 28.17 -37.55 -45.71
N ASN G 158 28.71 -37.31 -44.52
CA ASN G 158 29.99 -36.62 -44.31
C ASN G 158 30.14 -35.43 -45.26
N LEU G 159 29.11 -34.59 -45.28
CA LEU G 159 29.15 -33.40 -46.14
C LEU G 159 30.17 -32.39 -45.64
N SER G 160 30.28 -32.23 -44.32
CA SER G 160 31.24 -31.31 -43.74
C SER G 160 31.96 -31.92 -42.55
N ALA G 161 32.14 -33.24 -42.55
CA ALA G 161 32.79 -33.93 -41.44
C ALA G 161 34.30 -33.94 -41.57
N ASN G 162 34.81 -34.35 -42.73
CA ASN G 162 36.25 -34.42 -42.91
C ASN G 162 36.88 -33.04 -43.02
N ASP G 163 36.18 -32.08 -43.60
CA ASP G 163 36.69 -30.74 -43.80
C ASP G 163 36.19 -29.83 -42.69
N LEU G 164 37.09 -29.03 -42.13
CA LEU G 164 36.72 -28.11 -41.06
C LEU G 164 36.30 -26.74 -41.57
N GLU G 165 36.92 -26.27 -42.66
CA GLU G 165 36.56 -24.96 -43.18
C GLU G 165 35.12 -24.93 -43.67
N LYS G 166 34.68 -26.00 -44.33
CA LYS G 166 33.30 -26.07 -44.79
C LYS G 166 32.32 -26.20 -43.62
N ARG G 167 32.79 -26.69 -42.47
CA ARG G 167 31.89 -26.92 -41.35
C ARG G 167 31.31 -25.62 -40.81
N GLU G 168 32.17 -24.60 -40.63
CA GLU G 168 31.64 -23.35 -40.10
C GLU G 168 30.80 -22.61 -41.14
N ARG G 169 31.13 -22.74 -42.43
CA ARG G 169 30.29 -22.17 -43.45
C ARG G 169 28.91 -22.82 -43.45
N TYR G 170 28.86 -24.14 -43.36
CA TYR G 170 27.57 -24.81 -43.29
C TYR G 170 26.84 -24.48 -41.99
N ALA G 171 27.56 -24.27 -40.91
CA ALA G 171 26.92 -23.87 -39.66
C ALA G 171 26.28 -22.49 -39.80
N LEU G 172 26.98 -21.56 -40.45
CA LEU G 172 26.39 -20.25 -40.70
C LEU G 172 25.17 -20.36 -41.59
N ALA G 173 25.27 -21.17 -42.65
CA ALA G 173 24.12 -21.35 -43.53
C ALA G 173 22.96 -21.99 -42.78
N GLU G 174 23.24 -22.96 -41.93
CA GLU G 174 22.20 -23.65 -41.17
C GLU G 174 21.51 -22.69 -40.21
N ILE G 175 22.28 -21.86 -39.51
CA ILE G 175 21.65 -20.94 -38.57
C ILE G 175 20.85 -19.87 -39.31
N LYS G 176 21.37 -19.40 -40.45
CA LYS G 176 20.63 -18.43 -41.24
C LYS G 176 19.31 -19.02 -41.73
N HIS G 177 19.36 -20.23 -42.27
CA HIS G 177 18.14 -20.88 -42.71
C HIS G 177 17.22 -21.19 -41.55
N SER G 178 17.76 -21.45 -40.37
CA SER G 178 16.93 -21.68 -39.19
C SER G 178 16.10 -20.45 -38.86
N ARG G 179 16.77 -19.30 -38.77
CA ARG G 179 16.04 -18.06 -38.52
C ARG G 179 15.03 -17.76 -39.63
N LEU G 180 15.46 -17.91 -40.88
CA LEU G 180 14.56 -17.64 -41.99
C LEU G 180 13.36 -18.57 -41.97
N ALA G 181 13.57 -19.82 -41.60
CA ALA G 181 12.49 -20.80 -41.56
C ALA G 181 11.51 -20.50 -40.44
N MET G 182 12.01 -20.11 -39.27
CA MET G 182 11.10 -19.75 -38.20
C MET G 182 10.22 -18.59 -38.62
N LEU G 183 10.83 -17.55 -39.19
CA LEU G 183 10.05 -16.42 -39.66
C LEU G 183 9.05 -16.84 -40.73
N ALA G 184 9.49 -17.67 -41.67
CA ALA G 184 8.64 -18.05 -42.79
C ALA G 184 7.47 -18.91 -42.34
N PHE G 185 7.70 -19.85 -41.42
CA PHE G 185 6.58 -20.67 -40.94
C PHE G 185 5.58 -19.82 -40.18
N SER G 186 6.05 -18.92 -39.30
CA SER G 186 5.10 -18.05 -38.62
C SER G 186 4.31 -17.23 -39.63
N GLY G 187 4.98 -16.76 -40.68
CA GLY G 187 4.30 -15.96 -41.68
C GLY G 187 3.26 -16.75 -42.44
N MET G 188 3.60 -17.96 -42.86
CA MET G 188 2.64 -18.78 -43.61
C MET G 188 1.43 -19.12 -42.76
N VAL G 189 1.66 -19.45 -41.49
CA VAL G 189 0.54 -19.79 -40.60
C VAL G 189 -0.37 -18.58 -40.40
N HIS G 190 0.22 -17.42 -40.12
CA HIS G 190 -0.63 -16.26 -39.87
C HIS G 190 -1.24 -15.69 -41.15
N GLN G 191 -0.66 -15.99 -42.31
CA GLN G 191 -1.33 -15.67 -43.56
C GLN G 191 -2.54 -16.57 -43.77
N TYR G 192 -2.41 -17.85 -43.43
CA TYR G 192 -3.56 -18.74 -43.53
C TYR G 192 -4.66 -18.35 -42.56
N PHE G 193 -4.29 -17.90 -41.35
CA PHE G 193 -5.30 -17.62 -40.35
C PHE G 193 -6.24 -16.51 -40.74
N ILE G 194 -5.85 -15.62 -41.64
CA ILE G 194 -6.65 -14.45 -41.96
C ILE G 194 -7.12 -14.52 -43.41
N THR G 195 -6.33 -15.19 -44.26
CA THR G 195 -6.68 -15.32 -45.65
C THR G 195 -7.51 -16.55 -45.94
N ASN G 196 -7.35 -17.60 -45.14
CA ASN G 196 -8.00 -18.89 -45.37
C ASN G 196 -7.67 -19.42 -46.76
N GLN G 197 -6.41 -19.27 -47.17
CA GLN G 197 -5.92 -19.79 -48.43
C GLN G 197 -4.58 -20.47 -48.20
N GLY G 198 -4.26 -21.40 -49.09
CA GLY G 198 -2.96 -22.04 -49.02
C GLY G 198 -1.84 -21.12 -49.46
N VAL G 199 -0.61 -21.53 -49.11
CA VAL G 199 0.56 -20.73 -49.48
C VAL G 199 0.72 -20.68 -50.99
N ILE G 200 0.60 -21.83 -51.66
CA ILE G 200 0.62 -21.82 -53.11
C ILE G 200 -0.61 -21.11 -53.66
N GLU G 201 -1.75 -21.26 -52.98
CA GLU G 201 -2.96 -20.59 -53.41
C GLU G 201 -2.82 -19.07 -53.30
N GLN G 202 -2.17 -18.59 -52.24
CA GLN G 202 -2.09 -17.15 -52.03
C GLN G 202 -1.14 -16.48 -53.01
N ILE G 203 -0.05 -17.15 -53.39
CA ILE G 203 0.89 -16.57 -54.35
C ILE G 203 0.40 -16.67 -55.79
N ASN G 204 -0.75 -17.30 -56.02
CA ASN G 204 -1.35 -17.34 -57.34
C ASN G 204 -2.71 -16.66 -57.40
N ASN G 205 -3.41 -16.52 -56.28
CA ASN G 205 -4.71 -15.89 -56.21
C ASN G 205 -4.73 -14.85 -55.11
N PHE G 206 -3.71 -13.97 -55.11
CA PHE G 206 -3.51 -13.00 -54.06
C PHE G 206 -4.71 -12.07 -53.89
N ARG G 207 -5.38 -12.16 -52.75
CA ARG G 207 -6.52 -11.32 -52.42
C ARG G 207 -6.24 -10.56 -51.13
N PRO G 208 -6.52 -9.26 -51.08
CA PRO G 208 -6.37 -8.53 -49.83
C PRO G 208 -7.37 -9.00 -48.78
N ILE G 209 -7.01 -8.81 -47.52
CA ILE G 209 -7.83 -9.31 -46.42
C ILE G 209 -9.08 -8.44 -46.23
N ASN G 210 -10.07 -9.01 -45.57
CA ASN G 210 -11.25 -8.30 -45.07
C ASN G 210 -12.03 -7.59 -46.15
N GLY G 211 -11.86 -7.98 -47.42
CA GLY G 211 -12.56 -7.31 -48.50
C GLY G 211 -12.22 -5.85 -48.67
N PHE G 212 -10.97 -5.48 -48.41
CA PHE G 212 -10.51 -4.10 -48.46
C PHE G 212 -10.50 -3.47 -49.85
N PRO G 213 -10.43 -4.24 -50.95
CA PRO G 213 -10.54 -3.60 -52.27
C PRO G 213 -11.75 -2.69 -52.42
N ASP G 214 -12.90 -3.07 -51.87
CA ASP G 214 -14.12 -2.27 -51.96
C ASP G 214 -14.78 -2.15 -50.60
N ALA G 215 -13.99 -1.81 -49.58
CA ALA G 215 -14.49 -1.61 -48.23
C ALA G 215 -14.63 -0.12 -47.94
N THR G 216 -15.65 0.24 -47.17
CA THR G 216 -15.90 1.62 -46.78
C THR G 216 -16.11 1.70 -45.28
N PHE G 217 -15.58 2.76 -44.68
CA PHE G 217 -15.67 2.98 -43.23
C PHE G 217 -15.15 1.77 -42.46
N SER G 218 -13.94 1.35 -42.79
CA SER G 218 -13.31 0.22 -42.12
C SER G 218 -12.51 0.68 -40.92
N GLU H 83 -12.63 -39.99 -29.53
CA GLU H 83 -13.20 -41.22 -29.00
C GLU H 83 -12.38 -41.85 -27.86
N PRO H 84 -11.06 -41.99 -28.02
CA PRO H 84 -10.27 -42.54 -26.92
C PRO H 84 -10.35 -41.65 -25.69
N GLN H 85 -10.34 -42.27 -24.52
CA GLN H 85 -10.48 -41.56 -23.26
C GLN H 85 -9.42 -42.02 -22.29
N GLY H 86 -9.13 -41.16 -21.31
CA GLY H 86 -8.12 -41.48 -20.34
C GLY H 86 -6.72 -41.36 -20.92
N LEU H 87 -5.84 -42.25 -20.45
CA LEU H 87 -4.44 -42.20 -20.85
C LEU H 87 -4.26 -42.47 -22.35
N THR H 88 -5.17 -43.23 -22.95
CA THR H 88 -5.05 -43.46 -24.39
C THR H 88 -5.45 -42.25 -25.22
N ALA H 89 -6.04 -41.23 -24.61
CA ALA H 89 -6.49 -40.07 -25.36
C ALA H 89 -5.30 -39.20 -25.75
N PRO H 90 -5.31 -38.64 -26.97
CA PRO H 90 -4.24 -37.71 -27.35
C PRO H 90 -4.16 -36.47 -26.48
N ILE H 91 -5.28 -36.05 -25.88
CA ILE H 91 -5.26 -34.90 -25.01
C ILE H 91 -4.33 -35.14 -23.82
N VAL H 92 -4.44 -36.32 -23.21
CA VAL H 92 -3.52 -36.66 -22.13
C VAL H 92 -2.10 -36.79 -22.66
N HIS H 93 -1.94 -37.17 -23.92
CA HIS H 93 -0.60 -37.27 -24.48
C HIS H 93 0.08 -35.91 -24.54
N PHE H 94 -0.60 -34.90 -25.08
CA PHE H 94 0.05 -33.60 -25.16
C PHE H 94 0.12 -32.94 -23.79
N GLY H 95 -0.83 -33.23 -22.90
CA GLY H 95 -0.68 -32.78 -21.53
C GLY H 95 0.55 -33.37 -20.87
N SER H 96 0.83 -34.65 -21.12
CA SER H 96 2.00 -35.29 -20.57
C SER H 96 3.28 -34.70 -21.15
N VAL H 97 3.29 -34.42 -22.45
CA VAL H 97 4.50 -33.83 -23.02
C VAL H 97 4.73 -32.43 -22.49
N ILE H 98 3.65 -31.66 -22.24
CA ILE H 98 3.81 -30.34 -21.63
C ILE H 98 4.31 -30.47 -20.20
N SER H 99 3.79 -31.45 -19.46
CA SER H 99 4.25 -31.65 -18.09
C SER H 99 5.73 -32.03 -18.06
N LEU H 100 6.15 -32.91 -18.95
CA LEU H 100 7.56 -33.24 -19.05
C LEU H 100 8.39 -32.04 -19.47
N TRP H 101 7.83 -31.18 -20.32
CA TRP H 101 8.53 -29.96 -20.69
C TRP H 101 8.78 -29.07 -19.48
N LEU H 102 7.78 -28.90 -18.62
CA LEU H 102 7.99 -28.09 -17.43
C LEU H 102 8.95 -28.77 -16.45
N LEU H 103 8.79 -30.09 -16.27
CA LEU H 103 9.64 -30.83 -15.34
C LEU H 103 11.10 -30.78 -15.76
N PHE H 104 11.37 -30.78 -17.06
CA PHE H 104 12.73 -30.59 -17.54
C PHE H 104 13.10 -29.13 -17.70
N ALA H 105 12.12 -28.23 -17.68
CA ALA H 105 12.42 -26.81 -17.76
C ALA H 105 13.00 -26.32 -16.46
N LEU H 106 12.61 -26.92 -15.34
CA LEU H 106 13.21 -26.53 -14.07
C LEU H 106 14.73 -26.72 -14.06
N PRO H 107 15.27 -27.92 -14.31
CA PRO H 107 16.72 -28.10 -14.18
C PRO H 107 17.55 -27.51 -15.31
N VAL H 108 17.10 -27.60 -16.56
CA VAL H 108 17.93 -27.10 -17.65
C VAL H 108 18.07 -25.58 -17.56
N TRP H 109 16.98 -24.87 -17.29
CA TRP H 109 17.10 -23.42 -17.20
C TRP H 109 17.62 -22.97 -15.85
N SER H 110 17.46 -23.77 -14.79
CA SER H 110 18.18 -23.48 -13.55
C SER H 110 19.68 -23.56 -13.76
N ALA H 111 20.14 -24.58 -14.50
CA ALA H 111 21.57 -24.73 -14.76
C ALA H 111 22.07 -23.64 -15.70
N ALA H 112 21.30 -23.32 -16.73
CA ALA H 112 21.68 -22.21 -17.60
C ALA H 112 21.74 -20.90 -16.83
N TYR H 113 20.88 -20.74 -15.82
CA TYR H 113 20.94 -19.56 -14.96
C TYR H 113 22.21 -19.59 -14.11
N LYS H 114 22.50 -20.73 -13.48
CA LYS H 114 23.68 -20.83 -12.64
C LYS H 114 24.96 -20.60 -13.43
N ALA H 115 24.93 -20.92 -14.73
CA ALA H 115 26.10 -20.65 -15.56
C ALA H 115 26.28 -19.16 -15.80
N ALA H 116 25.19 -18.44 -16.09
CA ALA H 116 25.24 -17.01 -16.35
C ALA H 116 24.95 -16.17 -15.10
N GLY H 117 23.74 -16.30 -14.56
CA GLY H 117 23.36 -15.63 -13.34
C GLY H 117 23.19 -14.13 -13.42
N ALA H 118 23.58 -13.50 -14.52
CA ALA H 118 23.56 -12.04 -14.64
C ALA H 118 24.36 -11.39 -13.51
N ASP H 119 25.48 -12.02 -13.16
CA ASP H 119 26.33 -11.55 -12.07
C ASP H 119 27.51 -10.72 -12.54
N THR H 120 27.61 -10.45 -13.84
CA THR H 120 28.66 -9.59 -14.34
C THR H 120 28.45 -8.16 -13.84
N ALA H 121 29.54 -7.41 -13.74
CA ALA H 121 29.44 -6.06 -13.19
C ALA H 121 29.00 -5.06 -14.24
N GLU H 122 27.95 -5.41 -15.00
CA GLU H 122 27.22 -4.43 -15.80
C GLU H 122 25.72 -4.64 -15.77
N TRP H 123 25.22 -5.79 -15.33
CA TRP H 123 23.79 -6.03 -15.21
C TRP H 123 23.30 -5.32 -13.95
N VAL H 124 22.96 -4.05 -14.10
CA VAL H 124 22.44 -3.25 -13.00
C VAL H 124 21.12 -2.65 -13.44
N GLY H 125 20.24 -2.43 -12.47
CA GLY H 125 18.99 -1.77 -12.76
C GLY H 125 19.18 -0.30 -13.07
N VAL H 126 18.28 0.24 -13.87
CA VAL H 126 18.33 1.66 -14.25
C VAL H 126 17.01 2.31 -13.89
N SER H 127 17.08 3.61 -13.62
CA SER H 127 15.89 4.39 -13.29
C SER H 127 16.15 5.83 -13.66
N GLN H 128 15.10 6.53 -14.07
CA GLN H 128 15.22 7.94 -14.39
C GLN H 128 15.32 8.81 -13.15
N VAL H 129 15.03 8.27 -11.97
CA VAL H 129 14.98 9.07 -10.76
C VAL H 129 16.39 9.28 -10.23
N THR H 130 16.73 10.52 -9.91
CA THR H 130 17.99 10.82 -9.26
C THR H 130 17.89 10.53 -7.76
N GLU H 131 19.04 10.55 -7.10
CA GLU H 131 19.07 10.25 -5.67
C GLU H 131 18.43 11.36 -4.84
N ASP H 132 18.45 12.60 -5.33
CA ASP H 132 17.95 13.72 -4.56
C ASP H 132 16.43 13.73 -4.43
N ALA H 133 15.73 12.87 -5.14
CA ALA H 133 14.27 12.83 -5.03
C ALA H 133 13.86 12.34 -3.63
N PRO H 134 12.80 12.90 -3.06
CA PRO H 134 12.38 12.46 -1.73
C PRO H 134 11.86 11.04 -1.74
N GLY H 135 11.99 10.37 -0.60
CA GLY H 135 11.53 9.02 -0.43
C GLY H 135 12.61 7.98 -0.59
N ILE H 136 13.75 8.33 -1.15
CA ILE H 136 14.85 7.39 -1.31
C ILE H 136 15.56 7.22 0.02
N GLY H 137 15.72 5.96 0.44
CA GLY H 137 16.38 5.67 1.69
C GLY H 137 17.88 5.80 1.59
N LEU H 138 18.54 5.63 2.74
CA LEU H 138 20.00 5.72 2.78
C LEU H 138 20.65 4.38 2.46
N TYR H 139 20.05 3.27 2.90
CA TYR H 139 20.54 1.94 2.61
C TYR H 139 19.47 1.16 1.87
N GLY H 140 19.87 0.04 1.27
CA GLY H 140 18.94 -0.74 0.49
C GLY H 140 17.87 -1.41 1.33
N LYS H 141 18.26 -2.41 2.11
CA LYS H 141 17.33 -3.13 2.98
C LYS H 141 17.80 -2.91 4.40
N TYR H 142 17.11 -2.01 5.12
CA TYR H 142 17.60 -1.56 6.42
C TYR H 142 17.29 -2.58 7.52
N ALA H 143 16.00 -2.92 7.68
CA ALA H 143 15.54 -3.84 8.71
C ALA H 143 16.01 -3.40 10.09
N PRO H 144 15.44 -2.32 10.63
CA PRO H 144 15.91 -1.81 11.92
C PRO H 144 15.59 -2.77 13.06
N GLU H 145 16.41 -2.71 14.09
CA GLU H 145 16.14 -3.42 15.33
C GLU H 145 15.09 -2.65 16.13
N TYR H 146 14.04 -3.34 16.56
CA TYR H 146 12.88 -2.65 17.13
C TYR H 146 13.09 -2.28 18.59
N ASP H 147 13.18 -3.29 19.46
CA ASP H 147 13.39 -3.08 20.89
C ASP H 147 12.42 -2.04 21.47
N GLY H 148 11.14 -2.21 21.17
CA GLY H 148 10.15 -1.25 21.58
C GLY H 148 8.97 -1.88 22.31
N PRO H 149 7.86 -1.15 22.39
CA PRO H 149 6.66 -1.69 23.03
C PRO H 149 6.14 -2.93 22.31
N THR H 150 5.52 -3.82 23.09
CA THR H 150 5.04 -5.07 22.54
C THR H 150 3.81 -4.85 21.65
N PHE H 151 3.38 -5.93 21.00
CA PHE H 151 2.21 -5.87 20.12
C PHE H 151 0.94 -5.57 20.93
N ARG H 152 0.84 -6.13 22.13
CA ARG H 152 -0.32 -5.85 22.98
C ARG H 152 -0.37 -4.38 23.36
N GLU H 153 0.79 -3.78 23.67
CA GLU H 153 0.83 -2.36 23.98
C GLU H 153 0.49 -1.52 22.75
N GLY H 154 0.88 -1.96 21.56
CA GLY H 154 0.47 -1.27 20.36
C GLY H 154 -1.03 -1.31 20.15
N LEU H 155 -1.64 -2.47 20.39
CA LEU H 155 -3.09 -2.57 20.31
C LEU H 155 -3.77 -1.69 21.34
N GLU H 156 -3.20 -1.61 22.55
CA GLU H 156 -3.74 -0.72 23.56
C GLU H 156 -3.60 0.75 23.15
N TYR H 157 -2.51 1.10 22.45
CA TYR H 157 -2.36 2.45 21.92
C TYR H 157 -3.42 2.74 20.85
N VAL H 158 -3.68 1.77 19.97
CA VAL H 158 -4.72 1.95 18.97
C VAL H 158 -6.09 2.07 19.63
N LEU H 159 -6.31 1.37 20.74
CA LEU H 159 -7.56 1.52 21.49
C LEU H 159 -7.63 2.88 22.18
N SER H 160 -6.50 3.37 22.68
CA SER H 160 -6.45 4.70 23.28
C SER H 160 -6.69 5.79 22.25
N PHE H 161 -6.47 5.48 20.97
CA PHE H 161 -6.95 6.37 19.92
C PHE H 161 -8.46 6.61 20.05
N ALA H 162 -9.19 5.62 20.55
CA ALA H 162 -10.64 5.69 20.67
C ALA H 162 -11.11 6.14 22.04
N TRP H 163 -10.55 5.60 23.11
CA TRP H 163 -11.08 5.91 24.44
C TRP H 163 -10.36 7.03 25.16
N LYS H 164 -9.29 7.61 24.59
CA LYS H 164 -8.64 8.78 25.17
C LYS H 164 -7.82 9.50 24.10
N PRO H 165 -8.48 10.09 23.10
CA PRO H 165 -7.74 10.88 22.12
C PRO H 165 -7.26 12.18 22.75
N PRO H 166 -6.12 12.70 22.32
CA PRO H 166 -5.66 13.99 22.85
C PRO H 166 -6.49 15.14 22.31
N ILE H 167 -7.74 15.24 22.77
CA ILE H 167 -8.69 16.19 22.19
C ILE H 167 -9.16 17.16 23.26
N LEU H 168 -9.74 16.64 24.33
CA LEU H 168 -10.20 17.52 25.40
C LEU H 168 -9.07 17.92 26.35
N ILE H 169 -7.89 17.32 26.20
CA ILE H 169 -6.75 17.76 27.00
C ILE H 169 -6.27 19.12 26.55
N ALA H 170 -6.63 19.54 25.34
CA ALA H 170 -6.26 20.87 24.87
C ALA H 170 -6.90 21.95 25.73
N TRP H 171 -8.18 21.76 26.09
CA TRP H 171 -8.91 22.75 26.86
C TRP H 171 -8.83 22.44 28.35
N LYS H 172 -7.60 22.39 28.82
CA LYS H 172 -7.19 22.17 30.18
C LYS H 172 -6.48 23.40 30.73
N PRO H 173 -6.64 23.71 32.01
CA PRO H 173 -5.99 24.90 32.57
C PRO H 173 -4.48 24.85 32.39
N ARG H 174 -3.89 26.04 32.19
CA ARG H 174 -2.46 26.14 31.96
C ARG H 174 -1.67 25.63 33.16
N ALA H 175 -0.48 25.13 32.88
CA ALA H 175 0.49 24.87 33.93
C ALA H 175 1.13 26.19 34.36
N ASP H 176 1.89 26.13 35.45
CA ASP H 176 2.57 27.30 36.01
C ASP H 176 1.57 28.38 36.42
N LEU H 177 0.36 27.96 36.81
CA LEU H 177 -0.64 28.87 37.34
C LEU H 177 -0.74 28.68 38.85
N ASP H 178 -0.64 29.78 39.59
CA ASP H 178 -0.74 29.75 41.04
C ASP H 178 -1.24 31.10 41.53
N ARG H 179 -1.79 31.12 42.74
CA ARG H 179 -2.22 32.37 43.34
C ARG H 179 -1.10 33.01 44.16
N ALA H 180 0.07 33.08 43.55
CA ALA H 180 1.22 33.82 44.08
C ALA H 180 1.83 34.75 43.05
N MET H 181 1.90 34.32 41.79
CA MET H 181 2.35 35.19 40.71
C MET H 181 1.18 35.88 40.02
N MET H 182 0.03 35.23 39.97
CA MET H 182 -1.15 35.85 39.39
C MET H 182 -1.53 37.06 40.24
N ASP H 183 -1.27 38.24 39.72
CA ASP H 183 -1.64 39.47 40.41
C ASP H 183 -3.15 39.53 40.51
N PRO H 184 -3.73 39.59 41.71
CA PRO H 184 -5.18 39.76 41.81
C PRO H 184 -5.66 41.02 41.11
N ALA H 185 -4.83 42.06 41.09
CA ALA H 185 -5.15 43.30 40.40
C ALA H 185 -5.27 43.13 38.90
N ARG H 186 -5.13 41.90 38.38
CA ARG H 186 -5.34 41.63 36.97
C ARG H 186 -6.41 40.57 36.74
N ASP H 187 -7.21 40.25 37.75
CA ASP H 187 -8.17 39.17 37.63
C ASP H 187 -9.35 39.55 36.73
N THR H 188 -9.91 38.54 36.08
CA THR H 188 -11.01 38.72 35.15
C THR H 188 -12.13 37.75 35.50
N VAL H 189 -13.19 37.78 34.70
CA VAL H 189 -14.38 36.99 35.01
C VAL H 189 -14.03 35.50 35.03
N VAL H 190 -13.35 35.03 33.98
CA VAL H 190 -12.99 33.62 33.92
C VAL H 190 -11.92 33.29 34.95
N SER H 191 -10.95 34.20 35.15
CA SER H 191 -9.91 33.94 36.14
C SER H 191 -10.48 33.90 37.56
N SER H 192 -11.36 34.84 37.90
CA SER H 192 -11.96 34.82 39.23
C SER H 192 -12.86 33.60 39.40
N LEU H 193 -13.65 33.27 38.36
CA LEU H 193 -14.49 32.09 38.44
C LEU H 193 -13.67 30.82 38.54
N TYR H 194 -12.45 30.84 37.99
CA TYR H 194 -11.57 29.69 38.05
C TYR H 194 -10.92 29.57 39.43
N LYS H 195 -10.55 30.69 40.03
CA LYS H 195 -10.04 30.65 41.40
C LYS H 195 -11.13 30.23 42.39
N SER H 196 -12.37 30.70 42.18
CA SER H 196 -13.45 30.34 43.08
C SER H 196 -13.82 28.87 42.95
N LEU H 197 -13.59 28.28 41.78
CA LEU H 197 -13.87 26.86 41.57
C LEU H 197 -12.67 25.98 41.87
N GLY H 198 -11.80 26.42 42.77
CA GLY H 198 -10.64 25.63 43.15
C GLY H 198 -9.61 25.44 42.05
N GLY H 199 -9.30 26.51 41.32
CA GLY H 199 -8.30 26.45 40.27
C GLY H 199 -6.93 26.88 40.75
N ALA H 200 -5.92 26.45 40.01
CA ALA H 200 -4.52 26.75 40.34
C ALA H 200 -4.19 26.32 41.76
N LEU H 201 -4.71 25.16 42.16
CA LEU H 201 -4.54 24.65 43.52
C LEU H 201 -3.24 23.84 43.61
N ASP H 202 -2.12 24.55 43.46
CA ASP H 202 -0.81 23.97 43.67
C ASP H 202 -0.35 24.06 45.11
N LYS H 203 -1.12 24.72 45.98
CA LYS H 203 -0.82 24.83 47.39
C LYS H 203 -1.48 23.73 48.21
N THR H 204 -2.14 22.76 47.56
CA THR H 204 -2.83 21.68 48.23
C THR H 204 -1.91 20.51 48.57
N ALA H 205 -0.60 20.74 48.63
CA ALA H 205 0.32 19.69 49.01
C ALA H 205 0.18 19.29 50.46
N VAL H 206 -0.51 20.10 51.27
CA VAL H 206 -0.74 19.75 52.66
C VAL H 206 -1.80 18.66 52.75
N TYR H 207 -1.61 17.74 53.69
CA TYR H 207 -2.58 16.70 53.99
C TYR H 207 -3.23 16.97 55.34
N ASP H 208 -4.36 16.30 55.56
CA ASP H 208 -5.12 16.53 56.80
C ASP H 208 -4.33 16.09 58.03
N GLU H 209 -3.62 14.97 57.92
CA GLU H 209 -2.80 14.43 59.01
C GLU H 209 -3.62 14.16 60.26
N GLU H 210 -4.88 13.80 60.08
CA GLU H 210 -5.75 13.37 61.17
C GLU H 210 -6.35 12.01 60.80
N ASP H 211 -6.41 11.11 61.79
CA ASP H 211 -6.87 9.75 61.51
C ASP H 211 -8.32 9.74 61.05
N GLN H 212 -9.18 10.51 61.72
CA GLN H 212 -10.61 10.60 61.43
C GLN H 212 -11.34 9.26 61.57
N LEU H 213 -10.64 8.22 62.03
CA LEU H 213 -11.27 6.96 62.41
C LEU H 213 -10.75 6.48 63.75
N LEU H 214 -9.97 7.29 64.45
CA LEU H 214 -9.34 6.91 65.71
C LEU H 214 -10.37 6.99 66.83
N ILE H 215 -10.78 5.83 67.35
CA ILE H 215 -11.61 5.77 68.54
C ILE H 215 -10.72 5.85 69.76
N LEU H 216 -11.01 6.79 70.66
CA LEU H 216 -10.17 6.99 71.83
C LEU H 216 -10.21 5.77 72.73
N SER H 217 -9.05 5.39 73.26
CA SER H 217 -8.92 4.21 74.10
C SER H 217 -8.17 4.52 75.40
N ASP H 218 -8.16 5.78 75.83
CA ASP H 218 -7.47 6.19 77.05
C ASP H 218 -8.38 5.93 78.25
N MET H 219 -8.48 4.66 78.62
CA MET H 219 -9.26 4.27 79.79
C MET H 219 -8.51 4.62 81.06
N GLU H 220 -9.26 5.04 82.08
CA GLU H 220 -8.70 5.43 83.36
C GLU H 220 -9.13 4.43 84.43
N THR H 221 -8.17 4.02 85.27
CA THR H 221 -8.42 3.06 86.34
C THR H 221 -8.74 3.81 87.62
N PHE H 222 -9.94 3.57 88.16
CA PHE H 222 -10.33 4.19 89.42
C PHE H 222 -9.57 3.55 90.57
N PRO H 223 -8.95 4.34 91.45
CA PRO H 223 -8.26 3.75 92.60
C PRO H 223 -9.24 3.05 93.53
N GLU H 224 -8.79 1.93 94.10
CA GLU H 224 -9.62 1.13 94.99
C GLU H 224 -9.51 1.67 96.42
N THR H 225 -10.66 1.91 97.03
CA THR H 225 -10.71 2.45 98.39
C THR H 225 -10.69 1.32 99.41
N GLU H 226 -10.45 1.70 100.67
CA GLU H 226 -10.51 0.72 101.75
C GLU H 226 -11.91 0.15 101.91
N LEU H 227 -12.93 1.01 101.80
CA LEU H 227 -14.31 0.56 101.69
C LEU H 227 -14.51 0.12 100.24
N GLY H 228 -14.52 -1.19 100.03
CA GLY H 228 -14.45 -1.76 98.70
C GLY H 228 -13.38 -2.83 98.68
N ARG H 229 -12.27 -2.57 99.35
CA ARG H 229 -11.36 -3.66 99.71
C ARG H 229 -11.95 -4.49 100.84
N ARG H 230 -12.75 -3.88 101.70
CA ARG H 230 -13.54 -4.62 102.68
C ARG H 230 -14.82 -5.20 102.06
N ARG H 231 -15.14 -4.83 100.82
CA ARG H 231 -16.33 -5.35 100.16
C ARG H 231 -16.04 -6.43 99.13
N VAL H 232 -14.83 -6.45 98.56
CA VAL H 232 -14.40 -7.65 97.84
C VAL H 232 -14.20 -8.81 98.80
N ALA H 233 -13.71 -8.51 100.01
CA ALA H 233 -13.82 -9.44 101.11
C ALA H 233 -15.24 -9.41 101.66
N GLN H 234 -15.60 -10.45 102.42
CA GLN H 234 -16.94 -10.63 102.97
C GLN H 234 -17.92 -11.01 101.86
N ALA H 235 -17.46 -10.95 100.61
CA ALA H 235 -18.19 -11.44 99.45
C ALA H 235 -17.48 -12.59 98.77
N GLU H 236 -16.14 -12.54 98.70
CA GLU H 236 -15.37 -13.70 98.25
C GLU H 236 -15.51 -14.85 99.24
N ALA H 237 -15.62 -14.55 100.54
CA ALA H 237 -15.85 -15.58 101.52
C ALA H 237 -17.29 -16.09 101.48
N ALA H 238 -18.23 -15.25 101.04
CA ALA H 238 -19.63 -15.64 101.00
C ALA H 238 -19.98 -16.53 99.82
N GLY H 239 -19.10 -16.64 98.82
CA GLY H 239 -19.34 -17.45 97.65
C GLY H 239 -19.28 -16.72 96.33
N TRP H 240 -19.18 -15.39 96.33
CA TRP H 240 -19.06 -14.64 95.09
C TRP H 240 -17.65 -14.83 94.51
N PHE H 241 -17.48 -14.34 93.28
CA PHE H 241 -16.27 -14.45 92.47
C PHE H 241 -16.00 -15.88 92.00
N THR H 242 -16.83 -16.86 92.39
CA THR H 242 -16.62 -18.25 92.04
C THR H 242 -17.85 -18.80 91.34
N GLY H 243 -17.62 -19.65 90.34
CA GLY H 243 -18.72 -20.36 89.69
C GLY H 243 -18.92 -19.98 88.24
N ASN H 244 -18.85 -18.69 87.94
CA ASN H 244 -19.04 -18.17 86.58
C ASN H 244 -17.91 -17.19 86.29
N PRO H 245 -16.74 -17.70 85.88
CA PRO H 245 -15.59 -16.81 85.68
C PRO H 245 -15.72 -15.88 84.48
N SER H 246 -16.65 -16.13 83.57
CA SER H 246 -16.81 -15.33 82.35
C SER H 246 -18.18 -14.69 82.27
N PHE H 247 -18.65 -14.14 83.39
CA PHE H 247 -19.99 -13.56 83.43
C PHE H 247 -20.00 -12.14 82.85
N GLY H 248 -19.27 -11.23 83.47
CA GLY H 248 -19.30 -9.84 83.05
C GLY H 248 -18.20 -9.46 82.09
N LYS H 249 -17.57 -10.45 81.47
CA LYS H 249 -16.46 -10.23 80.56
C LYS H 249 -16.87 -10.58 79.15
N SER H 250 -16.40 -9.78 78.19
CA SER H 250 -16.70 -10.03 76.78
C SER H 250 -15.84 -11.18 76.27
N LEU H 251 -16.09 -11.59 75.02
CA LEU H 251 -15.34 -12.70 74.44
C LEU H 251 -13.86 -12.36 74.32
N ILE H 252 -13.55 -11.17 73.80
CA ILE H 252 -12.15 -10.75 73.70
C ILE H 252 -11.55 -10.55 75.08
N GLU H 253 -12.30 -9.95 76.00
CA GLU H 253 -11.78 -9.71 77.34
C GLU H 253 -11.50 -11.02 78.07
N TYR H 254 -12.40 -12.00 77.95
CA TYR H 254 -12.17 -13.30 78.57
C TYR H 254 -11.10 -14.11 77.85
N SER H 255 -10.87 -13.83 76.56
CA SER H 255 -9.78 -14.48 75.84
C SER H 255 -8.43 -13.90 76.22
N GLU H 256 -8.38 -12.61 76.56
CA GLU H 256 -7.12 -12.01 76.99
C GLU H 256 -6.65 -12.62 78.30
N GLU H 257 -7.56 -12.87 79.24
CA GLU H 257 -7.24 -13.67 80.40
C GLU H 257 -7.34 -15.15 80.04
N THR H 258 -7.05 -16.01 81.01
CA THR H 258 -6.93 -17.45 80.82
C THR H 258 -5.84 -17.82 79.81
N LYS H 259 -5.04 -16.85 79.38
CA LYS H 259 -3.88 -17.10 78.53
C LYS H 259 -2.61 -16.43 79.02
N LYS H 260 -2.71 -15.38 79.85
CA LYS H 260 -1.55 -14.73 80.44
C LYS H 260 -1.66 -14.66 81.96
N GLY H 261 -2.52 -15.49 82.55
CA GLY H 261 -2.69 -15.53 83.99
C GLY H 261 -4.13 -15.21 84.40
N MET H 262 -4.28 -14.71 85.63
CA MET H 262 -5.56 -14.28 86.18
C MET H 262 -6.58 -15.43 86.17
N ARG H 263 -6.26 -16.45 86.96
CA ARG H 263 -7.18 -17.56 87.18
C ARG H 263 -8.41 -17.08 87.94
N GLU H 264 -9.43 -17.93 87.96
CA GLU H 264 -10.64 -17.61 88.71
C GLU H 264 -10.35 -17.64 90.21
N PRO H 265 -10.63 -16.57 90.94
CA PRO H 265 -10.37 -16.58 92.39
C PRO H 265 -11.23 -17.61 93.11
N GLY H 266 -10.67 -18.18 94.16
CA GLY H 266 -11.32 -19.24 94.89
C GLY H 266 -11.21 -20.61 94.26
N THR H 267 -10.45 -20.75 93.17
CA THR H 267 -10.29 -22.01 92.47
C THR H 267 -8.81 -22.32 92.33
N VAL H 268 -8.50 -23.61 92.24
CA VAL H 268 -7.13 -24.08 92.06
C VAL H 268 -7.07 -24.94 90.80
N SER H 269 -5.85 -25.19 90.34
CA SER H 269 -5.60 -25.98 89.15
C SER H 269 -5.24 -27.40 89.57
N ILE H 270 -5.92 -28.38 88.96
CA ILE H 270 -5.71 -29.79 89.28
C ILE H 270 -6.00 -30.61 88.03
N SER H 271 -5.22 -31.66 87.83
CA SER H 271 -5.40 -32.53 86.67
C SER H 271 -6.67 -33.36 86.83
N ALA H 272 -7.18 -33.83 85.69
CA ALA H 272 -8.42 -34.62 85.70
C ALA H 272 -8.23 -35.94 86.44
N LYS H 273 -7.10 -36.62 86.23
CA LYS H 273 -6.87 -37.90 86.89
C LYS H 273 -6.76 -37.73 88.40
N GLU H 274 -6.04 -36.69 88.85
CA GLU H 274 -5.91 -36.46 90.27
C GLU H 274 -7.26 -36.10 90.90
N LEU H 275 -8.06 -35.28 90.21
CA LEU H 275 -9.38 -34.96 90.71
C LEU H 275 -10.28 -36.18 90.79
N ALA H 276 -10.21 -37.06 89.78
CA ALA H 276 -10.99 -38.29 89.81
C ALA H 276 -10.55 -39.20 90.96
N ALA H 277 -9.24 -39.30 91.19
CA ALA H 277 -8.75 -40.10 92.31
C ALA H 277 -9.18 -39.52 93.65
N LEU H 278 -9.15 -38.19 93.78
CA LEU H 278 -9.58 -37.55 95.01
C LEU H 278 -11.08 -37.78 95.26
N ARG H 279 -11.89 -37.68 94.20
CA ARG H 279 -13.32 -37.96 94.34
C ARG H 279 -13.59 -39.42 94.66
N ALA H 280 -12.78 -40.33 94.12
CA ALA H 280 -12.92 -41.74 94.47
C ALA H 280 -12.56 -41.99 95.93
N GLU H 281 -11.48 -41.36 96.42
CA GLU H 281 -11.10 -41.53 97.81
C GLU H 281 -12.07 -40.86 98.76
N ALA H 282 -12.75 -39.80 98.29
CA ALA H 282 -13.75 -39.13 99.13
C ALA H 282 -14.96 -40.02 99.37
N ALA H 283 -15.36 -40.79 98.35
CA ALA H 283 -16.51 -41.69 98.44
C ALA H 283 -16.11 -43.11 98.80
N LYS H 284 -14.92 -43.30 99.37
CA LYS H 284 -14.45 -44.63 99.75
C LYS H 284 -15.25 -45.15 100.93
N LYS H 285 -15.74 -46.38 100.81
CA LYS H 285 -16.50 -47.06 101.86
C LYS H 285 -17.68 -46.22 102.33
MG CLA I . 13.40 34.87 -21.71
CHA CLA I . 15.28 33.69 -24.38
CHB CLA I . 15.07 37.83 -21.85
CHC CLA I . 11.46 36.02 -19.13
CHD CLA I . 11.72 31.76 -21.59
NA CLA I . 14.93 35.61 -22.93
C1A CLA I . 15.58 34.97 -23.99
C2A CLA I . 16.66 35.87 -24.61
C3A CLA I . 16.63 37.13 -23.71
C4A CLA I . 15.46 36.86 -22.76
CMA CLA I . 17.92 37.31 -22.96
CAA CLA I . 16.32 36.23 -26.05
CBA CLA I . 14.87 36.65 -26.19
NB CLA I . 13.31 36.58 -20.66
C1B CLA I . 14.02 37.71 -20.92
C2B CLA I . 13.55 38.82 -20.05
C3B CLA I . 12.53 38.31 -19.27
C4B CLA I . 12.36 36.88 -19.66
CMB CLA I . 14.12 40.16 -20.08
CAB CLA I . 11.73 38.96 -18.28
CBB CLA I . 10.43 39.23 -18.40
NC CLA I . 11.88 34.03 -20.57
C1C CLA I . 11.23 34.67 -19.55
C2C CLA I . 10.23 33.79 -18.95
C3C CLA I . 10.30 32.60 -19.65
C4C CLA I . 11.33 32.74 -20.66
CMC CLA I . 9.36 34.15 -17.84
CAC CLA I . 9.48 31.39 -19.41
CBC CLA I . 8.12 31.46 -20.04
ND CLA I . 13.43 33.12 -22.72
C1D CLA I . 12.68 31.92 -22.55
C2D CLA I . 13.15 30.93 -23.57
C3D CLA I . 14.14 31.56 -24.29
C4D CLA I . 14.28 32.92 -23.72
CMD CLA I . 12.61 29.59 -23.70
CAD CLA I . 15.10 31.45 -25.37
OBD CLA I . 15.33 30.50 -26.11
CBD CLA I . 15.87 32.81 -25.45
CGD CLA I . 17.34 32.61 -25.26
O1D CLA I . 17.92 32.03 -24.33
O2D CLA I . 18.12 33.15 -26.24
CED CLA I . 19.34 33.77 -25.85
MG CLA J . 12.42 20.94 -23.56
CHA CLA J . 15.29 21.99 -21.95
CHB CLA J . 12.82 17.84 -22.21
CHC CLA J . 9.47 19.98 -25.03
CHD CLA J . 12.04 24.18 -24.90
NA CLA J . 13.84 20.07 -22.31
C1A CLA J . 14.95 20.70 -21.72
C2A CLA J . 15.73 19.72 -20.84
C3A CLA J . 15.01 18.37 -21.09
C4A CLA J . 13.78 18.78 -21.91
CMA CLA J . 15.90 17.45 -21.86
CAA CLA J . 15.62 20.12 -19.38
CBA CLA J . 14.53 19.37 -18.64
CGA CLA J . 13.22 20.06 -18.82
O1A CLA J . 13.02 21.25 -19.07
O2A CLA J . 12.14 19.24 -18.66
NB CLA J . 11.36 19.23 -23.63
C1B CLA J . 11.67 18.07 -22.99
C2B CLA J . 10.61 17.06 -23.23
C3B CLA J . 9.66 17.66 -24.02
C4B CLA J . 10.13 19.05 -24.29
CMB CLA J . 10.66 15.71 -22.67
CAB CLA J . 8.44 17.13 -24.53
CBB CLA J . 7.47 16.60 -23.78
NC CLA J . 11.03 21.91 -24.77
C1C CLA J . 9.90 21.32 -25.26
C2C CLA J . 9.15 22.29 -26.06
C3C CLA J . 9.87 23.48 -26.01
C4C CLA J . 11.05 23.23 -25.20
CMC CLA J . 7.89 22.03 -26.75
CAC CLA J . 9.50 24.76 -26.65
CBC CLA J . 8.69 25.62 -25.72
ND CLA J . 13.41 22.69 -23.53
C1D CLA J . 13.15 23.95 -24.12
C2D CLA J . 14.23 24.88 -23.76
C3D CLA J . 15.09 24.19 -22.93
C4D CLA J . 14.52 22.83 -22.82
CMD CLA J . 14.32 26.27 -24.21
CAD CLA J . 16.31 24.21 -22.15
OBD CLA J . 17.13 25.12 -22.03
CBD CLA J . 16.46 22.83 -21.46
CGD CLA J . 17.76 22.20 -21.81
O1D CLA J . 18.30 22.12 -22.91
O2D CLA J . 18.41 21.64 -20.74
CED CLA J . 19.76 21.23 -20.93
C1 CLA J . 11.02 19.50 -19.52
C2 CLA J . 9.80 18.94 -18.87
C3 CLA J . 8.61 18.87 -19.50
C4 CLA J . 8.43 19.36 -20.88
C5 CLA J . 7.42 18.30 -18.83
C6 CLA J . 6.12 18.99 -19.20
C7 CLA J . 5.47 19.63 -17.99
C8 CLA J . 3.99 19.28 -17.86
C9 CLA J . 3.78 17.78 -17.85
C10 CLA J . 3.18 19.90 -18.99
C11 CLA J . 3.36 21.41 -19.06
C12 CLA J . 2.95 21.95 -20.41
C13 CLA J . 3.00 23.47 -20.44
C14 CLA J . 1.62 24.06 -20.67
MG CLA K . 4.57 12.51 -22.96
CHA CLA K . 7.08 10.98 -21.12
CHB CLA K . 5.17 15.43 -21.35
CHC CLA K . 2.12 13.99 -24.85
CHD CLA K . 3.97 9.44 -24.61
NA CLA K . 5.92 13.08 -21.48
C1A CLA K . 6.90 12.30 -20.85
C2A CLA K . 7.67 13.12 -19.83
C3A CLA K . 6.98 14.50 -19.85
C4A CLA K . 5.95 14.35 -20.98
CMA CLA K . 6.31 14.81 -18.55
CAA CLA K . 9.12 13.25 -20.26
CBA CLA K . 10.08 12.95 -19.13
CGA CLA K . 10.00 14.05 -18.12
O1A CLA K . 9.84 15.25 -18.29
O2A CLA K . 10.14 13.59 -16.84
NB CLA K . 3.82 14.37 -23.10
C1B CLA K . 4.17 15.42 -22.33
C2B CLA K . 3.33 16.60 -22.66
C3B CLA K . 2.47 16.20 -23.66
C4B CLA K . 2.76 14.77 -23.94
CMB CLA K . 3.47 17.89 -21.99
CAB CLA K . 1.43 16.91 -24.34
CBB CLA K . 0.60 17.81 -23.78
NC CLA K . 3.28 11.83 -24.45
C1C CLA K . 2.36 12.61 -25.09
C2C CLA K . 1.64 11.82 -26.07
C3C CLA K . 2.16 10.54 -26.01
C4C CLA K . 3.20 10.55 -24.99
CMC CLA K . 0.56 12.33 -26.92
CAC CLA K . 1.74 9.38 -26.80
CBC CLA K . 2.59 9.24 -28.04
ND CLA K . 5.26 10.62 -22.89
C1D CLA K . 4.94 9.46 -23.63
C2D CLA K . 5.79 8.34 -23.17
C3D CLA K . 6.62 8.86 -22.21
C4D CLA K . 6.27 10.29 -22.08
CMD CLA K . 5.69 6.98 -23.68
CAD CLA K . 7.67 8.59 -21.25
OBD CLA K . 8.20 7.53 -20.96
CBD CLA K . 8.04 9.94 -20.57
CGD CLA K . 8.01 9.82 -19.08
O1D CLA K . 8.96 9.87 -18.29
O2D CLA K . 6.76 9.60 -18.57
CED CLA K . 6.66 9.25 -17.18
C1 CLA K . 9.24 14.17 -15.87
C2 CLA K . 8.44 13.05 -15.34
C3 CLA K . 7.58 13.17 -14.31
C4 CLA K . 6.80 12.02 -13.81
C5 CLA K . 7.39 14.48 -13.62
MG CLA L . 0.61 9.62 -42.76
CHA CLA L . -2.11 8.62 -44.64
CHB CLA L . -0.76 8.18 -40.01
CHC CLA L . 3.30 10.72 -40.94
CHD CLA L . 1.96 11.18 -45.65
NA CLA L . -1.13 8.54 -42.42
C1A CLA L . -2.15 8.22 -43.33
C2A CLA L . -3.23 7.39 -42.66
C3A CLA L . -2.74 7.21 -41.21
C4A CLA L . -1.44 8.02 -41.19
CMA CLA L . -3.74 7.74 -40.22
CAA CLA L . -3.28 6.01 -43.30
CBA CLA L . -2.02 5.22 -42.96
CGA CLA L . -1.02 5.35 -44.08
O1A CLA L . -1.07 4.89 -45.21
O2A CLA L . 0.08 6.09 -43.73
NB CLA L . 1.20 9.41 -40.85
C1B CLA L . 0.43 8.91 -39.85
C2B CLA L . 1.00 9.26 -38.54
C3B CLA L . 2.15 9.97 -38.77
C4B CLA L . 2.30 10.08 -40.26
CMB CLA L . 0.40 8.87 -37.27
CAB CLA L . 3.06 10.53 -37.83
CBB CLA L . 4.38 10.32 -37.82
NC CLA L . 2.34 10.70 -43.23
C1C CLA L . 3.33 10.98 -42.34
C2C CLA L . 4.42 11.68 -43.01
C3C CLA L . 4.01 11.88 -44.34
C4C CLA L . 2.70 11.25 -44.46
CMC CLA L . 5.65 12.12 -42.37
CAC CLA L . 4.76 12.52 -45.42
CBC CLA L . 5.50 11.52 -46.27
ND CLA L . 0.12 9.85 -44.70
C1D CLA L . 0.74 10.53 -45.78
C2D CLA L . -0.10 10.41 -46.99
C3D CLA L . -1.22 9.69 -46.60
C4D CLA L . -1.03 9.38 -45.17
CMD CLA L . 0.22 10.96 -48.29
CAD CLA L . -2.49 9.11 -47.01
OBD CLA L . -3.02 9.11 -48.11
CBD CLA L . -3.11 8.44 -45.75
CGD CLA L . -4.38 9.15 -45.35
O1D CLA L . -4.48 10.27 -44.85
O2D CLA L . -5.52 8.44 -45.54
CED CLA L . -6.73 9.19 -45.67
C1 CLA L . 0.99 6.42 -44.80
C2 CLA L . 2.14 7.15 -44.22
C3 CLA L . 3.35 7.19 -44.80
C4 CLA L . 3.61 6.50 -46.09
C5 CLA L . 4.48 7.93 -44.19
C6 CLA L . 5.65 7.02 -43.87
C7 CLA L . 6.97 7.68 -44.22
C8 CLA L . 7.56 8.50 -43.07
C9 CLA L . 9.06 8.64 -43.25
C10 CLA L . 7.25 7.88 -41.73
MG CLA M . 2.08 -4.03 -42.56
CHA CLA M . -1.24 -3.47 -43.42
CHB CLA M . 1.69 -7.33 -43.19
CHC CLA M . 5.43 -4.45 -42.03
CHD CLA M . 2.42 -0.58 -41.86
NA CLA M . 0.46 -5.19 -43.15
C1A CLA M . -0.83 -4.78 -43.50
C2A CLA M . -1.69 -5.97 -43.89
C3A CLA M . -0.82 -7.17 -43.49
C4A CLA M . 0.55 -6.55 -43.28
CMA CLA M . -1.34 -7.78 -42.22
CAA CLA M . -1.94 -5.95 -45.38
CBA CLA M . -2.77 -7.14 -45.81
CGA CLA M . -3.23 -6.96 -47.22
O1A CLA M . -4.15 -7.51 -47.81
O2A CLA M . -2.48 -6.03 -47.90
NB CLA M . 3.31 -5.61 -42.52
C1B CLA M . 2.99 -6.86 -42.96
C2B CLA M . 4.23 -7.65 -43.18
C3B CLA M . 5.29 -6.84 -42.85
C4B CLA M . 4.72 -5.54 -42.42
CMB CLA M . 4.23 -9.02 -43.66
CAB CLA M . 6.70 -7.10 -42.89
CBB CLA M . 7.37 -7.47 -43.98
NC CLA M . 3.63 -2.75 -41.99
C1C CLA M . 4.92 -3.15 -41.81
C2C CLA M . 5.74 -2.01 -41.43
C3C CLA M . 4.89 -0.91 -41.39
C4C CLA M . 3.57 -1.39 -41.75
CMC CLA M . 7.17 -2.08 -41.15
CAC CLA M . 5.24 0.47 -41.05
CBC CLA M . 5.23 0.71 -39.56
ND CLA M . 0.91 -2.38 -42.59
C1D CLA M . 1.18 -1.02 -42.26
C2D CLA M . -0.07 -0.24 -42.44
C3D CLA M . -1.02 -1.13 -42.92
C4D CLA M . -0.36 -2.44 -42.98
CMD CLA M . -0.20 1.19 -42.18
CAD CLA M . -2.39 -1.30 -43.33
OBD CLA M . -3.30 -0.48 -43.41
CBD CLA M . -2.57 -2.82 -43.68
CGD CLA M . -3.69 -3.40 -42.89
O1D CLA M . -4.15 -2.99 -41.81
O2D CLA M . -4.25 -4.51 -43.43
CED CLA M . -5.10 -4.34 -44.55
C1 CLA M . -1.92 -6.44 -49.16
C2 CLA M . -0.72 -5.60 -49.35
C3 CLA M . -0.11 -5.43 -50.53
C4 CLA M . -0.59 -6.08 -51.77
C5 CLA M . 1.09 -4.57 -50.65
MG CLA N . -4.66 5.60 -30.10
CHA CLA N . -7.02 3.18 -29.29
CHB CLA N . -6.06 7.70 -27.85
CHC CLA N . -2.19 7.88 -30.80
CHD CLA N . -3.19 3.33 -32.39
NA CLA N . -6.30 5.46 -28.83
C1A CLA N . -7.15 4.36 -28.62
C2A CLA N . -8.24 4.70 -27.61
C3A CLA N . -8.02 6.21 -27.33
C4A CLA N . -6.70 6.50 -28.04
CMA CLA N . -9.13 7.05 -27.87
CAA CLA N . -8.12 3.87 -26.34
CBA CLA N . -6.68 3.70 -25.89
CGA CLA N . -6.65 2.79 -24.69
O1A CLA N . -7.15 1.67 -24.57
O2A CLA N . -5.97 3.32 -23.64
NB CLA N . -4.26 7.48 -29.51
C1B CLA N . -4.85 8.08 -28.45
C2B CLA N . -4.03 9.25 -28.01
C3B CLA N . -2.95 9.31 -28.85
C4B CLA N . -3.08 8.18 -29.81
CMB CLA N . -4.41 10.10 -26.89
CAB CLA N . -1.85 10.23 -28.84
CBB CLA N . -1.44 10.95 -29.89
NC CLA N . -3.03 5.61 -31.40
C1C CLA N . -2.18 6.67 -31.56
C2C CLA N . -1.19 6.37 -32.57
C3C CLA N . -1.43 5.06 -32.98
C4C CLA N . -2.59 4.59 -32.24
CMC CLA N . -0.13 7.28 -33.01
CAC CLA N . -0.68 4.31 -34.01
CBC CLA N . 0.64 3.79 -33.49
ND CLA N . -4.98 3.72 -30.76
C1D CLA N . -4.30 2.90 -31.69
C2D CLA N . -4.99 1.59 -31.77
C3D CLA N . -6.04 1.64 -30.87
C4D CLA N . -5.98 2.99 -30.27
CMD CLA N . -4.57 0.50 -32.65
CAD CLA N . -7.16 0.95 -30.30
OBD CLA N . -7.60 -0.17 -30.54
CBD CLA N . -7.81 1.90 -29.24
CGD CLA N . -9.27 2.11 -29.49
O1D CLA N . -10.21 1.78 -28.76
O2D CLA N . -9.55 2.74 -30.66
CED CLA N . -10.82 3.39 -30.76
MG CLA O . 7.28 4.40 -26.90
CHA CLA O . 9.03 6.55 -24.82
CHB CLA O . 8.44 1.76 -25.12
CHC CLA O . 5.29 2.35 -28.79
CHD CLA O . 6.15 7.18 -28.76
NA CLA O . 8.57 4.22 -25.27
C1A CLA O . 9.18 5.23 -24.53
C2A CLA O . 10.05 4.64 -23.42
C3A CLA O . 10.08 3.15 -23.77
C4A CLA O . 8.94 3.01 -24.78
CMA CLA O . 11.39 2.82 -24.41
CAA CLA O . 9.48 4.89 -22.04
CBA CLA O . 8.05 4.46 -21.87
CGA CLA O . 7.64 4.57 -20.43
O1A CLA O . 8.32 4.36 -19.43
O2A CLA O . 6.35 4.96 -20.25
NB CLA O . 7.01 2.41 -27.01
C1B CLA O . 7.41 1.54 -26.05
C2B CLA O . 6.61 0.30 -26.12
C3B CLA O . 5.71 0.45 -27.15
C4B CLA O . 5.96 1.80 -27.74
CMB CLA O . 6.81 -0.84 -25.22
CAB CLA O . 4.71 -0.45 -27.64
CBB CLA O . 3.39 -0.24 -27.58
NC CLA O . 6.02 4.71 -28.52
C1C CLA O . 5.33 3.72 -29.17
C2C CLA O . 4.58 4.28 -30.28
C3C CLA O . 4.78 5.65 -30.25
C4C CLA O . 5.69 5.92 -29.14
CMC CLA O . 3.75 3.51 -31.21
CAC CLA O . 4.25 6.66 -31.17
CBC CLA O . 2.83 7.05 -30.87
ND CLA O . 7.51 6.40 -26.88
C1D CLA O . 6.99 7.43 -27.69
C2D CLA O . 7.49 8.74 -27.20
C3D CLA O . 8.26 8.45 -26.09
C4D CLA O . 8.25 7.00 -25.94
CMD CLA O . 7.18 10.03 -27.79
CAD CLA O . 9.10 9.00 -25.04
OBD CLA O . 9.42 10.16 -24.81
CBD CLA O . 9.60 7.79 -24.18
CGD CLA O . 11.09 7.75 -24.07
O1D CLA O . 11.89 7.15 -24.79
O2D CLA O . 11.59 8.46 -23.03
CED CLA O . 12.99 8.37 -22.76
MG CLA P . 17.50 13.36 -37.15
CHA CLA P . 20.29 11.52 -36.27
CHB CLA P . 19.45 16.11 -37.58
CHC CLA P . 14.72 15.12 -38.11
CHD CLA P . 15.51 10.48 -36.69
NA CLA P . 19.54 13.73 -36.94
C1A CLA P . 20.54 12.82 -36.57
C2A CLA P . 21.91 13.51 -36.54
C3A CLA P . 21.57 14.99 -36.81
C4A CLA P . 20.09 14.96 -37.16
CMA CLA P . 21.81 15.83 -35.58
CAA CLA P . 22.80 12.97 -37.65
CBA CLA P . 22.07 12.78 -38.95
CGA CLA P . 22.02 14.05 -39.75
O1A CLA P . 22.85 14.95 -39.82
O2A CLA P . 20.86 14.18 -40.47
NB CLA P . 17.15 15.27 -37.70
C1B CLA P . 18.10 16.21 -37.90
C2B CLA P . 17.47 17.43 -38.49
C3B CLA P . 16.14 17.16 -38.63
C4B CLA P . 15.91 15.78 -38.14
CMB CLA P . 18.22 18.64 -38.81
CAB CLA P . 15.08 17.98 -39.15
CBB CLA P . 15.11 18.58 -40.34
NC CLA P . 15.48 12.88 -37.33
C1C CLA P . 14.52 13.76 -37.73
C2C CLA P . 13.23 13.10 -37.73
C3C CLA P . 13.45 11.79 -37.37
C4C CLA P . 14.87 11.65 -37.12
CMC CLA P . 11.96 13.75 -38.09
CAC CLA P . 12.44 10.72 -37.24
CBC CLA P . 12.44 9.81 -38.44
ND CLA P . 17.77 11.44 -36.61
C1D CLA P . 16.86 10.36 -36.44
C2D CLA P . 17.61 9.16 -36.00
C3D CLA P . 18.93 9.56 -35.90
C4D CLA P . 18.97 10.98 -36.30
CMD CLA P . 17.01 7.86 -35.71
CAD CLA P . 20.29 9.15 -35.60
OBD CLA P . 20.71 8.05 -35.25
CBD CLA P . 21.19 10.41 -35.79
CGD CLA P . 21.83 10.83 -34.49
O1D CLA P . 21.27 11.03 -33.41
O2D CLA P . 23.17 11.01 -34.56
CED CLA P . 23.70 12.08 -33.77
C1 CLA P . 20.65 15.44 -41.14
C2 CLA P . 19.20 15.53 -41.39
C3 CLA P . 18.65 16.50 -42.14
C4 CLA P . 19.46 17.56 -42.76
C5 CLA P . 17.18 16.56 -42.36
C6 CLA P . 16.81 16.63 -43.84
C7 CLA P . 15.35 17.00 -44.00
C8 CLA P . 14.71 16.32 -45.19
C9 CLA P . 15.25 16.86 -46.48
C10 CLA P . 13.19 16.49 -45.15
C11 CLA P . 12.52 15.74 -46.28
C12 CLA P . 11.39 16.54 -46.89
C13 CLA P . 10.11 16.44 -46.07
C14 CLA P . 8.99 15.86 -46.91
C15 CLA P . 9.72 17.78 -45.49
MG CLA Q . 15.56 31.45 -34.38
CHA CLA Q . 17.59 28.92 -35.60
CHB CLA Q . 18.23 33.56 -34.35
CHC CLA Q . 13.47 33.98 -33.35
CHD CLA Q . 12.80 29.24 -34.48
NA CLA Q . 17.58 31.23 -34.87
C1A CLA Q . 18.23 30.11 -35.38
C2A CLA Q . 19.71 30.38 -35.61
C3A CLA Q . 19.90 31.81 -35.07
C4A CLA Q . 18.48 32.26 -34.73
CMA CLA Q . 20.79 31.82 -33.86
CAA CLA Q . 20.06 30.32 -37.08
NB CLA Q . 15.80 33.40 -33.97
C1B CLA Q . 16.97 34.08 -34.01
C2B CLA Q . 16.75 35.50 -33.58
C3B CLA Q . 15.41 35.62 -33.31
C4B CLA Q . 14.78 34.29 -33.53
CMB CLA Q . 17.82 36.48 -33.51
CAB CLA Q . 14.67 36.76 -32.84
CBB CLA Q . 13.68 37.35 -33.51
NC CLA Q . 13.52 31.56 -33.95
C1C CLA Q . 12.89 32.70 -33.52
C2C CLA Q . 11.46 32.43 -33.32
C3C CLA Q . 11.27 31.09 -33.67
C4C CLA Q . 12.57 30.56 -34.07
CMC CLA Q . 10.48 33.40 -32.86
CAC CLA Q . 10.00 30.35 -33.63
CBC CLA Q . 9.36 30.25 -35.00
ND CLA Q . 15.23 29.51 -34.77
C1D CLA Q . 14.04 28.73 -34.83
C2D CLA Q . 14.37 27.38 -35.29
C3D CLA Q . 15.72 27.39 -35.57
C4D CLA Q . 16.20 28.74 -35.27
CMD CLA Q . 13.41 26.28 -35.41
CAD CLA Q . 16.86 26.61 -36.03
OBD CLA Q . 16.94 25.41 -36.27
CBD CLA Q . 18.06 27.60 -36.16
CGD CLA Q . 19.31 27.11 -35.50
O1D CLA Q . 19.45 26.75 -34.32
O2D CLA Q . 20.38 27.05 -36.33
CED CLA Q . 21.67 26.82 -35.75
NB KC2 R . 12.48 22.94 -41.24
ND KC2 R . 14.74 25.88 -39.94
C1A KC2 R . 16.62 23.77 -41.00
C1B KC2 R . 12.94 21.81 -41.83
C1C KC2 R . 10.60 25.08 -40.21
C1D KC2 R . 14.38 27.07 -39.42
C2A KC2 R . 17.48 22.73 -41.56
C2B KC2 R . 11.86 20.97 -42.22
C2C KC2 R . 9.73 26.08 -39.76
C2D KC2 R . 15.55 27.80 -39.15
C3A KC2 R . 16.64 21.74 -42.00
C3B KC2 R . 10.72 21.63 -41.87
C3C KC2 R . 10.49 27.11 -39.31
C3D KC2 R . 16.62 27.03 -39.53
C4A KC2 R . 15.32 22.15 -41.74
C4B KC2 R . 11.14 22.86 -41.26
C4C KC2 R . 11.89 26.72 -39.51
C4D KC2 R . 16.09 25.84 -40.03
CAA KC2 R . 18.95 22.74 -41.61
CAB KC2 R . 9.34 21.16 -42.08
CAC KC2 R . 9.99 28.38 -38.75
CAD KC2 R . 18.09 26.94 -39.63
CBA KC2 R . 19.67 22.92 -42.74
CBB KC2 R . 8.59 21.70 -43.02
CBC KC2 R . 10.12 29.50 -39.45
CBD KC2 R . 18.33 25.71 -40.49
CED KC2 R . 17.99 27.15 -43.93
CGA KC2 R . 19.09 22.80 -44.04
CGD KC2 R . 18.64 26.10 -41.90
CHA KC2 R . 17.04 24.96 -40.43
CHB KC2 R . 14.22 21.38 -42.08
CHC KC2 R . 10.13 23.79 -40.77
CHD KC2 R . 13.04 27.58 -39.14
CMA KC2 R . 17.03 20.44 -42.66
CMB KC2 R . 11.96 19.64 -42.90
CMC KC2 R . 8.23 26.03 -39.77
CMD KC2 R . 15.60 29.19 -38.56
NA KC2 R . 15.29 23.38 -41.12
NC KC2 R . 11.92 25.47 -40.06
O1A KC2 R . 19.74 22.26 -44.91
O1D KC2 R . 19.78 26.36 -42.22
O2A KC2 R . 18.12 23.67 -44.40
O2D KC2 R . 17.64 26.38 -42.75
OBD KC2 R . 18.90 27.79 -39.33
MG KC2 R . 13.59 24.40 -40.55
MG CLA S . -3.50 28.26 -31.94
CHA CLA S . -6.55 29.82 -32.46
CHB CLA S . -2.15 30.06 -34.49
CHC CLA S . -0.50 26.72 -31.35
CHD CLA S . -4.98 26.33 -29.38
NA CLA S . -4.25 29.72 -33.24
C1A CLA S . -5.55 30.24 -33.30
C2A CLA S . -5.68 31.28 -34.40
C3A CLA S . -4.29 31.28 -35.06
C4A CLA S . -3.48 30.30 -34.20
CMA CLA S . -4.34 30.85 -36.50
CAA CLA S . -6.01 32.65 -33.82
CBA CLA S . -5.09 33.01 -32.67
CGA CLA S . -5.87 32.99 -31.38
O1A CLA S . -5.65 32.36 -30.35
O2A CLA S . -6.97 33.81 -31.41
NB CLA S . -1.70 28.30 -32.82
C1B CLA S . -1.31 29.19 -33.77
C2B CLA S . 0.16 29.14 -33.96
C3B CLA S . 0.64 28.20 -33.06
C4B CLA S . -0.54 27.66 -32.33
CMB CLA S . 0.88 30.00 -34.89
CAB CLA S . 1.98 27.77 -32.80
CBB CLA S . 2.82 27.29 -33.72
NC CLA S . -2.86 26.81 -30.59
C1C CLA S . -1.58 26.32 -30.53
C2C CLA S . -1.49 25.31 -29.49
C3C CLA S . -2.76 25.19 -28.92
C4C CLA S . -3.62 26.13 -29.64
CMC CLA S . -0.26 24.59 -29.12
CAC CLA S . -3.16 24.29 -27.84
CBC CLA S . -3.01 24.93 -26.47
ND CLA S . -5.28 28.16 -30.99
C1D CLA S . -5.78 27.27 -30.00
C2D CLA S . -7.21 27.56 -29.77
C3D CLA S . -7.55 28.56 -30.67
C4D CLA S . -6.32 28.86 -31.43
CMD CLA S . -8.04 26.89 -28.78
CAD CLA S . -8.59 29.43 -31.15
OBD CLA S . -9.73 29.61 -30.73
CBD CLA S . -8.02 30.18 -32.39
CGD CLA S . -8.70 29.78 -33.66
O1D CLA S . -9.18 28.67 -33.93
O2D CLA S . -8.80 30.77 -34.58
CED CLA S . -10.06 31.43 -34.71
MG CLA T . -6.28 19.27 -24.44
CHA CLA T . -9.56 20.14 -25.18
CHB CLA T . -5.69 22.44 -23.37
CHC CLA T . -3.06 18.34 -23.65
CHD CLA T . -6.92 16.01 -25.61
NA CLA T . -7.46 20.99 -24.30
C1A CLA T . -8.80 21.16 -24.65
C2A CLA T . -9.26 22.59 -24.38
C3A CLA T . -7.98 23.30 -23.94
C4A CLA T . -6.96 22.18 -23.83
CMA CLA T . -7.55 24.33 -24.95
CAA CLA T . -10.32 22.66 -23.28
CBA CLA T . -10.16 21.61 -22.20
CGA CLA T . -9.19 22.05 -21.14
O1A CLA T . -9.16 23.09 -20.48
O2A CLA T . -8.20 21.11 -20.91
NB CLA T . -4.66 20.23 -23.71
C1B CLA T . -4.65 21.50 -23.24
C2B CLA T . -3.35 21.78 -22.57
C3B CLA T . -2.60 20.63 -22.65
C4B CLA T . -3.43 19.62 -23.38
CMB CLA T . -3.02 23.06 -21.96
CAB CLA T . -1.28 20.35 -22.15
CBB CLA T . -1.00 19.49 -21.17
NC CLA T . -5.20 17.50 -24.61
C1C CLA T . -3.90 17.34 -24.22
C2C CLA T . -3.45 15.98 -24.49
C3C CLA T . -4.55 15.32 -25.04
C4C CLA T . -5.64 16.27 -25.11
CMC CLA T . -2.13 15.45 -24.20
CAC CLA T . -4.61 13.91 -25.46
CBC CLA T . -5.23 13.01 -24.41
ND CLA T . -7.85 18.23 -25.15
C1D CLA T . -7.96 16.91 -25.64
C2D CLA T . -9.35 16.68 -26.13
C3D CLA T . -10.00 17.89 -25.95
C4D CLA T . -9.02 18.83 -25.37
CMD CLA T . -9.85 15.42 -26.67
CAD CLA T . -11.26 18.61 -26.10
OBD CLA T . -12.35 18.19 -26.46
CBD CLA T . -10.99 20.08 -25.68
CGD CLA T . -11.24 20.95 -26.88
O1D CLA T . -12.01 20.70 -27.83
O2D CLA T . -10.53 22.11 -26.93
CED CLA T . -9.81 22.37 -28.12
MG CLA U . -4.04 2.09 -52.30
CHA CLA U . -6.03 1.03 -54.95
CHB CLA U . -1.45 2.59 -54.44
CHC CLA U . -2.12 3.13 -49.63
CHD CLA U . -6.72 1.43 -50.09
NA CLA U . -3.81 1.86 -54.35
C1A CLA U . -4.75 1.40 -55.29
C2A CLA U . -4.18 1.37 -56.70
C3A CLA U . -2.70 1.81 -56.49
C4A CLA U . -2.64 2.13 -55.00
CMA CLA U . -1.73 0.74 -56.88
CAA CLA U . -4.89 2.34 -57.62
CBA CLA U . -4.43 2.20 -59.05
CGA CLA U . -4.13 3.55 -59.65
O1A CLA U . -4.83 4.56 -59.66
O2A CLA U . -2.91 3.60 -60.25
NB CLA U . -2.14 2.72 -52.08
C1B CLA U . -1.25 2.89 -53.08
C2B CLA U . 0.00 3.47 -52.55
C3B CLA U . -0.17 3.62 -51.20
C4B CLA U . -1.55 3.15 -50.88
CMB CLA U . 1.17 3.78 -53.38
CAB CLA U . 0.73 4.14 -50.20
CBB CLA U . 1.30 3.42 -49.26
NC CLA U . -4.37 2.26 -50.24
C1C CLA U . -3.44 2.71 -49.34
C2C CLA U . -4.01 2.67 -47.99
C3C CLA U . -5.30 2.19 -48.11
C4C CLA U . -5.53 1.92 -49.53
CMC CLA U . -3.30 3.08 -46.78
CAC CLA U . -6.24 1.94 -47.01
CBC CLA U . -7.41 2.90 -46.99
ND CLA U . -5.95 1.45 -52.42
C1D CLA U . -6.94 1.21 -51.43
C2D CLA U . -8.16 0.71 -52.09
C3D CLA U . -7.88 0.64 -53.45
C4D CLA U . -6.48 1.09 -53.59
CMD CLA U . -9.40 0.39 -51.39
CAD CLA U . -8.37 0.32 -54.76
OBD CLA U . -9.49 -0.05 -55.12
CBD CLA U . -7.18 0.50 -55.76
CGD CLA U . -6.83 -0.79 -56.45
O1D CLA U . -7.15 -1.15 -57.58
O2D CLA U . -6.09 -1.64 -55.69
CED CLA U . -6.46 -3.01 -55.65
C02 IHT V . -0.04 26.15 -37.47
C03 IHT V . 18.05 11.79 -43.82
C04 IHT V . -1.34 26.93 -37.54
C05 IHT V . 19.32 10.95 -43.87
C06 IHT V . -2.36 26.11 -38.31
C07 IHT V . 0.39 25.68 -38.83
C08 IHT V . 20.33 11.47 -42.87
C09 IHT V . -1.92 26.02 -39.75
C10 IHT V . -0.48 25.53 -39.84
C11 IHT V . 17.61 12.06 -42.41
C12 IHT V . 19.74 11.20 -41.49
C13 IHT V . -0.21 24.96 -36.54
C14 IHT V . 1.06 27.04 -36.91
C15 IHT V . 18.42 11.89 -41.37
C16 IHT V . 18.29 13.13 -44.51
C17 IHT V . 16.94 11.03 -44.54
C18 IHT V . 1.82 25.36 -39.04
C19 IHT V . -0.04 24.89 -41.11
C20 IHT V . 17.98 12.39 -40.02
C21 IHT V . 16.45 12.50 -42.22
C22 IHT V . 2.32 24.16 -38.70
C23 IHT V . 3.74 23.84 -38.91
C24 IHT V . 15.35 12.91 -42.07
C25 IHT V . 4.75 24.94 -39.09
C26 IHT V . 14.19 13.34 -41.88
C27 IHT V . 4.13 22.56 -38.93
C28 IHT V . 13.01 12.47 -42.16
C29 IHT V . 13.99 14.59 -41.45
C30 IHT V . 5.52 22.14 -39.13
C31 IHT V . 12.63 15.10 -41.24
C32 IHT V . 6.29 21.79 -38.10
C33 IHT V . 7.68 21.35 -38.30
C34 IHT V . 12.43 16.30 -40.71
C35 IHT V . 11.07 16.81 -40.49
C36 IHT V . 8.80 22.25 -37.87
C37 IHT V . 7.94 20.15 -38.85
C38 IHT V . 10.85 17.99 -39.89
C39 IHT V . 9.90 15.99 -40.95
C40 IHT V . 9.30 19.65 -39.06
C41 IHT V . 9.50 18.48 -39.67
O01 IHT V . 21.56 10.77 -43.02
C03 II0 W . -3.11 11.37 -35.62
C04 II0 W . 7.86 23.90 -18.82
C05 II0 W . -3.91 10.94 -36.83
C06 II0 W . 8.80 23.98 -17.63
C07 II0 W . -3.66 11.86 -38.00
C08 II0 W . 10.00 23.07 -17.76
C09 II0 W . -1.69 11.72 -35.99
C10 II0 W . 8.51 23.35 -20.07
C11 II0 W . -2.23 11.67 -38.42
C12 II0 W . 10.74 23.51 -19.01
C13 II0 W . -1.33 11.98 -37.24
C14 II0 W . 9.83 23.23 -20.18
C15 II0 W . -3.05 10.23 -34.61
C16 II0 W . -3.74 12.59 -34.97
C17 II0 W . 6.68 23.00 -18.48
C18 II0 W . 7.35 25.29 -19.15
C19 II0 W . 0.00 12.60 -37.51
C20 II0 W . 10.45 22.82 -21.48
C21 II0 W . -0.84 11.81 -35.07
C22 II0 W . 7.77 23.01 -21.02
C23 II0 W . -0.04 11.88 -34.19
C24 II0 W . 7.09 22.67 -21.92
C25 II0 W . 0.81 11.97 -33.26
C26 II0 W . 6.35 22.34 -22.88
C27 II0 W . 1.88 10.93 -33.12
C28 II0 W . 5.53 23.37 -23.59
C29 II0 W . 0.76 13.00 -32.41
C30 II0 W . 6.28 21.05 -23.25
C31 II0 W . 1.75 13.14 -31.33
C32 II0 W . 5.41 20.64 -24.36
C33 II0 W . 1.69 14.23 -30.56
C34 II0 W . 5.30 19.36 -24.67
C35 II0 W . 2.63 14.46 -29.46
C36 II0 W . 4.43 18.93 -25.79
C37 II0 W . 3.61 13.41 -29.06
C38 II0 W . 3.65 19.95 -26.56
C39 II0 W . 2.61 15.65 -28.83
C40 II0 W . 4.33 17.62 -26.12
C41 II0 W . 3.51 15.98 -27.72
C42 II0 W . 3.47 17.22 -27.21
O01 II0 W . -4.52 11.49 -39.08
O02 II0 W . 10.85 23.25 -16.62
C03 II0 X . -11.07 27.16 -23.69
C04 II0 X . 11.70 28.42 -27.94
C05 II0 X . -12.10 26.10 -24.08
C06 II0 X . 12.71 27.37 -27.48
C07 II0 X . -12.94 26.54 -25.26
C08 II0 X . 13.73 26.91 -28.52
C09 II0 X . -10.29 27.54 -24.93
C10 II0 X . 11.06 27.93 -29.21
C11 II0 X . -12.04 26.78 -26.47
C12 II0 X . 13.20 26.96 -29.95
C13 II0 X . -10.94 27.73 -26.07
C14 II0 X . 11.71 27.08 -30.00
C15 II0 X . -10.12 26.59 -22.65
C16 II0 X . -11.77 28.40 -23.15
C17 II0 X . 10.62 28.59 -26.89
C18 II0 X . 12.36 29.77 -28.19
C19 II0 X . -10.59 28.89 -26.95
C20 II0 X . 10.92 26.22 -30.95
C21 II0 X . -9.04 27.66 -24.90
C22 II0 X . 9.91 28.30 -29.50
C23 II0 X . -7.86 27.73 -24.88
C24 II0 X . 8.80 28.61 -29.80
C25 II0 X . -6.61 27.77 -24.82
C26 II0 X . 7.62 28.90 -30.06
C27 II0 X . -5.90 27.34 -23.58
C28 II0 X . 7.15 28.98 -31.49
C29 II0 X . -5.89 28.18 -25.90
C30 II0 X . 6.76 29.11 -29.07
C31 II0 X . -4.43 28.18 -25.80
C32 II0 X . 5.36 29.42 -29.35
C33 II0 X . -3.68 28.46 -26.87
C34 II0 X . 4.48 29.20 -28.39
C35 II0 X . -2.21 28.42 -26.72
C36 II0 X . 3.04 29.45 -28.57
C37 II0 X . -1.59 28.27 -25.37
C38 II0 X . 2.51 29.88 -29.90
C39 II0 X . -1.43 28.49 -27.82
C40 II0 X . 2.23 29.29 -27.53
C41 II0 X . 0.02 28.43 -27.71
C42 II0 X . 0.80 29.51 -27.63
O01 II0 X . -13.90 25.53 -25.58
O02 II0 X . 14.90 27.72 -28.43
C02 IHT Y . 6.49 30.52 -24.24
C03 IHT Y . -6.86 11.37 -31.08
C04 IHT Y . 7.78 31.09 -23.68
C05 IHT Y . -8.30 11.00 -31.37
C06 IHT Y . 8.95 30.21 -24.09
C07 IHT Y . 6.37 29.11 -23.77
C08 IHT Y . -8.96 10.45 -30.12
C09 IHT Y . 8.82 28.80 -23.54
C10 IHT Y . 7.39 28.51 -23.15
C11 IHT Y . -6.75 12.19 -29.83
C12 IHT Y . -9.05 11.59 -29.13
C13 IHT Y . 6.52 30.53 -25.76
C14 IHT Y . 5.29 31.31 -23.72
C15 IHT Y . -7.66 12.10 -28.85
C16 IHT Y . -6.05 10.10 -30.90
C17 IHT Y . -6.30 12.17 -32.25
C18 IHT Y . 5.10 28.38 -23.96
C19 IHT Y . 7.12 27.54 -22.04
C20 IHT Y . -7.29 12.50 -27.46
C21 IHT Y . -5.76 12.96 -29.68
C22 IHT Y . 5.01 27.39 -24.84
C23 IHT Y . 3.73 26.69 -25.02
C24 IHT Y . -4.83 13.68 -29.58
C25 IHT Y . 2.51 27.17 -24.28
C26 IHT Y . -3.84 14.43 -29.46
C27 IHT Y . 3.66 25.63 -25.84
C28 IHT Y . -2.63 14.24 -30.33
C29 IHT Y . -3.84 15.41 -28.53
C30 IHT Y . 2.43 24.88 -26.06
C31 IHT Y . -2.66 16.26 -28.39
C32 IHT Y . 2.13 23.89 -25.22
C33 IHT Y . 0.90 23.09 -25.39
C34 IHT Y . -2.69 17.32 -27.59
C35 IHT Y . -1.48 18.17 -27.46
C36 IHT Y . -0.21 23.21 -24.39
C37 IHT Y . 0.77 22.25 -26.42
C38 IHT Y . -1.54 19.32 -26.76
C39 IHT Y . -0.20 17.74 -28.10
C40 IHT Y . -0.44 21.46 -26.56
C41 IHT Y . -0.34 20.14 -26.64
O01 IHT Y . -10.28 9.98 -30.43
C1 LMG Z . -7.43 -3.51 -32.14
O1 LMG Z . -6.46 -2.72 -31.52
C2 LMG Z . -8.39 -2.50 -32.80
O2 LMG Z . -9.13 -1.97 -31.74
C3 LMG Z . -9.37 -3.31 -33.68
O3 LMG Z . -10.10 -2.35 -34.39
C4 LMG Z . -8.58 -4.18 -34.67
O4 LMG Z . -7.84 -3.35 -35.48
C5 LMG Z . -7.59 -5.03 -33.84
O5 LMG Z . -7.68 -6.70 -35.46
C6 LMG Z . -6.76 -5.90 -34.80
O6 LMG Z . -6.72 -4.20 -33.13
C7 LMG Z . -6.19 -3.08 -30.18
C8 LMG Z . -4.88 -2.35 -29.83
C9 LMG Z . -5.16 -1.43 -28.63
O7 LMG Z . -3.96 -3.31 -29.36
C10 LMG Z . -2.94 -3.66 -30.18
O9 LMG Z . -3.02 -3.41 -31.37
C11 LMG Z . -1.96 -4.55 -29.50
C12 LMG Z . -0.56 -4.27 -30.01
C13 LMG Z . 0.47 -4.32 -28.90
C14 LMG Z . 1.84 -4.19 -29.53
C15 LMG Z . 2.86 -3.98 -28.44
C16 LMG Z . 4.26 -4.04 -29.03
C17 LMG Z . 4.44 -5.40 -29.62
C18 LMG Z . 5.92 -5.72 -29.52
O8 LMG Z . -4.04 -0.58 -28.54
C28 LMG Z . -4.17 0.53 -27.78
O10 LMG Z . -5.23 0.72 -27.19
C29 LMG Z . -2.89 1.22 -27.48
C30 LMG Z . -2.99 2.71 -27.74
C31 LMG Z . -1.64 3.17 -28.29
C32 LMG Z . -1.49 4.64 -27.92
C33 LMG Z . -0.12 5.08 -28.39
C34 LMG Z . 0.92 4.47 -27.48
C35 LMG Z . 1.83 5.59 -27.02
C03 II0 AA . -4.51 -9.02 -39.09
C04 II0 AA . 18.46 -12.08 -40.30
C05 II0 AA . -5.94 -8.53 -39.25
C06 II0 AA . 19.85 -12.59 -39.94
C07 II0 AA . -6.27 -7.48 -38.19
C08 II0 AA . 20.00 -14.09 -40.18
C09 II0 AA . -3.60 -7.83 -38.88
C10 II0 AA . 17.79 -12.87 -41.39
C11 II0 AA . -5.41 -6.24 -38.38
C12 II0 AA . 19.79 -14.30 -41.66
C13 II0 AA . -4.13 -6.62 -39.08
C14 II0 AA . 18.36 -13.93 -41.96
C15 II0 AA . -4.07 -9.76 -40.34
C16 II0 AA . -4.40 -9.93 -37.87
C17 II0 AA . 17.58 -12.12 -39.06
C18 II0 AA . 18.57 -10.66 -40.80
C19 II0 AA . -3.46 -5.66 -40.00
C20 II0 AA . 17.59 -14.77 -42.92
C21 II0 AA . -2.40 -7.98 -38.55
C22 II0 AA . 16.64 -12.51 -41.76
C23 II0 AA . -1.27 -8.09 -38.21
C24 II0 AA . 15.57 -12.16 -42.09
C25 II0 AA . -0.07 -8.24 -37.85
C26 II0 AA . 14.42 -11.80 -42.46
C27 II0 AA . 0.33 -7.98 -36.44
C28 II0 AA . 13.86 -12.30 -43.76
C29 II0 AA . 0.86 -8.63 -38.74
C30 II0 AA . 13.68 -10.97 -41.71
C31 II0 AA . 2.25 -8.81 -38.33
C32 II0 AA . 12.34 -10.57 -42.15
C33 II0 AA . 3.17 -9.04 -39.26
C34 II0 AA . 11.33 -10.83 -41.31
C35 II0 AA . 4.60 -9.26 -38.93
C36 II0 AA . 9.92 -10.49 -41.57
C37 II0 AA . 5.09 -9.06 -37.53
C38 II0 AA . 9.43 -10.29 -42.97
C39 II0 AA . 5.45 -9.62 -39.91
C40 II0 AA . 9.08 -10.38 -40.53
C41 II0 AA . 6.86 -9.88 -39.68
C42 II0 AA . 7.66 -10.09 -40.73
O01 II0 AA . -7.64 -7.11 -38.31
O02 II0 AA . 21.34 -14.49 -39.85
MG CLA BA . -27.11 69.21 56.35
CHA CLA BA . -25.23 69.66 53.48
CHB CLA BA . -26.19 72.29 57.43
CHC CLA BA . -29.08 68.76 59.12
CHD CLA BA . -28.04 66.01 55.18
NA CLA BA . -25.88 70.70 55.57
C1A CLA BA . -25.19 70.71 54.35
C2A CLA BA . -24.40 72.01 54.16
C3A CLA BA . -24.64 72.76 55.49
C4A CLA BA . -25.64 71.88 56.23
CMA CLA BA . -23.36 72.91 56.27
CAA CLA BA . -24.91 72.82 52.98
CBA CLA BA . -26.28 73.42 53.25
NB CLA BA . -27.49 70.29 58.00
C1B CLA BA . -27.12 71.57 58.20
C2B CLA BA . -27.83 72.13 59.39
C3B CLA BA . -28.64 71.14 59.86
C4B CLA BA . -28.44 69.95 58.99
CMB CLA BA . -27.63 73.51 59.85
CAB CLA BA . -29.55 71.15 60.98
CBB CLA BA . -30.89 71.14 60.87
NC CLA BA . -28.31 67.64 57.03
C1C CLA BA . -29.02 67.67 58.21
C2C CLA BA . -29.73 66.41 58.37
C3C CLA BA . -29.46 65.64 57.25
C4C CLA BA . -28.57 66.43 56.41
CMC CLA BA . -30.57 66.09 59.52
CAC CLA BA . -29.97 64.29 56.97
CBC CLA BA . -31.32 64.33 56.30
ND CLA BA . -26.78 68.05 54.72
C1D CLA BA . -27.21 66.75 54.37
C2D CLA BA . -26.61 66.38 53.07
C3D CLA BA . -25.85 67.47 52.68
C4D CLA BA . -25.98 68.48 53.75
CMD CLA BA . -26.83 65.11 52.39
CAD CLA BA . -24.96 68.02 51.67
OBD CLA BA . -24.57 67.51 50.62
CBD CLA BA . -24.54 69.43 52.15
CGD CLA BA . -23.05 69.53 52.29
O1D CLA BA . -22.39 69.35 53.32
O2D CLA BA . -22.41 69.88 51.15
CED CLA BA . -21.96 71.23 51.02
MG CLA CA . -24.25 58.24 47.58
CHA CLA CA . -21.70 58.95 49.82
CHB CLA CA . -22.92 55.16 47.06
CHC CLA CA . -26.86 57.55 45.49
CHD CLA CA . -25.62 61.43 48.23
NA CLA CA . -22.57 57.25 48.32
C1A CLA CA . -21.64 57.71 49.26
C2A CLA CA . -20.57 56.66 49.54
C3A CLA CA . -20.91 55.55 48.53
C4A CLA CA . -22.24 56.00 47.92
CMA CLA CA . -19.83 55.45 47.49
CAA CLA CA . -20.70 56.14 50.96
CBA CLA CA . -21.31 54.76 51.01
CGA CLA CA . -22.79 54.89 51.13
O1A CLA CA . -23.43 55.81 51.62
O2A CLA CA . -23.48 53.81 50.64
NB CLA CA . -24.77 56.67 46.46
C1B CLA CA . -24.13 55.48 46.43
C2B CLA CA . -24.89 54.53 45.57
C3B CLA CA . -26.00 55.20 45.12
C4B CLA CA . -25.94 56.57 45.68
CMB CLA CA . -24.45 53.15 45.33
CAB CLA CA . -27.08 54.76 44.28
CBB CLA CA . -27.66 53.57 44.35
NC CLA CA . -25.92 59.31 46.95
C1C CLA CA . -26.85 58.83 46.07
C2C CLA CA . -27.87 59.85 45.85
C3C CLA CA . -27.54 60.94 46.65
C4C CLA CA . -26.30 60.59 47.34
CMC CLA CA . -29.02 59.69 44.98
CAC CLA CA . -28.27 62.20 46.78
CBC CLA CA . -29.24 62.14 47.94
ND CLA CA . -23.81 59.86 48.71
C1D CLA CA . -24.45 61.11 48.87
C2D CLA CA . -23.66 61.92 49.81
C3D CLA CA . -22.59 61.15 50.20
C4D CLA CA . -22.74 59.87 49.49
CMD CLA CA . -24.01 63.29 50.22
CAD CLA CA . -21.39 61.06 51.00
OBD CLA CA . -20.88 61.89 51.73
CBD CLA CA . -20.79 59.65 50.79
CGD CLA CA . -19.42 59.74 50.19
O1D CLA CA . -19.12 60.18 49.09
O2D CLA CA . -18.43 59.29 51.00
CED CLA CA . -17.63 58.22 50.50
C1 CLA CA . -24.72 54.12 49.99
C2 CLA CA . -25.59 52.92 50.09
C3 CLA CA . -26.69 52.75 49.34
C4 CLA CA . -27.13 53.76 48.36
C5 CLA CA . -27.54 51.53 49.47
C6 CLA CA . -29.02 51.79 49.30
C7 CLA CA . -29.66 52.21 50.60
C8 CLA CA . -31.02 51.55 50.84
C9 CLA CA . -30.98 50.07 50.52
C10 CLA CA . -32.10 52.24 50.02
C11 CLA CA . -32.34 53.66 50.48
C12 CLA CA . -33.41 54.35 49.66
C13 CLA CA . -33.69 55.75 50.17
C14 CLA CA . -34.84 55.75 51.15
MG CLA DA . -29.87 49.61 42.18
CHA CLA DA . -27.12 47.59 42.70
CHB CLA DA . -29.58 50.83 45.33
CHC CLA DA . -32.52 51.69 41.57
CHD CLA DA . -30.12 48.33 38.90
NA CLA DA . -28.56 49.24 43.75
C1A CLA DA . -27.45 48.37 43.77
C2A CLA DA . -26.75 48.42 45.12
C3A CLA DA . -27.61 49.40 45.94
C4A CLA DA . -28.66 49.87 44.96
CMA CLA DA . -28.24 48.72 47.13
CAA CLA DA . -25.36 48.99 44.95
CBA CLA DA . -24.33 48.28 45.80
CGA CLA DA . -24.56 48.60 47.24
O1A CLA DA . -24.91 49.67 47.74
O2A CLA DA . -24.36 47.53 48.07
NB CLA DA . -30.81 51.05 43.21
C1B CLA DA . -30.61 51.34 44.52
C2B CLA DA . -31.65 52.27 45.01
C3B CLA DA . -32.49 52.51 43.95
C4B CLA DA . -31.97 51.73 42.80
CMB CLA DA . -31.69 52.75 46.39
CAB CLA DA . -33.68 53.31 43.81
CBB CLA DA . -34.19 54.15 44.72
NC CLA DA . -31.10 49.92 40.53
C1C CLA DA . -32.13 50.84 40.50
C2C CLA DA . -32.76 50.81 39.20
C3C CLA DA . -32.09 49.86 38.44
C4C CLA DA . -31.04 49.31 39.29
CMC CLA DA . -33.90 51.66 38.81
CAC CLA DA . -32.37 49.47 37.06
CBC CLA DA . -31.41 50.09 36.08
ND CLA DA . -28.98 48.19 41.06
C1D CLA DA . -29.15 47.80 39.72
C2D CLA DA . -28.16 46.75 39.39
C3D CLA DA . -27.37 46.62 40.51
C4D CLA DA . -27.89 47.56 41.50
CMD CLA DA . -28.09 46.05 38.11
CAD CLA DA . -26.27 45.90 41.13
OBD CLA DA . -25.67 44.92 40.74
CBD CLA DA . -25.99 46.61 42.49
CGD CLA DA . -25.87 45.65 43.64
O1D CLA DA . -24.84 45.27 44.20
O2D CLA DA . -27.05 45.17 44.08
CED CLA DA . -27.07 44.61 45.39
C1 CLA DA . -25.44 47.18 48.96
C2 CLA DA . -25.64 45.71 48.83
C3 CLA DA . -26.78 45.09 49.17
C4 CLA DA . -26.94 43.63 49.02
C5 CLA DA . -27.92 45.86 49.71
MG CLA EA . -34.00 57.00 24.12
CHA CLA EA . -36.39 56.42 21.70
CHB CLA EA . -34.62 53.95 25.47
CHC CLA EA . -31.59 57.62 26.49
CHD CLA EA . -33.41 60.19 22.71
NA CLA EA . -35.30 55.45 23.63
C1A CLA EA . -36.22 55.40 22.58
C2A CLA EA . -36.95 54.06 22.57
C3A CLA EA . -36.38 53.31 23.80
C4A CLA EA . -35.35 54.29 24.35
CMA CLA EA . -37.43 52.97 24.81
CAA CLA EA . -36.59 53.29 21.32
CBA CLA EA . -35.14 52.87 21.32
CGA CLA EA . -34.31 53.86 20.57
O1A CLA EA . -34.30 54.09 19.36
O2A CLA EA . -33.49 54.59 21.36
NB CLA EA . -33.29 56.00 25.72
C1B CLA EA . -33.64 54.75 26.08
C2B CLA EA . -32.83 54.31 27.24
C3B CLA EA . -31.97 55.34 27.53
C4B CLA EA . -32.24 56.43 26.56
CMB CLA EA . -32.97 52.99 27.86
CAB CLA EA . -30.95 55.45 28.54
CBB CLA EA . -31.09 55.08 29.81
NC CLA EA . -32.73 58.61 24.51
C1C CLA EA . -31.81 58.63 25.52
C2C CLA EA . -31.07 59.89 25.48
C3C CLA EA . -31.61 60.63 24.43
C4C CLA EA . -32.65 59.82 23.82
CMC CLA EA . -30.00 60.25 26.38
CAC CLA EA . -31.19 61.97 23.98
CBC CLA EA . -30.22 61.89 22.83
ND CLA EA . -34.64 58.08 22.54
C1D CLA EA . -34.35 59.39 22.10
C2D CLA EA . -35.19 59.70 20.92
C3D CLA EA . -35.97 58.59 20.71
C4D CLA EA . -35.62 57.62 21.76
CMD CLA EA . -35.13 60.94 20.16
CAD CLA EA . -36.98 57.97 19.88
OBD CLA EA . -37.49 58.38 18.85
CBD CLA EA . -37.35 56.62 20.55
CGD CLA EA . -38.76 56.70 21.04
O1D CLA EA . -39.20 57.48 21.88
O2D CLA EA . -39.62 55.81 20.50
CED CLA EA . -40.94 56.28 20.28
C1 CLA EA . -32.79 55.68 20.72
C2 CLA EA . -31.92 56.30 21.75
C3 CLA EA . -30.78 56.93 21.46
C4 CLA EA . -30.29 57.06 20.08
C5 CLA EA . -29.94 57.55 22.54
C6 CLA EA . -28.51 57.07 22.53
C7 CLA EA . -27.60 58.09 23.18
C8 CLA EA . -26.50 57.46 24.02
C9 CLA EA . -25.46 58.48 24.41
C10 CLA EA . -25.83 56.32 23.28
MG CLA FA . -29.31 47.11 16.43
CHA CLA FA . -32.72 47.14 15.84
CHB CLA FA . -28.91 44.83 13.95
CHC CLA FA . -25.93 47.27 16.93
CHD CLA FA . -29.81 49.40 19.08
NA CLA FA . -30.62 46.14 15.13
C1A CLA FA . -32.01 46.29 15.04
C2A CLA FA . -32.59 45.37 13.97
C3A CLA FA . -31.37 44.52 13.54
C4A CLA FA . -30.20 45.20 14.23
CMA CLA FA . -31.53 43.11 14.02
CAA CLA FA . -33.25 46.14 12.83
CBA CLA FA . -32.30 46.53 11.72
CGA CLA FA . -33.05 47.31 10.69
O1A CLA FA . -34.06 46.99 10.08
O2A CLA FA . -32.48 48.53 10.44
NB CLA FA . -27.72 46.15 15.66
C1B CLA FA . -27.76 45.38 14.55
C2B CLA FA . -26.38 45.20 14.02
C3B CLA FA . -25.54 45.88 14.85
C4B CLA FA . -26.38 46.50 15.91
CMB CLA FA . -26.08 44.43 12.83
CAB CLA FA . -24.12 46.05 14.80
CBB CLA FA . -23.50 46.78 13.87
NC CLA FA . -28.10 48.13 17.78
C1C CLA FA . -26.73 48.04 17.82
C2C CLA FA . -26.21 48.87 18.89
C3C CLA FA . -27.30 49.48 19.49
C4C CLA FA . -28.48 49.01 18.79
CMC CLA FA . -24.79 49.01 19.21
CAC CLA FA . -27.27 50.41 20.62
CBC CLA FA . -27.08 49.69 21.93
ND CLA FA . -30.85 48.12 17.26
C1D CLA FA . -30.92 49.00 18.37
C2D CLA FA . -32.33 49.39 18.57
C3D CLA FA . -33.05 48.75 17.59
C4D CLA FA . -32.09 47.93 16.84
CMD CLA FA . -32.79 50.33 19.60
CAD CLA FA . -34.37 48.51 17.00
OBD CLA FA . -35.44 49.04 17.27
CBD CLA FA . -34.20 47.43 15.91
CGD CLA FA . -34.97 46.17 16.21
O1D CLA FA . -34.56 45.14 16.72
O2D CLA FA . -36.28 46.23 15.86
CED CLA FA . -36.73 45.27 14.92
C1 CLA FA . -32.41 48.95 9.06
C2 CLA FA . -32.21 50.42 9.09
C3 CLA FA . -31.03 51.01 8.92
C4 CLA FA . -30.88 52.49 8.96
C5 CLA FA . -29.79 50.23 8.67
MG CLA GA . -36.87 45.48 31.74
CHA CLA GA . -38.58 42.68 30.64
CHB CLA GA . -38.79 45.57 34.54
CHC CLA GA . -35.13 48.25 32.79
CHD CLA GA . -34.87 45.35 28.83
NA CLA GA . -38.43 44.30 32.45
C1A CLA GA . -39.00 43.16 31.85
C2A CLA GA . -40.12 42.60 32.71
C3A CLA GA . -40.16 43.55 33.93
C4A CLA GA . -39.05 44.55 33.64
CMA CLA GA . -41.49 44.22 34.06
CAA CLA GA . -39.85 41.17 33.14
CBA CLA GA . -39.16 41.12 34.49
CGA CLA GA . -37.69 41.26 34.28
O1A CLA GA . -36.97 40.67 33.47
O2A CLA GA . -37.11 42.16 35.13
NB CLA GA . -36.95 46.69 33.34
C1B CLA GA . -37.81 46.57 34.38
C2B CLA GA . -37.56 47.64 35.38
C3B CLA GA . -36.52 48.41 34.87
C4B CLA GA . -36.13 47.81 33.58
CMB CLA GA . -38.33 47.77 36.61
CAB CLA GA . -35.83 49.57 35.36
CBB CLA GA . -36.12 50.27 36.46
NC CLA GA . -35.28 46.58 30.95
C1C CLA GA . -34.73 47.68 31.55
C2C CLA GA . -33.64 48.19 30.74
C3C CLA GA . -33.56 47.38 29.62
C4C CLA GA . -34.60 46.37 29.75
CMC CLA GA . -32.83 49.36 31.11
CAC CLA GA . -32.58 47.47 28.52
CBC CLA GA . -32.72 48.73 27.70
ND CLA GA . -36.69 44.31 30.10
C1D CLA GA . -35.83 44.39 28.97
C2D CLA GA . -36.18 43.28 28.06
C3D CLA GA . -37.22 42.60 28.65
C4D CLA GA . -37.50 43.29 29.92
CMD CLA GA . -35.51 43.03 26.79
CAD CLA GA . -38.15 41.49 28.54
OBD CLA GA . -38.26 40.64 27.66
CBD CLA GA . -39.04 41.52 29.81
CGD CLA GA . -40.49 41.68 29.45
O1D CLA GA . -41.33 40.79 29.24
O2D CLA GA . -40.89 42.98 29.35
CED CLA GA . -42.23 43.28 29.73
MG CLA HA . -25.03 45.76 35.02
CHA CLA HA . -23.80 46.75 38.10
CHB CLA HA . -23.13 42.95 35.19
CHC CLA HA . -26.52 44.68 32.13
CHD CLA HA . -27.04 48.65 34.96
NA CLA HA . -23.64 45.04 36.39
C1A CLA HA . -23.29 45.57 37.63
C2A CLA HA . -22.25 44.71 38.33
C3A CLA HA . -21.87 43.68 37.25
C4A CLA HA . -22.95 43.88 36.19
CMA CLA HA . -20.51 43.99 36.69
CAA CLA HA . -22.86 44.05 39.56
CBA CLA HA . -23.35 42.64 39.29
CGA CLA HA . -24.15 42.15 40.45
O1A CLA HA . -23.82 42.04 41.63
O2A CLA HA . -25.41 41.77 40.10
NB CLA HA . -24.80 44.15 33.84
C1B CLA HA . -24.09 43.05 34.16
C2B CLA HA . -24.45 41.93 33.26
C3B CLA HA . -25.41 42.41 32.40
C4B CLA HA . -25.63 43.84 32.74
CMB CLA HA . -23.85 40.60 33.35
CAB CLA HA . -26.09 41.74 31.33
CBB CLA HA . -27.41 41.50 31.31
NC CLA HA . -26.45 46.57 33.73
C1C CLA HA . -26.88 45.98 32.59
C2C CLA HA . -27.86 46.83 31.93
C3C CLA HA . -28.06 47.92 32.77
C4C CLA HA . -27.16 47.76 33.89
CMC CLA HA . -28.53 46.51 30.67
CAC CLA HA . -28.97 49.06 32.55
CBC CLA HA . -28.40 50.13 31.65
ND CLA HA . -25.31 47.39 36.16
C1D CLA HA . -26.21 48.49 36.03
C2D CLA HA . -26.04 49.37 37.20
C3D CLA HA . -25.13 48.76 38.03
C4D CLA HA . -24.73 47.52 37.34
CMD CLA HA . -26.76 50.63 37.39
CAD CLA HA . -24.38 48.82 39.26
OBD CLA HA . -24.32 49.72 40.09
CBD CLA HA . -23.57 47.50 39.39
CGD CLA HA . -22.13 47.74 39.67
O1D CLA HA . -21.17 47.49 38.94
O2D CLA HA . -21.89 48.28 40.89
CED CLA HA . -20.61 48.01 41.47
MG CLA IA . -18.32 61.21 32.33
CHA CLA IA . -15.08 59.98 32.30
CHB CLA IA . -17.21 64.10 33.69
CHC CLA IA . -21.54 62.39 32.28
CHD CLA IA . -19.41 58.20 30.84
NA CLA IA . -16.43 61.90 32.90
C1A CLA IA . -15.20 61.25 32.80
C2A CLA IA . -14.08 62.11 33.35
C3A CLA IA . -14.82 63.34 33.91
C4A CLA IA . -16.26 63.13 33.46
CMA CLA IA . -14.74 63.35 35.41
CAA CLA IA . -13.15 62.54 32.23
CBA CLA IA . -13.87 62.91 30.96
CGA CLA IA . -14.28 64.35 30.95
O1A CLA IA . -13.61 65.35 31.25
O2A CLA IA . -15.57 64.53 30.54
NB CLA IA . -19.20 62.93 32.85
C1B CLA IA . -18.57 64.01 33.38
C2B CLA IA . -19.57 65.08 33.64
C3B CLA IA . -20.79 64.61 33.25
C4B CLA IA . -20.58 63.22 32.75
CMB CLA IA . -19.21 66.37 34.23
CAB CLA IA . -22.08 65.22 33.33
CBB CLA IA . -22.62 65.99 32.39
NC CLA IA . -20.13 60.42 31.70
C1C CLA IA . -21.33 61.07 31.79
C2C CLA IA . -22.40 60.22 31.28
C3C CLA IA . -21.80 59.05 30.84
C4C CLA IA . -20.38 59.19 31.10
CMC CLA IA . -23.80 60.59 31.24
CAC CLA IA . -22.46 57.88 30.24
CBC CLA IA . -22.39 57.92 28.74
ND CLA IA . -17.51 59.45 31.76
C1D CLA IA . -18.08 58.30 31.14
C2D CLA IA . -17.00 57.31 30.91
C3D CLA IA . -15.84 57.90 31.37
C4D CLA IA . -16.20 59.23 31.85
CMD CLA IA . -17.21 55.99 30.32
CAD CLA IA . -14.41 57.73 31.56
OBD CLA IA . -13.70 56.77 31.34
CBD CLA IA . -13.88 59.09 32.12
CGD CLA IA . -13.17 58.89 33.43
O1D CLA IA . -13.58 58.32 34.44
O2D CLA IA . -11.93 59.43 33.47
CED CLA IA . -11.50 60.01 34.69
C1 CLA IA . -16.00 65.88 30.37
C2 CLA IA . -17.48 65.83 30.31
C3 CLA IA . -18.25 66.92 30.10
C4 CLA IA . -17.66 68.26 29.91
C5 CLA IA . -19.73 66.80 30.06
C6 CLA IA . -20.27 67.01 28.66
C7 CLA IA . -21.76 66.82 28.63
C8 CLA IA . -22.34 67.13 27.26
C9 CLA IA . -22.19 68.61 26.93
C10 CLA IA . -23.80 66.72 27.17
C11 CLA IA . -24.29 66.74 25.75
C12 CLA IA . -25.60 67.48 25.62
C13 CLA IA . -26.79 66.53 25.57
C14 CLA IA . -27.72 66.86 24.43
C15 CLA IA . -27.55 66.55 26.89
MG CLA JA . -25.52 73.17 44.78
CHA CLA JA . -22.85 72.51 42.68
CHB CLA JA . -23.72 75.58 46.34
CHC CLA JA . -28.25 73.83 46.77
CHD CLA JA . -27.38 70.67 43.09
NA CLA JA . -23.58 73.89 44.54
C1A CLA JA . -22.63 73.51 43.60
C2A CLA JA . -21.34 74.31 43.77
C3A CLA JA . -21.63 75.21 44.98
C4A CLA JA . -23.08 74.90 45.32
CMA CLA JA . -20.71 74.92 46.13
CAA CLA JA . -21.06 75.16 42.54
NB CLA JA . -25.92 74.47 46.26
C1B CLA JA . -25.04 75.37 46.76
C2B CLA JA . -25.68 76.12 47.88
C3B CLA JA . -26.96 75.64 48.00
C4B CLA JA . -27.13 74.57 46.97
CMB CLA JA . -24.99 77.16 48.65
CAB CLA JA . -28.01 76.00 48.93
CBB CLA JA . -28.42 75.24 49.94
NC CLA JA . -27.45 72.37 44.91
C1C CLA JA . -28.40 72.79 45.80
C2C CLA JA . -29.63 72.02 45.62
C3C CLA JA . -29.39 71.13 44.58
C4C CLA JA . -28.02 71.36 44.13
CMC CLA JA . -30.85 72.20 46.41
CAC CLA JA . -30.32 70.15 44.02
CBC CLA JA . -31.24 70.74 42.99
ND CLA JA . -25.23 71.83 43.30
C1D CLA JA . -26.08 70.87 42.69
C2D CLA JA . -25.34 70.19 41.61
C3D CLA JA . -24.09 70.77 41.57
C4D CLA JA . -24.08 71.80 42.63
CMD CLA JA . -25.89 69.12 40.78
CAD CLA JA . -22.79 70.79 40.94
OBD CLA JA . -22.35 70.07 40.06
CBD CLA JA . -21.98 71.94 41.60
CGD CLA JA . -20.68 71.43 42.17
O1D CLA JA . -20.39 71.31 43.35
O2D CLA JA . -19.76 71.08 41.23
CED CLA JA . -18.42 70.91 41.67
NB KC2 KA . -26.86 69.48 33.71
ND KC2 KA . -25.29 71.49 36.70
C1A KC2 KA . -23.03 70.87 34.79
C1B KC2 KA . -26.18 68.99 32.66
C1C KC2 KA . -29.14 70.29 35.52
C1D KC2 KA . -25.89 72.03 37.78
C2A KC2 KA . -21.97 70.55 33.85
C2B KC2 KA . -27.06 68.40 31.71
C2C KC2 KA . -30.21 70.67 36.34
C2D KC2 KA . -24.92 72.74 38.53
C3A KC2 KA . -22.59 69.82 32.85
C3B KC2 KA . -28.31 68.55 32.21
C3C KC2 KA . -29.70 71.32 37.41
C3D KC2 KA . -23.72 72.60 37.87
C4A KC2 KA . -23.94 69.68 33.19
C4B KC2 KA . -28.16 69.24 33.47
C4C KC2 KA . -28.24 71.34 37.23
C4D KC2 KA . -23.98 71.82 36.73
CAA KC2 KA . -20.58 70.95 33.90
CAB KC2 KA . -29.56 68.10 31.60
CAC KC2 KA . -30.48 71.89 38.52
CAD KC2 KA . -22.28 72.94 37.88
CBA KC2 KA . -19.59 70.08 34.21
CBB KC2 KA . -30.39 68.99 31.05
CBC KC2 KA . -30.18 71.59 39.77
CBD KC2 KA . -21.77 72.43 36.54
CED KC2 KA . -23.27 75.01 35.04
CGA KC2 KA . -18.29 70.59 34.41
CGD KC2 KA . -21.45 73.60 35.64
CHA KC2 KA . -22.88 71.60 35.97
CHB KC2 KA . -24.83 68.99 32.38
CHC KC2 KA . -29.34 69.55 34.26
CHD KC2 KA . -27.30 71.96 38.18
CMA KC2 KA . -21.93 69.24 31.63
CMB KC2 KA . -26.68 67.75 30.42
CMC KC2 KA . -31.67 70.40 36.07
CMD KC2 KA . -25.16 73.49 39.81
NA KC2 KA . -24.22 70.32 34.38
NC KC2 KA . -27.95 70.69 36.06
O1A KC2 KA . -17.68 70.32 35.42
O1D KC2 KA . -20.31 73.98 35.58
O2A KC2 KA . -17.67 71.26 33.41
O2D KC2 KA . -22.32 73.97 34.69
OBD KC2 KA . -21.68 73.56 38.72
MG KC2 KA . -26.08 70.41 35.26
MG CLA LA . -42.20 64.64 42.79
CHA CLA LA . -45.63 65.13 42.66
CHB CLA LA . -41.72 67.73 41.46
CHC CLA LA . -38.83 64.04 42.76
CHD CLA LA . -42.75 61.39 44.05
NA CLA LA . -43.50 66.17 42.21
C1A CLA LA . -44.90 66.19 42.20
C2A CLA LA . -45.44 67.51 41.66
C3A CLA LA . -44.15 68.36 41.48
C4A CLA LA . -43.03 67.37 41.71
CMA CLA LA . -44.04 69.02 40.12
CAA CLA LA . -46.44 68.19 42.56
CBA CLA LA . -47.13 69.35 41.87
CGA CLA LA . -48.17 68.88 40.91
O1A CLA LA . -48.03 68.23 39.87
O2A CLA LA . -49.42 69.22 41.30
NB CLA LA . -40.59 65.67 42.22
C1B CLA LA . -40.59 66.91 41.67
C2B CLA LA . -39.20 67.33 41.33
C3B CLA LA . -38.38 66.28 41.69
C4B CLA LA . -39.26 65.23 42.28
CMB CLA LA . -38.89 68.62 40.73
CAB CLA LA . -36.96 66.13 41.61
CBB CLA LA . -36.07 67.03 42.01
NC CLA LA . -41.02 63.03 43.35
C1C CLA LA . -39.65 63.00 43.27
C2C CLA LA . -39.15 61.72 43.76
C3C CLA LA . -40.26 60.95 44.08
C4C CLA LA . -41.43 61.78 43.82
CMC CLA LA . -37.74 61.34 43.83
CAC CLA LA . -40.25 59.56 44.59
CBC CLA LA . -40.58 59.45 46.06
ND CLA LA . -43.77 63.52 43.37
C1D CLA LA . -43.86 62.19 43.84
C2D CLA LA . -45.27 61.85 44.06
C3D CLA LA . -45.99 62.94 43.65
C4D CLA LA . -45.02 63.95 43.18
CMD CLA LA . -45.73 60.58 44.61
CAD CLA LA . -47.32 63.52 43.50
OBD CLA LA . -48.40 63.09 43.85
CBD CLA LA . -47.12 64.89 42.79
CGD CLA LA . -47.81 64.87 41.46
O1D CLA LA . -47.69 64.04 40.55
O2D CLA LA . -48.69 65.90 41.28
CED CLA LA . -49.83 65.92 42.13
MG CLA MA . -41.85 53.02 43.90
CHA CLA MA . -45.28 53.19 43.48
CHB CLA MA . -42.06 55.21 46.49
CHC CLA MA . -38.47 52.68 44.37
CHD CLA MA . -41.67 50.79 41.16
NA CLA MA . -43.43 54.03 44.80
C1A CLA MA . -44.79 53.97 44.48
C2A CLA MA . -45.61 54.90 45.39
C3A CLA MA . -44.52 55.65 46.18
C4A CLA MA . -43.24 54.91 45.82
CMA CLA MA . -44.46 57.10 45.78
CAA CLA MA . -46.54 54.14 46.32
CBA CLA MA . -46.04 52.76 46.71
CGA CLA MA . -44.98 52.84 47.76
O1A CLA MA . -45.04 53.32 48.89
O2A CLA MA . -43.80 52.28 47.36
NB CLA MA . -40.50 53.85 45.14
C1B CLA MA . -40.82 54.60 46.22
C2B CLA MA . -39.64 54.70 47.13
C3B CLA MA . -38.63 54.00 46.54
C4B CLA MA . -39.16 53.45 45.27
CMB CLA MA . -39.66 55.45 48.38
CAB CLA MA . -37.28 53.77 46.99
CBB CLA MA . -36.81 52.61 47.42
NC CLA MA . -40.35 51.95 42.92
C1C CLA MA . -39.03 51.99 43.26
C2C CLA MA . -38.25 51.16 42.34
C3C CLA MA . -39.16 50.60 41.45
C4C CLA MA . -40.47 51.10 41.81
CMC CLA MA . -36.80 50.97 42.40
CAC CLA MA . -38.86 49.71 40.33
CBC CLA MA . -39.08 48.26 40.67
ND CLA MA . -43.12 52.13 42.61
C1D CLA MA . -42.92 51.24 41.52
C2D CLA MA . -44.22 50.93 40.91
C3D CLA MA . -45.17 51.64 41.62
C4D CLA MA . -44.43 52.37 42.66
CMD CLA MA . -44.41 50.04 39.76
CAD CLA MA . -46.57 51.97 41.78
OBD CLA MA . -47.53 51.57 41.13
CBD CLA MA . -46.68 52.99 42.95
CGD CLA MA . -47.28 54.29 42.49
O1D CLA MA . -48.44 54.67 42.62
O2D CLA MA . -46.41 55.10 41.86
CED CLA MA . -46.29 56.44 42.35
MG CLA NA . -49.32 70.82 44.14
CHA CLA NA . -52.76 70.34 44.02
CHB CLA NA . -49.64 73.62 42.27
CHC CLA NA . -45.94 71.34 44.46
CHD CLA NA . -49.05 67.90 46.11
NA CLA NA . -50.95 71.79 43.27
C1A CLA NA . -52.31 71.46 43.35
C2A CLA NA . -53.17 72.46 42.58
C3A CLA NA . -52.14 73.46 42.01
C4A CLA NA . -50.80 72.94 42.54
CMA CLA NA . -52.15 73.49 40.51
CAA CLA NA . -54.14 73.19 43.49
CBA CLA NA . -53.48 73.72 44.75
CGA CLA NA . -54.48 74.42 45.61
O1A CLA NA . -55.03 75.52 45.44
O2A CLA NA . -54.81 73.71 46.73
NB CLA NA . -48.05 72.26 43.56
C1B CLA NA . -48.35 73.25 42.69
C2B CLA NA . -47.10 73.92 42.24
C3B CLA NA . -46.06 73.29 42.85
C4B CLA NA . -46.64 72.22 43.70
CMB CLA NA . -47.11 75.04 41.29
CAB CLA NA . -44.65 73.52 42.77
CBB CLA NA . -44.06 74.70 43.03
NC CLA NA . -47.78 69.78 45.10
C1C CLA NA . -46.47 70.19 45.11
C2C CLA NA . -45.67 69.28 45.92
C3C CLA NA . -46.55 68.27 46.36
C4C CLA NA . -47.87 68.62 45.85
CMC CLA NA . -44.25 69.41 46.16
CAC CLA NA . -46.22 67.13 47.22
CBC CLA NA . -45.78 65.92 46.43
ND CLA NA . -50.54 69.34 44.79
C1D CLA NA . -50.29 68.21 45.63
C2D CLA NA . -51.58 67.52 45.88
C3D CLA NA . -52.56 68.29 45.28
C4D CLA NA . -51.85 69.42 44.64
CMD CLA NA . -51.72 66.29 46.65
CAD CLA NA . -53.97 68.42 44.98
OBD CLA NA . -54.89 67.65 45.20
CBD CLA NA . -54.15 69.79 44.27
CGD CLA NA . -54.95 69.69 43.01
O1D CLA NA . -54.79 68.89 42.09
O2D CLA NA . -55.98 70.58 42.93
CED CLA NA . -56.94 70.59 43.98
C03 II0 OA . -17.55 63.47 25.87
C04 II0 OA . -38.37 68.21 35.19
C05 II0 OA . -16.06 63.32 25.65
C06 II0 OA . -39.88 68.00 35.03
C07 II0 OA . -15.29 63.39 26.94
C08 II0 OA . -40.27 66.58 35.38
C09 II0 OA . -18.03 62.82 27.14
C10 II0 OA . -37.76 67.29 36.21
C11 II0 OA . -15.73 62.21 27.78
C12 II0 OA . -39.98 66.40 36.86
C13 II0 OA . -17.20 62.35 28.06
C14 II0 OA . -38.50 66.52 37.02
C15 II0 OA . -18.28 62.82 24.71
C16 II0 OA . -17.92 64.95 25.93
C17 II0 OA . -37.69 67.97 33.85
C18 II0 OA . -38.11 69.64 35.62
C19 II0 OA . -17.72 61.98 29.41
C20 II0 OA . -37.82 65.77 38.13
C21 II0 OA . -19.27 62.77 27.33
C22 II0 OA . -36.51 67.23 36.28
C23 II0 OA . -20.44 62.73 27.52
C24 II0 OA . -35.33 67.14 36.32
C25 II0 OA . -21.68 62.68 27.72
C26 II0 OA . -34.07 67.07 36.39
C27 II0 OA . -22.55 61.99 26.72
C28 II0 OA . -33.36 67.63 37.59
C29 II0 OA . -22.22 63.28 28.78
C30 II0 OA . -33.39 66.50 35.40
C31 II0 OA . -23.66 63.27 28.99
C32 II0 OA . -31.93 66.41 35.40
C33 II0 OA . -24.15 63.88 30.07
C34 II0 OA . -31.36 65.76 34.38
C35 II0 OA . -25.60 63.95 30.33
C36 II0 OA . -29.90 65.63 34.26
C37 II0 OA . -26.55 63.57 29.25
C38 II0 OA . -29.00 66.13 35.35
C39 II0 OA . -26.05 64.39 31.52
C40 II0 OA . -29.37 65.08 33.15
C41 II0 OA . -27.48 64.49 31.77
C42 II0 OA . -27.93 64.95 32.94
O01 II0 OA . -13.89 63.30 26.67
O02 II0 OA . -41.67 66.38 35.15
C03 II3 PA . -28.57 56.40 52.82
C04 II3 PA . -27.98 56.73 51.45
C05 II3 PA . -27.64 56.78 53.97
C06 II3 PA . -26.16 56.75 53.63
C07 II3 PA . -26.93 57.79 51.57
C08 II3 PA . -29.90 57.13 53.01
C09 II3 PA . -28.82 54.90 52.89
C10 II3 PA . -25.92 57.61 52.42
C11 II3 PA . -36.31 55.10 29.76
C12 II3 PA . -29.05 57.14 50.47
C13 II3 PA . -36.85 54.58 28.44
C14 II3 PA . -38.19 53.85 28.54
C15 II3 PA . -27.02 59.05 50.76
C16 II3 PA . -36.21 53.93 30.69
C17 II3 PA . -38.37 53.07 29.85
C18 II3 PA . -37.08 52.93 30.61
C19 II3 PA . -37.20 56.19 30.34
C20 II3 PA . -34.92 55.67 29.55
C21 II3 PA . -29.02 56.60 49.25
C22 II3 PA . -36.80 51.64 31.31
C23 II3 PA . -35.28 53.86 31.54
C24 II3 PA . -30.00 56.91 48.20
C25 II3 PA . -31.06 57.94 48.41
C26 II3 PA . -29.90 56.26 47.03
C27 II3 PA . -34.41 53.76 32.33
C28 II3 PA . -33.53 53.61 33.21
C29 II3 PA . -30.81 56.50 45.92
C30 II3 PA . -32.39 52.67 32.97
C31 II3 PA . -33.62 54.25 34.38
C32 II3 PA . -30.52 55.91 44.75
C33 II3 PA . -31.36 56.07 43.55
C34 II3 PA . -32.63 54.07 35.43
C35 II3 PA . -32.47 57.07 43.53
C36 II3 PA . -31.10 55.32 42.48
C37 II3 PA . -32.85 54.63 36.61
C38 II3 PA . -31.94 54.49 37.75
C39 II3 PA . -31.89 55.42 41.26
C40 II3 PA . -32.28 55.04 38.92
C41 II3 PA . -31.45 54.93 40.11
C42 II3 PA . -30.65 53.73 37.62
O01 II3 PA . -25.73 55.40 53.38
O02 II3 PA . -39.25 54.80 28.42
C03 II0 QA . -48.66 56.02 49.57
C04 II0 QA . -27.99 66.96 47.66
C05 II0 QA . -49.64 55.26 48.70
C06 II0 QA . -26.47 67.09 47.67
C07 II0 QA . -50.51 56.20 47.88
C08 II0 QA . -25.87 65.98 46.84
C09 II0 QA . -47.93 57.06 48.76
C10 II0 QA . -28.47 66.78 46.24
C11 II0 QA . -49.61 57.00 46.95
C12 II0 QA . -26.18 66.25 45.38
C13 II0 QA . -48.57 57.71 47.77
C14 II0 QA . -27.62 66.72 45.22
C15 II0 QA . -47.63 55.06 50.16
C16 II0 QA . -49.39 56.75 50.69
C17 II0 QA . -28.40 65.74 48.47
C18 II0 QA . -28.63 68.22 48.23
C19 II0 QA . -48.24 59.14 47.49
C20 II0 QA . -28.09 67.10 43.86
C21 II0 QA . -46.73 57.32 48.98
C22 II0 QA . -29.70 66.69 46.03
C23 II0 QA . -45.59 57.56 49.16
C24 II0 QA . -30.86 66.62 45.85
C25 II0 QA . -44.37 57.82 49.32
C26 II0 QA . -32.09 66.47 45.67
C27 II0 QA . -43.42 56.73 49.68
C28 II0 QA . -32.73 66.85 44.37
C29 II0 QA . -43.93 59.08 49.15
C30 II0 QA . -32.84 65.94 46.65
C31 II0 QA . -42.51 59.37 49.32
C32 II0 QA . -34.27 65.73 46.45
C33 II0 QA . -42.07 60.59 49.04
C34 II0 QA . -34.85 64.79 47.18
C35 II0 QA . -40.65 60.91 49.18
C36 II0 QA . -36.29 64.47 47.05
C37 II0 QA . -39.79 60.13 50.13
C38 II0 QA . -37.16 65.21 46.08
C39 II0 QA . -40.13 61.90 48.45
C40 II0 QA . -36.81 63.50 47.81
C41 II0 QA . -38.72 62.25 48.55
C42 II0 QA . -38.21 63.15 47.71
O01 II0 QA . -51.43 55.43 47.10
O02 II0 QA . -24.45 65.97 47.01
C03 II0 RA . -36.57 49.93 12.07
C04 II0 RA . -22.79 53.60 30.69
C05 II0 RA . -38.06 50.05 11.85
C06 II0 RA . -21.44 53.10 31.18
C07 II0 RA . -38.71 50.60 13.12
C08 II0 RA . -21.64 52.14 32.34
C09 II0 RA . -36.07 51.14 12.81
C10 II0 RA . -23.79 52.50 30.56
C11 II0 RA . -38.30 52.05 13.29
C12 II0 RA . -22.30 50.91 31.76
C13 II0 RA . -36.85 52.21 12.89
C14 II0 RA . -23.62 51.31 31.15
C15 II0 RA . -35.84 49.83 10.74
C16 II0 RA . -36.27 48.69 12.90
C17 II0 RA . -23.35 54.61 31.69
C18 II0 RA . -22.61 54.25 29.33
C19 II0 RA . -36.30 53.57 12.56
C20 II0 RA . -24.74 50.33 31.18
C21 II0 RA . -34.94 51.14 13.36
C22 II0 RA . -24.84 52.72 29.90
C23 II0 RA . -33.91 51.16 13.92
C24 II0 RA . -25.81 52.90 29.27
C25 II0 RA . -32.84 51.15 14.55
C26 II0 RA . -26.84 53.06 28.55
C27 II0 RA . -31.73 50.21 14.17
C28 II0 RA . -28.20 52.94 29.15
C29 II0 RA . -32.71 51.96 15.61
C30 II0 RA . -26.71 53.32 27.24
C31 II0 RA . -31.50 52.00 16.44
C32 II0 RA . -27.87 53.46 26.38
C33 II0 RA . -31.43 52.90 17.41
C34 II0 RA . -27.67 53.47 25.06
C35 II0 RA . -30.24 52.94 18.29
C36 II0 RA . -28.78 53.55 24.10
C37 II0 RA . -28.90 52.55 17.77
C38 II0 RA . -30.18 53.69 24.57
C39 II0 RA . -30.42 53.30 19.56
C40 II0 RA . -28.52 53.48 22.79
C41 II0 RA . -29.32 53.32 20.52
C42 II0 RA . -29.59 53.51 21.81
O01 II0 RA . -40.14 50.52 13.00
O02 II0 RA . -20.38 51.77 32.87
C02 IHT SA . -32.73 64.09 50.95
C03 IHT SA . -41.21 49.12 33.37
C04 IHT SA . -32.21 64.79 52.20
C05 IHT SA . -41.82 47.74 33.22
C06 IHT SA . -30.83 64.25 52.57
C07 IHT SA . -32.59 62.60 51.08
C08 IHT SA . -43.24 47.59 33.76
C09 IHT SA . -30.96 62.79 52.92
C10 IHT SA . -31.56 62.07 51.73
C11 IHT SA . -41.31 49.54 34.80
C12 IHT SA . -43.50 48.43 35.01
C13 IHT SA . -31.93 64.55 49.74
C14 IHT SA . -34.20 64.44 50.75
C15 IHT SA . -42.22 48.98 35.59
C16 IHT SA . -39.74 49.08 33.00
C17 IHT SA . -41.90 50.16 32.49
C18 IHT SA . -33.60 61.70 50.47
C19 IHT SA . -30.96 60.77 51.30
C20 IHT SA . -41.97 48.88 37.06
C21 IHT SA . -40.52 50.40 35.27
C22 IHT SA . -33.57 61.39 49.18
C23 IHT SA . -34.60 60.47 48.63
C24 IHT SA . -39.77 51.18 35.73
C25 IHT SA . -35.71 59.99 49.52
C26 IHT SA . -38.98 52.04 36.19
C27 IHT SA . -34.52 60.05 47.36
C28 IHT SA . -38.17 52.90 35.26
C29 IHT SA . -38.86 52.17 37.51
C30 IHT SA . -35.52 59.13 46.82
C31 IHT SA . -37.95 53.15 38.11
C32 IHT SA . -35.31 58.60 45.63
C33 IHT SA . -36.26 57.65 45.02
C34 IHT SA . -37.97 53.31 39.42
C35 IHT SA . -37.09 54.29 40.10
C36 IHT SA . -37.50 57.25 45.75
C37 IHT SA . -35.98 57.12 43.82
C38 IHT SA . -37.31 54.59 41.37
C39 IHT SA . -35.99 54.95 39.34
C40 IHT SA . -36.86 56.17 43.16
C41 IHT SA . -36.44 55.56 42.05
O01 IHT SA . -44.18 47.96 32.74
C03 II0 TA . -34.53 39.83 15.42
C04 II0 TA . -11.32 44.15 15.80
C05 II0 TA . -36.01 40.12 15.26
C06 II0 TA . -9.83 44.41 15.70
C07 II0 TA . -36.69 40.31 16.59
C08 II0 TA . -9.16 43.24 15.01
C09 II0 TA . -33.89 40.65 16.52
C10 II0 TA . -11.88 43.81 14.45
C11 II0 TA . -36.09 41.57 17.20
C12 II0 TA . -9.64 43.25 13.57
C13 II0 TA . -34.61 41.34 17.39
C14 II0 TA . -11.14 43.16 13.55
C15 II0 TA . -33.81 40.17 14.12
C16 II0 TA . -34.32 38.36 15.75
C17 II0 TA . -11.50 42.98 16.75
C18 II0 TA . -12.05 45.37 16.35
C19 II0 TA . -33.97 41.91 18.62
C20 II0 TA . -11.81 42.34 12.51
C21 II0 TA . -32.63 40.64 16.65
C22 II0 TA . -13.06 44.11 14.16
C23 II0 TA . -31.46 40.60 16.80
C24 II0 TA . -14.19 44.35 13.89
C25 II0 TA . -30.23 40.56 17.03
C26 II0 TA . -15.40 44.58 13.59
C27 II0 TA . -29.76 39.95 18.31
C28 II0 TA . -15.74 45.29 12.32
C29 II0 TA . -29.31 41.05 16.17
C30 II0 TA . -16.38 44.16 14.40
C31 II0 TA . -27.89 40.97 16.50
C32 II0 TA . -17.77 44.39 14.07
C33 II0 TA . -27.00 41.67 15.80
C34 II0 TA . -18.69 43.62 14.65
C35 II0 TA . -25.56 41.62 16.11
C36 II0 TA . -20.14 43.73 14.40
C37 II0 TA . -25.07 40.93 17.34
C38 II0 TA . -20.65 44.77 13.46
C39 II0 TA . -24.67 42.20 15.27
C40 II0 TA . -20.97 42.87 14.99
C41 II0 TA . -23.23 42.16 15.51
C42 II0 TA . -22.41 42.92 14.76
O01 II0 TA . -38.09 40.49 16.40
O02 II0 TA . -7.75 43.40 15.05
MG CLA UA . -10.33 50.24 22.76
CHA CLA UA . -8.29 49.72 20.01
CHB CLA UA . -9.11 53.39 23.07
CHC CLA UA . -12.47 50.75 25.39
CHD CLA UA . -11.55 46.94 22.42
NA CLA UA . -8.92 51.34 21.70
C1A CLA UA . -8.18 50.96 20.57
C2A CLA UA . -7.26 52.07 20.11
C3A CLA UA . -7.46 53.17 21.18
C4A CLA UA . -8.59 52.61 22.05
CMA CLA UA . -6.20 53.38 21.98
CAA CLA UA . -7.66 52.59 18.74
CBA CLA UA . -9.15 52.81 18.62
NB CLA UA . -10.70 51.76 24.01
C1B CLA UA . -10.12 52.99 23.95
C2B CLA UA . -10.73 53.89 24.97
C3B CLA UA . -11.68 53.15 25.63
C4B CLA UA . -11.68 51.79 25.03
CMB CLA UA . -10.32 55.28 25.16
CAB CLA UA . -12.56 53.52 26.71
CBB CLA UA . -13.89 53.49 26.66
NC CLA UA . -11.74 49.05 23.73
C1C CLA UA . -12.49 49.47 24.79
C2C CLA UA . -13.38 48.40 25.22
C3C CLA UA . -13.13 47.32 24.39
C4C CLA UA . -12.09 47.74 23.45
CMC CLA UA . -14.32 48.49 26.33
CAC CLA UA . -13.77 46.01 24.45
CBC CLA UA . -14.90 45.92 23.44
ND CLA UA . -10.03 48.66 21.55
C1D CLA UA . -10.60 47.36 21.53
C2D CLA UA . -9.99 46.60 20.42
C3D CLA UA . -9.10 47.46 19.80
C4D CLA UA . -9.17 48.73 20.54
CMD CLA UA . -10.31 45.22 20.10
CAD CLA UA . -8.12 47.63 18.74
OBD CLA UA . -7.73 46.83 17.90
CBD CLA UA . -7.58 49.08 18.84
CGD CLA UA . -6.10 49.09 19.07
O1D CLA UA . -5.50 49.37 20.10
O2D CLA UA . -5.38 48.73 17.97
CED CLA UA . -4.13 49.39 17.77
MG CLA VA . -9.82 36.33 19.38
CHA CLA VA . -7.17 37.64 21.14
CHB CLA VA . -9.00 33.22 20.47
CHC CLA VA . -12.52 35.09 17.68
CHD CLA VA . -10.63 39.58 18.27
NA CLA VA . -8.32 35.58 20.61
C1A CLA VA . -7.31 36.29 21.26
C2A CLA VA . -6.42 35.37 22.07
C3A CLA VA . -6.95 33.97 21.71
C4A CLA VA . -8.19 34.26 20.88
CMA CLA VA . -5.92 33.23 20.90
CAA CLA VA . -6.62 35.63 23.55
CBA CLA VA . -7.40 34.52 24.22
CGA CLA VA . -8.84 34.89 24.25
O1A CLA VA . -9.31 36.02 24.30
O2A CLA VA . -9.69 33.83 24.21
NB CLA VA . -10.58 34.50 19.08
C1B CLA VA . -10.15 33.37 19.68
C2B CLA VA . -11.07 32.24 19.35
C3B CLA VA . -12.05 32.76 18.56
C4B CLA VA . -11.76 34.20 18.39
CMB CLA VA . -10.86 30.89 19.84
CAB CLA VA . -13.21 32.14 17.97
CBB CLA VA . -14.08 31.41 18.65
NC CLA VA . -11.30 37.18 18.18
C1C CLA VA . -12.30 36.49 17.58
C2C CLA VA . -13.15 37.40 16.83
C3C CLA VA . -12.62 38.66 17.00
C4C CLA VA . -11.45 38.53 17.85
CMC CLA VA . -14.33 37.01 16.06
CAC CLA VA . -13.16 39.90 16.44
CBC CLA VA . -14.08 40.60 17.41
ND CLA VA . -9.15 38.21 19.64
C1D CLA VA . -9.55 39.45 19.11
C2D CLA VA . -8.62 40.50 19.57
C3D CLA VA . -7.68 39.86 20.35
C4D CLA VA . -8.06 38.44 20.35
CMD CLA VA . -8.73 41.91 19.23
CAD CLA VA . -6.48 39.98 21.15
OBD CLA VA . -5.83 40.97 21.42
CBD CLA VA . -6.11 38.57 21.66
CGD CLA VA . -4.80 38.14 21.09
O1D CLA VA . -4.40 38.27 19.94
O2D CLA VA . -3.97 37.51 21.97
CED CLA VA . -3.01 36.62 21.41
C1 CLA VA . -10.86 33.99 23.37
C2 CLA VA . -11.95 33.14 23.89
C3 CLA VA . -13.12 33.01 23.23
C4 CLA VA . -13.39 33.73 21.96
C5 CLA VA . -14.23 32.17 23.74
C6 CLA VA . -15.57 32.88 23.70
C7 CLA VA . -16.62 32.07 24.43
C8 CLA VA . -17.83 32.92 24.79
C9 CLA VA . -18.75 32.14 25.70
C10 CLA VA . -18.57 33.39 23.56
C11 CLA VA . -19.07 34.82 23.70
C12 CLA VA . -19.41 35.46 22.37
C13 CLA VA . -19.91 36.88 22.57
C14 CLA VA . -20.39 37.49 21.28
MG CLA WA . -16.75 27.27 18.18
CHA CLA WA . -14.53 25.48 20.15
CHB CLA WA . -16.62 29.83 20.39
CHC CLA WA . -18.88 29.04 16.15
CHD CLA WA . -16.94 24.52 15.97
NA CLA WA . -15.72 27.58 19.97
C1A CLA WA . -14.83 26.72 20.63
C2A CLA WA . -14.32 27.33 21.92
C3A CLA WA . -15.09 28.66 22.02
C4A CLA WA . -15.86 28.72 20.71
CMA CLA WA . -16.04 28.64 23.20
CAA CLA WA . -12.83 27.62 21.88
CBA CLA WA . -12.15 27.23 23.17
CGA CLA WA . -12.18 28.32 24.20
O1A CLA WA . -12.53 29.49 24.07
O2A CLA WA . -11.76 27.91 25.44
NB CLA WA . -17.57 29.09 18.25
C1B CLA WA . -17.39 30.00 19.24
C2B CLA WA . -18.19 31.21 18.95
C3B CLA WA . -18.83 31.00 17.76
C4B CLA WA . -18.45 29.64 17.29
CMB CLA WA . -18.23 32.37 19.85
CAB CLA WA . -19.74 31.84 17.03
CBB CLA WA . -20.80 32.44 17.56
NC CLA WA . -17.72 26.85 16.38
C1C CLA WA . -18.53 27.72 15.73
C2C CLA WA . -19.04 27.11 14.52
C3C CLA WA . -18.51 25.83 14.46
C4C CLA WA . -17.67 25.66 15.65
CMC CLA WA . -19.94 27.75 13.57
CAC CLA WA . -18.73 24.81 13.43
CBC CLA WA . -17.81 25.00 12.24
ND CLA WA . -15.96 25.41 18.03
C1D CLA WA . -16.14 24.38 17.08
C2D CLA WA . -15.32 23.22 17.49
C3D CLA WA . -14.68 23.59 18.65
C4D CLA WA . -15.11 24.96 18.94
CMD CLA WA . -15.25 21.95 16.77
CAD CLA WA . -13.77 23.19 19.70
OBD CLA WA . -13.16 22.14 19.84
CBD CLA WA . -13.66 24.37 20.70
CGD CLA WA . -14.10 23.96 22.08
O1D CLA WA . -13.71 24.41 23.16
O2D CLA WA . -15.03 22.98 22.09
CED CLA WA . -15.60 22.64 23.36
C1 CLA WA . -12.70 27.91 26.53
C2 CLA WA . -13.54 26.71 26.36
C3 CLA WA . -14.65 26.46 27.07
C4 CLA WA . -15.47 25.25 26.86
C5 CLA WA . -15.12 27.41 28.12
MG CLA XA . -18.96 26.25 -1.66
CHA CLA XA . -21.37 24.83 -3.69
CHB CLA XA . -20.00 24.31 0.93
CHC CLA XA . -16.45 27.58 0.27
CHD CLA XA . -17.86 28.19 -4.40
NA CLA XA . -20.46 24.82 -1.44
C1A CLA XA . -21.35 24.36 -2.41
C2A CLA XA . -22.27 23.28 -1.84
C3A CLA XA . -21.83 23.17 -0.36
C4A CLA XA . -20.68 24.16 -0.26
CMA CLA XA . -22.96 23.53 0.57
CAA CLA XA . -21.94 21.97 -2.53
CBA CLA XA . -20.48 21.59 -2.41
CGA CLA XA . -19.71 21.99 -3.62
O1A CLA XA . -19.80 21.57 -4.77
O2A CLA XA . -18.80 22.99 -3.37
NB CLA XA . -18.35 26.00 0.23
C1B CLA XA . -18.92 25.19 1.15
C2B CLA XA . -18.24 25.34 2.46
C3B CLA XA . -17.23 26.26 2.28
C4B CLA XA . -17.28 26.68 0.86
CMB CLA XA . -18.64 24.58 3.64
CAB CLA XA . -16.24 26.78 3.18
CBB CLA XA . -16.36 26.88 4.50
NC CLA XA . -17.44 27.64 -2.01
C1C CLA XA . -16.52 28.03 -1.09
C2C CLA XA . -15.59 28.97 -1.67
C3C CLA XA . -15.99 29.16 -3.00
C4C CLA XA . -17.15 28.31 -3.20
CMC CLA XA . -14.46 29.58 -0.97
CAC CLA XA . -15.36 30.02 -4.00
CBC CLA XA . -14.37 29.26 -4.84
ND CLA XA . -19.47 26.53 -3.59
C1D CLA XA . -18.94 27.36 -4.61
C2D CLA XA . -19.73 27.17 -5.84
C3D CLA XA . -20.69 26.21 -5.55
C4D CLA XA . -20.46 25.84 -4.14
CMD CLA XA . -19.50 27.87 -7.10
CAD CLA XA . -21.80 25.44 -6.04
OBD CLA XA . -22.34 25.45 -7.13
CBD CLA XA . -22.26 24.51 -4.88
CGD CLA XA . -23.71 24.74 -4.55
O1D CLA XA . -24.20 25.71 -3.98
O2D CLA XA . -24.54 23.75 -4.96
CED CLA XA . -25.92 24.05 -4.98
C1 CLA XA . -17.90 23.32 -4.45
C2 CLA XA . -17.00 24.37 -3.92
C3 CLA XA . -15.68 24.42 -4.18
C4 CLA XA . -15.01 23.41 -5.04
C5 CLA XA . -14.83 25.50 -3.64
C6 CLA XA . -13.88 25.01 -2.56
C7 CLA XA . -12.73 25.98 -2.40
C8 CLA XA . -12.08 25.89 -1.02
C9 CLA XA . -11.13 24.72 -0.95
C10 CLA XA . -13.13 25.78 0.07
MG CLA YA . -16.23 13.53 -3.68
CHA CLA YA . -19.57 13.60 -4.59
CHB CLA YA . -15.94 10.40 -4.96
CHC CLA YA . -12.87 13.61 -2.96
CHD CLA YA . -16.59 16.74 -2.28
NA CLA YA . -17.56 12.22 -4.59
C1A CLA YA . -18.91 12.44 -4.90
C2A CLA YA . -19.53 11.22 -5.58
C3A CLA YA . -18.41 10.17 -5.46
C4A CLA YA . -17.20 10.97 -4.99
CMA CLA YA . -18.77 9.13 -4.45
CAA CLA YA . -19.82 11.56 -7.03
CBA CLA YA . -20.18 10.35 -7.86
CGA CLA YA . -20.36 10.75 -9.30
O1A CLA YA . -20.95 10.15 -10.20
O2A CLA YA . -19.78 11.95 -9.60
NB CLA YA . -14.71 12.23 -3.87
C1B CLA YA . -14.77 11.04 -4.52
C2B CLA YA . -13.39 10.49 -4.69
C3B CLA YA . -12.53 11.39 -4.13
C4B CLA YA . -13.34 12.51 -3.60
CMB CLA YA . -13.12 9.22 -5.35
CAB CLA YA . -11.10 11.34 -4.03
CBB CLA YA . -10.27 12.24 -4.56
NC CLA YA . -14.97 14.91 -2.75
C1C CLA YA . -13.63 14.74 -2.55
C2C CLA YA . -13.07 15.89 -1.88
C3C CLA YA . -14.12 16.78 -1.69
C4C CLA YA . -15.31 16.16 -2.24
CMC CLA YA . -11.67 16.03 -1.51
CAC CLA YA . -14.05 18.09 -1.04
CBC CLA YA . -14.23 17.99 0.46
ND CLA YA . -17.69 14.89 -3.44
C1D CLA YA . -17.71 16.17 -2.84
C2D CLA YA . -19.08 16.73 -2.95
C3D CLA YA . -19.81 15.80 -3.65
C4D CLA YA . -18.91 14.67 -3.92
CMD CLA YA . -19.49 18.03 -2.46
CAD CLA YA . -21.11 15.46 -4.21
OBD CLA YA . -22.14 16.11 -4.24
CBD CLA YA . -21.00 14.03 -4.82
CGD CLA YA . -21.98 13.08 -4.19
O1D CLA YA . -22.16 12.88 -2.98
O2D CLA YA . -22.74 12.40 -5.07
CED CLA YA . -23.57 11.36 -4.56
C1 CLA YA . -19.48 12.21 -10.98
C2 CLA YA . -18.07 12.66 -11.03
C3 CLA YA . -17.50 13.26 -12.09
C4 CLA YA . -18.27 13.55 -13.33
C5 CLA YA . -16.08 13.70 -12.07
C6 CLA YA . -15.15 12.69 -12.71
C7 CLA YA . -13.83 13.32 -13.09
C8 CLA YA . -12.97 13.67 -11.89
C9 CLA YA . -12.69 15.15 -11.85
C10 CLA YA . -11.65 12.88 -11.91
C11 CLA YA . -11.37 12.18 -10.61
C12 CLA YA . -10.65 13.09 -9.63
C13 CLA YA . -10.19 12.32 -8.39
C14 CLA YA . -8.87 11.62 -8.65
C15 CLA YA . -11.24 11.33 -7.91
MG CLA ZA . -24.17 20.23 9.41
CHA CLA ZA . -26.31 17.57 10.03
CHB CLA ZA . -25.47 21.87 12.07
CHC CLA ZA . -21.89 22.72 8.89
CHD CLA ZA . -22.94 18.52 6.58
NA CLA ZA . -25.67 19.78 10.79
C1A CLA ZA . -26.44 18.62 10.89
C2A CLA ZA . -27.43 18.71 12.04
C3A CLA ZA . -27.26 20.17 12.53
C4A CLA ZA . -26.04 20.66 11.76
CMA CLA ZA . -28.48 21.00 12.21
CAA CLA ZA . -27.10 17.74 13.16
CBA CLA ZA . -25.62 17.72 13.48
CGA CLA ZA . -25.40 17.03 14.80
O1A CLA ZA . -25.88 15.98 15.20
O2A CLA ZA . -24.52 17.71 15.59
NB CLA ZA . -23.80 22.01 10.26
C1B CLA ZA . -24.35 22.43 11.43
C2B CLA ZA . -23.60 23.60 11.95
C3B CLA ZA . -22.58 23.85 11.06
C4B CLA ZA . -22.70 22.84 9.98
CMB CLA ZA . -23.94 24.29 13.19
CAB CLA ZA . -21.57 24.87 11.13
CBB CLA ZA . -21.05 25.54 10.10
NC CLA ZA . -22.71 20.57 7.97
C1C CLA ZA . -21.91 21.67 7.94
C2C CLA ZA . -21.01 21.60 6.80
C3C CLA ZA . -21.30 20.41 6.15
C4C CLA ZA . -22.38 19.77 6.89
CMC CLA ZA . -20.02 22.62 6.47
CAC CLA ZA . -20.66 19.91 4.92
CBC CLA ZA . -21.20 20.63 3.71
ND CLA ZA . -24.49 18.47 8.48
C1D CLA ZA . -23.91 17.89 7.32
C2D CLA ZA . -24.52 16.57 7.10
C3D CLA ZA . -25.42 16.37 8.12
C4D CLA ZA . -25.37 17.60 8.94
CMD CLA ZA . -24.16 15.67 6.00
CAD CLA ZA . -26.40 15.50 8.70
OBD CLA ZA . -26.75 14.38 8.36
CBD CLA ZA . -27.02 16.23 9.93
CGD CLA ZA . -28.50 16.39 9.80
O1D CLA ZA . -29.39 15.67 10.28
O2D CLA ZA . -28.88 17.46 9.06
CED CLA ZA . -30.29 17.75 8.98
MG CLA AB . -12.49 19.50 14.36
CHA CLA AB . -11.03 21.78 16.51
CHB CLA AB . -10.69 17.02 15.81
CHC CLA AB . -14.21 17.24 12.46
CHD CLA AB . -14.35 22.14 12.91
NA CLA AB . -11.05 19.45 15.86
C1A CLA AB . -10.60 20.50 16.67
C2A CLA AB . -9.54 20.02 17.65
C3A CLA AB . -9.27 18.57 17.19
C4A CLA AB . -10.42 18.31 16.23
CMA CLA AB . -7.95 18.49 16.49
CAA CLA AB . -10.03 20.09 19.07
CBA CLA AB . -11.39 19.43 19.27
CGA CLA AB . -11.83 19.67 20.67
O1A CLA AB . -11.19 20.11 21.61
O2A CLA AB . -13.14 19.32 20.89
NB CLA AB . -12.44 17.51 14.16
C1B CLA AB . -11.70 16.66 14.90
C2B CLA AB . -12.08 15.26 14.61
C3B CLA AB . -13.08 15.31 13.67
C4B CLA AB . -13.31 16.74 13.36
CMB CLA AB . -11.45 14.11 15.25
CAB CLA AB . -13.80 14.24 13.02
CBB CLA AB . -14.45 13.27 13.64
NC CLA AB . -13.96 19.67 12.90
C1C CLA AB . -14.50 18.61 12.24
C2C CLA AB . -15.50 19.09 11.28
C3C CLA AB . -15.56 20.47 11.42
C4C CLA AB . -14.58 20.83 12.44
CMC CLA AB . -16.27 18.22 10.40
CAC CLA AB . -16.41 21.40 10.67
CBC CLA AB . -17.81 21.47 11.22
ND CLA AB . -12.59 21.51 14.50
C1D CLA AB . -13.43 22.47 13.89
C2D CLA AB . -13.13 23.80 14.45
C3D CLA AB . -12.22 23.60 15.47
C4D CLA AB . -11.94 22.15 15.48
CMD CLA AB . -13.76 25.04 14.01
CAD CLA AB . -11.39 24.20 16.49
OBD CLA AB . -11.22 25.39 16.75
CBD CLA AB . -10.69 23.05 17.26
CGD CLA AB . -9.21 23.23 17.41
O1D CLA AB . -8.31 22.69 16.76
O2D CLA AB . -8.86 24.09 18.38
CED CLA AB . -7.56 23.89 18.97
MG CLA BB . -3.10 31.67 5.46
CHA CLA BB . -0.18 30.07 6.37
CHB CLA BB . -1.45 34.64 5.35
CHC CLA BB . -6.00 33.19 4.44
CHD CLA BB . -4.76 28.55 5.48
NA CLA BB . -1.14 32.23 5.83
C1A CLA BB . -0.06 31.42 6.18
C2A CLA BB . 1.22 32.23 6.35
C3A CLA BB . 0.74 33.69 6.14
C4A CLA BB . -0.71 33.53 5.74
CMA CLA BB . 0.86 34.48 7.40
CAA CLA BB . 2.23 31.87 5.29
CBA CLA BB . 1.59 31.69 3.92
CGA CLA BB . 1.51 32.99 3.18
O1A CLA BB . 2.38 33.84 3.02
O2A CLA BB . 0.28 33.21 2.62
NB CLA BB . -3.62 33.55 4.98
C1B CLA BB . -2.79 34.62 4.98
C2B CLA BB . -3.53 35.83 4.55
C3B CLA BB . -4.83 35.44 4.29
C4B CLA BB . -4.90 33.98 4.57
CMB CLA BB . -2.92 37.15 4.46
CAB CLA BB . -5.97 36.20 3.86
CBB CLA BB . -5.94 37.15 2.92
NC CLA BB . -5.04 30.99 5.07
C1C CLA BB . -6.07 31.80 4.68
C2C CLA BB . -7.27 31.00 4.51
C3C CLA BB . -6.92 29.68 4.77
C4C CLA BB . -5.51 29.69 5.11
CMC CLA BB . -8.58 31.52 4.11
CAC CLA BB . -7.78 28.51 4.71
CBC CLA BB . -7.75 27.88 3.34
ND CLA BB . -2.67 29.76 5.91
C1D CLA BB . -3.44 28.57 5.86
C2D CLA BB . -2.59 27.43 6.27
C3D CLA BB . -1.34 27.96 6.50
C4D CLA BB . -1.44 29.41 6.23
CMD CLA BB . -3.05 26.05 6.40
CAD CLA BB . 0.03 27.68 6.89
OBD CLA BB . 0.54 26.63 7.25
CBD CLA BB . 0.82 29.02 6.78
CGD CLA BB . 1.47 29.40 8.07
O1D CLA BB . 0.98 29.41 9.20
O2D CLA BB . 2.77 29.76 7.94
CED CLA BB . 3.28 30.71 8.87
C1 CLA BB . 0.13 34.44 1.88
C2 CLA BB . -1.32 34.55 1.60
C3 CLA BB . -1.86 35.63 1.00
C4 CLA BB . -1.06 36.79 0.58
C5 CLA BB . -3.33 35.69 0.74
C6 CLA BB . -3.69 35.54 -0.72
C7 CLA BB . -5.19 35.45 -0.89
C8 CLA BB . -5.59 35.11 -2.31
C9 CLA BB . -5.17 36.23 -3.26
C10 CLA BB . -7.09 34.89 -2.42
C11 CLA BB . -7.48 34.25 -3.72
C12 CLA BB . -8.52 35.06 -4.47
C13 CLA BB . -9.91 34.51 -4.25
C14 CLA BB . -10.35 33.67 -5.44
C15 CLA BB . -10.92 35.62 -4.00
MG CLA CB . -7.54 48.63 9.48
CHA CLA CB . -5.05 46.65 8.12
CHB CLA CB . -5.28 51.09 10.03
CHC CLA CB . -10.08 50.59 10.69
CHD CLA CB . -9.84 45.99 8.96
NA CLA CB . -5.50 48.81 9.13
C1A CLA CB . -4.63 47.88 8.54
C2A CLA CB . -3.21 48.42 8.48
C3A CLA CB . -3.30 49.76 9.23
C4A CLA CB . -4.80 49.93 9.49
CMA CLA CB . -2.53 49.73 10.52
CAA CLA CB . -2.80 48.65 7.04
NB CLA CB . -7.65 50.48 10.25
C1B CLA CB . -6.63 51.36 10.32
C2B CLA CB . -7.14 52.68 10.76
C3B CLA CB . -8.49 52.55 10.95
C4B CLA CB . -8.84 51.14 10.63
CMB CLA CB . -6.28 53.86 10.94
CAB CLA CB . -9.46 53.52 11.37
CBB CLA CB . -10.41 54.04 10.59
NC CLA CB . -9.58 48.32 9.79
C1C CLA CB . -10.43 49.27 10.30
C2C CLA CB . -11.78 48.73 10.38
C3C CLA CB . -11.72 47.43 9.88
C4C CLA CB . -10.32 47.18 9.51
CMC CLA CB . -12.94 49.45 10.87
CAC CLA CB . -12.82 46.48 9.76
CBC CLA CB . -13.50 46.55 8.41
ND CLA CB . -7.53 46.76 8.72
C1D CLA CB . -8.54 45.78 8.56
C2D CLA CB . -7.95 44.57 7.96
C3D CLA CB . -6.62 44.85 7.76
C4D CLA CB . -6.40 46.22 8.26
CMD CLA CB . -8.70 43.37 7.65
CAD CLA CB . -5.35 44.37 7.28
OBD CLA CB . -5.07 43.28 6.79
CBD CLA CB . -4.30 45.50 7.50
CGD CLA CB . -3.19 45.03 8.38
O1D CLA CB . -3.16 45.05 9.61
O2D CLA CB . -2.11 44.53 7.72
CED CLA CB . -0.83 44.89 8.23
NB KC2 DB . -9.72 43.17 2.87
ND KC2 DB . -6.65 41.49 1.10
C1A KC2 DB . -5.60 43.97 2.48
C1B KC2 DB . -9.67 44.28 3.64
C1C KC2 DB . -10.78 40.75 1.40
C1D KC2 DB . -6.59 40.36 0.37
C2A KC2 DB . -5.14 45.17 3.17
C2B KC2 DB . -10.96 44.63 4.10
C2C KC2 DB . -11.28 39.63 0.75
C2D KC2 DB . -5.27 40.19 -0.08
C3A KC2 DB . -6.26 45.67 3.81
C3B KC2 DB . -11.81 43.70 3.59
C3C KC2 DB . -10.23 38.99 0.17
C3D KC2 DB . -4.53 41.24 0.40
C4A KC2 DB . -7.33 44.82 3.52
C4B KC2 DB . -11.00 42.80 2.82
C4C KC2 DB . -9.04 39.78 0.50
C4D KC2 DB . -5.42 42.04 1.13
CAA KC2 DB . -3.80 45.73 3.21
CAB KC2 DB . -13.27 43.62 3.78
CAC KC2 DB . -10.33 37.76 -0.63
CAD KC2 DB . -3.20 41.88 0.44
CBA KC2 DB . -3.20 46.19 2.09
CBB KC2 DB . -14.06 44.52 3.20
CBC KC2 DB . -9.43 36.78 -0.50
CBD KC2 DB . -3.35 42.93 1.53
CED KC2 DB . -1.72 40.21 2.91
CGA KC2 DB . -3.90 46.33 0.87
CGD KC2 DB . -2.80 42.32 2.77
CHA KC2 DB . -4.82 43.13 1.68
CHB KC2 DB . -8.61 45.06 4.01
CHC KC2 DB . -11.65 41.68 2.15
CHD KC2 DB . -7.67 39.43 0.05
CMA KC2 DB . -6.33 46.90 4.67
CMB KC2 DB . -11.32 45.80 4.97
CMC KC2 DB . -12.72 39.19 0.69
CMD KC2 DB . -4.76 39.07 -0.94
NA KC2 DB . -6.94 43.78 2.70
NC KC2 DB . -9.43 40.84 1.26
O1A KC2 DB . -4.80 47.16 0.77
O1D KC2 DB . -3.61 41.95 3.59
O2A KC2 DB . -3.50 45.65 -0.22
O2D KC2 DB . -1.65 41.64 2.66
OBD KC2 DB . -2.18 41.53 -0.11
MG KC2 DB . -8.19 42.29 2.01
MG CLA EB . -26.04 42.30 10.64
CHA CLA EB . -29.25 43.41 9.97
CHB CLA EB . -24.77 44.86 8.80
CHC CLA EB . -22.89 41.29 11.51
CHD CLA EB . -27.40 39.64 12.51
NA CLA EB . -26.90 43.87 9.56
C1A CLA EB . -28.25 44.17 9.42
C2A CLA EB . -28.45 45.42 8.57
C3A CLA EB . -27.01 45.79 8.14
C4A CLA EB . -26.14 44.79 8.88
CMA CLA EB . -26.83 45.67 6.64
CAA CLA EB . -29.03 46.52 9.44
CBA CLA EB . -27.96 47.26 10.22
CGA CLA EB . -28.53 47.90 11.44
O1A CLA EB . -29.65 48.39 11.62
O2A CLA EB . -27.66 47.94 12.49
NB CLA EB . -24.18 42.95 10.22
C1B CLA EB . -23.86 43.99 9.45
C2B CLA EB . -22.38 44.13 9.35
C3B CLA EB . -21.85 43.11 10.12
C4B CLA EB . -22.98 42.36 10.69
CMB CLA EB . -21.72 45.18 8.58
CAB CLA EB . -20.49 42.76 10.41
CBB CLA EB . -19.45 42.85 9.58
NC CLA EB . -25.29 40.74 11.80
C1C CLA EB . -23.96 40.53 12.04
C2C CLA EB . -23.80 39.38 12.92
C3C CLA EB . -25.07 38.89 13.18
C4C CLA EB . -26.01 39.75 12.47
CMC CLA EB . -22.52 38.87 13.39
CAC CLA EB . -25.43 37.73 14.01
CBC CLA EB . -26.00 38.10 15.35
ND CLA EB . -27.86 41.61 11.13
C1D CLA EB . -28.29 40.50 11.90
C2D CLA EB . -29.75 40.46 11.91
C3D CLA EB . -30.17 41.56 11.21
C4D CLA EB . -28.97 42.24 10.73
CMD CLA EB . -30.53 39.44 12.60
CAD CLA EB . -31.31 42.31 10.71
OBD CLA EB . -32.50 42.07 10.83
CBD CLA EB . -30.75 43.52 9.93
CGD CLA EB . -31.30 43.54 8.54
O1D CLA EB . -31.71 42.59 7.88
O2D CLA EB . -31.35 44.78 7.98
CED CLA EB . -32.59 45.18 7.39
MG CLA FB . -27.90 32.60 16.67
CHA CLA FB . -31.29 32.86 16.03
CHB CLA FB . -27.87 35.80 17.78
CHC CLA FB . -24.58 32.22 17.48
CHD CLA FB . -27.97 29.27 15.49
NA CLA FB . -29.36 34.08 16.84
C1A CLA FB . -30.72 33.99 16.53
C2A CLA FB . -31.43 35.32 16.80
C3A CLA FB . -30.26 36.27 17.12
C4A CLA FB . -29.07 35.33 17.29
CMA CLA FB . -30.04 37.24 16.00
CAA CLA FB . -32.41 35.25 17.96
CBA CLA FB . -32.07 34.22 19.02
CGA CLA FB . -31.09 34.75 20.01
O1A CLA FB . -31.17 35.73 20.75
O2A CLA FB . -29.95 33.99 20.06
NB CLA FB . -26.47 33.82 17.41
C1B CLA FB . -26.70 35.04 17.94
C2B CLA FB . -25.53 35.47 18.75
C3B CLA FB . -24.60 34.46 18.67
C4B CLA FB . -25.18 33.40 17.80
CMB CLA FB . -25.48 36.74 19.45
CAB CLA FB . -23.31 34.35 19.25
CBB CLA FB . -23.05 34.46 20.55
NC CLA FB . -26.52 31.04 16.48
C1C CLA FB . -25.21 31.12 16.85
C2C CLA FB . -24.55 29.86 16.55
C3C CLA FB . -25.51 29.01 16.01
C4C CLA FB . -26.75 29.76 15.96
CMC CLA FB . -23.14 29.59 16.81
CAC CLA FB . -25.31 27.64 15.55
CBC CLA FB . -25.76 26.62 16.58
ND CLA FB . -29.26 31.30 15.94
C1D CLA FB . -29.16 29.97 15.48
C2D CLA FB . -30.48 29.52 15.02
C3D CLA FB . -31.34 30.58 15.22
C4D CLA FB . -30.53 31.67 15.79
CMD CLA FB . -30.77 28.19 14.49
CAD CLA FB . -32.70 31.08 15.11
OBD CLA FB . -33.71 30.50 14.70
CBD CLA FB . -32.71 32.55 15.60
CGD CLA FB . -33.13 33.47 14.49
O1D CLA FB . -34.17 34.11 14.38
O2D CLA FB . -32.22 33.56 13.48
CED CLA FB . -31.67 34.85 13.23
C03 II0 GB . -2.63 30.48 -1.36
C04 II0 GB . -21.66 43.39 4.22
C05 II0 GB . -1.20 29.92 -1.34
C06 II0 GB . -23.10 43.80 4.48
C07 II0 GB . -0.34 30.68 -0.36
C08 II0 GB . -23.91 42.58 4.88
C09 II0 GB . -3.12 30.82 0.04
C10 II0 GB . -21.14 42.51 5.32
C11 II0 GB . -0.89 30.35 1.02
C12 II0 GB . -23.43 42.18 6.25
C13 II0 GB . -2.31 30.83 1.09
C14 II0 GB . -21.94 41.92 6.21
C15 II0 GB . -3.56 29.43 -1.94
C16 II0 GB . -2.67 31.74 -2.20
C17 II0 GB . -21.59 42.59 2.92
C18 II0 GB . -20.79 44.62 4.13
C19 II0 GB . -2.84 31.31 2.40
C20 II0 GB . -21.36 41.00 7.23
C21 II0 GB . -4.32 31.14 0.15
C22 II0 GB . -19.91 42.30 5.36
C23 II0 GB . -5.46 31.40 0.29
C24 II0 GB . -18.74 42.11 5.37
C25 II0 GB . -6.67 31.72 0.41
C26 II0 GB . -17.50 41.91 5.40
C27 II0 GB . -7.74 30.79 -0.08
C28 II0 GB . -16.55 42.99 5.80
C29 II0 GB . -7.01 32.89 0.98
C30 II0 GB . -17.03 40.70 5.07
C31 II0 GB . -8.41 33.28 1.11
C32 II0 GB . -15.61 40.40 5.07
C33 II0 GB . -8.73 34.32 1.87
C34 II0 GB . -15.24 39.20 4.63
C35 II0 GB . -10.13 34.75 2.03
C36 II0 GB . -13.82 38.80 4.57
C37 II0 GB . -11.22 34.01 1.32
C38 II0 GB . -12.77 39.63 5.23
C39 II0 GB . -10.43 35.80 2.80
C40 II0 GB . -13.50 37.69 3.89
C41 II0 GB . -11.81 36.24 2.95
C42 II0 GB . -12.11 37.25 3.77
O01 II0 GB . 1.01 30.23 -0.46
O02 II0 GB . -25.29 42.94 4.95
C03 II0 HB . -22.98 26.22 5.29
C04 II0 HB . -14.94 37.66 24.18
C05 II0 HB . -23.69 25.68 4.05
C06 II0 HB . -14.06 38.08 25.34
C07 II0 HB . -23.64 26.70 2.94
C08 II0 HB . -12.81 37.23 25.38
C09 II0 HB . -21.65 26.81 4.93
C10 II0 HB . -14.14 37.35 22.94
C11 II0 HB . -22.18 26.79 2.51
C12 II0 HB . -12.01 37.62 24.17
C13 II0 HB . -21.38 27.24 3.70
C14 II0 HB . -12.81 37.35 22.93
C15 II0 HB . -22.76 25.08 6.26
C16 II0 HB . -23.83 27.30 5.92
C17 II0 HB . -15.72 36.42 24.56
C18 II0 HB . -15.90 38.79 23.86
C19 II0 HB . -20.26 28.19 3.46
C20 II0 HB . -12.08 37.09 21.66
C21 II0 HB . -20.80 26.94 5.85
C22 II0 HB . -14.78 37.08 21.90
C23 II0 HB . -19.96 27.06 6.69
C24 II0 HB . -15.34 36.87 20.88
C25 II0 HB . -19.12 27.18 7.62
C26 II0 HB . -15.97 36.60 19.82
C27 II0 HB . -18.06 26.15 7.80
C28 II0 HB . -16.91 37.61 19.25
C29 II0 HB . -19.18 28.23 8.45
C30 II0 HB . -15.81 35.42 19.22
C31 II0 HB . -18.22 28.39 9.56
C32 II0 HB . -16.54 35.09 18.00
C33 II0 HB . -18.40 29.42 10.38
C34 II0 HB . -16.18 34.02 17.30
C35 II0 HB . -17.52 29.68 11.54
C36 II0 HB . -16.91 33.64 16.07
C37 II0 HB . -16.37 28.78 11.84
C38 II0 HB . -17.99 34.54 15.55
C39 II0 HB . -17.78 30.73 12.33
C40 II0 HB . -16.60 32.51 15.43
C41 II0 HB . -16.99 31.06 13.51
C42 II0 HB . -17.33 32.13 14.23
O01 II0 HB . -24.45 26.27 1.84
O02 II0 HB . -12.06 37.55 26.55
C03 II0 IB . -23.86 13.92 -9.05
C04 II0 IB . -9.28 24.61 6.32
C05 II0 IB . -24.30 13.52 -10.45
C06 II0 IB . -8.07 24.48 7.23
C07 II0 IB . -25.15 14.57 -11.14
C08 II0 IB . -8.50 23.89 8.55
C09 II0 IB . -23.26 15.30 -9.15
C10 II0 IB . -10.09 23.35 6.31
C11 II0 IB . -24.40 15.90 -11.19
C12 II0 IB . -8.86 22.43 8.28
C13 II0 IB . -24.01 16.19 -9.77
C14 II0 IB . -9.81 22.32 7.12
C15 II0 IB . -22.84 12.94 -8.50
C16 II0 IB . -25.07 13.98 -8.13
C17 II0 IB . -10.16 25.74 6.79
C18 II0 IB . -8.82 24.86 4.88
C19 II0 IB . -24.48 17.42 -9.06
C20 II0 IB . -10.48 21.01 6.88
C21 II0 IB . -22.12 15.59 -8.71
C22 II0 IB . -11.05 23.29 5.50
C23 II0 IB . -21.04 15.83 -8.28
C24 II0 IB . -11.97 23.21 4.76
C25 II0 IB . -19.94 16.08 -7.76
C26 II0 IB . -12.94 23.07 3.97
C27 II0 IB . -18.83 15.06 -7.81
C28 II0 IB . -14.31 23.47 4.42
C29 II0 IB . -19.73 17.25 -7.12
C30 II0 IB . -12.77 22.58 2.74
C31 II0 IB . -18.45 17.53 -6.47
C32 II0 IB . -13.90 22.39 1.84
C33 II0 IB . -18.29 18.68 -5.81
C34 II0 IB . -13.73 22.22 0.53
C35 II0 IB . -17.03 18.97 -5.10
C36 II0 IB . -14.91 21.99 -0.31
C37 II0 IB . -15.77 18.22 -5.42
C38 II0 IB . -16.26 22.43 0.17
C39 II0 IB . -17.04 19.92 -4.14
C40 II0 IB . -14.78 21.38 -1.50
C41 II0 IB . -15.85 20.24 -3.35
C42 II0 IB . -15.95 21.09 -2.34
O01 II0 IB . -25.45 14.16 -12.48
O02 II0 IB . -7.40 23.93 9.46
C02 IHT JB . -16.51 45.74 19.14
C03 IHT JB . -26.88 25.96 9.09
C04 IHT JB . -15.28 46.40 19.76
C05 IHT JB . -28.23 25.37 8.74
C06 IHT JB . -14.07 45.54 19.48
C07 IHT JB . -16.60 44.34 19.66
C08 IHT JB . -28.59 24.28 9.73
C09 IHT JB . -14.18 44.17 20.15
C10 IHT JB . -15.63 43.83 20.42
C11 IHT JB . -26.79 26.27 10.57
C12 IHT JB . -28.84 24.97 11.06
C13 IHT JB . -16.39 45.68 17.64
C14 IHT JB . -17.76 46.50 19.54
C15 IHT JB . -27.62 25.73 11.46
C16 IHT JB . -25.78 24.98 8.74
C17 IHT JB . -26.68 27.25 8.32
C18 IHT JB . -17.79 43.54 19.37
C19 IHT JB . -15.97 42.91 21.54
C20 IHT JB . -27.33 25.89 12.92
C21 IHT JB . -25.88 27.04 10.96
C22 IHT JB . -17.74 42.49 18.55
C23 IHT JB . -18.96 41.73 18.31
C24 IHT JB . -25.01 27.78 11.28
C25 IHT JB . -20.28 42.27 18.74
C26 IHT JB . -24.10 28.58 11.61
C27 IHT JB . -18.90 40.54 17.72
C28 IHT JB . -22.71 28.38 11.10
C29 IHT JB . -24.37 29.63 12.38
C30 IHT JB . -20.11 39.77 17.47
C31 IHT JB . -23.29 30.57 12.73
C32 IHT JB . -19.96 38.57 16.93
C33 IHT JB . -21.11 37.69 16.64
C34 IHT JB . -23.55 31.58 13.54
C35 IHT JB . -22.46 32.52 13.88
C36 IHT JB . -22.47 38.02 17.17
C37 IHT JB . -20.90 36.59 15.92
C38 IHT JB . -22.73 33.62 14.59
C39 IHT JB . -21.07 32.25 13.42
C40 IHT JB . -21.97 35.68 15.59
C41 IHT JB . -21.68 34.56 14.92
O01 IHT JB . -29.78 23.61 9.30
C1 LMG KB . -25.16 11.08 6.45
O1 LMG KB . -24.37 11.97 7.18
C2 LMG KB . -26.25 11.96 5.80
O2 LMG KB . -27.09 12.29 6.85
C3 LMG KB . -27.03 11.05 4.83
O3 LMG KB . -27.91 11.91 4.18
C4 LMG KB . -26.06 10.44 3.81
O4 LMG KB . -25.49 11.47 3.07
C5 LMG KB . -24.93 9.74 4.59
O5 LMG KB . -24.61 8.40 2.72
C6 LMG KB . -23.90 9.20 3.60
O6 LMG KB . -24.29 10.63 5.45
C7 LMG KB . -23.71 11.38 8.26
C8 LMG KB . -22.70 12.43 8.76
C9 LMG KB . -23.25 13.08 10.02
O7 LMG KB . -21.54 11.75 9.16
C10 LMG KB . -20.54 11.60 8.26
O9 LMG KB . -20.71 12.01 7.12
C11 LMG KB . -19.60 10.50 8.67
C12 LMG KB . -18.20 11.04 8.88
C13 LMG KB . -17.17 9.92 8.90
C14 LMG KB . -15.83 10.53 9.20
C15 LMG KB . -14.76 9.48 9.00
C16 LMG KB . -13.41 10.04 9.40
C17 LMG KB . -12.50 9.89 8.20
C18 LMG KB . -12.13 8.43 8.08
O8 LMG KB . -23.13 14.48 9.84
C28 LMG KB . -22.39 15.15 10.76
O10 LMG KB . -21.58 14.54 11.44
C29 LMG KB . -22.87 16.53 11.01
C30 LMG KB . -21.75 17.39 11.55
C31 LMG KB . -22.17 18.82 11.41
C32 LMG KB . -21.06 19.68 12.00
C33 LMG KB . -21.46 19.97 13.43
C34 LMG KB . -20.47 20.95 14.00
C35 LMG KB . -21.28 22.03 14.71
O1 LHG LB . -3.96 50.73 14.55
C1 LHG LB . -5.10 51.57 14.70
C2 LHG LB . -6.25 50.97 13.94
O2 LHG LB . -7.45 51.04 14.68
C3 LHG LB . -6.04 49.51 13.62
O3 LHG LB . -7.38 49.05 13.69
P LHG LB . -7.73 47.49 13.47
O4 LHG LB . -8.00 47.29 12.02
O5 LHG LB . -6.85 46.78 14.44
O6 LHG LB . -9.25 47.58 14.13
C4 LHG LB . -10.02 48.72 13.97
C5 LHG LB . -11.20 48.53 14.92
C6 LHG LB . -10.85 48.93 16.34
O7 LHG LB . -12.22 49.38 14.47
O8 LHG LB . -12.09 48.81 17.07
C23 LHG LB . -12.17 49.49 18.26
O10 LHG LB . -11.29 50.24 18.59
C24 LHG LB . -13.50 49.54 19.02
C25 LHG LB . -13.53 50.47 20.20
C26 LHG LB . -14.20 49.94 21.46
C27 LHG LB . -15.38 50.87 21.66
C28 LHG LB . -16.37 50.45 22.72
C03 II0 MB . -21.82 6.46 -1.08
C04 II0 MB . 1.40 9.34 -2.50
C05 II0 MB . -23.01 6.70 -2.00
C06 II0 MB . 2.86 8.99 -2.32
C07 II0 MB . -23.88 7.81 -1.45
C08 II0 MB . 2.99 7.50 -2.00
C09 II0 MB . -21.16 7.75 -0.71
C10 II0 MB . 0.79 8.39 -3.48
C11 II0 MB . -23.06 9.08 -1.52
C12 II0 MB . 2.58 6.71 -3.23
C13 II0 MB . -21.83 8.90 -0.68
C14 II0 MB . 1.50 7.41 -4.02
C15 II0 MB . -20.80 5.57 -1.79
C16 II0 MB . -22.30 5.77 0.21
C17 II0 MB . 0.67 9.20 -1.17
C18 II0 MB . 1.26 10.77 -3.02
C19 II0 MB . -21.39 10.00 0.23
C20 II0 MB . 1.22 6.98 -5.41
C21 II0 MB . -19.94 7.75 -0.37
C22 II0 MB . -0.40 8.55 -3.84
C23 II0 MB . -18.80 7.76 -0.05
C24 II0 MB . -1.52 8.70 -4.18
C25 II0 MB . -17.59 7.76 0.28
C26 II0 MB . -2.72 8.83 -4.52
C27 II0 MB . -17.21 7.57 1.71
C28 II0 MB . -3.14 8.66 -5.95
C29 II0 MB . -16.64 7.93 -0.65
C30 II0 MB . -3.66 9.11 -3.60
C31 II0 MB . -15.23 7.92 -0.30
C32 II0 MB . -5.06 9.24 -3.99
C33 II0 MB . -14.33 8.14 -1.25
C34 II0 MB . -5.97 8.85 -3.10
C35 II0 MB . -12.88 8.12 -0.94
C36 II0 MB . -7.42 8.91 -3.38
C37 II0 MB . -12.41 7.93 0.46
C38 II0 MB . -7.92 9.44 -4.68
C39 II0 MB . -12.00 8.29 -1.94
C40 II0 MB . -8.28 8.49 -2.44
C41 II0 MB . -10.56 8.26 -1.69
C42 II0 MB . -9.72 8.52 -2.68
O01 II0 MB . -25.05 7.95 -2.28
O02 II0 MB . 4.34 7.19 -1.68
MG CLA NB . 2.26 16.73 2.34
CHA CLA NB . 4.27 14.90 0.17
CHB CLA NB . 3.91 19.56 1.50
CHC CLA NB . 0.15 18.50 4.38
CHD CLA NB . 0.59 13.75 3.22
NA CLA NB . 3.84 17.14 1.04
C1A CLA NB . 4.54 16.24 0.22
C2A CLA NB . 5.62 16.97 -0.57
C3A CLA NB . 5.56 18.42 -0.03
C4A CLA NB . 4.35 18.40 0.89
CMA CLA NB . 6.82 18.77 0.72
CAA CLA NB . 5.31 16.96 -2.05
CBA CLA NB . 3.85 17.29 -2.34
NB CLA NB . 2.09 18.66 2.86
C1B CLA NB . 2.83 19.68 2.38
C2B CLA NB . 2.34 20.98 2.93
C3B CLA NB . 1.29 20.69 3.74
C4B CLA NB . 1.10 19.21 3.71
CMB CLA NB . 2.95 22.26 2.59
CAB CLA NB . 0.45 21.56 4.52
CBB CLA NB . -0.86 21.71 4.36
NC CLA NB . 0.67 16.21 3.58
C1C CLA NB . -0.06 17.10 4.32
C2C CLA NB . -1.10 16.40 5.06
C3C CLA NB . -0.98 15.05 4.73
C4C CLA NB . 0.14 14.95 3.81
CMC CLA NB . -2.07 17.03 5.94
CAC CLA NB . -1.81 13.95 5.22
CBC CLA NB . -3.02 13.75 4.36
ND CLA NB . 2.35 14.77 1.86
C1D CLA NB . 1.62 13.65 2.32
C2D CLA NB . 2.14 12.43 1.66
C3D CLA NB . 3.13 12.87 0.80
C4D CLA NB . 3.24 14.33 0.97
CMD CLA NB . 1.62 11.09 1.89
CAD CLA NB . 4.13 12.48 -0.17
OBD CLA NB . 4.39 11.38 -0.64
CBD CLA NB . 4.90 13.77 -0.59
CGD CLA NB . 6.34 13.59 -0.23
O1D CLA NB . 6.86 13.80 0.85
O2D CLA NB . 7.12 13.11 -1.23
CED CLA NB . 7.22 13.87 -2.43
MG CLA OB . 2.46 3.25 4.42
CHA CLA OB . 5.27 4.83 5.66
CHB CLA OB . 2.94 0.68 6.60
CHC CLA OB . -0.41 1.81 3.25
CHD CLA OB . 1.96 5.99 2.24
NA CLA OB . 3.89 2.85 5.88
C1A CLA OB . 4.97 3.63 6.26
C2A CLA OB . 5.77 2.97 7.37
C3A CLA OB . 5.10 1.59 7.52
C4A CLA OB . 3.87 1.70 6.62
CMA CLA OB . 6.02 0.51 7.07
CAA CLA OB . 5.62 3.76 8.66
CBA CLA OB . 4.69 3.06 9.63
CGA CLA OB . 3.28 3.53 9.42
O1A CLA OB . 2.92 4.66 9.08
O2A CLA OB . 2.33 2.58 9.64
NB CLA OB . 1.45 1.56 4.84
C1B CLA OB . 1.79 0.66 5.79
C2B CLA OB . 0.77 -0.42 5.84
C3B CLA OB . -0.18 -0.10 4.90
C4B CLA OB . 0.25 1.15 4.24
CMB CLA OB . 0.86 -1.54 6.77
CAB CLA OB . -1.38 -0.78 4.52
CBB CLA OB . -2.19 -1.46 5.33
NC CLA OB . 1.06 3.79 2.97
C1C CLA OB . -0.03 3.03 2.65
C2C CLA OB . -0.79 3.70 1.60
C3C CLA OB . -0.14 4.90 1.34
C4C CLA OB . 1.02 4.94 2.20
CMC CLA OB . -2.01 3.18 0.99
CAC CLA OB . -0.53 5.92 0.36
CBC CLA OB . -1.35 7.03 0.99
ND CLA OB . 3.38 4.99 3.97
C1D CLA OB . 3.06 6.02 3.05
C2D CLA OB . 4.11 7.07 3.14
C3D CLA OB . 4.99 6.65 4.11
C4D CLA OB . 4.47 5.36 4.61
CMD CLA OB . 4.14 8.27 2.31
CAD CLA OB . 6.20 6.94 4.84
OBD CLA OB . 6.98 7.87 4.73
CBD CLA OB . 6.40 5.79 5.88
CGD CLA OB . 7.70 5.10 5.67
O1D CLA OB . 8.15 4.66 4.61
O2D CLA OB . 8.44 4.94 6.79
CED CLA OB . 9.54 4.04 6.71
C1 CLA OB . 1.15 2.70 8.82
C2 CLA OB . 0.03 2.01 9.50
C3 CLA OB . -1.12 1.78 8.87
C4 CLA OB . -1.35 2.19 7.47
C5 CLA OB . -2.28 1.08 9.53
C6 CLA OB . -3.60 1.66 9.06
C7 CLA OB . -4.70 1.40 10.07
C8 CLA OB . -5.79 2.46 10.02
C9 CLA OB . -6.83 2.19 11.08
C10 CLA OB . -6.43 2.54 8.64
C11 CLA OB . -6.93 3.93 8.33
C12 CLA OB . -7.28 4.10 6.87
C13 CLA OB . -7.58 5.56 6.55
C14 CLA OB . -8.58 5.68 5.42
MG CLA PB . -5.13 -5.66 6.48
CHA CLA PB . -2.77 -6.75 8.76
CHB CLA PB . -4.62 -2.46 7.49
CHC CLA PB . -7.38 -4.62 4.11
CHD CLA PB . -5.62 -9.01 5.46
NA CLA PB . -3.90 -4.78 7.91
C1A CLA PB . -2.97 -5.40 8.75
C2A CLA PB . -2.27 -4.38 9.65
C3A CLA PB . -2.99 -3.05 9.30
C4A CLA PB . -3.90 -3.43 8.15
CMA CLA PB . -3.77 -2.53 10.47
CAA CLA PB . -0.80 -4.28 9.29
CBA CLA PB . 0.07 -4.50 10.51
CGA CLA PB . -0.11 -3.36 11.46
O1A CLA PB . -0.13 -2.16 11.23
O2A CLA PB . -0.26 -3.78 12.76
NB CLA PB . -5.84 -3.88 5.89
C1B CLA PB . -5.52 -2.68 6.42
C2B CLA PB . -6.27 -1.60 5.74
C3B CLA PB . -7.06 -2.21 4.79
C4B CLA PB . -6.80 -3.67 4.87
CMB CLA PB . -6.14 -0.20 6.10
CAB CLA PB . -7.99 -1.67 3.84
CBB CLA PB . -8.86 -0.69 4.10
NC CLA PB . -6.30 -6.64 5.07
C1C CLA PB . -7.16 -6.02 4.21
C2C CLA PB . -7.81 -7.00 3.36
C3C CLA PB . -7.31 -8.25 3.73
C4C CLA PB . -6.35 -8.01 4.80
CMC CLA PB . -8.79 -6.69 2.33
CAC CLA PB . -7.66 -9.55 3.16
CBC CLA PB . -6.71 -9.94 2.05
ND CLA PB . -4.47 -7.49 7.01
C1D CLA PB . -4.73 -8.77 6.50
C2D CLA PB . -3.93 -9.76 7.24
C3D CLA PB . -3.15 -9.04 8.12
C4D CLA PB . -3.51 -7.62 7.92
CMD CLA PB . -3.97 -11.21 7.02
CAD CLA PB . -2.18 -9.10 9.17
OBD CLA PB . -1.67 -10.07 9.72
CBD CLA PB . -1.83 -7.63 9.56
CGD CLA PB . -1.94 -7.41 11.04
O1D CLA PB . -1.05 -7.44 11.87
O2D CLA PB . -3.21 -7.18 11.47
CED CLA PB . -3.56 -7.66 12.77
C1 CLA PB . -1.08 -2.94 13.61
C2 CLA PB . -2.33 -3.72 13.86
C3 CLA PB . -3.49 -3.12 14.18
C4 CLA PB . -4.72 -3.90 14.43
C5 CLA PB . -3.59 -1.64 14.30
MG CLA QB . -7.73 -13.47 -11.63
CHA CLA QB . -10.25 -15.30 -13.13
CHB CLA QB . -9.12 -14.08 -8.59
CHC CLA QB . -5.23 -11.62 -10.19
CHD CLA QB . -6.38 -12.81 -14.82
NA CLA QB . -9.39 -14.55 -10.99
C1A CLA QB . -10.32 -15.25 -11.77
C2A CLA QB . -11.38 -15.92 -10.90
C3A CLA QB . -10.97 -15.53 -9.47
C4A CLA QB . -9.73 -14.67 -9.67
CMA CLA QB . -12.06 -14.77 -8.76
CAA CLA QB . -11.26 -17.42 -11.05
CBA CLA QB . -9.90 -17.91 -10.58
CGA CLA QB . -8.97 -18.09 -11.73
O1A CLA QB . -9.03 -18.89 -12.66
O2A CLA QB . -7.94 -17.20 -11.72
NB CLA QB . -7.25 -12.97 -9.74
C1B CLA QB . -7.99 -13.24 -8.64
C2B CLA QB . -7.44 -12.53 -7.47
C3B CLA QB . -6.34 -11.83 -7.90
C4B CLA QB . -6.19 -12.11 -9.36
CMB CLA QB . -8.01 -12.64 -6.13
CAB CLA QB . -5.46 -10.99 -7.14
CBB CLA QB . -4.15 -11.18 -7.01
NC CLA QB . -6.06 -12.46 -12.37
C1C CLA QB . -5.15 -11.80 -11.60
C2C CLA QB . -4.11 -11.24 -12.46
C3C CLA QB . -4.47 -11.53 -13.77
C4C CLA QB . -5.70 -12.29 -13.71
CMC CLA QB . -2.94 -10.50 -11.99
CAC CLA QB . -3.72 -11.19 -14.98
CBC CLA QB . -2.85 -12.32 -15.46
ND CLA QB . -8.11 -13.99 -13.54
C1D CLA QB . -7.52 -13.59 -14.76
C2D CLA QB . -8.28 -14.17 -15.89
C3D CLA QB . -9.33 -14.86 -15.31
C4D CLA QB . -9.19 -14.68 -13.86
CMD CLA QB . -7.94 -14.02 -17.30
CAD CLA QB . -10.49 -15.69 -15.54
OBD CLA QB . -10.90 -16.18 -16.58
CBD CLA QB . -11.18 -15.89 -14.16
CGD CLA QB . -12.47 -15.13 -14.16
O1D CLA QB . -12.66 -13.99 -14.62
O2D CLA QB . -13.51 -15.78 -13.59
CED CLA QB . -14.80 -15.19 -13.77
C1 CLA QB . -7.03 -17.23 -12.84
C2 CLA QB . -6.00 -16.21 -12.59
C3 CLA QB . -4.77 -16.26 -13.12
C4 CLA QB . -4.34 -17.35 -14.02
C5 CLA QB . -3.77 -15.19 -12.84
C6 CLA QB . -2.70 -15.62 -11.85
C7 CLA QB . -1.44 -14.79 -12.02
C8 CLA QB . -0.86 -14.35 -10.69
C9 CLA QB . -0.15 -15.49 -9.99
C10 CLA QB . -1.94 -13.77 -9.80
MG CLA RB . -7.16 -27.27 -9.11
CHA CLA RB . -10.48 -26.92 -10.01
CHB CLA RB . -7.51 -30.64 -9.09
CHC CLA RB . -3.80 -27.56 -8.49
CHD CLA RB . -6.83 -23.74 -9.16
NA CLA RB . -8.76 -28.55 -9.45
C1A CLA RB . -10.07 -28.21 -9.84
C2A CLA RB . -10.93 -29.47 -9.98
C3A CLA RB . -10.02 -30.58 -9.42
C4A CLA RB . -8.65 -29.91 -9.32
CMA CLA RB . -10.49 -31.06 -8.07
CAA CLA RB . -11.26 -29.71 -11.44
CBA CLA RB . -10.83 -31.09 -11.89
CGA CLA RB . -9.48 -31.04 -12.55
O1A CLA RB . -8.91 -31.92 -13.18
O2A CLA RB . -8.85 -29.84 -12.38
NB CLA RB . -5.90 -28.80 -8.78
C1B CLA RB . -6.22 -30.12 -8.96
C2B CLA RB . -4.97 -30.93 -8.98
C3B CLA RB . -3.92 -30.07 -8.82
C4B CLA RB . -4.49 -28.71 -8.67
CMB CLA RB . -4.98 -32.38 -9.15
CAB CLA RB . -2.51 -30.34 -8.76
CBB CLA RB . -1.64 -29.95 -9.68
NC CLA RB . -5.61 -25.89 -8.81
C1C CLA RB . -4.32 -26.24 -8.54
C2C CLA RB . -3.51 -25.03 -8.37
C3C CLA RB . -4.36 -23.95 -8.60
C4C CLA RB . -5.68 -24.50 -8.88
CMC CLA RB . -2.09 -25.03 -8.06
CAC CLA RB . -4.00 -22.53 -8.57
CBC CLA RB . -4.09 -21.93 -7.19
ND CLA RB . -8.34 -25.66 -9.43
C1D CLA RB . -8.07 -24.27 -9.44
C2D CLA RB . -9.32 -23.55 -9.76
C3D CLA RB . -10.28 -24.52 -10.00
C4D CLA RB . -9.61 -25.82 -9.80
CMD CLA RB . -9.45 -22.10 -9.83
CAD CLA RB . -11.65 -24.79 -10.35
OBD CLA RB . -12.57 -24.00 -10.56
CBD CLA RB . -11.82 -26.33 -10.40
CGD CLA RB . -12.93 -26.81 -9.50
O1D CLA RB . -14.13 -26.92 -9.77
O2D CLA RB . -12.52 -27.13 -8.24
CED CLA RB . -13.42 -27.87 -7.42
C1 CLA RB . -7.43 -29.83 -12.64
MG CLA SB . -1.45 -14.51 4.86
CHA CLA SB . -0.08 -11.80 6.51
CHB CLA SB . 0.06 -16.58 7.07
CHC CLA SB . -3.10 -17.13 3.41
CHD CLA SB . -3.01 -12.29 2.60
NA CLA SB . -0.18 -14.21 6.47
C1A CLA SB . 0.27 -13.01 7.02
C2A CLA SB . 1.20 -13.25 8.19
C3A CLA SB . 1.45 -14.77 8.13
C4A CLA SB . 0.37 -15.25 7.18
CMA CLA SB . 2.82 -15.08 7.60
CAA CLA SB . 0.54 -12.87 9.50
CBA CLA SB . -0.91 -13.31 9.54
CGA CLA SB . -1.45 -13.13 10.93
O1A CLA SB . -0.85 -13.15 12.00
O2A CLA SB . -2.80 -12.92 10.95
NB CLA SB . -1.46 -16.51 5.13
C1B CLA SB . -0.91 -17.12 6.20
C2B CLA SB . -1.46 -18.48 6.35
C3B CLA SB . -2.36 -18.67 5.34
C4B CLA SB . -2.37 -17.40 4.52
CMB CLA SB . -1.07 -19.40 7.42
CAB CLA SB . -3.13 -19.86 5.08
CBB CLA SB . -4.17 -20.01 4.25
NC CLA SB . -2.75 -14.68 3.24
C1C CLA SB . -3.27 -15.86 2.78
C2C CLA SB . -4.09 -15.61 1.61
C3C CLA SB . -4.12 -14.23 1.42
C4C CLA SB . -3.27 -13.65 2.44
CMC CLA SB . -4.78 -16.64 0.84
CAC CLA SB . -4.80 -13.49 0.35
CBC CLA SB . -6.27 -13.29 0.64
ND CLA SB . -1.50 -12.52 4.52
C1D CLA SB . -2.21 -11.74 3.58
C2D CLA SB . -1.91 -10.32 3.82
C3D CLA SB . -1.11 -10.28 4.95
C4D CLA SB . -0.90 -11.68 5.34
CMD CLA SB . -2.42 -9.20 3.04
CAD CLA SB . -0.35 -9.46 5.87
OBD CLA SB . -0.18 -8.25 5.85
CBD CLA SB . 0.27 -10.40 6.94
CGD CLA SB . 1.75 -10.17 7.06
O1D CLA SB . 2.65 -10.91 6.70
O2D CLA SB . 2.06 -9.00 7.67
CED CLA SB . 3.39 -8.86 8.16
MG CLA TB . 8.59 -6.87 -6.22
CHA CLA TB . 11.27 -8.18 -4.48
CHB CLA TB . 10.47 -4.19 -7.11
CHC CLA TB . 5.93 -5.68 -8.01
CHD CLA TB . 6.70 -9.70 -5.32
NA CLA TB . 10.56 -6.29 -5.82
C1A CLA TB . 11.52 -6.97 -5.08
C2A CLA TB . 12.83 -6.19 -5.04
C3A CLA TB . 12.51 -4.90 -5.82
C4A CLA TB . 11.07 -5.11 -6.29
CMA CLA TB . 12.62 -3.68 -4.95
CAA CLA TB . 13.97 -6.94 -5.71
CBA CLA TB . 13.58 -7.48 -7.06
CGA CLA TB . 13.91 -6.49 -8.14
O1A CLA TB . 14.90 -5.76 -8.23
O2A CLA TB . 12.95 -6.45 -9.11
NB CLA TB . 8.28 -5.25 -7.38
C1B CLA TB . 9.17 -4.26 -7.60
C2B CLA TB . 8.54 -3.21 -8.45
C3B CLA TB . 7.25 -3.63 -8.70
C4B CLA TB . 7.07 -4.93 -8.02
CMB CLA TB . 9.24 -2.00 -8.86
CAB CLA TB . 6.20 -2.99 -9.45
CBB CLA TB . 6.36 -2.34 -10.60
NC CLA TB . 6.66 -7.56 -6.58
C1C CLA TB . 5.73 -6.91 -7.33
C2C CLA TB . 4.49 -7.66 -7.36
C3C CLA TB . 4.72 -8.82 -6.62
C4C CLA TB . 6.08 -8.74 -6.13
CMC CLA TB . 3.27 -7.27 -8.06
CAC CLA TB . 3.76 -9.91 -6.36
CBC CLA TB . 4.00 -11.06 -7.30
ND CLA TB . 8.83 -8.52 -5.09
C1D CLA TB . 7.97 -9.62 -4.82
C2D CLA TB . 8.68 -10.58 -3.96
C3D CLA TB . 9.95 -10.07 -3.78
C4D CLA TB . 10.00 -8.80 -4.53
CMD CLA TB . 8.09 -11.81 -3.44
CAD CLA TB . 11.24 -10.25 -3.16
OBD CLA TB . 11.61 -11.12 -2.39
CBD CLA TB . 12.14 -9.07 -3.64
CGD CLA TB . 12.75 -8.33 -2.48
O1D CLA TB . 12.35 -7.31 -1.94
O2D CLA TB . 13.90 -8.90 -2.03
CED CLA TB . 14.97 -9.11 -2.96
C1 CLA TB . 12.91 -5.25 -9.90
C2 CLA TB . 11.54 -5.16 -10.46
C3 CLA TB . 11.19 -4.22 -11.35
C4 CLA TB . 12.14 -3.19 -11.84
C5 CLA TB . 9.79 -4.15 -11.88
C6 CLA TB . 9.60 -5.03 -13.09
C7 CLA TB . 8.17 -4.94 -13.61
C8 CLA TB . 8.07 -5.56 -14.99
C9 CLA TB . 9.03 -4.87 -15.94
C10 CLA TB . 6.66 -5.46 -15.54
C11 CLA TB . 5.74 -6.51 -14.93
C12 CLA TB . 6.14 -7.92 -15.33
C13 CLA TB . 4.99 -8.72 -15.92
C14 CLA TB . 3.64 -8.07 -15.65
C15 CLA TB . 4.99 -10.15 -15.39
MG CLA UB . 5.08 10.52 -8.88
CHA CLA UB . 7.59 8.17 -9.29
CHB CLA UB . 7.38 13.00 -9.17
CHC CLA UB . 2.53 12.80 -8.75
CHD CLA UB . 2.73 7.89 -8.68
NA CLA UB . 7.15 10.55 -9.13
C1A CLA UB . 8.01 9.46 -9.32
C2A CLA UB . 9.45 9.94 -9.50
C3A CLA UB . 9.36 11.45 -9.23
C4A CLA UB . 7.86 11.71 -9.19
CMA CLA UB . 10.03 11.81 -7.93
CAA CLA UB . 9.86 9.71 -10.93
NB CLA UB . 4.98 12.52 -8.93
C1B CLA UB . 6.02 13.35 -9.12
C2B CLA UB . 5.53 14.76 -9.22
C3B CLA UB . 4.17 14.70 -9.10
C4B CLA UB . 3.79 13.28 -8.91
CMB CLA UB . 6.42 15.90 -9.41
CAB CLA UB . 3.20 15.76 -9.13
CBB CLA UB . 2.99 16.58 -10.16
NC CLA UB . 3.02 10.37 -8.67
C1C CLA UB . 2.16 11.44 -8.63
C2C CLA UB . 0.80 10.97 -8.48
C3C CLA UB . 0.84 9.58 -8.50
C4C CLA UB . 2.24 9.20 -8.63
CMC CLA UB . -0.38 11.84 -8.39
CAC CLA UB . -0.29 8.65 -8.40
CBC CLA UB . -0.82 8.28 -9.77
ND CLA UB . 5.10 8.50 -8.85
C1D CLA UB . 4.05 7.54 -8.79
C2D CLA UB . 4.64 6.19 -8.87
C3D CLA UB . 5.99 6.37 -9.05
C4D CLA UB . 6.22 7.83 -9.06
CMD CLA UB . 3.87 4.95 -8.79
CAD CLA UB . 7.28 5.73 -9.21
OBD CLA UB . 7.57 4.54 -9.17
CBD CLA UB . 8.32 6.86 -9.45
CGD CLA UB . 9.49 6.74 -8.53
O1D CLA UB . 9.79 7.47 -7.59
O2D CLA UB . 10.27 5.67 -8.80
CED CLA UB . 11.37 5.41 -7.92
MG CLA VB . 4.11 1.98 -13.43
CHA CLA VB . 7.27 3.39 -13.31
CHB CLA VB . 5.50 -1.08 -14.00
CHC CLA VB . 0.96 0.64 -13.61
CHD CLA VB . 2.72 5.18 -12.90
NA CLA VB . 6.07 1.29 -13.58
C1A CLA VB . 7.26 2.03 -13.51
C2A CLA VB . 8.48 1.14 -13.66
C3A CLA VB . 7.88 -0.27 -13.89
C4A CLA VB . 6.37 -0.03 -13.81
CMA CLA VB . 8.26 -0.80 -15.25
CAA CLA VB . 9.25 1.14 -12.36
CBA CLA VB . 10.45 0.22 -12.43
CGA CLA VB . 11.50 0.85 -13.28
O1A CLA VB . 12.12 1.89 -13.06
O2A CLA VB . 11.77 0.14 -14.41
NB CLA VB . 3.37 0.14 -13.75
C1B CLA VB . 4.09 -0.98 -13.96
C2B CLA VB . 3.19 -2.14 -14.18
C3B CLA VB . 1.91 -1.66 -14.07
C4B CLA VB . 2.00 -0.21 -13.79
CMB CLA VB . 3.66 -3.49 -14.43
CAB CLA VB . 0.65 -2.36 -14.18
CBB CLA VB . -0.24 -2.17 -15.17
NC CLA VB . 2.20 2.77 -13.25
C1C CLA VB . 1.05 2.04 -13.34
C2C CLA VB . -0.11 2.91 -13.17
C3C CLA VB . 0.39 4.19 -12.98
C4C CLA VB . 1.84 4.10 -13.04
CMC CLA VB . -1.49 2.47 -13.19
CAC CLA VB . -0.39 5.43 -12.76
CBC CLA VB . -0.73 6.13 -14.05
ND CLA VB . 4.77 3.85 -13.08
C1D CLA VB . 4.09 5.09 -12.93
C2D CLA VB . 5.09 6.17 -12.81
C3D CLA VB . 6.32 5.57 -12.94
C4D CLA VB . 6.07 4.13 -13.13
CMD CLA VB . 4.76 7.58 -12.61
CAD CLA VB . 7.75 5.77 -12.96
OBD CLA VB . 8.40 6.79 -12.80
CBD CLA VB . 8.40 4.39 -13.28
CGD CLA VB . 9.05 4.48 -14.63
O1D CLA VB . 8.50 4.74 -15.71
O2D CLA VB . 10.38 4.25 -14.65
CED CLA VB . 11.05 4.54 -15.87
C1 CLA VB . 12.83 0.62 -15.26
C2 CLA VB . 12.20 1.30 -16.44
C3 CLA VB . 11.57 0.64 -17.43
C4 CLA VB . 11.42 -0.83 -17.43
C5 CLA VB . 10.97 1.38 -18.57
C6 CLA VB . 9.56 0.93 -18.88
C7 CLA VB . 9.45 0.41 -20.30
C8 CLA VB . 8.18 -0.43 -20.50
C9 CLA VB . 8.55 -1.84 -20.90
C10 CLA VB . 7.27 0.20 -21.54
C11 CLA VB . 5.81 0.09 -21.17
C12 CLA VB . 4.88 0.49 -22.30
C13 CLA VB . 4.94 1.98 -22.57
C14 CLA VB . 4.12 2.74 -21.56
C15 CLA VB . 4.47 2.32 -23.98
MG CLA WB . -13.14 6.60 -6.74
CHA CLA WB . -16.29 7.35 -7.95
CHB CLA WB . -11.74 8.05 -9.47
CHC CLA WB . -10.04 5.98 -5.40
CHD CLA WB . -14.64 5.02 -3.95
NA CLA WB . -13.92 7.54 -8.42
C1A CLA WB . -15.26 7.77 -8.74
C2A CLA WB . -15.39 8.51 -10.06
C3A CLA WB . -13.94 8.65 -10.54
C4A CLA WB . -13.12 8.05 -9.40
CMA CLA WB . -13.70 7.90 -11.82
CAA CLA WB . -16.00 9.88 -9.82
CBA CLA WB . -14.99 10.86 -9.25
CGA CLA WB . -15.65 11.87 -8.37
O1A CLA WB . -16.85 12.04 -8.16
O2A CLA WB . -14.77 12.68 -7.71
NB CLA WB . -11.25 6.96 -7.31
C1B CLA WB . -10.87 7.52 -8.49
C2B CLA WB . -9.40 7.50 -8.61
C3B CLA WB . -8.91 6.92 -7.46
C4B CLA WB . -10.09 6.57 -6.62
CMB CLA WB . -8.68 8.03 -9.76
CAB CLA WB . -7.57 6.65 -7.04
CBB CLA WB . -6.66 5.98 -7.76
NC CLA WB . -12.47 5.67 -4.98
C1C CLA WB . -11.16 5.56 -4.63
C2C CLA WB . -11.05 4.89 -3.34
C3C CLA WB . -12.35 4.58 -2.94
C4C CLA WB . -13.24 5.08 -3.98
CMC CLA WB . -9.79 4.61 -2.66
CAC CLA WB . -12.72 3.88 -1.69
CBC CLA WB . -13.53 4.73 -0.74
ND CLA WB . -15.00 6.21 -6.07
C1D CLA WB . -15.48 5.54 -4.91
C2D CLA WB . -16.95 5.54 -4.93
C3D CLA WB . -17.32 6.24 -6.07
C4D CLA WB . -16.07 6.63 -6.74
CMD CLA WB . -17.80 4.94 -3.90
CAD CLA WB . -18.41 6.72 -6.88
OBD CLA WB . -19.62 6.60 -6.71
CBD CLA WB . -17.79 7.46 -8.10
CGD CLA WB . -18.29 6.85 -9.38
O1D CLA WB . -18.40 5.65 -9.65
O2D CLA WB . -18.65 7.75 -10.33
CED CLA WB . -19.61 7.33 -11.30
MG CLA XB . -15.92 -0.05 2.39
CHA CLA XB . -19.16 0.16 1.18
CHB CLA XB . -15.73 3.33 2.49
CHC CLA XB . -12.81 -0.31 3.82
CHD CLA XB . -16.14 -3.57 2.25
NA CLA XB . -17.24 1.48 1.88
C1A CLA XB . -18.55 1.37 1.40
C2A CLA XB . -19.15 2.75 1.16
C3A CLA XB . -17.97 3.70 1.38
C4A CLA XB . -16.90 2.80 1.97
CMA CLA XB . -17.51 4.29 0.07
CAA CLA XB . -20.28 3.07 2.12
CBA CLA XB . -20.13 2.40 3.48
CGA CLA XB . -19.28 3.24 4.40
O1A CLA XB . -19.30 4.46 4.58
O2A CLA XB . -18.41 2.49 5.13
NB CLA XB . -14.51 1.27 2.99
C1B CLA XB . -14.67 2.60 3.04
C2B CLA XB . -13.52 3.22 3.76
C3B CLA XB . -12.69 2.19 4.14
C4B CLA XB . -13.31 0.93 3.65
CMB CLA XB . -13.40 4.66 3.99
CAB CLA XB . -11.46 2.21 4.86
CBB CLA XB . -11.28 2.74 6.07
NC CLA XB . -14.68 -1.65 2.89
C1C CLA XB . -13.44 -1.53 3.44
C2C CLA XB . -12.86 -2.85 3.67
C3C CLA XB . -13.81 -3.77 3.25
C4C CLA XB . -14.96 -3.01 2.75
CMC CLA XB . -11.55 -3.09 4.25
CAC CLA XB . -13.69 -5.23 3.27
CBC CLA XB . -14.34 -5.84 4.49
ND CLA XB . -17.26 -1.43 1.82
C1D CLA XB . -17.23 -2.84 1.82
C2D CLA XB . -18.52 -3.36 1.31
C3D CLA XB . -19.30 -2.24 1.07
C4D CLA XB . -18.47 -1.07 1.40
CMD CLA XB . -18.86 -4.76 1.15
CAD CLA XB . -20.58 -1.75 0.60
OBD CLA XB . -21.56 -2.37 0.20
CBD CLA XB . -20.53 -0.20 0.68
CGD CLA XB . -20.82 0.42 -0.66
O1D CLA XB . -21.91 0.75 -1.12
O2D CLA XB . -19.72 0.63 -1.42
CED CLA XB . -19.85 1.57 -2.49
C03 II0 YB . 10.22 -9.80 -12.30
C04 II0 YB . -8.87 3.84 -12.70
C05 II0 YB . 11.59 -10.38 -11.98
C06 II0 YB . -10.19 4.56 -12.91
C07 II0 YB . 12.35 -9.46 -11.05
C08 II0 YB . -11.25 3.95 -12.03
C09 II0 YB . 9.56 -9.20 -11.09
C10 II0 YB . -8.57 3.66 -11.24
C11 II0 YB . 11.63 -9.48 -9.73
C12 II0 YB . -10.88 4.30 -10.60
C13 II0 YB . 10.21 -9.00 -9.94
C14 II0 YB . -9.50 3.80 -10.30
C15 II0 YB . 9.32 -10.92 -12.83
C16 II0 YB . 10.36 -8.71 -13.36
C17 II0 YB . -8.92 2.47 -13.36
C18 II0 YB . -7.74 4.67 -13.31
C19 II0 YB . 9.55 -8.25 -8.83
C20 II0 YB . -9.16 3.46 -8.88
C21 II0 YB . 8.34 -8.91 -11.17
C22 II0 YB . -7.40 3.33 -10.92
C23 II0 YB . 7.19 -8.63 -11.24
C24 II0 YB . -6.28 3.04 -10.68
C25 II0 YB . 5.98 -8.32 -11.32
C26 II0 YB . -5.08 2.76 -10.43
C27 II0 YB . 4.94 -9.38 -11.52
C28 II0 YB . -4.10 3.87 -10.26
C29 II0 YB . 5.62 -7.04 -11.25
C30 II0 YB . -4.66 1.49 -10.35
C31 II0 YB . 4.22 -6.65 -11.38
C32 II0 YB . -3.27 1.18 -10.09
C33 II0 YB . 3.87 -5.40 -11.09
C34 II0 YB . -2.80 -0.02 -10.40
C35 II0 YB . 2.47 -4.96 -11.21
C36 II0 YB . -1.39 -0.41 -10.19
C37 II0 YB . 1.45 -5.86 -11.82
C38 II0 YB . -0.44 0.55 -9.56
C39 II0 YB . 2.12 -3.73 -10.79
C40 II0 YB . -0.98 -1.61 -10.60
C41 II0 YB . 0.75 -3.26 -10.91
C42 II0 YB . 0.40 -2.06 -10.46
O01 II0 YB . 13.68 -9.98 -10.85
O02 II0 YB . -12.52 4.52 -12.34
C03 II0 ZB . -11.66 -10.46 -5.22
C04 II0 ZB . -2.59 6.52 8.20
C05 II0 ZB . -12.26 -11.27 -6.35
C06 II0 ZB . -1.70 7.15 9.25
C07 II0 ZB . -12.10 -10.54 -7.66
C08 II0 ZB . -0.49 6.29 9.51
C09 II0 ZB . -10.27 -9.99 -5.57
C10 II0 ZB . -1.79 5.82 7.13
C11 II0 ZB . -10.63 -10.50 -7.97
C12 II0 ZB . 0.35 6.36 8.27
C13 II0 ZB . -9.88 -9.83 -6.84
C14 II0 ZB . -0.45 5.78 7.13
C15 II0 ZB . -11.58 -11.31 -3.96
C16 II0 ZB . -12.52 -9.23 -4.97
C17 II0 ZB . -3.48 5.47 8.84
C18 II0 ZB . -3.44 7.58 7.53
C19 II0 ZB . -8.70 -8.99 -7.16
C20 II0 ZB . 0.28 5.13 6.00
C21 II0 ZB . -9.49 -9.68 -4.64
C22 II0 ZB . -2.43 5.26 6.20
C23 II0 ZB . -8.75 -9.38 -3.77
C24 II0 ZB . -3.03 4.73 5.33
C25 II0 ZB . -7.96 -9.07 -2.84
C26 II0 ZB . -3.69 4.15 4.44
C27 II0 ZB . -7.18 -10.14 -2.13
C28 II0 ZB . -4.47 4.96 3.46
C29 II0 ZB . -7.83 -7.78 -2.48
C30 II0 ZB . -3.67 2.82 4.37
C31 II0 ZB . -6.92 -7.37 -1.40
C32 II0 ZB . -4.41 2.10 3.33
C33 II0 ZB . -6.97 -6.09 -1.03
C34 II0 ZB . -4.26 0.78 3.28
C35 II0 ZB . -6.13 -5.52 0.03
C36 II0 ZB . -4.98 -0.03 2.28
C37 II0 ZB . -5.15 -6.37 0.79
C38 II0 ZB . -5.86 0.63 1.27
C39 II0 ZB . -6.26 -4.21 0.29
C40 II0 ZB . -4.85 -1.36 2.29
C41 II0 ZB . -5.49 -3.50 1.31
C42 II0 ZB . -5.57 -2.17 1.32
O01 II0 ZB . -12.79 -11.25 -8.69
O02 II0 ZB . 0.25 6.82 10.61
C03 II0 AC . -11.60 -27.89 -15.80
C04 II0 AC . 1.66 -12.37 -3.49
C05 II0 AC . -12.93 -28.47 -16.28
C06 II0 AC . 2.89 -12.26 -2.59
C07 II0 AC . -13.95 -28.44 -15.16
C08 II0 AC . 2.53 -12.25 -1.11
C09 II0 AC . -11.81 -26.71 -14.89
C10 II0 AC . 0.55 -13.16 -2.86
C11 II0 AC . -14.28 -26.98 -14.92
C12 II0 AC . 1.89 -13.58 -0.83
C13 II0 AC . -13.02 -26.25 -14.54
C14 II0 AC . 0.60 -13.63 -1.61
C15 II0 AC . -10.78 -27.42 -16.99
C16 II0 AC . -10.83 -28.95 -15.03
C17 II0 AC . 1.14 -10.97 -3.82
C18 II0 AC . 2.05 -13.07 -4.78
C19 II0 AC . -13.13 -24.98 -13.75
C20 II0 AC . -0.61 -14.22 -0.97
C21 II0 AC . -10.77 -26.17 -14.40
C22 II0 AC . -0.48 -13.38 -3.54
C23 II0 AC . -9.81 -25.68 -13.91
C24 II0 AC . -1.43 -13.64 -4.20
C25 II0 AC . -8.81 -25.15 -13.39
C26 II0 AC . -2.45 -13.96 -4.86
C27 II0 AC . -7.77 -26.02 -12.77
C28 II0 AC . -3.80 -13.44 -4.47
C29 II0 AC . -8.66 -23.81 -13.35
C30 II0 AC . -2.34 -14.80 -5.90
C31 II0 AC . -7.49 -23.22 -12.70
C32 II0 AC . -3.50 -15.23 -6.67
C33 II0 AC . -7.34 -21.91 -12.63
C34 II0 AC . -3.36 -16.27 -7.49
C35 II0 AC . -6.15 -21.35 -11.95
C36 II0 AC . -4.47 -16.80 -8.28
C37 II0 AC . -4.81 -21.98 -12.09
C38 II0 AC . -5.79 -16.08 -8.31
C39 II0 AC . -6.31 -20.27 -11.17
C40 II0 AC . -4.31 -17.95 -8.96
C41 II0 AC . -5.20 -19.67 -10.43
C42 II0 AC . -5.40 -18.54 -9.74
O01 II0 AC . -15.12 -29.15 -15.57
O02 II0 AC . 3.73 -12.12 -0.34
C01 8CT BC . -17.42 -7.27 -1.66
C02 8CT BC . -16.68 -8.64 -1.85
C03 8CT BC . -15.77 -9.19 -0.68
C04 8CT BC . -15.50 -10.61 -0.78
C05 8CT BC . -14.92 -10.99 -2.28
C06 8CT BC . -15.79 -10.64 -3.26
C07 8CT BC . -16.28 -9.05 -3.19
C08 8CT BC . -14.50 -11.04 0.29
C09 8CT BC . -16.81 -11.35 -0.57
C10 8CT BC . -14.67 -8.22 -0.19
C11 8CT BC . -13.66 -7.95 -1.03
C12 8CT BC . -12.52 -7.00 -0.65
C13 8CT BC . -12.82 -5.78 -0.11
C14 8CT BC . -11.67 -4.80 0.24
C15 8CT BC . -11.75 -3.56 -0.35
C16 8CT BC . -10.67 -2.41 -0.15
C17 8CT BC . -11.02 -1.22 0.38
C18 8CT BC . -9.93 -0.16 0.52
C19 8CT BC . -10.23 1.10 0.91
C20 8CT BC . -9.05 2.11 1.00
C21 8CT BC . -9.25 3.43 1.22
C22 8CT BC . -10.66 4.00 1.43
C23 8CT BC . -7.98 4.38 1.29
C24 8CT BC . -8.07 5.72 0.96
C25 8CT BC . -6.77 6.56 1.06
C26 8CT BC . -6.84 7.93 1.18
C27 8CT BC . -8.21 8.62 1.25
C28 8CT BC . -5.50 8.78 1.28
C29 8CT BC . -5.62 10.18 1.43
C30 8CT BC . -4.39 11.10 1.56
C31 8CT BC . -3.21 10.35 1.93
C32 8CT BC . -1.85 10.60 1.14
C33 8CT BC . -1.83 11.73 0.25
C34 8CT BC . -3.22 11.76 -0.61
C35 8CT BC . -4.28 12.04 0.19
C36 8CT BC . -4.19 13.49 0.62
C37 8CT BC . -5.59 11.86 -0.66
C38 8CT BC . -3.09 9.91 3.39
C39 8CT BC . -9.22 -2.65 -0.59
C40 8CT BC . -11.06 -7.40 -0.90
MG CLA CC . 10.67 -53.72 -4.95
CHA CLA CC . 12.83 -51.86 -6.93
CHB CLA CC . 9.17 -50.86 -3.91
CHC CLA CC . 8.44 -55.62 -3.16
CHD CLA CC . 12.26 -56.66 -6.07
NA CLA CC . 10.99 -51.69 -5.35
C1A CLA CC . 11.93 -51.12 -6.22
C2A CLA CC . 11.83 -49.59 -6.20
C3A CLA CC . 10.78 -49.31 -5.09
C4A CLA CC . 10.26 -50.71 -4.75
CMA CLA CC . 11.40 -48.65 -3.90
CAA CLA CC . 11.37 -49.06 -7.55
CBA CLA CC . 9.87 -49.18 -7.76
CGA CLA CC . 9.57 -50.47 -8.46
O1A CLA CC . 10.14 -50.96 -9.44
O2A CLA CC . 8.52 -51.15 -7.92
NB CLA CC . 9.15 -53.31 -3.70
C1B CLA CC . 8.60 -52.08 -3.53
C2B CLA CC . 7.28 -52.21 -2.85
C3B CLA CC . 7.07 -53.55 -2.63
C4B CLA CC . 8.26 -54.27 -3.17
CMB CLA CC . 6.43 -51.07 -2.52
CAB CLA CC . 5.96 -54.24 -2.02
CBB CLA CC . 4.72 -54.25 -2.50
NC CLA CC . 10.44 -55.76 -4.64
C1C CLA CC . 9.47 -56.32 -3.85
C2C CLA CC . 9.60 -57.77 -3.84
C3C CLA CC . 10.66 -58.07 -4.70
C4C CLA CC . 11.19 -56.81 -5.19
CMC CLA CC . 8.74 -58.68 -3.10
CAC CLA CC . 11.16 -59.41 -5.03
CBC CLA CC . 12.13 -59.93 -4.00
ND CLA CC . 12.19 -54.21 -6.19
C1D CLA CC . 12.74 -55.46 -6.56
C2D CLA CC . 13.85 -55.23 -7.51
C3D CLA CC . 13.93 -53.87 -7.68
C4D CLA CC . 12.87 -53.28 -6.84
CMD CLA CC . 14.66 -56.29 -8.11
CAD CLA CC . 14.62 -52.77 -8.34
OBD CLA CC . 15.57 -52.81 -9.13
CBD CLA CC . 13.93 -51.46 -7.89
CGD CLA CC . 14.90 -50.50 -7.26
O1D CLA CC . 15.89 -50.76 -6.59
O2D CLA CC . 14.61 -49.18 -7.49
CED CLA CC . 15.57 -48.22 -7.08
C1 LMG DC . 23.05 -40.19 -6.85
O1 LMG DC . 21.69 -39.84 -6.82
C2 LMG DC . 23.78 -38.94 -6.28
O2 LMG DC . 23.69 -37.99 -7.30
C3 LMG DC . 25.26 -39.33 -6.12
O3 LMG DC . 25.86 -38.24 -5.50
C4 LMG DC . 25.36 -40.57 -5.19
O4 LMG DC . 24.84 -40.23 -3.94
C5 LMG DC . 24.47 -41.68 -5.80
O5 LMG DC . 23.52 -43.77 -5.35
C6 LMG DC . 24.49 -42.90 -4.87
O6 LMG DC . 23.14 -41.25 -5.91
C7 LMG DC . 20.81 -40.94 -6.72
C8 LMG DC . 19.81 -40.77 -7.90
C9 LMG DC . 20.27 -41.68 -9.03
O7 LMG DC . 18.55 -41.26 -7.47
C10 LMG DC . 17.50 -40.39 -7.47
O9 LMG DC . 17.26 -39.74 -6.46
C11 LMG DC . 16.54 -40.67 -8.58
C12 LMG DC . 15.77 -39.42 -8.95
C13 LMG DC . 14.84 -39.66 -10.12
O8 LMG DC . 19.13 -42.38 -9.47
C28 LMG DC . 19.06 -43.69 -9.15
O10 LMG DC . 19.60 -44.09 -8.14
C29 LMG DC . 18.22 -44.51 -10.07
C30 LMG DC . 16.76 -44.09 -10.01
C31 LMG DC . 16.04 -44.75 -11.16
C32 LMG DC . 16.59 -44.16 -12.45
C1 LMG EC . 17.97 -36.56 -6.68
O1 LMG EC . 17.00 -35.56 -6.83
C2 LMG EC . 19.11 -36.12 -7.64
O2 LMG EC . 18.68 -36.53 -8.89
C3 LMG EC . 20.40 -36.92 -7.29
O3 LMG EC . 21.41 -36.30 -8.02
C4 LMG EC . 20.70 -36.77 -5.79
O4 LMG EC . 20.89 -35.43 -5.51
C5 LMG EC . 19.44 -37.24 -5.03
O5 LMG EC . 20.69 -38.14 -3.27
C6 LMG EC . 19.72 -37.17 -3.53
O6 LMG EC . 18.37 -36.40 -5.33
C7 LMG EC . 15.68 -36.01 -6.66
C8 LMG EC . 14.84 -35.19 -7.66
C9 LMG EC . 13.86 -36.14 -8.37
O7 LMG EC . 14.04 -34.28 -6.93
C10 LMG EC . 14.44 -33.00 -6.85
O9 LMG EC . 15.61 -32.72 -7.05
C11 LMG EC . 13.34 -32.06 -6.48
C12 LMG EC . 12.22 -32.13 -7.49
C13 LMG EC . 12.70 -31.88 -8.92
O8 LMG EC . 13.07 -35.34 -9.20
C28 LMG EC . 12.46 -35.95 -10.24
O10 LMG EC . 12.89 -37.03 -10.64
C29 LMG EC . 11.18 -35.32 -10.63
C30 LMG EC . 10.01 -36.23 -10.30
C31 LMG EC . 9.73 -37.09 -11.50
C32 LMG EC . 9.60 -38.52 -11.00
MG CLA FC . 23.73 -44.73 -33.27
CHA CLA FC . 24.92 -47.91 -33.93
CHB CLA FC . 25.88 -43.45 -35.55
CHC CLA FC . 22.44 -41.61 -32.64
CHD CLA FC . 21.54 -46.10 -30.86
NA CLA FC . 25.16 -45.58 -34.53
C1A CLA FC . 25.51 -46.92 -34.67
C2A CLA FC . 26.62 -47.11 -35.70
C3A CLA FC . 26.96 -45.65 -36.12
C4A CLA FC . 25.93 -44.82 -35.37
CMA CLA FC . 28.36 -45.28 -35.71
CAA CLA FC . 26.13 -47.89 -36.90
CBA CLA FC . 24.81 -47.37 -37.42
NB CLA FC . 24.12 -42.88 -33.93
C1B CLA FC . 24.99 -42.57 -34.92
C2B CLA FC . 24.88 -41.13 -35.26
C3B CLA FC . 23.91 -40.60 -34.44
C4B CLA FC . 23.41 -41.70 -33.59
CMB CLA FC . 25.69 -40.47 -36.28
CAB CLA FC . 23.41 -39.26 -34.36
CBB CLA FC . 22.14 -38.90 -34.52
NC CLA FC . 22.26 -44.00 -31.99
C1C CLA FC . 21.89 -42.69 -31.89
C2C CLA FC . 20.84 -42.54 -30.90
C3C CLA FC . 20.59 -43.80 -30.40
C4C CLA FC . 21.48 -44.72 -31.08
CMC CLA FC . 20.21 -41.26 -30.53
CAC CLA FC . 19.60 -44.15 -29.37
CBC CLA FC . 18.30 -44.60 -29.98
ND CLA FC . 23.25 -46.56 -32.56
C1D CLA FC . 22.36 -46.97 -31.54
C2D CLA FC . 22.46 -48.44 -31.39
C3D CLA FC . 23.43 -48.85 -32.29
C4D CLA FC . 23.90 -47.63 -32.98
CMD CLA FC . 21.66 -49.20 -30.44
CAD CLA FC . 24.18 -49.97 -32.83
OBD CLA FC . 24.08 -51.17 -32.59
CBD CLA FC . 25.19 -49.39 -33.86
CGD CLA FC . 26.60 -49.64 -33.42
O1D CLA FC . 27.23 -49.05 -32.53
O2D CLA FC . 27.24 -50.64 -34.09
CED CLA FC . 28.64 -50.77 -33.89
MG CLA GC . 20.02 -53.74 -22.99
CHA CLA GC . 23.23 -52.49 -22.74
CHB CLA GC . 20.00 -54.33 -19.64
CHC CLA GC . 16.76 -54.73 -23.23
CHD CLA GC . 20.10 -53.10 -26.46
NA CLA GC . 21.41 -53.47 -21.46
C1A CLA GC . 22.68 -52.90 -21.56
C2A CLA GC . 23.38 -52.86 -20.20
C3A CLA GC . 22.40 -53.63 -19.29
C4A CLA GC . 21.17 -53.81 -20.17
CMA CLA GC . 22.99 -54.96 -18.89
CAA CLA GC . 23.52 -51.42 -19.74
CBA CLA GC . 22.54 -51.09 -18.63
CGA CLA GC . 21.32 -50.49 -19.23
O1A CLA GC . 21.25 -49.79 -20.24
O2A CLA GC . 20.18 -50.76 -18.54
NB CLA GC . 18.66 -54.46 -21.69
C1B CLA GC . 18.82 -54.53 -20.35
C2B CLA GC . 17.53 -54.90 -19.70
C3B CLA GC . 16.61 -55.02 -20.71
C4B CLA GC . 17.31 -54.74 -21.99
CMB CLA GC . 17.38 -55.07 -18.26
CAB CLA GC . 15.21 -55.32 -20.63
CBB CLA GC . 14.34 -54.65 -19.88
NC CLA GC . 18.68 -53.91 -24.57
C1C CLA GC . 17.39 -54.34 -24.45
C2C CLA GC . 16.74 -54.31 -25.75
C3C CLA GC . 17.68 -53.85 -26.66
C4C CLA GC . 18.90 -53.59 -25.92
CMC CLA GC . 15.35 -54.68 -26.01
CAC CLA GC . 17.47 -53.62 -28.09
CBC CLA GC . 16.97 -52.21 -28.33
ND CLA GC . 21.31 -53.00 -24.34
C1D CLA GC . 21.23 -52.81 -25.75
C2D CLA GC . 22.53 -52.30 -26.23
C3D CLA GC . 23.33 -52.16 -25.12
C4D CLA GC . 22.52 -52.60 -23.97
CMD CLA GC . 22.82 -52.01 -27.63
CAD CLA GC . 24.63 -51.78 -24.60
OBD CLA GC . 25.62 -51.38 -25.20
CBD CLA GC . 24.59 -51.98 -23.07
CGD CLA GC . 25.57 -53.03 -22.64
O1D CLA GC . 25.74 -54.14 -23.14
O2D CLA GC . 26.32 -52.71 -21.56
CED CLA GC . 26.81 -53.79 -20.77
C1 CLA GC . 19.01 -51.07 -19.33
C2 CLA GC . 17.83 -50.54 -18.62
C3 CLA GC . 16.57 -50.79 -19.03
C4 CLA GC . 16.29 -51.61 -20.21
C5 CLA GC . 15.39 -50.24 -18.30
C6 CLA GC . 14.53 -49.38 -19.19
C7 CLA GC . 13.15 -49.19 -18.60
C8 CLA GC . 12.37 -48.07 -19.28
C9 CLA GC . 11.64 -47.24 -18.26
C10 CLA GC . 11.39 -48.63 -20.29
C11 CLA GC . 11.73 -48.20 -21.70
C12 CLA GC . 10.89 -48.91 -22.74
C13 CLA GC . 11.26 -48.47 -24.14
C14 CLA GC . 10.04 -47.96 -24.88
MG CLA HC . 10.10 -56.44 -16.94
CHA CLA HC . 12.35 -56.55 -14.30
CHB CLA HC . 11.58 -53.61 -18.08
CHC CLA HC . 7.88 -56.42 -19.55
CHD CLA HC . 8.56 -59.36 -15.67
NA CLA HC . 11.71 -55.29 -16.29
C1A CLA HC . 12.53 -55.51 -15.17
C2A CLA HC . 13.60 -54.43 -15.06
C3A CLA HC . 13.25 -53.46 -16.22
C4A CLA HC . 12.11 -54.17 -16.94
CMA CLA HC . 12.82 -52.11 -15.70
CAA CLA HC . 14.97 -55.03 -15.31
CBA CLA HC . 15.91 -54.79 -14.15
CGA CLA HC . 16.08 -53.31 -13.95
O1A CLA HC . 16.07 -52.42 -14.78
O2A CLA HC . 16.28 -52.97 -12.64
NB CLA HC . 9.81 -55.27 -18.55
C1B CLA HC . 10.50 -54.14 -18.82
C2B CLA HC . 9.95 -53.49 -20.04
C3B CLA HC . 8.91 -54.27 -20.47
C4B CLA HC . 8.81 -55.42 -19.51
CMB CLA HC . 10.48 -52.24 -20.58
CAB CLA HC . 8.01 -54.11 -21.57
CBB CLA HC . 7.42 -52.97 -21.91
NC CLA HC . 8.51 -57.67 -17.50
C1C CLA HC . 7.73 -57.47 -18.60
C2C CLA HC . 6.72 -58.51 -18.69
C3C CLA HC . 6.91 -59.35 -17.60
C4C CLA HC . 8.03 -58.81 -16.85
CMC CLA HC . 5.72 -58.61 -19.75
CAC CLA HC . 6.12 -60.53 -17.26
CBC CLA HC . 6.81 -61.80 -17.66
ND CLA HC . 10.32 -57.68 -15.36
C1D CLA HC . 9.61 -58.85 -14.96
C2D CLA HC . 10.22 -59.36 -13.71
C3D CLA HC . 11.27 -58.51 -13.42
C4D CLA HC . 11.29 -57.49 -14.48
CMD CLA HC . 9.74 -60.52 -12.99
CAD CLA HC . 12.34 -58.19 -12.49
OBD CLA HC . 12.65 -58.76 -11.45
CBD CLA HC . 13.08 -56.96 -13.05
CGD CLA HC . 13.12 -55.83 -12.04
O1D CLA HC . 14.07 -55.50 -11.33
O2D CLA HC . 11.97 -55.13 -11.93
CED CLA HC . 11.98 -54.00 -11.06
C1 CLA HC . 16.17 -51.56 -12.35
C2 CLA HC . 14.77 -51.33 -11.93
C3 CLA HC . 14.05 -50.28 -12.38
C4 CLA HC . 12.65 -50.05 -11.95
C5 CLA HC . 14.65 -49.31 -13.33
MG CLA IC . 3.21 -72.28 -26.01
CHA CLA IC . 0.05 -73.66 -26.07
CHB CLA IC . 2.34 -70.38 -23.33
CHC CLA IC . 6.40 -71.01 -25.95
CHD CLA IC . 4.11 -74.36 -28.73
NA CLA IC . 1.46 -72.07 -24.90
C1A CLA IC . 0.25 -72.74 -25.08
C2A CLA IC . -0.77 -72.29 -24.02
C3A CLA IC . 0.00 -71.26 -23.17
C4A CLA IC . 1.38 -71.22 -23.83
CMA CLA IC . -0.65 -69.91 -23.17
CAA CLA IC . -1.19 -73.45 -23.13
CBA CLA IC . -0.03 -73.94 -22.29
CGA CLA IC . 0.62 -75.10 -22.98
O1A CLA IC . 0.19 -76.25 -23.13
O2A CLA IC . 1.84 -74.80 -23.49
NB CLA IC . 4.20 -70.97 -24.85
C1B CLA IC . 3.65 -70.24 -23.85
C2B CLA IC . 4.62 -69.25 -23.35
C3B CLA IC . 5.77 -69.41 -24.09
C4B CLA IC . 5.52 -70.51 -25.05
CMB CLA IC . 4.31 -68.31 -22.27
CAB CLA IC . 7.01 -68.72 -24.00
CBB CLA IC . 8.15 -69.28 -23.62
NC CLA IC . 4.93 -72.62 -27.15
C1C CLA IC . 6.13 -71.99 -26.94
C2C CLA IC . 7.12 -72.50 -27.88
C3C CLA IC . 6.48 -73.44 -28.68
C4C CLA IC . 5.10 -73.51 -28.20
CMC CLA IC . 8.51 -72.07 -27.94
CAC CLA IC . 7.06 -74.22 -29.76
CBC CLA IC . 7.44 -75.62 -29.30
ND CLA IC . 2.33 -73.63 -27.22
C1D CLA IC . 2.81 -74.42 -28.29
C2D CLA IC . 1.71 -75.27 -28.80
C3D CLA IC . 0.62 -74.99 -28.00
C4D CLA IC . 1.07 -74.00 -27.01
CMD CLA IC . 1.84 -76.16 -29.92
CAD CLA IC . -0.77 -75.28 -27.73
OBD CLA IC . -1.55 -76.00 -28.34
CBD CLA IC . -1.16 -74.47 -26.45
CGD CLA IC . -2.35 -73.60 -26.68
O1D CLA IC . -2.40 -72.37 -26.59
O2D CLA IC . -3.48 -74.26 -27.01
CED CLA IC . -4.65 -73.47 -27.26
C1 CLA IC . 2.57 -75.87 -24.10
C2 CLA IC . 3.87 -75.32 -24.56
C3 CLA IC . 5.01 -76.03 -24.58
C4 CLA IC . 5.06 -77.45 -24.14
C5 CLA IC . 6.28 -75.42 -25.04
C6 CLA IC . 7.27 -75.17 -23.92
C7 CLA IC . 8.67 -75.03 -24.48
C8 CLA IC . 9.53 -74.07 -23.68
C9 CLA IC . 10.15 -74.76 -22.48
C10 CLA IC . 8.73 -72.86 -23.22
NB KC2 JC . 0.34 -82.11 -14.41
ND KC2 JC . -1.05 -79.35 -16.83
C1A KC2 JC . -3.40 -81.06 -16.04
C1B KC2 JC . -0.35 -83.20 -14.01
C1C KC2 JC . 2.63 -80.24 -15.00
C1D KC2 JC . -0.37 -78.42 -17.54
C2A KC2 JC . -4.47 -81.99 -15.74
C2B KC2 JC . 0.44 -84.00 -13.16
C2C KC2 JC . 3.74 -79.47 -15.37
C2D KC2 JC . -1.30 -77.68 -18.29
C3A KC2 JC . -3.89 -83.04 -15.06
C3B KC2 JC . 1.65 -83.37 -13.05
C3C KC2 JC . 3.34 -78.61 -16.34
C3D KC2 JC . -2.56 -78.18 -18.00
C4A KC2 JC . -2.52 -82.76 -14.94
C4B KC2 JC . 1.55 -82.19 -13.85
C4C KC2 JC . 1.92 -78.89 -16.58
C4D KC2 JC . -2.36 -79.22 -17.09
CAA KC2 JC . -5.89 -81.88 -16.11
CAB KC2 JC . 2.81 -83.81 -12.27
CAC KC2 JC . 4.17 -77.61 -17.03
CAD KC2 JC . -4.00 -78.07 -18.27
CBA KC2 JC . -6.86 -81.62 -15.21
CBB KC2 JC . 3.59 -84.78 -12.75
CBC KC2 JC . 4.32 -76.41 -16.48
CBD KC2 JC . -4.63 -79.13 -17.38
CED KC2 JC . -7.53 -78.74 -17.52
CGA KC2 JC . -8.20 -81.63 -15.68
CGD KC2 JC . -5.48 -78.46 -16.35
CHA KC2 JC . -3.51 -79.84 -16.72
CHB KC2 JC . -1.63 -83.61 -14.30
CHC KC2 JC . 2.69 -81.29 -13.95
CHD KC2 JC . 1.08 -78.18 -17.58
CMA KC2 JC . -4.58 -84.26 -14.54
CMB KC2 JC . 0.04 -85.29 -12.50
CMC KC2 JC . 5.12 -79.55 -14.78
CMD KC2 JC . -0.99 -76.53 -19.21
NA KC2 JC . -2.21 -81.55 -15.53
NC KC2 JC . 1.53 -79.89 -15.73
O1A KC2 JC . -9.02 -80.90 -15.15
O1D KC2 JC . -5.19 -78.56 -15.18
O2A KC2 JC . -8.49 -82.23 -16.85
O2D KC2 JC . -6.66 -77.93 -16.69
OBD KC2 JC . -4.58 -77.15 -18.81
MG KC2 JC . -0.34 -80.71 -15.61
MG CLA KC . 10.83 -64.66 -11.64
CHA CLA KC . 13.26 -62.28 -12.28
CHB CLA KC . 12.01 -64.97 -8.47
CHC CLA KC . 8.19 -66.72 -10.92
CHD CLA KC . 9.66 -64.31 -14.96
NA CLA KC . 12.43 -63.82 -10.60
C1A CLA KC . 13.31 -62.82 -11.03
C2A CLA KC . 14.32 -62.50 -9.94
C3A CLA KC . 14.11 -63.63 -8.93
C4A CLA KC . 12.75 -64.18 -9.32
CMA CLA KC . 15.17 -64.67 -9.08
CAA CLA KC . 14.05 -61.13 -9.34
CBA CLA KC . 12.58 -60.85 -9.14
CGA CLA KC . 12.49 -59.60 -8.34
O1A CLA KC . 13.29 -59.17 -7.51
O2A CLA KC . 11.37 -58.86 -8.59
NB CLA KC . 10.29 -65.77 -10.03
C1B CLA KC . 10.75 -65.51 -8.78
C2B CLA KC . 9.74 -65.90 -7.77
C3B CLA KC . 8.66 -66.40 -8.46
C4B CLA KC . 9.01 -66.34 -9.91
CMB CLA KC . 9.93 -65.75 -6.32
CAB CLA KC . 7.40 -66.92 -8.00
CBB CLA KC . 6.57 -66.29 -7.16
NC CLA KC . 9.26 -65.44 -12.76
C1C CLA KC . 8.32 -66.30 -12.28
C2C CLA KC . 7.39 -66.66 -13.33
C3C CLA KC . 7.77 -65.94 -14.47
C4C CLA KC . 8.96 -65.19 -14.10
CMC CLA KC . 6.24 -67.55 -13.16
CAC CLA KC . 7.13 -65.95 -15.78
CBC CLA KC . 6.06 -64.90 -15.87
ND CLA KC . 11.30 -63.59 -13.28
C1D CLA KC . 10.75 -63.55 -14.58
C2D CLA KC . 11.52 -62.56 -15.39
C3D CLA KC . 12.46 -62.03 -14.54
C4D CLA KC . 12.30 -62.71 -13.25
CMD CLA KC . 11.24 -62.23 -16.78
CAD CLA KC . 13.56 -61.10 -14.41
OBD CLA KC . 14.02 -60.33 -15.24
CBD CLA KC . 14.10 -61.23 -12.96
CGD CLA KC . 15.55 -61.58 -12.93
O1D CLA KC . 16.07 -62.66 -12.66
O2D CLA KC . 16.37 -60.54 -13.26
CED CLA KC . 17.60 -60.40 -12.56
MG CLA LC . 21.58 -69.82 -24.23
CHA CLA LC . 23.91 -70.60 -21.78
CHB CLA LC . 24.10 -69.25 -26.44
CHC CLA LC . 19.23 -69.21 -26.68
CHD CLA LC . 19.00 -70.44 -21.90
NA CLA LC . 23.66 -69.90 -24.10
C1A CLA LC . 24.45 -70.26 -23.00
C2A CLA LC . 25.93 -70.18 -23.34
C3A CLA LC . 25.94 -69.60 -24.77
C4A CLA LC . 24.47 -69.59 -25.16
CMA CLA LC . 26.51 -68.21 -24.78
CAA CLA LC . 26.55 -71.55 -23.35
CBA CLA LC . 25.64 -72.58 -23.99
CGA CLA LC . 25.83 -72.64 -25.48
O1A CLA LC . 26.88 -72.73 -26.12
O2A CLA LC . 24.66 -72.60 -26.17
NB CLA LC . 21.65 -69.36 -26.19
C1B CLA LC . 22.78 -69.16 -26.92
C2B CLA LC . 22.43 -68.79 -28.31
C3B CLA LC . 21.06 -68.77 -28.38
C4B CLA LC . 20.55 -69.13 -27.03
CMB CLA LC . 23.42 -68.49 -29.33
CAB CLA LC . 20.19 -68.46 -29.48
CBB CLA LC . 20.18 -67.30 -30.13
NC CLA LC . 19.50 -69.81 -24.27
C1C CLA LC . 18.74 -69.52 -25.37
C2C CLA LC . 17.33 -69.62 -25.04
C3C CLA LC . 17.25 -69.97 -23.69
C4C CLA LC . 18.63 -70.09 -23.22
CMC CLA LC . 16.24 -69.37 -25.98
CAC CLA LC . 16.04 -70.18 -22.89
CBC CLA LC . 15.66 -71.65 -22.87
ND CLA LC . 21.42 -70.32 -22.28
C1D CLA LC . 20.30 -70.55 -21.45
C2D CLA LC . 20.77 -70.90 -20.10
C3D CLA LC . 22.15 -70.94 -20.17
C4D CLA LC . 22.51 -70.58 -21.56
CMD CLA LC . 19.91 -71.18 -18.96
CAD CLA LC . 23.39 -71.16 -19.45
OBD CLA LC . 23.56 -71.43 -18.27
CBD CLA LC . 24.55 -70.98 -20.48
CGD CLA LC . 25.55 -69.96 -20.00
O1D CLA LC . 25.35 -68.79 -19.68
O2D CLA LC . 26.82 -70.44 -19.94
CED CLA LC . 27.87 -69.50 -19.66
C1 CLA LC . 24.69 -72.87 -27.58
C2 CLA LC . 23.33 -72.65 -28.10
C3 CLA LC . 23.00 -72.73 -29.40
C4 CLA LC . 24.00 -73.03 -30.45
C5 CLA LC . 21.60 -72.49 -29.86
C6 CLA LC . 21.09 -73.62 -30.73
C7 CLA LC . 19.63 -73.39 -31.10
C8 CLA LC . 19.18 -74.30 -32.23
C9 CLA LC . 20.18 -74.32 -33.36
C10 CLA LC . 17.82 -73.87 -32.77
C11 CLA LC . 16.73 -74.01 -31.73
C12 CLA LC . 15.76 -75.11 -32.09
C13 CLA LC . 14.37 -74.56 -32.44
C14 CLA LC . 14.33 -74.13 -33.89
C15 CLA LC . 13.98 -73.41 -31.53
MG CLA MC . 23.62 -57.46 -37.71
CHA CLA MC . 25.00 -60.19 -36.08
CHB CLA MC . 26.58 -56.89 -39.25
CHC CLA MC . 22.14 -54.92 -39.46
CHD CLA MC . 20.53 -58.15 -36.13
NA CLA MC . 25.49 -58.38 -37.61
C1A CLA MC . 25.87 -59.52 -36.89
C2A CLA MC . 27.34 -59.84 -37.11
C3A CLA MC . 27.85 -58.64 -37.94
C4A CLA MC . 26.56 -57.91 -38.31
CMA CLA MC . 28.78 -57.77 -37.14
CAA CLA MC . 27.49 -61.14 -37.89
NB CLA MC . 24.26 -56.13 -39.07
C1B CLA MC . 25.47 -56.13 -39.64
C2B CLA MC . 25.50 -55.17 -40.77
C3B CLA MC . 24.24 -54.60 -40.84
C4B CLA MC . 23.44 -55.21 -39.75
CMB CLA MC . 26.67 -54.91 -41.60
CAB CLA MC . 23.71 -53.61 -41.74
CBB CLA MC . 23.55 -53.79 -43.04
NC CLA MC . 21.71 -56.64 -37.73
C1C CLA MC . 21.33 -55.58 -38.50
C2C CLA MC . 19.93 -55.25 -38.25
C3C CLA MC . 19.46 -56.19 -37.35
C4C CLA MC . 20.58 -57.07 -37.02
CMC CLA MC . 19.21 -54.16 -38.89
CAC CLA MC . 18.10 -56.27 -36.80
CBC CLA MC . 17.24 -57.26 -37.55
ND CLA MC . 22.91 -58.75 -36.34
C1D CLA MC . 21.61 -58.95 -35.81
C2D CLA MC . 21.63 -60.12 -34.91
C3D CLA MC . 22.91 -60.62 -34.96
C4D CLA MC . 23.66 -59.75 -35.89
CMD CLA MC . 20.48 -60.59 -34.15
CAD CLA MC . 23.83 -61.64 -34.49
OBD CLA MC . 23.65 -62.53 -33.66
CBD CLA MC . 25.17 -61.44 -35.25
CGD CLA MC . 26.36 -61.39 -34.34
O1D CLA MC . 26.58 -60.59 -33.42
O2D CLA MC . 27.29 -62.35 -34.58
CED CLA MC . 28.54 -62.25 -33.92
NB KC2 NC . 17.88 -67.22 -35.12
ND KC2 NC . 20.95 -65.02 -36.20
C1A KC2 NC . 22.10 -67.40 -34.75
C1B KC2 NC . 17.98 -68.43 -34.52
C1C KC2 NC . 16.76 -64.81 -36.57
C1D KC2 NC . 20.97 -63.90 -36.96
C2A KC2 NC . 22.60 -68.61 -34.11
C2B KC2 NC . 16.69 -68.99 -34.33
C2C KC2 NC . 16.23 -63.75 -37.30
C2D KC2 NC . 22.31 -63.51 -37.13
C3A KC2 NC . 21.48 -69.36 -33.81
C3B KC2 NC . 15.80 -68.09 -34.84
C3C KC2 NC . 17.27 -63.00 -37.74
C3D KC2 NC . 23.10 -64.43 -36.48
C4A KC2 NC . 20.36 -68.65 -34.25
C4B KC2 NC . 16.58 -66.99 -35.33
C4C KC2 NC . 18.48 -63.65 -37.25
C4D KC2 NC . 22.23 -65.36 -35.91
CAA KC2 NC . 24.00 -68.94 -33.82
CAB KC2 NC . 14.33 -68.22 -34.89
CAC KC2 NC . 17.19 -61.78 -38.55
CAD KC2 NC . 24.47 -64.83 -36.15
CBA KC2 NC . 24.71 -69.88 -34.51
CBB KC2 NC . 13.76 -68.54 -36.04
CBC KC2 NC . 17.62 -61.80 -39.81
CBD KC2 NC . 24.30 -66.24 -35.64
CED KC2 NC . 24.12 -67.96 -38.95
CGA KC2 NC . 24.08 -70.83 -35.36
CGD KC2 NC . 24.61 -67.23 -36.74
CHA KC2 NC . 22.87 -66.34 -35.23
CHB KC2 NC . 19.07 -69.14 -34.09
CHC KC2 NC . 15.91 -65.85 -35.94
CHD KC2 NC . 19.85 -63.14 -37.52
CMA KC2 NC . 21.47 -70.70 -33.14
CMB KC2 NC . 16.35 -70.31 -33.70
CMC KC2 NC . 14.77 -63.47 -37.56
CMD KC2 NC . 22.78 -62.31 -37.91
NA KC2 NC . 20.72 -67.45 -34.82
NC KC2 NC . 18.12 -64.76 -36.53
O1A KC2 NC . 24.49 -71.98 -35.33
O1D KC2 NC . 25.76 -67.48 -36.99
O2A KC2 NC . 23.41 -70.41 -36.44
O2D KC2 NC . 23.66 -67.53 -37.65
OBD KC2 NC . 25.49 -64.37 -36.60
MG KC2 NC . 19.41 -66.07 -35.61
MG CLA OC . 5.16 -53.09 -35.34
CHA CLA OC . 2.29 -52.38 -37.14
CHB CLA OC . 6.72 -54.04 -38.20
CHC CLA OC . 8.02 -53.62 -33.53
CHD CLA OC . 3.48 -52.15 -32.38
NA CLA OC . 4.57 -53.18 -37.33
C1A CLA OC . 3.34 -52.82 -37.89
C2A CLA OC . 3.34 -53.02 -39.40
C3A CLA OC . 4.72 -53.63 -39.68
C4A CLA OC . 5.41 -53.61 -38.32
CMA CLA OC . 4.62 -55.02 -40.23
CAA CLA OC . 3.25 -51.66 -40.06
CBA CLA OC . 4.11 -50.65 -39.34
CGA CLA OC . 4.33 -49.40 -40.13
O1A CLA OC . 3.53 -48.49 -40.39
O2A CLA OC . 5.62 -49.27 -40.59
NB CLA OC . 7.02 -53.70 -35.79
C1B CLA OC . 7.45 -54.08 -37.01
C2B CLA OC . 8.85 -54.58 -36.91
C3B CLA OC . 9.22 -54.47 -35.60
C4B CLA OC . 8.06 -53.90 -34.86
CMB CLA OC . 9.59 -55.07 -38.07
CAB CLA OC . 10.46 -54.80 -34.95
CBB CLA OC . 11.11 -55.94 -35.09
NC CLA OC . 5.66 -52.91 -33.32
C1C CLA OC . 6.90 -53.15 -32.80
C2C CLA OC . 6.90 -52.90 -31.37
C3C CLA OC . 5.61 -52.52 -31.03
C4C CLA OC . 4.84 -52.52 -32.27
CMC CLA OC . 8.06 -53.06 -30.50
CAC CLA OC . 5.13 -52.17 -29.68
CBC CLA OC . 4.77 -50.72 -29.51
ND CLA OC . 3.34 -52.44 -34.81
C1D CLA OC . 2.77 -52.09 -33.56
C2D CLA OC . 1.37 -51.71 -33.76
C3D CLA OC . 1.13 -51.78 -35.12
C4D CLA OC . 2.38 -52.24 -35.73
CMD CLA OC . 0.45 -51.30 -32.71
CAD CLA OC . 0.17 -51.62 -36.18
OBD CLA OC . -1.00 -51.27 -36.12
CBD CLA OC . 0.88 -51.98 -37.51
CGD CLA OC . 0.09 -53.06 -38.19
O1D CLA OC . -0.60 -53.94 -37.66
O2D CLA OC . 0.15 -53.04 -39.55
CED CLA OC . -1.06 -53.37 -40.23
MG CLA PC . 0.76 -52.50 -24.51
CHA CLA PC . -2.40 -52.35 -25.93
CHB CLA PC . 1.86 -50.20 -26.74
CHC CLA PC . 3.82 -52.56 -22.96
CHD CLA PC . -0.42 -54.96 -22.26
NA CLA PC . -0.14 -51.46 -26.07
C1A CLA PC . -1.48 -51.52 -26.50
C2A CLA PC . -1.71 -50.59 -27.70
C3A CLA PC . -0.31 -50.02 -27.99
C4A CLA PC . 0.54 -50.58 -26.85
CMA CLA PC . 0.20 -50.48 -29.33
CAA CLA PC . -2.68 -49.47 -27.37
CBA CLA PC . -2.39 -48.87 -26.02
CGA CLA PC . -3.47 -49.30 -25.07
O1A CLA PC . -3.37 -49.69 -23.91
O2A CLA PC . -4.71 -49.21 -25.63
NB CLA PC . 2.53 -51.62 -24.84
C1B CLA PC . 2.75 -50.63 -25.74
C2B CLA PC . 4.09 -50.03 -25.51
C3B CLA PC . 4.64 -50.68 -24.45
C4B CLA PC . 3.67 -51.70 -24.00
CMB CLA PC . 4.61 -48.93 -26.34
CAB CLA PC . 5.92 -50.48 -23.82
CBB CLA PC . 6.31 -49.34 -23.26
NC CLA PC . 1.55 -53.59 -22.91
C1C CLA PC . 2.84 -53.45 -22.45
C2C CLA PC . 3.05 -54.34 -21.33
C3C CLA PC . 1.86 -55.02 -21.12
C4C CLA PC . 0.92 -54.55 -22.12
CMC CLA PC . 4.30 -54.46 -20.58
CAC CLA PC . 1.58 -56.02 -20.08
CBC CLA PC . 0.99 -55.38 -18.85
ND CLA PC . -0.98 -53.44 -24.09
C1D CLA PC . -1.32 -54.46 -23.17
C2D CLA PC . -2.73 -54.83 -23.37
C3D CLA PC . -3.21 -54.04 -24.39
C4D CLA PC . -2.07 -53.21 -24.83
CMD CLA PC . -3.44 -55.84 -22.59
CAD CLA PC . -4.34 -53.70 -25.24
OBD CLA PC . -5.48 -54.13 -25.22
CBD CLA PC . -3.86 -52.62 -26.25
CGD CLA PC . -4.04 -53.05 -27.68
O1D CLA PC . -5.05 -52.91 -28.38
O2D CLA PC . -2.97 -53.65 -28.24
CED CLA PC . -2.76 -53.36 -29.62
C03 II0 QC . 20.36 -76.19 -26.52
C04 II0 QC . 8.14 -59.85 -38.78
C05 II0 QC . 21.35 -76.95 -25.66
C06 II0 QC . 6.99 -59.02 -39.32
C07 II0 QC . 22.57 -76.10 -25.33
C08 II0 QC . 5.97 -58.78 -38.23
C09 II0 QC . 20.23 -74.74 -26.09
C10 II0 QC . 8.58 -59.38 -37.41
C11 II0 QC . 22.07 -74.98 -24.43
C12 II0 QC . 6.63 -57.85 -37.23
C13 II0 QC . 21.05 -74.17 -25.20
C14 II0 QC . 7.87 -58.52 -36.70
C15 II0 QC . 19.00 -76.83 -26.39
C16 II0 QC . 20.82 -76.22 -27.97
C17 II0 QC . 7.73 -61.31 -38.68
C18 II0 QC . 9.34 -59.72 -39.72
C19 II0 QC . 20.96 -72.71 -24.94
C20 II0 QC . 8.30 -58.19 -35.31
C21 II0 QC . 19.33 -74.04 -26.61
C22 II0 QC . 9.64 -59.84 -36.94
C23 II0 QC . 18.47 -73.41 -27.11
C24 II0 QC . 10.65 -60.28 -36.49
C25 II0 QC . 17.56 -72.71 -27.63
C26 II0 QC . 11.71 -60.78 -36.03
C27 II0 QC . 16.12 -73.00 -27.30
C28 II0 QC . 13.03 -60.17 -36.40
C29 II0 QC . 17.85 -71.72 -28.49
C30 II0 QC . 11.66 -61.84 -35.21
C31 II0 QC . 16.77 -70.93 -29.08
C32 II0 QC . 12.88 -62.43 -34.67
C33 II0 QC . 17.03 -69.87 -29.86
C34 II0 QC . 12.81 -63.50 -33.87
C35 II0 QC . 15.92 -69.10 -30.42
C36 II0 QC . 14.03 -64.13 -33.31
C37 II0 QC . 14.52 -69.50 -30.09
C38 II0 QC . 15.33 -63.39 -33.35
C39 II0 QC . 16.12 -68.04 -31.21
C40 II0 QC . 13.96 -65.36 -32.79
C41 II0 QC . 15.00 -67.29 -31.76
C42 II0 QC . 15.13 -66.05 -32.24
O01 II0 QC . 23.53 -76.89 -24.63
O02 II0 QC . 4.82 -58.12 -38.77
C03 II3 RC . 16.80 -47.24 -23.27
C04 II3 RC . 16.93 -48.70 -22.90
C05 II3 RC . 18.08 -46.44 -23.07
C06 II3 RC . 19.02 -46.99 -22.02
C07 II3 RC . 18.36 -49.16 -22.92
C08 II3 RC . 16.38 -47.11 -24.73
C09 II3 RC . 15.71 -46.62 -22.42
C10 II3 RC . 19.30 -48.43 -22.33
C11 II3 RC . 1.36 -65.22 -23.74
C12 II3 RC . 16.12 -49.57 -23.83
C13 II3 RC . 0.43 -66.37 -24.08
C14 II3 RC . 0.63 -66.77 -25.53
C15 II3 RC . 18.75 -50.46 -23.57
C16 II3 RC . 2.78 -65.60 -24.09
C17 II3 RC . 2.01 -67.37 -25.64
C18 II3 RC . 3.03 -66.40 -25.13
C19 II3 RC . 1.29 -64.89 -22.26
C20 II3 RC . 0.98 -63.99 -24.54
C21 II3 RC . 15.17 -50.34 -23.29
C22 II3 RC . 4.37 -66.34 -25.78
C23 II3 RC . 3.74 -65.13 -23.44
C24 II3 RC . 14.30 -51.23 -24.05
C25 II3 RC . 14.12 -51.10 -25.53
C26 II3 RC . 13.65 -52.18 -23.36
C27 II3 RC . 4.62 -64.66 -22.79
C28 II3 RC . 5.52 -64.12 -22.11
C29 II3 RC . 12.75 -53.16 -23.94
C30 II3 RC . 6.02 -64.75 -20.85
C31 II3 RC . 6.02 -62.96 -22.53
C32 II3 RC . 12.26 -54.07 -23.10
C33 II3 RC . 11.31 -55.12 -23.51
C34 II3 RC . 7.07 -62.22 -21.84
C35 II3 RC . 10.85 -55.20 -24.94
C36 II3 RC . 10.88 -55.99 -22.59
C37 II3 RC . 7.42 -61.05 -22.36
C38 II3 RC . 8.45 -60.17 -21.82
C39 II3 RC . 9.93 -57.05 -22.93
C40 II3 RC . 8.64 -59.00 -22.45
C41 II3 RC . 9.63 -58.00 -22.05
C42 II3 RC . 9.27 -60.55 -20.63
O01 II3 RC . 18.45 -46.87 -20.73
O02 II3 RC . -0.34 -67.75 -25.89
C03 II0 SC . -5.32 -84.18 -20.12
C04 II0 SC . 13.43 -69.28 -19.72
C05 II0 SC . -6.70 -84.52 -20.67
C06 II0 SC . 14.47 -68.19 -19.44
C07 II0 SC . -7.72 -83.49 -20.20
C08 II0 SC . 14.76 -67.93 -17.97
C09 II0 SC . -5.03 -82.69 -20.28
C10 II0 SC . 12.31 -69.22 -18.73
C11 II0 SC . -7.38 -82.19 -20.90
C12 II0 SC . 13.47 -67.71 -17.21
C13 II0 SC . -5.97 -81.80 -20.54
C14 II0 SC . 12.58 -68.89 -17.47
C15 II0 SC . -4.26 -84.95 -20.91
C16 II0 SC . -5.24 -84.51 -18.65
C17 II0 SC . 12.86 -69.08 -21.12
C18 II0 SC . 14.08 -70.65 -19.64
C19 II0 SC . -5.63 -80.34 -20.47
C20 II0 SC . 12.04 -69.70 -16.33
C21 II0 SC . -3.85 -82.32 -20.11
C22 II0 SC . 11.14 -69.53 -19.07
C23 II0 SC . -2.72 -81.98 -19.95
C24 II0 SC . 10.03 -69.80 -19.38
C25 II0 SC . -1.54 -81.59 -19.77
C26 II0 SC . 8.85 -70.10 -19.68
C27 II0 SC . -0.72 -82.17 -18.67
C28 II0 SC . 7.87 -69.01 -20.02
C29 II0 SC . -1.02 -80.64 -20.56
C30 II0 SC . 8.48 -71.37 -19.72
C31 II0 SC . 0.35 -80.20 -20.32
C32 II0 SC . 7.11 -71.79 -20.07
C33 II0 SC . 0.83 -79.14 -20.97
C34 II0 SC . 6.85 -73.09 -20.11
C35 II0 SC . 2.19 -78.68 -20.70
C36 II0 SC . 5.51 -73.62 -20.43
C37 II0 SC . 3.28 -79.66 -20.38
C38 II0 SC . 4.48 -72.73 -21.05
C39 II0 SC . 2.43 -77.36 -20.74
C40 II0 SC . 5.23 -74.90 -20.19
C41 II0 SC . 3.76 -76.80 -20.46
C42 II0 SC . 3.93 -75.47 -20.48
O01 II0 SC . -9.03 -83.92 -20.59
O02 II0 SC . 15.47 -69.04 -17.40
C01 8CT TC . -2.37 -62.43 -23.14
C02 8CT TC . -1.76 -61.86 -21.82
C03 8CT TC . -1.49 -60.31 -21.69
C04 8CT TC . -2.29 -59.61 -20.69
C05 8CT TC . -2.40 -60.47 -19.29
C06 8CT TC . -2.84 -61.74 -19.49
C07 8CT TC . -1.93 -62.60 -20.58
C08 8CT TC . -1.66 -58.26 -20.40
C09 8CT TC . -3.69 -59.40 -21.25
C10 8CT TC . -0.15 -59.75 -22.22
C11 8CT TC . 1.01 -60.13 -21.67
C12 8CT TC . 2.32 -59.57 -22.22
C13 8CT TC . 2.46 -58.25 -22.53
C14 8CT TC . 3.82 -57.78 -23.11
C15 8CT TC . 3.92 -56.56 -23.73
C16 8CT TC . 5.31 -56.11 -24.33
C17 8CT TC . 5.48 -54.85 -24.83
C18 8CT TC . 6.83 -54.45 -25.42
C19 8CT TC . 7.11 -53.15 -25.69
C20 8CT TC . 8.52 -52.82 -26.31
C21 8CT TC . 8.75 -51.66 -26.96
C22 8CT TC . 7.65 -50.61 -27.12
C23 8CT TC . 10.19 -51.40 -27.54
C24 8CT TC . 10.47 -50.33 -28.35
C25 8CT TC . 11.93 -50.16 -28.86
C26 8CT TC . 12.33 -48.99 -29.46
C27 8CT TC . 11.32 -47.83 -29.62
C28 8CT TC . 13.83 -48.82 -29.98
C29 8CT TC . 14.26 -47.54 -30.36
C30 8CT TC . 15.68 -47.25 -30.86
C31 8CT TC . 16.64 -48.05 -30.10
C32 8CT TC . 17.78 -48.85 -30.87
C33 8CT TC . 17.87 -48.67 -32.29
C34 8CT TC . 16.36 -48.55 -32.94
C35 8CT TC . 15.75 -47.41 -32.50
C36 8CT TC . 16.54 -46.22 -33.03
C37 8CT TC . 14.31 -47.36 -33.10
C38 8CT TC . 16.83 -47.73 -28.62
C39 8CT TC . 6.48 -57.10 -24.39
C40 8CT TC . 3.50 -60.52 -22.45
C03 II0 UC . -3.67 -2.04 -50.84
C04 II0 UC . 10.44 7.90 -34.76
C05 II0 UC . -4.97 -2.02 -51.63
C06 II0 UC . 11.67 7.59 -33.93
C07 II0 UC . -6.01 -2.88 -50.95
C08 II0 UC . 11.33 7.57 -32.46
C09 II0 UC . -3.92 -1.86 -49.37
C10 II0 UC . 9.22 7.16 -34.26
C11 II0 UC . -6.36 -2.19 -49.64
C12 II0 UC . 10.43 6.38 -32.24
C13 II0 UC . -5.12 -1.97 -48.82
C14 II0 UC . 9.16 6.62 -33.03
C15 II0 UC . -2.75 -0.94 -51.34
C16 II0 UC . -2.99 -3.39 -51.03
C17 II0 UC . 10.14 9.38 -34.69
C18 II0 UC . 10.67 7.46 -36.20
C19 II0 UC . -5.26 -1.88 -47.34
C20 II0 UC . 7.86 6.20 -32.44
C21 II0 UC . -2.92 -1.60 -48.64
C22 II0 UC . 8.21 7.13 -35.00
C23 II0 UC . -1.96 -1.37 -47.97
C24 II0 UC . 7.25 7.11 -35.70
C25 II0 UC . -0.97 -1.13 -47.24
C26 II0 UC . 6.25 7.06 -36.44
C27 II0 UC . -0.20 -2.25 -46.63
C28 II0 UC . 4.91 7.51 -35.94
C29 II0 UC . -0.60 0.14 -47.00
C30 II0 UC . 6.37 6.56 -37.68
C31 II0 UC . 0.55 0.40 -46.13
C32 II0 UC . 5.22 6.43 -38.58
C33 II0 UC . 0.92 1.65 -45.86
C34 II0 UC . 5.33 5.65 -39.64
C35 II0 UC . 2.08 1.91 -44.98
C36 II0 UC . 4.20 5.45 -40.58
C37 II0 UC . 3.21 0.93 -44.93
C38 II0 UC . 2.96 6.27 -40.41
C39 II0 UC . 2.10 3.02 -44.22
C40 II0 UC . 4.29 4.53 -41.55
C41 II0 UC . 3.22 3.28 -43.32
C42 II0 UC . 3.17 4.29 -42.45
O01 II0 UC . -7.17 -2.99 -51.78
O02 II0 UC . 12.53 7.42 -31.69
C03 II0 VC . -2.08 -45.63 -33.02
C04 II0 VC . 20.37 -53.03 -31.72
C05 II0 VC . -3.35 -45.01 -32.46
C06 II0 VC . 21.75 -53.64 -31.50
C07 II0 VC . -4.42 -46.07 -32.36
C08 II0 VC . 21.66 -54.80 -30.54
C09 II0 VC . -1.66 -46.77 -32.13
C10 II0 VC . 19.43 -54.11 -32.16
C11 II0 VC . -3.96 -47.11 -31.36
C12 II0 VC . 20.81 -55.91 -31.15
C13 II0 VC . -2.61 -47.63 -31.76
C14 II0 VC . 19.82 -55.38 -32.16
C15 II0 VC . -0.98 -44.58 -33.06
C16 II0 VC . -2.32 -46.20 -34.41
C17 II0 VC . 19.87 -52.43 -30.43
C18 II0 VC . 20.42 -51.96 -32.80
C19 II0 VC . -2.33 -49.09 -31.75
C20 II0 VC . 19.27 -56.31 -33.20
C21 II0 VC . -0.45 -46.88 -31.78
C22 II0 VC . 18.29 -53.81 -32.59
C23 II0 VC . 0.68 -46.99 -31.43
C24 II0 VC . 17.21 -53.54 -32.99
C25 II0 VC . 1.86 -47.14 -31.05
C26 II0 VC . 16.06 -53.25 -33.41
C27 II0 VC . 2.27 -46.63 -29.71
C28 II0 VC . 15.42 -54.12 -34.44
C29 II0 VC . 2.78 -47.72 -31.84
C30 II0 VC . 15.39 -52.19 -32.95
C31 II0 VC . 4.16 -47.87 -31.38
C32 II0 VC . 14.05 -51.94 -33.46
C33 II0 VC . 5.08 -48.39 -32.19
C34 II0 VC . 13.23 -51.12 -32.80
C35 II0 VC . 6.48 -48.55 -31.73
C36 II0 VC . 11.85 -50.88 -33.28
C37 II0 VC . 6.92 -47.93 -30.45
C38 II0 VC . 11.42 -51.30 -34.65
C39 II0 VC . 7.34 -49.26 -32.47
C40 II0 VC . 10.97 -50.29 -32.46
C41 II0 VC . 8.73 -49.47 -32.05
C42 II0 VC . 9.59 -50.06 -32.88
O01 II0 VC . -5.63 -45.46 -31.91
O02 II0 VC . 22.97 -55.31 -30.26
MG CLA WC . 21.02 -3.28 -38.43
CHA CLA WC . 22.62 -5.89 -40.03
CHB CLA WC . 23.02 -1.07 -40.03
CHC CLA WC . 19.35 -0.71 -36.86
CHD CLA WC . 18.95 -5.62 -36.77
NA CLA WC . 22.57 -3.48 -39.81
C1A CLA WC . 23.08 -4.65 -40.36
C2A CLA WC . 24.22 -4.35 -41.34
C3A CLA WC . 24.38 -2.82 -41.23
C4A CLA WC . 23.24 -2.40 -40.31
CMA CLA WC . 25.71 -2.45 -40.65
CAA CLA WC . 23.86 -4.76 -42.75
CBA CLA WC . 22.45 -4.35 -43.12
NB CLA WC . 21.17 -1.28 -38.43
C1B CLA WC . 22.03 -0.56 -39.19
C2B CLA WC . 21.77 0.89 -38.99
C3B CLA WC . 20.74 1.01 -38.10
C4B CLA WC . 20.34 -0.39 -37.73
CMB CLA WC . 22.53 1.93 -39.67
CAB CLA WC . 20.10 2.17 -37.56
CBB CLA WC . 18.83 2.51 -37.77
NC CLA WC . 19.45 -3.20 -37.05
C1C CLA WC . 18.92 -2.04 -36.55
C2C CLA WC . 17.85 -2.35 -35.61
C3C CLA WC . 17.73 -3.73 -35.59
C4C CLA WC . 18.74 -4.26 -36.51
CMC CLA WC . 17.07 -1.36 -34.88
CAC CLA WC . 16.78 -4.51 -34.81
CBC CLA WC . 15.54 -4.86 -35.61
ND CLA WC . 20.78 -5.27 -38.37
C1D CLA WC . 19.90 -6.11 -37.63
C2D CLA WC . 20.19 -7.52 -37.96
C3D CLA WC . 21.23 -7.50 -38.88
C4D CLA WC . 21.56 -6.08 -39.09
CMD CLA WC . 19.48 -8.64 -37.38
CAD CLA WC . 22.13 -8.28 -39.70
OBD CLA WC . 22.20 -9.50 -39.83
CBD CLA WC . 23.05 -7.28 -40.45
CGD CLA WC . 24.49 -7.51 -40.11
O1D CLA WC . 25.00 -7.60 -39.00
O2D CLA WC . 25.32 -7.61 -41.20
CED CLA WC . 26.67 -7.19 -41.03
MG CLA XC . 18.26 -15.93 -32.34
CHA CLA XC . 21.37 -14.59 -31.66
CHB CLA XC . 18.52 -17.89 -29.57
CHC CLA XC . 15.11 -17.10 -32.96
CHD CLA XC . 18.00 -13.75 -35.11
NA CLA XC . 19.73 -16.19 -30.88
C1A CLA XC . 20.95 -15.52 -30.75
C2A CLA XC . 21.72 -15.99 -29.54
C3A CLA XC . 20.85 -17.14 -28.99
C4A CLA XC . 19.59 -17.07 -29.85
CMA CLA XC . 21.55 -18.45 -29.14
CAA CLA XC . 21.81 -14.86 -28.52
CBA CLA XC . 20.77 -15.00 -27.42
CGA CLA XC . 19.51 -14.31 -27.84
O1A CLA XC . 19.40 -13.35 -28.59
O2A CLA XC . 18.39 -14.83 -27.29
NB CLA XC . 17.08 -17.30 -31.48
C1B CLA XC . 17.32 -17.91 -30.30
C2B CLA XC . 16.11 -18.65 -29.84
C3B CLA XC . 15.14 -18.43 -30.78
C4B CLA XC . 15.74 -17.58 -31.85
CMB CLA XC . 16.05 -19.41 -28.60
CAB CLA XC . 13.78 -18.89 -30.81
CBB CLA XC . 12.82 -18.45 -30.00
NC CLA XC . 16.84 -15.53 -33.81
C1C CLA XC . 15.62 -16.15 -33.88
C2C CLA XC . 14.89 -15.65 -35.03
C3C CLA XC . 15.67 -14.65 -35.62
C4C CLA XC . 16.89 -14.58 -34.83
CMC CLA XC . 13.57 -16.11 -35.46
CAC CLA XC . 15.34 -13.85 -36.81
CBC CLA XC . 14.55 -12.63 -36.46
ND CLA XC . 19.38 -14.51 -33.24
C1D CLA XC . 19.17 -13.70 -34.39
C2D CLA XC . 20.37 -12.88 -34.63
C3D CLA XC . 21.27 -13.21 -33.63
C4D CLA XC . 20.59 -14.21 -32.78
CMD CLA XC . 20.53 -11.95 -35.73
CAD CLA XC . 22.57 -12.98 -33.05
OBD CLA XC . 23.50 -12.29 -33.47
CBD CLA XC . 22.66 -13.83 -31.76
CGD CLA XC . 23.78 -14.82 -31.84
O1D CLA XC . 24.04 -15.55 -32.79
O2D CLA XC . 24.54 -14.93 -30.73
CED CLA XC . 25.25 -16.15 -30.56
C1 CLA XC . 17.25 -14.94 -28.16
C2 CLA XC . 16.02 -14.88 -27.33
C3 CLA XC . 14.80 -15.04 -27.86
C4 CLA XC . 14.58 -15.31 -29.29
C5 CLA XC . 13.58 -14.98 -27.00
C6 CLA XC . 12.51 -14.05 -27.55
C7 CLA XC . 11.22 -14.18 -26.76
C8 CLA XC . 10.28 -13.01 -27.01
C9 CLA XC . 9.35 -12.83 -25.83
C10 CLA XC . 9.48 -13.22 -28.28
C11 CLA XC . 9.40 -11.96 -29.11
C12 CLA XC . 9.26 -12.26 -30.59
C13 CLA XC . 9.47 -10.99 -31.42
C14 CLA XC . 8.21 -10.16 -31.45
MG CLA YC . 9.29 -21.65 -27.92
CHA CLA YC . 11.56 -22.14 -25.37
CHB CLA YC . 9.96 -18.32 -27.87
CHC CLA YC . 7.00 -21.22 -30.43
CHD CLA YC . 8.57 -25.12 -27.87
NA CLA YC . 10.59 -20.46 -26.80
C1A CLA YC . 11.46 -20.85 -25.79
C2A CLA YC . 12.24 -19.66 -25.24
C3A CLA YC . 11.65 -18.46 -26.00
C4A CLA YC . 10.67 -19.11 -26.98
CMA CLA YC . 10.93 -17.52 -25.07
CAA CLA YC . 13.69 -19.80 -25.62
CBA CLA YC . 14.61 -19.72 -24.43
CGA CLA YC . 14.75 -18.30 -24.00
O1A CLA YC . 14.79 -17.29 -24.70
O2A CLA YC . 14.85 -18.16 -22.65
NB CLA YC . 8.68 -20.08 -29.01
C1B CLA YC . 9.00 -18.79 -28.77
C2B CLA YC . 8.13 -17.88 -29.59
C3B CLA YC . 7.30 -18.70 -30.31
C4B CLA YC . 7.62 -20.10 -29.95
CMB CLA YC . 8.22 -16.43 -29.54
CAB CLA YC . 6.25 -18.36 -31.23
CBB CLA YC . 5.16 -17.67 -30.89
NC CLA YC . 8.04 -22.94 -28.97
C1C CLA YC . 7.19 -22.54 -29.97
C2C CLA YC . 6.48 -23.70 -30.50
C3C CLA YC . 6.91 -24.80 -29.77
C4C CLA YC . 7.89 -24.31 -28.81
CMC CLA YC . 5.50 -23.65 -31.57
CAC CLA YC . 6.47 -26.19 -29.93
CBC CLA YC . 7.39 -26.97 -30.82
ND CLA YC . 9.87 -23.29 -26.89
C1D CLA YC . 9.48 -24.64 -26.96
C2D CLA YC . 10.24 -25.41 -25.95
C3D CLA YC . 11.05 -24.50 -25.31
C4D CLA YC . 10.78 -23.19 -25.93
CMD CLA YC . 10.11 -26.83 -25.72
CAD CLA YC . 12.07 -24.28 -24.30
OBD CLA YC . 12.63 -25.10 -23.59
CBD CLA YC . 12.39 -22.77 -24.28
CGD CLA YC . 12.03 -22.18 -22.95
O1D CLA YC . 12.65 -21.34 -22.29
O2D CLA YC . 10.86 -22.62 -22.45
CED CLA YC . 10.21 -21.80 -21.48
C1 CLA YC . 13.75 -17.47 -22.02
C2 CLA YC . 13.25 -18.35 -20.95
C3 CLA YC . 12.21 -18.00 -20.18
C4 CLA YC . 11.70 -18.89 -19.11
C5 CLA YC . 11.50 -16.71 -20.39
MG CLA ZC . 4.33 -33.35 -43.19
CHA CLA ZC . 1.41 -34.95 -44.09
CHB CLA ZC . 3.16 -32.97 -40.02
CHC CLA ZC . 7.32 -31.90 -42.33
CHD CLA ZC . 5.55 -33.82 -46.48
NA CLA ZC . 2.55 -33.88 -42.24
C1A CLA ZC . 1.46 -34.55 -42.78
C2A CLA ZC . 0.38 -34.75 -41.73
C3A CLA ZC . 0.95 -34.07 -40.47
C4A CLA ZC . 2.33 -33.60 -40.92
CMA CLA ZC . 0.09 -32.92 -40.00
CAA CLA ZC . 0.19 -36.22 -41.45
CBA CLA ZC . 1.35 -36.79 -40.67
CGA CLA ZC . 2.29 -37.47 -41.61
O1A CLA ZC . 2.19 -38.59 -42.12
O2A CLA ZC . 3.40 -36.71 -41.91
NB CLA ZC . 5.11 -32.61 -41.49
C1B CLA ZC . 4.45 -32.48 -40.31
C2B CLA ZC . 5.29 -31.73 -39.34
C3B CLA ZC . 6.46 -31.43 -40.00
C4B CLA ZC . 6.36 -31.99 -41.36
CMB CLA ZC . 4.87 -31.43 -37.98
CAB CLA ZC . 7.62 -30.72 -39.53
CBB CLA ZC . 8.39 -31.10 -38.51
NC CLA ZC . 6.09 -32.92 -44.22
C1C CLA ZC . 7.19 -32.33 -43.67
C2C CLA ZC . 8.26 -32.22 -44.66
C3C CLA ZC . 7.75 -32.75 -45.84
C4C CLA ZC . 6.39 -33.19 -45.56
CMC CLA ZC . 9.57 -31.66 -44.40
CAC CLA ZC . 8.46 -32.88 -47.12
CBC CLA ZC . 9.09 -34.24 -47.29
ND CLA ZC . 3.67 -34.11 -44.93
C1D CLA ZC . 4.28 -34.25 -46.21
C2D CLA ZC . 3.32 -34.93 -47.11
C3D CLA ZC . 2.20 -35.21 -46.36
C4D CLA ZC . 2.48 -34.70 -45.01
CMD CLA ZC . 3.59 -35.22 -48.51
CAD CLA ZC . 0.89 -35.79 -46.35
OBD CLA ZC . 0.25 -36.31 -47.26
CBD CLA ZC . 0.35 -35.67 -44.89
CGD CLA ZC . -0.94 -34.92 -44.86
O1D CLA ZC . -1.26 -33.96 -45.56
O2D CLA ZC . -1.84 -35.38 -43.95
CED CLA ZC . -3.18 -34.91 -44.07
C1 CLA ZC . 4.17 -37.16 -43.04
C2 CLA ZC . 5.43 -36.37 -43.03
C3 CLA ZC . 6.57 -36.78 -43.59
C4 CLA ZC . 6.67 -38.09 -44.27
C5 CLA ZC . 7.80 -35.94 -43.54
C6 CLA ZC . 8.94 -36.58 -42.78
C7 CLA ZC . 10.27 -36.16 -43.36
C8 CLA ZC . 11.24 -35.66 -42.30
C9 CLA ZC . 11.84 -36.80 -41.52
C10 CLA ZC . 10.54 -34.70 -41.35
MG CLA AD . 4.20 -45.17 -37.02
CHA CLA AD . 0.89 -44.77 -37.98
CHB CLA AD . 3.63 -48.45 -36.42
CHC CLA AD . 7.54 -45.56 -36.33
CHD CLA AD . 4.73 -41.73 -37.63
NA CLA AD . 2.51 -46.38 -37.15
C1A CLA AD . 1.22 -46.04 -37.59
C2A CLA AD . 0.27 -47.22 -37.50
C3A CLA AD . 1.12 -48.28 -36.78
C4A CLA AD . 2.53 -47.70 -36.78
CMA CLA AD . 0.65 -48.43 -35.36
CAA CLA AD . -0.24 -47.63 -38.87
CBA CLA AD . 0.42 -48.86 -39.45
CGA CLA AD . -0.28 -49.26 -40.71
O1A CLA AD . -1.39 -49.77 -40.84
O2A CLA AD . 0.45 -49.00 -41.83
NB CLA AD . 5.35 -46.70 -36.41
C1B CLA AD . 4.96 -47.99 -36.36
C2B CLA AD . 6.15 -48.87 -36.23
C3B CLA AD . 7.25 -48.06 -36.20
C4B CLA AD . 6.76 -46.66 -36.31
CMB CLA AD . 6.06 -50.32 -36.15
CAB CLA AD . 8.65 -48.38 -36.10
CBB CLA AD . 9.32 -49.17 -36.95
NC CLA AD . 5.83 -43.86 -36.95
C1C CLA AD . 7.10 -44.23 -36.63
C2C CLA AD . 7.98 -43.08 -36.67
C3C CLA AD . 7.19 -41.99 -37.06
C4C CLA AD . 5.84 -42.50 -37.22
CMC CLA AD . 9.41 -43.11 -36.39
CAC CLA AD . 7.65 -40.61 -37.25
CBC CLA AD . 7.44 -39.76 -36.03
ND CLA AD . 3.12 -43.58 -37.64
C1D CLA AD . 3.46 -42.22 -37.83
C2D CLA AD . 2.25 -41.49 -38.28
C3D CLA AD . 1.25 -42.43 -38.38
C4D CLA AD . 1.83 -43.71 -37.96
CMD CLA AD . 2.19 -40.07 -38.58
CAD CLA AD . -0.14 -42.68 -38.69
OBD CLA AD . -1.01 -41.90 -39.09
CBD CLA AD . -0.41 -44.19 -38.45
CGD CLA AD . -1.50 -44.38 -37.44
O1D CLA AD . -1.68 -43.73 -36.41
O2D CLA AD . -2.36 -45.38 -37.74
CED CLA AD . -3.75 -45.08 -37.78
C1 CLA AD . 0.51 -50.02 -42.84
C2 CLA AD . 1.91 -49.98 -43.35
C3 CLA AD . 2.23 -50.07 -44.64
C4 CLA AD . 1.20 -50.22 -45.69
C5 CLA AD . 3.65 -50.03 -45.07
C6 CLA AD . 3.98 -48.80 -45.90
C7 CLA AD . 3.59 -47.52 -45.18
C8 CLA AD . 3.93 -46.27 -45.98
C9 CLA AD . 3.54 -46.43 -47.44
C10 CLA AD . 5.41 -45.92 -45.85
C11 CLA AD . 5.61 -44.53 -45.29
C12 CLA AD . 5.87 -43.52 -46.39
C13 CLA AD . 6.25 -42.16 -45.81
C14 CLA AD . 7.51 -42.26 -44.97
C15 CLA AD . 5.12 -41.60 -44.96
MG CLA BD . -0.47 -29.66 -31.21
CHA CLA BD . -3.35 -30.74 -29.61
CHB CLA BD . -1.52 -26.46 -30.95
CHC CLA BD . 2.38 -28.66 -32.84
CHD CLA BD . 0.60 -33.02 -31.45
NA CLA BD . -2.16 -28.77 -30.39
C1A CLA BD . -3.26 -29.39 -29.76
C2A CLA BD . -4.29 -28.36 -29.31
C3A CLA BD . -3.67 -27.01 -29.74
C4A CLA BD . -2.35 -27.41 -30.41
CMA CLA BD . -4.57 -26.28 -30.71
CAA CLA BD . -4.49 -28.39 -27.81
CBA CLA BD . -5.16 -27.13 -27.30
CGA CLA BD . -6.57 -27.05 -27.78
O1A CLA BD . -7.29 -26.05 -27.92
O2A CLA BD . -7.10 -28.27 -28.10
NB CLA BD . 0.26 -27.91 -31.84
C1B CLA BD . -0.30 -26.70 -31.58
C2B CLA BD . 0.60 -25.61 -32.09
C3B CLA BD . 1.69 -26.23 -32.62
C4B CLA BD . 1.50 -27.70 -32.46
CMB CLA BD . 0.29 -24.20 -31.96
CAB CLA BD . 2.87 -25.66 -33.22
CBB CLA BD . 3.14 -25.66 -34.53
NC CLA BD . 1.19 -30.66 -31.98
C1C CLA BD . 2.23 -30.05 -32.61
C2C CLA BD . 3.21 -31.04 -33.04
C3C CLA BD . 2.71 -32.28 -32.65
C4C CLA BD . 1.44 -32.03 -31.98
CMC CLA BD . 4.45 -30.73 -33.75
CAC CLA BD . 3.36 -33.57 -32.86
CBC CLA BD . 4.51 -33.80 -31.92
ND CLA BD . -1.11 -31.48 -30.60
C1D CLA BD . -0.60 -32.78 -30.81
C2D CLA BD . -1.54 -33.76 -30.25
C3D CLA BD . -2.62 -33.03 -29.78
C4D CLA BD . -2.31 -31.62 -30.04
CMD CLA BD . -1.33 -35.21 -30.25
CAD CLA BD . -3.91 -33.08 -29.14
OBD CLA BD . -4.54 -34.04 -28.72
CBD CLA BD . -4.44 -31.62 -29.04
CGD CLA BD . -5.73 -31.47 -29.79
O1D CLA BD . -6.88 -31.58 -29.35
O2D CLA BD . -5.59 -31.19 -31.12
CED CLA BD . -6.72 -30.66 -31.80
MG CLA CD . 11.64 -31.21 -25.86
CHA CLA CD . 13.59 -28.36 -25.61
CHB CLA CD . 12.86 -32.30 -22.89
CHC CLA CD . 9.60 -33.94 -26.10
CHD CLA CD . 10.40 -30.01 -28.95
NA CLA CD . 13.02 -30.44 -24.49
C1A CLA CD . 13.71 -29.22 -24.56
C2A CLA CD . 14.61 -29.05 -23.34
C3A CLA CD . 14.39 -30.34 -22.53
C4A CLA CD . 13.35 -31.09 -23.34
CMA CLA CD . 15.66 -31.12 -22.38
CAA CLA CD . 14.17 -27.86 -22.53
CBA CLA CD . 12.99 -28.21 -21.65
CGA CLA CD . 12.23 -26.96 -21.35
O1A CLA CD . 12.65 -25.88 -20.93
O2A CLA CD . 10.90 -27.08 -21.61
NB CLA CD . 11.28 -32.80 -24.70
C1B CLA CD . 11.91 -33.09 -23.54
C2B CLA CD . 11.43 -34.40 -23.02
C3B CLA CD . 10.51 -34.87 -23.92
C4B CLA CD . 10.40 -33.86 -25.00
CMB CLA CD . 11.95 -34.97 -21.78
CAB CLA CD . 9.74 -36.09 -23.94
CBB CLA CD . 9.46 -36.86 -22.89
NC CLA CD . 10.27 -31.87 -27.29
C1C CLA CD . 9.54 -33.01 -27.19
C2C CLA CD . 8.68 -33.16 -28.34
C3C CLA CD . 8.89 -32.04 -29.15
C4C CLA CD . 9.90 -31.24 -28.48
CMC CLA CD . 7.75 -34.26 -28.55
CAC CLA CD . 8.26 -31.74 -30.44
CBC CLA CD . 7.16 -30.71 -30.31
ND CLA CD . 11.95 -29.62 -27.08
C1D CLA CD . 11.34 -29.25 -28.31
C2D CLA CD . 11.90 -27.94 -28.73
C3D CLA CD . 12.78 -27.56 -27.74
C4D CLA CD . 12.75 -28.64 -26.72
CMD CLA CD . 11.55 -27.24 -29.95
CAD CLA CD . 13.71 -26.56 -27.28
OBD CLA CD . 14.08 -25.54 -27.84
CBD CLA CD . 14.21 -27.00 -25.88
CGD CLA CD . 15.71 -27.07 -25.83
O1D CLA CD . 16.43 -27.97 -26.24
O2D CLA CD . 16.28 -25.98 -25.26
CED CLA CD . 17.65 -26.08 -24.88
MG CLA DD . 21.86 -29.96 -40.18
CHA CLA DD . 24.46 -31.30 -38.33
CHB CLA DD . 24.07 -28.07 -41.92
CHC CLA DD . 19.24 -28.64 -41.94
CHD CLA DD . 19.60 -31.99 -38.36
NA CLA DD . 23.93 -29.74 -40.12
C1A CLA DD . 24.84 -30.39 -39.28
C2A CLA DD . 26.27 -29.93 -39.57
C3A CLA DD . 26.09 -28.85 -40.65
C4A CLA DD . 24.60 -28.88 -40.94
CMA CLA DD . 26.51 -27.52 -40.11
CAA CLA DD . 27.11 -31.06 -40.11
CBA CLA DD . 26.36 -31.88 -41.13
CGA CLA DD . 26.54 -31.32 -42.51
O1A CLA DD . 27.58 -31.18 -43.16
O2A CLA DD . 25.37 -30.93 -43.08
NB CLA DD . 21.69 -28.60 -41.64
C1B CLA DD . 22.72 -27.96 -42.25
C2B CLA DD . 22.19 -27.09 -43.33
C3B CLA DD . 20.83 -27.24 -43.34
C4B CLA DD . 20.49 -28.20 -42.26
CMB CLA DD . 23.04 -26.25 -44.17
CAB CLA DD . 19.84 -26.62 -44.18
CBB CLA DD . 19.93 -26.48 -45.50
NC CLA DD . 19.79 -30.26 -40.15
C1C CLA DD . 18.91 -29.60 -40.94
C2C CLA DD . 17.55 -30.03 -40.64
C3C CLA DD . 17.65 -31.00 -39.64
C4C CLA DD . 19.06 -31.14 -39.34
CMC CLA DD . 16.35 -29.52 -41.28
CAC CLA DD . 16.55 -31.73 -39.02
CBC CLA DD . 16.36 -33.10 -39.62
ND CLA DD . 21.94 -31.35 -38.71
C1D CLA DD . 20.93 -32.09 -38.05
C2D CLA DD . 21.56 -32.94 -37.01
C3D CLA DD . 22.92 -32.66 -37.06
C4D CLA DD . 23.10 -31.67 -38.14
CMD CLA DD . 20.84 -33.84 -36.13
CAD CLA DD . 24.23 -32.94 -36.51
OBD CLA DD . 24.54 -33.71 -35.62
CBD CLA DD . 25.24 -32.05 -37.28
CGD CLA DD . 25.90 -31.07 -36.36
O1D CLA DD . 25.36 -30.28 -35.58
O2D CLA DD . 27.26 -31.07 -36.44
CED CLA DD . 27.92 -29.83 -36.13
C1 CLA DD . 25.46 -30.43 -44.43
C2 CLA DD . 24.06 -30.10 -44.82
C3 CLA DD . 23.72 -29.64 -46.03
C4 CLA DD . 24.73 -29.42 -47.10
C5 CLA DD . 22.30 -29.32 -46.37
C6 CLA DD . 21.66 -30.36 -47.26
C7 CLA DD . 20.19 -30.07 -47.44
C8 CLA DD . 19.45 -31.19 -48.14
C9 CLA DD . 19.99 -31.41 -49.53
C10 CLA DD . 17.96 -30.89 -48.20
C11 CLA DD . 17.16 -32.13 -48.54
C12 CLA DD . 16.25 -31.91 -49.73
C13 CLA DD . 14.86 -31.48 -49.30
C14 CLA DD . 13.80 -32.34 -49.97
C15 CLA DD . 14.60 -30.01 -49.61
MG CLA ED . 22.43 -13.24 -47.26
CHA CLA ED . 24.10 -16.27 -47.06
CHB CLA ED . 25.32 -11.73 -48.16
CHC CLA ED . 20.72 -10.29 -47.57
CHD CLA ED . 19.44 -14.88 -46.33
NA CLA ED . 24.39 -13.91 -47.54
C1A CLA ED . 24.88 -15.22 -47.41
C2A CLA ED . 26.38 -15.27 -47.71
C3A CLA ED . 26.76 -13.79 -47.93
C4A CLA ED . 25.41 -13.08 -47.89
CMA CLA ED . 27.68 -13.30 -46.85
CAA CLA ED . 26.64 -16.06 -48.97
NB CLA ED . 22.93 -11.36 -47.76
C1B CLA ED . 24.16 -10.95 -48.14
C2B CLA ED . 24.11 -9.52 -48.54
C3B CLA ED . 22.82 -9.11 -48.38
C4B CLA ED . 22.04 -10.27 -47.87
CMB CLA ED . 25.28 -8.78 -49.01
CAB CLA ED . 22.22 -7.81 -48.60
CBB CLA ED . 21.31 -7.54 -49.54
NC CLA ED . 20.45 -12.69 -46.97
C1C CLA ED . 19.96 -11.42 -47.15
C2C CLA ED . 18.54 -11.39 -46.85
C3C CLA ED . 18.17 -12.69 -46.53
C4C CLA ED . 19.37 -13.50 -46.60
CMC CLA ED . 17.70 -10.19 -46.91
CAC CLA ED . 16.83 -13.15 -46.16
CBC CLA ED . 16.11 -13.78 -47.33
ND CLA ED . 21.85 -15.11 -46.75
C1D CLA ED . 20.59 -15.65 -46.41
C2D CLA ED . 20.74 -17.10 -46.15
C3D CLA ED . 22.07 -17.38 -46.39
C4D CLA ED . 22.71 -16.12 -46.77
CMD CLA ED . 19.65 -17.98 -45.75
CAD CLA ED . 23.09 -18.41 -46.40
OBD CLA ED . 23.01 -19.61 -46.14
CBD CLA ED . 24.41 -17.73 -46.85
CGD CLA ED . 25.49 -17.95 -45.83
O1D CLA ED . 25.92 -17.14 -45.01
O2D CLA ED . 26.00 -19.21 -45.82
CED CLA ED . 27.41 -19.34 -45.64
NB KC2 FD . 17.73 -23.40 -49.05
ND KC2 FD . 20.32 -20.48 -49.53
C1A KC2 FD . 21.93 -23.03 -49.27
C1B KC2 FD . 18.04 -24.70 -48.95
C1C KC2 FD . 16.14 -20.82 -49.23
C1D KC2 FD . 20.10 -19.16 -49.70
C2A KC2 FD . 22.66 -24.29 -49.17
C2B KC2 FD . 16.88 -25.48 -48.78
C2C KC2 FD . 15.40 -19.64 -49.33
C2D KC2 FD . 21.35 -18.51 -49.81
C3A KC2 FD . 21.68 -25.25 -49.06
C3B KC2 FD . 15.83 -24.62 -48.77
C3C KC2 FD . 16.27 -18.62 -49.54
C3D KC2 FD . 22.32 -19.48 -49.70
C4A KC2 FD . 20.44 -24.63 -49.09
C4B KC2 FD . 16.39 -23.31 -48.94
C4C KC2 FD . 17.60 -19.21 -49.56
C4D KC2 FD . 21.64 -20.69 -49.52
CAA KC2 FD . 24.12 -24.41 -49.19
CAB KC2 FD . 14.40 -24.97 -48.61
CAC KC2 FD . 15.94 -17.20 -49.71
CAD KC2 FD . 23.78 -19.75 -49.69
CBA KC2 FD . 24.82 -25.46 -48.69
CBB KC2 FD . 13.59 -24.98 -49.67
CBC KC2 FD . 15.59 -16.74 -50.91
CBD KC2 FD . 23.87 -21.26 -49.70
CED KC2 FD . 24.07 -22.70 -53.19
CGA KC2 FD . 25.72 -26.15 -49.54
CGD KC2 FD . 24.36 -21.73 -51.04
CHA KC2 FD . 22.49 -21.75 -49.40
CHB KC2 FD . 19.26 -25.34 -48.99
CHC KC2 FD . 15.51 -22.15 -48.99
CHD KC2 FD . 18.84 -18.43 -49.77
CMA KC2 FD . 21.85 -26.75 -48.92
CMB KC2 FD . 16.81 -26.98 -48.62
CMC KC2 FD . 13.90 -19.52 -49.22
CMD KC2 FD . 21.57 -17.04 -50.00
NA KC2 FD . 20.57 -23.26 -49.22
NC KC2 FD . 17.47 -20.57 -49.37
O1A KC2 FD . 25.91 -27.34 -49.41
O1D KC2 FD . 25.54 -21.73 -51.28
O2A KC2 FD . 26.38 -25.47 -50.50
O2D KC2 FD . 23.51 -22.23 -51.94
OBD KC2 FD . 24.67 -18.95 -49.88
MG KC2 FD . 19.01 -21.92 -49.32
MG CLA GD . 3.60 -11.97 -43.70
CHA CLA GD . 0.60 -10.84 -45.03
CHB CLA GD . 5.05 -11.68 -46.75
CHC CLA GD . 6.55 -13.03 -42.32
CHD CLA GD . 2.01 -12.36 -40.57
NA CLA GD . 2.91 -11.33 -45.57
C1A CLA GD . 1.64 -10.88 -45.92
C2A CLA GD . 1.57 -10.51 -47.39
C3A CLA GD . 3.00 -10.78 -47.90
C4A CLA GD . 3.73 -11.29 -46.67
CMA CLA GD . 3.04 -11.78 -49.02
CAA CLA GD . 1.24 -9.03 -47.52
CBA CLA GD . 2.47 -8.16 -47.44
CGA CLA GD . 2.20 -6.90 -46.67
O1A CLA GD . 1.13 -6.32 -46.48
O2A CLA GD . 3.34 -6.35 -46.14
NB CLA GD . 5.46 -12.26 -44.40
C1B CLA GD . 5.83 -12.17 -45.70
C2B CLA GD . 7.21 -12.69 -45.86
C3B CLA GD . 7.64 -13.07 -44.61
C4B CLA GD . 6.53 -12.79 -43.65
CMB CLA GD . 7.89 -12.72 -47.15
CAB CLA GD . 8.90 -13.62 -44.18
CBB CLA GD . 9.55 -14.61 -44.80
NC CLA GD . 4.17 -12.56 -41.79
C1C CLA GD . 5.44 -12.91 -41.43
C2C CLA GD . 5.51 -13.22 -40.01
C3C CLA GD . 4.22 -13.09 -39.52
C4C CLA GD . 3.38 -12.66 -40.64
CMC CLA GD . 6.72 -13.63 -39.31
CAC CLA GD . 3.78 -13.33 -38.12
CBC CLA GD . 3.24 -12.11 -37.41
ND CLA GD . 1.76 -11.68 -42.92
C1D CLA GD . 1.25 -11.89 -41.62
C2D CLA GD . -0.19 -11.55 -41.61
C3D CLA GD . -0.49 -11.15 -42.90
C4D CLA GD . 0.76 -11.25 -43.66
CMD CLA GD . -1.05 -11.65 -40.45
CAD CLA GD . -1.52 -10.68 -43.80
OBD CLA GD . -2.72 -10.48 -43.58
CBD CLA GD . -0.86 -10.46 -45.18
CGD CLA GD . -1.55 -11.27 -46.23
O1D CLA GD . -2.08 -12.38 -46.09
O2D CLA GD . -1.61 -10.71 -47.45
CED CLA GD . -2.86 -10.74 -48.13
MG CLA HD . -1.01 -15.54 -33.01
CHA CLA HD . -3.92 -14.49 -34.56
CHB CLA HD . 0.32 -12.45 -33.43
CHC CLA HD . 1.77 -16.57 -31.28
CHD CLA HD . -2.42 -18.76 -32.63
NA CLA HD . -1.70 -13.78 -33.89
C1A CLA HD . -2.96 -13.54 -34.46
C2A CLA HD . -3.03 -12.10 -34.98
C3A CLA HD . -1.59 -11.58 -34.81
C4A CLA HD . -0.93 -12.66 -33.96
CMA CLA HD . -0.90 -11.45 -36.14
CAA CLA HD . -4.02 -11.25 -34.20
CBA CLA HD . -4.20 -11.69 -32.77
CGA CLA HD . -3.40 -10.82 -31.86
O1A CLA HD . -3.22 -10.95 -30.64
O2A CLA HD . -2.80 -9.77 -32.49
NB CLA HD . 0.75 -14.70 -32.53
C1B CLA HD . 1.03 -13.38 -32.64
C2B CLA HD . 2.23 -13.04 -31.82
C3B CLA HD . 2.64 -14.20 -31.22
C4B CLA HD . 1.72 -15.27 -31.67
CMB CLA HD . 2.77 -11.68 -31.74
CAB CLA HD . 3.72 -14.46 -30.31
CBB CLA HD . 4.98 -14.06 -30.49
NC CLA HD . -0.42 -17.35 -32.15
C1C CLA HD . 0.77 -17.56 -31.51
C2C CLA HD . 0.86 -18.93 -31.05
C3C CLA HD . -0.34 -19.54 -31.42
C4C CLA HD . -1.13 -18.55 -32.11
CMC CLA HD . 2.00 -19.50 -30.34
CAC CLA HD . -0.74 -20.94 -31.17
CBC CLA HD . -1.52 -21.09 -29.89
ND CLA HD . -2.75 -16.46 -33.43
C1D CLA HD . -3.20 -17.80 -33.25
C2D CLA HD . -4.56 -17.93 -33.80
C3D CLA HD . -4.90 -16.68 -34.30
C4D CLA HD . -3.73 -15.81 -34.06
CMD CLA HD . -5.35 -19.15 -33.77
CAD CLA HD . -5.91 -15.89 -34.97
OBD CLA HD . -7.04 -16.21 -35.33
CBD CLA HD . -5.30 -14.46 -35.17
CGD CLA HD . -5.25 -14.11 -36.63
O1D CLA HD . -6.13 -13.56 -37.30
O2D CLA HD . -4.10 -14.45 -37.25
CED CLA HD . -3.66 -13.64 -38.34
C03 II0 ID . 21.37 -35.10 -44.54
C04 II0 ID . 6.76 -17.06 -49.44
C05 II0 ID . 22.63 -35.86 -44.16
C06 II0 ID . 5.68 -16.02 -49.69
C07 II0 ID . 23.78 -34.92 -43.90
C08 II0 ID . 4.63 -16.09 -48.61
C09 II0 ID . 21.20 -33.84 -43.71
C10 II0 ID . 7.23 -17.00 -48.00
C11 II0 ID . 23.42 -34.17 -42.63
C12 II0 ID . 5.30 -15.59 -47.34
C13 II0 ID . 22.15 -33.39 -42.90
C14 II0 ID . 6.46 -16.50 -47.04
C15 II0 ID . 20.16 -35.98 -44.29
C16 II0 ID . 21.44 -34.71 -46.01
C17 II0 ID . 6.20 -18.44 -49.68
C18 II0 ID . 7.95 -16.80 -50.35
C19 II0 ID . 21.96 -32.07 -42.22
C20 II0 ID . 6.76 -16.83 -45.61
C21 II0 ID . 20.13 -33.21 -43.84
C22 II0 ID . 8.36 -17.48 -47.73
C23 II0 ID . 19.14 -32.58 -43.97
C24 II0 ID . 9.41 -17.96 -47.45
C25 II0 ID . 18.07 -31.91 -44.11
C26 II0 ID . 10.50 -18.48 -47.13
C27 II0 ID . 16.75 -32.60 -43.93
C28 II0 ID . 11.73 -17.63 -47.02
C29 II0 ID . 18.10 -30.62 -44.43
C30 II0 ID . 10.60 -19.80 -46.88
C31 II0 ID . 16.87 -29.86 -44.63
C32 II0 ID . 11.86 -20.43 -46.52
C33 II0 ID . 16.88 -28.53 -44.59
C34 II0 ID . 11.89 -21.64 -45.95
C35 II0 ID . 15.65 -27.75 -44.81
C36 II0 ID . 13.16 -22.28 -45.60
C37 II0 ID . 14.39 -28.47 -45.16
C38 II0 ID . 14.41 -21.46 -45.52
C39 II0 ID . 15.66 -26.41 -44.74
C40 II0 ID . 13.20 -23.60 -45.36
C41 II0 ID . 14.44 -25.64 -45.00
C42 II0 ID . 14.45 -24.31 -45.06
O01 II0 ID . 24.97 -35.67 -43.69
O02 II0 ID . 3.54 -15.23 -48.92
C03 II0 JD . 1.59 -28.21 -37.74
C04 II0 JD . 14.31 -10.30 -29.56
C05 II0 JD . 0.62 -29.08 -38.52
C06 II0 JD . 15.26 -9.87 -28.44
C07 II0 JD . 0.79 -28.87 -40.01
C08 II0 JD . 16.32 -10.90 -28.13
C09 II0 JD . 2.98 -28.25 -38.33
C10 II0 JD . 14.80 -11.49 -30.34
C11 II0 JD . 2.15 -29.41 -40.37
C12 II0 JD . 17.06 -11.20 -29.41
C13 II0 JD . 3.19 -28.68 -39.58
C14 II0 JD . 16.09 -11.85 -30.35
C15 II0 JD . 1.66 -28.72 -36.31
C16 II0 JD . 1.11 -26.77 -37.73
C17 II0 JD . 12.96 -10.64 -28.98
C18 II0 JD . 14.15 -9.15 -30.54
C19 II0 JD . 4.51 -28.42 -40.23
C20 II0 JD . 16.58 -12.89 -31.29
C21 II0 JD . 3.94 -27.85 -37.63
C22 II0 JD . 13.99 -12.15 -31.03
C23 II0 JD . 4.82 -27.45 -36.93
C24 II0 JD . 13.25 -12.75 -31.72
C25 II0 JD . 5.71 -26.99 -36.18
C26 II0 JD . 12.48 -13.43 -32.45
C27 II0 JD . 6.21 -27.80 -35.02
C28 II0 JD . 12.02 -12.85 -33.75
C29 II0 JD . 6.20 -25.76 -36.38
C30 II0 JD . 12.06 -14.65 -32.09
C31 II0 JD . 7.21 -25.15 -35.54
C32 II0 JD . 11.18 -15.41 -32.97
C33 II0 JD . 7.25 -23.82 -35.51
C34 II0 JD . 10.79 -16.63 -32.61
C35 II0 JD . 8.19 -23.02 -34.70
C36 II0 JD . 9.91 -17.45 -33.45
C37 II0 JD . 9.35 -23.67 -34.01
C38 II0 JD . 9.49 -16.97 -34.81
C39 II0 JD . 7.99 -21.70 -34.58
C40 II0 JD . 9.49 -18.64 -33.00
C41 II0 JD . 8.85 -20.83 -33.80
C42 II0 JD . 8.63 -19.51 -33.79
O01 II0 JD . -0.21 -29.61 -40.71
O02 II0 JD . 17.24 -10.35 -27.18
C03 II0 KD . -2.01 -46.41 -44.13
C04 II0 KD . 14.63 -32.30 -35.13
C05 II0 KD . -3.23 -46.18 -45.00
C06 II0 KD . 15.51 -31.36 -34.31
C07 II0 KD . -4.43 -45.83 -44.15
C08 II0 KD . 15.74 -31.79 -32.86
C09 II0 KD . -1.84 -45.28 -43.15
C10 II0 KD . 13.48 -32.83 -34.32
C11 II0 KD . -4.15 -44.51 -43.47
C12 II0 KD . 14.40 -32.03 -32.19
C13 II0 KD . -2.89 -44.64 -42.66
C14 II0 KD . 13.63 -33.02 -33.01
C15 II0 KD . -0.77 -46.50 -45.00
C16 II0 KD . -2.18 -47.69 -43.33
C17 II0 KD . 14.04 -31.52 -36.30
C18 II0 KD . 15.44 -33.47 -35.66
C19 II0 KD . -2.82 -44.03 -41.30
C20 II0 KD . 13.03 -34.22 -32.35
C21 II0 KD . -0.69 -44.99 -42.74
C22 II0 KD . 12.40 -33.13 -34.87
C23 II0 KD . 0.41 -44.73 -42.37
C24 II0 KD . 11.36 -33.45 -35.35
C25 II0 KD . 1.56 -44.47 -41.97
C26 II0 KD . 10.28 -33.86 -35.86
C27 II0 KD . 2.43 -45.58 -41.43
C28 II0 KD . 9.03 -33.08 -35.68
C29 II0 KD . 2.02 -43.22 -42.02
C30 II0 KD . 10.28 -35.01 -36.53
C31 II0 KD . 3.36 -42.86 -41.56
C32 II0 KD . 9.07 -35.59 -37.13
C33 II0 KD . 3.68 -41.58 -41.55
C34 II0 KD . 8.75 -35.42 -38.40
C35 II0 KD . 4.99 -41.10 -41.09
C36 II0 KD . 7.51 -36.06 -38.91
C37 II0 KD . 6.15 -42.04 -40.94
C38 II0 KD . 6.22 -35.32 -38.89
C39 II0 KD . 5.12 -39.79 -40.81
C40 II0 KD . 7.56 -37.32 -39.37
C41 II0 KD . 6.37 -39.20 -40.34
C42 II0 KD . 6.35 -37.96 -39.87
O01 II0 KD . -5.58 -45.69 -44.99
O02 II0 KD . 16.52 -32.97 -32.80
C02 IHT LD . 13.25 -8.11 -38.12
C03 IHT LD . -3.49 -25.63 -35.23
C04 IHT LD . 14.59 -8.52 -38.71
C05 IHT LD . -4.91 -25.84 -35.72
C06 IHT LD . 15.66 -8.24 -37.68
C07 IHT LD . 13.01 -8.80 -36.80
C08 IHT LD . -5.90 -25.38 -34.67
C09 IHT LD . 15.45 -9.16 -36.50
C10 IHT LD . 14.03 -9.07 -35.99
C11 IHT LD . -3.31 -24.21 -34.74
C12 IHT LD . -5.74 -23.88 -34.49
C13 IHT LD . 12.12 -8.45 -39.08
C14 IHT LD . 13.25 -6.61 -37.87
C15 IHT LD . -4.31 -23.59 -34.12
C16 IHT LD . -3.21 -26.58 -34.08
C17 IHT LD . -2.50 -25.88 -36.36
C18 IHT LD . 11.61 -9.14 -36.42
C19 IHT LD . 13.78 -9.30 -34.53
C20 IHT LD . -4.01 -22.58 -33.06
C21 IHT LD . -2.20 -23.66 -34.89
C22 IHT LD . 11.14 -10.38 -36.39
C23 IHT LD . 9.74 -10.63 -35.99
C24 IHT LD . -1.14 -23.14 -35.06
C25 IHT LD . 8.81 -9.47 -35.73
C26 IHT LD . -0.03 -22.58 -35.22
C27 IHT LD . 9.30 -11.89 -35.85
C28 IHT LD . 0.97 -23.19 -36.15
C29 IHT LD . 0.26 -21.44 -34.58
C30 IHT LD . 7.93 -12.22 -35.46
C31 IHT LD . 1.56 -20.80 -34.81
C32 IHT LD . 7.69 -13.48 -35.08
C33 IHT LD . 6.37 -13.98 -34.69
C34 IHT LD . 1.91 -19.72 -34.14
C35 IHT LD . 3.22 -19.10 -34.43
C36 IHT LD . 5.26 -13.03 -34.34
C37 IHT LD . 6.17 -15.30 -34.64
C38 IHT LD . 3.48 -17.85 -34.02
C39 IHT LD . 4.25 -19.87 -35.19
C40 IHT LD . 4.89 -15.90 -34.29
C41 IHT LD . 4.76 -17.22 -34.33
O01 IHT LD . -7.23 -25.68 -35.12
O6 SQD MD . 19.42 -4.33 -18.47
C44 SQD MD . 17.99 -4.45 -18.25
C45 SQD MD . 17.69 -4.55 -16.73
C46 SQD MD . 17.74 -3.12 -16.12
O47 SQD MD . 16.45 -5.09 -16.45
C7 SQD MD . 15.73 -5.72 -17.52
O49 SQD MD . 14.97 -5.10 -18.18
C8 SQD MD . 15.92 -7.23 -17.81
C9 SQD MD . 15.87 -7.46 -19.34
C10 SQD MD . 14.45 -7.96 -19.75
C11 SQD MD . 14.58 -9.29 -20.56
C12 SQD MD . 15.47 -10.30 -19.76
C13 SQD MD . 16.05 -11.38 -20.74
C14 SQD MD . 15.74 -12.81 -20.16
C15 SQD MD . 14.21 -12.91 -19.84
C16 SQD MD . 13.97 -14.06 -18.78
O48 SQD MD . 16.74 -3.03 -15.09
C23 SQD MD . 15.67 -2.06 -15.39
O10 SQD MD . 15.72 -0.99 -14.93
C24 SQD MD . 14.47 -2.48 -16.34
C25 SQD MD . 13.51 -3.46 -15.57
C1 SQD MD . 19.97 -5.30 -19.30
C2 SQD MD . 19.08 -5.51 -20.50
O2 SQD MD . 18.89 -6.92 -20.71
C3 SQD MD . 19.62 -4.91 -21.75
O3 SQD MD . 19.57 -3.47 -21.61
C4 SQD MD . 21.03 -5.29 -22.08
O4 SQD MD . 21.01 -6.46 -22.93
C5 SQD MD . 21.85 -5.62 -20.84
C6 SQD MD . 23.26 -5.23 -21.15
O5 SQD MD . 21.37 -4.88 -19.67
S SQD MD . 24.35 -5.66 -19.73
O7 SQD MD . 23.66 -6.59 -18.77
O8 SQD MD . 25.66 -6.24 -20.22
O9 SQD MD . 24.58 -4.45 -18.86
O1 LHG ND . -6.28 -45.91 -17.65
C1 LHG ND . -6.44 -45.30 -18.93
C2 LHG ND . -7.91 -45.05 -19.15
O2 LHG ND . -8.51 -44.46 -18.02
C3 LHG ND . -8.69 -46.32 -19.41
O3 LHG ND . -7.95 -46.82 -20.50
P LHG ND . -8.02 -48.38 -20.92
O4 LHG ND . -6.66 -48.96 -20.74
O5 LHG ND . -9.37 -48.81 -20.48
O6 LHG ND . -8.06 -48.10 -22.56
C4 LHG ND . -8.03 -49.17 -23.45
C5 LHG ND . -8.83 -48.68 -24.64
C6 LHG ND . -9.22 -49.84 -25.54
O7 LHG ND . -10.02 -48.12 -24.14
C7 LHG ND . -10.11 -46.78 -24.33
O9 LHG ND . -10.02 -45.99 -23.43
C8 LHG ND . -10.63 -46.50 -25.68
C9 LHG ND . -12.06 -46.95 -25.77
C10 LHG ND . -12.56 -46.79 -27.18
O8 LHG ND . -8.97 -49.37 -26.86
C23 LHG ND . -8.12 -50.10 -27.63
O10 LHG ND . -7.57 -51.07 -27.14
C24 LHG ND . -8.04 -49.86 -29.11
C11 LHG ND . -13.38 -45.55 -27.07
C12 LHG ND . -14.58 -45.83 -26.22
C13 LHG ND . -15.43 -44.58 -26.15
C25 LHG ND . -9.17 -50.45 -29.90
C26 LHG ND . -9.64 -51.81 -29.45
C27 LHG ND . -9.40 -52.68 -30.65
C28 LHG ND . -10.60 -52.89 -31.53
C29 LHG ND . -10.05 -52.96 -32.95
C30 LHG ND . -10.70 -52.04 -33.97
C31 LHG ND . -11.38 -50.80 -33.41
C32 LHG ND . -11.51 -49.65 -34.38
C33 LHG ND . -10.44 -48.64 -34.00
C34 LHG ND . -10.82 -47.18 -34.15
C35 LHG ND . -12.25 -46.94 -33.72
MG CLA OD . 2.19 -42.63 -22.07
CHA CLA OD . 0.48 -45.20 -23.54
CHB CLA OD . 2.31 -41.02 -25.09
CHC CLA OD . 4.10 -40.18 -20.63
CHD CLA OD . 2.24 -44.44 -19.03
NA CLA OD . 1.44 -43.03 -23.98
C1A CLA OD . 0.75 -44.18 -24.39
C2A CLA OD . 0.42 -44.11 -25.89
C3A CLA OD . 0.87 -42.69 -26.29
C4A CLA OD . 1.61 -42.19 -25.05
CMA CLA OD . 1.76 -42.73 -27.50
CAA CLA OD . -1.04 -44.33 -26.20
CBA CLA OD . -1.19 -45.25 -27.39
CGA CLA OD . -2.64 -45.50 -27.62
O1A CLA OD . -3.16 -46.39 -28.29
O2A CLA OD . -3.43 -44.59 -27.01
NB CLA OD . 3.06 -40.94 -22.74
C1B CLA OD . 3.00 -40.47 -24.00
C2B CLA OD . 3.77 -39.20 -24.08
C3B CLA OD . 4.27 -38.95 -22.83
C4B CLA OD . 3.81 -40.04 -21.94
CMB CLA OD . 3.88 -38.43 -25.33
CAB CLA OD . 5.07 -37.85 -22.34
CBB CLA OD . 6.08 -37.30 -22.99
NC CLA OD . 2.93 -42.32 -20.16
C1C CLA OD . 3.66 -41.23 -19.77
C2C CLA OD . 4.02 -41.33 -18.36
C3C CLA OD . 3.53 -42.57 -17.92
C4C CLA OD . 2.86 -43.19 -19.06
CMC CLA OD . 4.77 -40.33 -17.61
CAC CLA OD . 3.64 -43.13 -16.57
CBC CLA OD . 2.37 -42.96 -15.79
ND CLA OD . 1.36 -44.30 -21.32
C1D CLA OD . 1.55 -44.99 -20.09
C2D CLA OD . 0.89 -46.30 -20.16
C3D CLA OD . 0.42 -46.41 -21.45
C4D CLA OD . 0.80 -45.17 -22.14
CMD CLA OD . 0.79 -47.24 -19.04
CAD CLA OD . -0.29 -47.23 -22.42
OBD CLA OD . -0.91 -48.28 -22.24
CBD CLA OD . -0.12 -46.54 -23.80
CGD CLA OD . 0.83 -47.18 -24.76
O1D CLA OD . 0.55 -47.86 -25.74
O2D CLA OD . 2.14 -46.91 -24.52
CED CLA OD . 2.84 -47.66 -23.53
MG CLA PD . -12.27 9.04 27.75
CHA CLA PD . -10.52 11.99 27.26
CHB CLA PD . -10.61 8.55 30.68
CHC CLA PD . -14.11 6.18 28.25
CHD CLA PD . -14.00 9.61 24.73
NA CLA PD . -10.80 10.11 28.77
C1A CLA PD . -10.20 11.33 28.40
C2A CLA PD . -9.17 11.76 29.44
C3A CLA PD . -9.17 10.61 30.47
C4A CLA PD . -10.27 9.68 29.96
CMA CLA PD . -7.84 9.92 30.54
CAA CLA PD . -9.59 13.06 30.12
CBA CLA PD . -8.60 13.51 31.17
CGA CLA PD . -7.97 14.80 30.75
O1A CLA PD . -7.12 14.98 29.87
O2A CLA PD . -8.41 15.88 31.45
NB CLA PD . -12.37 7.65 29.20
C1B CLA PD . -11.59 7.61 30.31
C2B CLA PD . -11.90 6.38 31.10
C3B CLA PD . -12.88 5.71 30.42
C4B CLA PD . -13.20 6.50 29.20
CMB CLA PD . -11.22 6.04 32.35
CAB CLA PD . -13.53 4.46 30.73
CBB CLA PD . -14.80 4.36 31.15
NC CLA PD . -13.76 8.06 26.66
C1C CLA PD . -14.37 6.90 27.05
C2C CLA PD . -15.37 6.51 26.06
C3C CLA PD . -15.35 7.48 25.06
C4C CLA PD . -14.34 8.47 25.45
CMC CLA PD . -16.20 5.32 26.14
CAC CLA PD . -16.18 7.54 23.85
CBC CLA PD . -15.58 6.79 22.69
ND CLA PD . -12.24 10.39 26.25
C1D CLA PD . -13.03 10.53 25.08
C2D CLA PD . -12.62 11.75 24.36
C3D CLA PD . -11.65 12.34 25.14
C4D CLA PD . -11.47 11.48 26.32
CMD CLA PD . -13.18 12.20 23.09
CAD CLA PD . -10.73 13.45 25.27
OBD CLA PD . -10.49 14.36 24.49
CBD CLA PD . -10.04 13.30 26.66
CGD CLA PD . -8.54 13.38 26.55
O1D CLA PD . -7.85 14.40 26.48
O2D CLA PD . -7.91 12.18 26.51
CED CLA PD . -6.49 12.19 26.60
C1 CLA PD . -9.01 16.94 30.67
C2 CLA PD . -10.41 16.53 30.40
C3 CLA PD . -11.41 17.41 30.27
C4 CLA PD . -12.80 16.99 30.00
C5 CLA PD . -11.17 18.88 30.39
C6 CLA PD . -11.87 19.66 29.30
C7 CLA PD . -12.81 20.69 29.89
C8 CLA PD . -13.64 21.38 28.82
C9 CLA PD . -13.57 22.89 29.01
C10 CLA PD . -15.08 20.91 28.87
C11 CLA PD . -15.97 21.70 27.93
C12 CLA PD . -17.22 20.92 27.56
C13 CLA PD . -16.94 19.99 26.39
C14 CLA PD . -17.84 20.33 25.20
C15 CLA PD . -17.11 18.52 26.78
C16 CLA PD . -18.30 18.31 27.69
C17 CLA PD . -19.43 17.58 26.99
C18 CLA PD . -20.74 17.71 27.76
C19 CLA PD . -21.38 19.05 27.50
C20 CLA PD . -21.70 16.60 27.37
#